data_6XFA
#
_entry.id   6XFA
#
_cell.length_a   1.00
_cell.length_b   1.00
_cell.length_c   1.00
_cell.angle_alpha   90.00
_cell.angle_beta   90.00
_cell.angle_gamma   90.00
#
_symmetry.space_group_name_H-M   'P 1'
#
loop_
_entity.id
_entity.type
_entity.pdbx_description
1 polymer 'Packaging protein UL32'
2 non-polymer 'ZINC ION'
#
_entity_poly.entity_id   1
_entity_poly.type   'polypeptide(L)'
_entity_poly.pdbx_seq_one_letter_code
;MEDFVPWTVDNLKSQFEAVGLLMAHSYLPANAEEGIAYPPLVHTYESLSPASTCRVCDLLDTLVNHSDAPVAFFEDYALL
CYYCLNAPRAWISSLITGMDFLHILIKYFPMAGGLDSLFMPSRILAIDIQLHFYICRCFLPVSSSDMIRNANLGYYKLEF
LKSILTGQSPANFCFKSMWPRTTPTFLTLPGPRTCKDSQDVPGDVGRGLYTALCCHLPTRNRVQHPFLRAEKGGLSPEIT
TKADYCGLLLGTWQGTDLLGGPGHHAIGLNAEYSGDELAELALAITRPEAGDHSQGPCLLAPMFGLRHKNASRTICPLCE
SLGAHPDAKDTLDRFKSLILDSFGNNIKILDRIVFLIKTQNTLLDVPCPRLRAWLQMCTPQDFHKHLFCDPLCAINHSIT
NPSVLFGQIYPPSFQAFKAALAAGQNLEQGVCDSLITLVYIFKSTQVARVGKTILVDVTKELDVVLRIHGLDLVQSYQTS
QVYV
;
_entity_poly.pdbx_strand_id   A,B,C,D,E,F,G,H,I,J
#
loop_
_chem_comp.id
_chem_comp.type
_chem_comp.name
_chem_comp.formula
ZN non-polymer 'ZINC ION' 'Zn 2'
#
# COMPACT_ATOMS: atom_id res chain seq x y z
N ASP A 3 18.90 -32.81 -54.60
CA ASP A 3 19.05 -34.25 -54.75
C ASP A 3 18.70 -34.99 -53.47
N PHE A 4 19.19 -34.46 -52.35
CA PHE A 4 18.94 -35.05 -51.03
C PHE A 4 17.88 -34.22 -50.31
N VAL A 5 16.89 -34.90 -49.74
CA VAL A 5 15.84 -34.25 -48.97
C VAL A 5 15.50 -35.15 -47.78
N PRO A 6 15.41 -34.62 -46.57
CA PRO A 6 15.18 -35.46 -45.40
C PRO A 6 13.76 -36.03 -45.33
N TRP A 7 13.55 -37.00 -44.45
CA TRP A 7 12.28 -37.67 -44.23
C TRP A 7 11.81 -38.45 -45.45
N THR A 8 12.72 -38.76 -46.37
CA THR A 8 12.41 -39.65 -47.47
C THR A 8 12.63 -41.09 -47.03
N VAL A 9 11.62 -41.93 -47.16
CA VAL A 9 11.67 -43.27 -46.58
C VAL A 9 12.77 -44.10 -47.25
N ASP A 10 13.15 -43.78 -48.48
CA ASP A 10 14.17 -44.56 -49.17
C ASP A 10 15.50 -44.46 -48.44
N ASN A 11 15.85 -43.26 -47.96
CA ASN A 11 17.11 -43.07 -47.25
C ASN A 11 17.19 -43.90 -45.99
N LEU A 12 16.06 -44.36 -45.47
CA LEU A 12 16.05 -45.28 -44.34
C LEU A 12 15.96 -46.73 -44.76
N LYS A 13 15.26 -47.01 -45.86
CA LYS A 13 15.09 -48.38 -46.33
C LYS A 13 16.39 -48.98 -46.85
N SER A 14 17.37 -48.15 -47.17
CA SER A 14 18.64 -48.64 -47.70
C SER A 14 19.76 -48.68 -46.66
N GLN A 15 19.44 -48.54 -45.38
CA GLN A 15 20.45 -48.52 -44.32
C GLN A 15 19.99 -49.34 -43.13
N PHE A 16 19.44 -50.52 -43.39
CA PHE A 16 18.91 -51.33 -42.30
C PHE A 16 20.00 -51.89 -41.41
N GLU A 17 21.21 -52.05 -41.94
CA GLU A 17 22.32 -52.53 -41.12
C GLU A 17 22.68 -51.52 -40.04
N ALA A 18 22.27 -50.27 -40.19
CA ALA A 18 22.54 -49.24 -39.20
C ALA A 18 21.38 -49.06 -38.23
N VAL A 19 20.15 -49.00 -38.74
CA VAL A 19 19.00 -48.86 -37.85
C VAL A 19 18.85 -50.09 -36.99
N GLY A 20 19.26 -51.26 -37.48
CA GLY A 20 19.25 -52.44 -36.64
C GLY A 20 20.14 -52.30 -35.43
N LEU A 21 21.38 -51.83 -35.64
CA LEU A 21 22.29 -51.65 -34.53
C LEU A 21 21.84 -50.52 -33.61
N LEU A 22 21.21 -49.49 -34.16
CA LEU A 22 20.73 -48.41 -33.32
C LEU A 22 19.59 -48.88 -32.41
N MET A 23 18.58 -49.54 -33.00
CA MET A 23 17.49 -50.06 -32.20
C MET A 23 17.90 -51.23 -31.33
N ALA A 24 19.06 -51.83 -31.58
CA ALA A 24 19.53 -52.91 -30.71
C ALA A 24 20.30 -52.39 -29.51
N HIS A 25 20.97 -51.26 -29.64
CA HIS A 25 21.73 -50.66 -28.54
C HIS A 25 20.92 -49.64 -27.76
N SER A 26 19.60 -49.78 -27.73
CA SER A 26 18.76 -48.82 -27.03
C SER A 26 17.62 -49.49 -26.28
N TYR A 27 17.85 -50.71 -25.80
CA TYR A 27 16.89 -51.39 -24.94
C TYR A 27 17.32 -51.20 -23.49
N LEU A 28 16.35 -51.01 -22.61
CA LEU A 28 16.65 -50.96 -21.20
C LEU A 28 17.11 -52.34 -20.72
N PRO A 29 17.90 -52.40 -19.65
CA PRO A 29 18.44 -53.70 -19.23
C PRO A 29 17.35 -54.67 -18.84
N ALA A 30 17.53 -55.93 -19.24
CA ALA A 30 16.53 -56.96 -18.96
C ALA A 30 16.28 -57.08 -17.46
N ASN A 31 17.33 -57.40 -16.70
CA ASN A 31 17.21 -57.40 -15.25
C ASN A 31 17.00 -55.99 -14.74
N ALA A 32 16.21 -55.86 -13.68
CA ALA A 32 16.00 -54.56 -13.06
C ALA A 32 17.32 -53.95 -12.60
N GLU A 33 18.04 -54.68 -11.74
CA GLU A 33 19.41 -54.31 -11.43
C GLU A 33 20.26 -54.42 -12.69
N GLU A 34 21.19 -53.48 -12.85
CA GLU A 34 21.96 -53.36 -14.09
C GLU A 34 22.76 -54.61 -14.44
N GLY A 35 22.89 -55.56 -13.53
CA GLY A 35 23.71 -56.72 -13.78
C GLY A 35 25.13 -56.51 -13.26
N ILE A 36 26.04 -56.13 -14.16
CA ILE A 36 27.36 -55.70 -13.74
C ILE A 36 27.53 -54.24 -14.15
N ALA A 37 27.50 -53.98 -15.45
CA ALA A 37 27.47 -52.61 -15.95
C ALA A 37 26.93 -52.66 -17.38
N TYR A 38 25.71 -52.18 -17.57
CA TYR A 38 25.11 -52.18 -18.89
C TYR A 38 25.71 -51.04 -19.70
N PRO A 39 26.38 -51.31 -20.82
CA PRO A 39 27.13 -50.26 -21.52
C PRO A 39 26.26 -49.10 -21.98
N PRO A 40 25.08 -49.34 -22.59
CA PRO A 40 24.26 -48.18 -22.99
C PRO A 40 23.88 -47.29 -21.84
N LEU A 41 23.50 -47.85 -20.70
CA LEU A 41 23.10 -47.02 -19.57
C LEU A 41 24.26 -46.20 -19.03
N VAL A 42 25.45 -46.80 -18.94
CA VAL A 42 26.57 -46.04 -18.40
C VAL A 42 27.00 -44.95 -19.37
N HIS A 43 26.92 -45.24 -20.68
CA HIS A 43 27.23 -44.20 -21.66
C HIS A 43 26.21 -43.06 -21.57
N THR A 44 24.94 -43.39 -21.36
CA THR A 44 23.93 -42.35 -21.22
C THR A 44 24.19 -41.51 -19.98
N TYR A 45 24.47 -42.17 -18.85
CA TYR A 45 24.76 -41.44 -17.63
C TYR A 45 25.99 -40.56 -17.77
N GLU A 46 26.95 -40.96 -18.62
CA GLU A 46 28.06 -40.07 -18.91
C GLU A 46 27.64 -38.92 -19.81
N SER A 47 26.67 -39.14 -20.69
CA SER A 47 26.27 -38.09 -21.61
C SER A 47 25.42 -37.01 -20.95
N LEU A 48 24.68 -37.36 -19.90
CA LEU A 48 23.88 -36.40 -19.16
C LEU A 48 24.65 -35.73 -18.04
N SER A 49 25.96 -35.96 -17.98
CA SER A 49 26.79 -35.30 -16.98
C SER A 49 26.71 -33.79 -17.17
N PRO A 50 26.91 -33.00 -16.09
CA PRO A 50 26.80 -31.55 -16.23
C PRO A 50 28.00 -30.90 -16.87
N ALA A 51 29.14 -31.58 -16.93
CA ALA A 51 30.37 -31.02 -17.48
C ALA A 51 30.98 -31.96 -18.49
N SER A 52 30.16 -32.44 -19.42
CA SER A 52 30.63 -33.26 -20.52
C SER A 52 30.39 -32.55 -21.84
N THR A 53 30.89 -33.15 -22.92
CA THR A 53 30.86 -32.54 -24.24
C THR A 53 29.85 -33.27 -25.13
N CYS A 54 29.08 -32.49 -25.89
CA CYS A 54 28.14 -33.07 -26.85
C CYS A 54 28.91 -33.85 -27.90
N ARG A 55 28.62 -35.15 -28.02
CA ARG A 55 29.40 -35.99 -28.92
C ARG A 55 29.13 -35.68 -30.37
N VAL A 56 27.92 -35.21 -30.69
CA VAL A 56 27.61 -34.86 -32.07
C VAL A 56 28.48 -33.70 -32.53
N CYS A 57 28.52 -32.62 -31.74
CA CYS A 57 29.35 -31.48 -32.11
C CYS A 57 30.82 -31.87 -32.16
N ASP A 58 31.25 -32.75 -31.25
CA ASP A 58 32.63 -33.20 -31.26
C ASP A 58 32.97 -33.93 -32.55
N LEU A 59 32.08 -34.81 -33.00
CA LEU A 59 32.30 -35.50 -34.27
C LEU A 59 32.30 -34.53 -35.44
N LEU A 60 31.34 -33.59 -35.45
CA LEU A 60 31.29 -32.61 -36.52
C LEU A 60 32.58 -31.80 -36.59
N ASP A 61 33.18 -31.47 -35.45
CA ASP A 61 34.41 -30.69 -35.50
C ASP A 61 35.61 -31.54 -35.86
N THR A 62 35.67 -32.78 -35.37
CA THR A 62 36.80 -33.63 -35.76
C THR A 62 36.71 -34.06 -37.21
N LEU A 63 35.58 -33.85 -37.88
CA LEU A 63 35.48 -34.12 -39.31
C LEU A 63 35.67 -32.85 -40.15
N VAL A 64 34.86 -31.83 -39.90
CA VAL A 64 34.85 -30.65 -40.76
C VAL A 64 36.15 -29.87 -40.65
N ASN A 65 36.69 -29.72 -39.45
CA ASN A 65 37.88 -28.92 -39.25
C ASN A 65 39.15 -29.59 -39.76
N HIS A 66 39.00 -30.67 -40.52
CA HIS A 66 40.09 -31.22 -41.31
C HIS A 66 40.06 -30.58 -42.70
N SER A 67 40.83 -31.14 -43.62
CA SER A 67 40.97 -30.55 -44.95
C SER A 67 39.67 -30.62 -45.74
N ASP A 68 39.49 -29.62 -46.60
CA ASP A 68 38.50 -29.58 -47.68
C ASP A 68 37.14 -30.16 -47.28
N ALA A 69 36.59 -29.57 -46.22
CA ALA A 69 35.19 -29.83 -45.87
C ALA A 69 34.32 -29.35 -47.03
N PRO A 70 33.67 -30.25 -47.76
CA PRO A 70 32.95 -29.85 -48.97
C PRO A 70 31.82 -28.87 -48.65
N VAL A 71 31.64 -27.89 -49.52
CA VAL A 71 30.52 -26.97 -49.41
C VAL A 71 29.27 -27.76 -49.77
N ALA A 72 28.10 -27.20 -49.47
CA ALA A 72 26.80 -27.84 -49.63
C ALA A 72 26.61 -28.93 -48.59
N PHE A 73 27.68 -29.22 -47.83
CA PHE A 73 27.50 -30.03 -46.63
C PHE A 73 26.82 -29.22 -45.54
N PHE A 74 27.24 -27.97 -45.39
CA PHE A 74 26.54 -27.08 -44.46
C PHE A 74 25.12 -26.82 -44.91
N GLU A 75 24.87 -26.84 -46.22
CA GLU A 75 23.51 -26.66 -46.71
C GLU A 75 22.63 -27.87 -46.40
N ASP A 76 23.15 -29.08 -46.61
CA ASP A 76 22.38 -30.27 -46.26
C ASP A 76 22.16 -30.38 -44.75
N TYR A 77 23.18 -30.00 -43.98
CA TYR A 77 23.03 -30.01 -42.53
C TYR A 77 21.99 -28.98 -42.09
N ALA A 78 22.00 -27.80 -42.70
CA ALA A 78 21.00 -26.79 -42.37
C ALA A 78 19.60 -27.25 -42.77
N LEU A 79 19.48 -27.99 -43.87
CA LEU A 79 18.17 -28.52 -44.25
C LEU A 79 17.69 -29.56 -43.23
N LEU A 80 18.58 -30.46 -42.82
CA LEU A 80 18.20 -31.45 -41.81
C LEU A 80 17.80 -30.78 -40.51
N CYS A 81 18.52 -29.72 -40.13
CA CYS A 81 18.16 -29.00 -38.92
C CYS A 81 16.82 -28.29 -39.07
N TYR A 82 16.54 -27.74 -40.25
CA TYR A 82 15.25 -27.10 -40.46
C TYR A 82 14.12 -28.09 -40.36
N TYR A 83 14.32 -29.31 -40.85
CA TYR A 83 13.29 -30.33 -40.71
C TYR A 83 13.11 -30.73 -39.26
N CYS A 84 14.21 -31.03 -38.57
CA CYS A 84 14.12 -31.37 -37.15
C CYS A 84 13.53 -30.23 -36.32
N LEU A 85 13.54 -29.02 -36.84
CA LEU A 85 12.87 -27.91 -36.19
C LEU A 85 11.35 -27.97 -36.34
N ASN A 86 10.84 -28.88 -37.17
CA ASN A 86 9.41 -28.99 -37.46
C ASN A 86 8.95 -30.43 -37.38
N ALA A 87 9.34 -31.12 -36.32
CA ALA A 87 8.94 -32.50 -36.11
C ALA A 87 8.46 -32.67 -34.68
N PRO A 88 7.61 -33.66 -34.42
CA PRO A 88 7.15 -33.89 -33.05
C PRO A 88 8.18 -34.66 -32.25
N ARG A 89 8.37 -34.25 -31.01
CA ARG A 89 9.30 -34.95 -30.13
C ARG A 89 8.73 -36.32 -29.80
N ALA A 90 9.24 -37.34 -30.46
CA ALA A 90 8.70 -38.68 -30.32
C ALA A 90 9.78 -39.69 -30.72
N TRP A 91 9.35 -40.93 -30.94
CA TRP A 91 10.26 -42.01 -31.26
C TRP A 91 10.67 -41.99 -32.74
N ILE A 92 9.67 -41.91 -33.63
CA ILE A 92 9.94 -41.94 -35.06
C ILE A 92 10.79 -40.75 -35.47
N SER A 93 10.64 -39.61 -34.78
CA SER A 93 11.42 -38.43 -35.13
C SER A 93 12.89 -38.65 -34.84
N SER A 94 13.21 -39.16 -33.65
CA SER A 94 14.60 -39.43 -33.32
C SER A 94 15.20 -40.46 -34.27
N LEU A 95 14.45 -41.52 -34.58
CA LEU A 95 14.99 -42.54 -35.48
C LEU A 95 15.29 -41.95 -36.85
N ILE A 96 14.34 -41.19 -37.41
CA ILE A 96 14.53 -40.64 -38.74
C ILE A 96 15.69 -39.64 -38.75
N THR A 97 15.80 -38.82 -37.71
CA THR A 97 16.90 -37.87 -37.64
C THR A 97 18.25 -38.59 -37.60
N GLY A 98 18.35 -39.64 -36.79
CA GLY A 98 19.60 -40.39 -36.74
C GLY A 98 19.96 -40.99 -38.09
N MET A 99 18.98 -41.60 -38.75
CA MET A 99 19.26 -42.24 -40.03
C MET A 99 19.68 -41.22 -41.08
N ASP A 100 19.00 -40.07 -41.14
CA ASP A 100 19.36 -39.06 -42.13
C ASP A 100 20.71 -38.42 -41.84
N PHE A 101 21.04 -38.23 -40.56
CA PHE A 101 22.36 -37.74 -40.21
C PHE A 101 23.44 -38.70 -40.69
N LEU A 102 23.25 -40.00 -40.43
CA LEU A 102 24.21 -40.97 -40.92
C LEU A 102 24.29 -40.98 -42.44
N HIS A 103 23.16 -40.76 -43.12
CA HIS A 103 23.18 -40.72 -44.57
C HIS A 103 24.03 -39.56 -45.07
N ILE A 104 23.83 -38.36 -44.50
CA ILE A 104 24.63 -37.20 -44.91
C ILE A 104 26.11 -37.47 -44.67
N LEU A 105 26.44 -38.03 -43.51
CA LEU A 105 27.85 -38.28 -43.22
C LEU A 105 28.46 -39.26 -44.20
N ILE A 106 27.77 -40.36 -44.48
CA ILE A 106 28.29 -41.34 -45.43
C ILE A 106 28.42 -40.73 -46.81
N LYS A 107 27.54 -39.79 -47.16
CA LYS A 107 27.58 -39.19 -48.49
C LYS A 107 28.78 -38.26 -48.63
N TYR A 108 28.88 -37.24 -47.78
CA TYR A 108 29.87 -36.19 -48.02
C TYR A 108 31.26 -36.52 -47.49
N PHE A 109 31.36 -37.26 -46.39
CA PHE A 109 32.64 -37.57 -45.76
C PHE A 109 32.89 -39.06 -45.79
N PRO A 110 33.20 -39.62 -46.97
CA PRO A 110 33.38 -41.07 -47.05
C PRO A 110 34.72 -41.55 -46.51
N MET A 111 35.74 -40.69 -46.52
CA MET A 111 37.07 -41.07 -46.03
C MET A 111 37.17 -41.08 -44.51
N ALA A 112 36.10 -40.75 -43.80
CA ALA A 112 36.15 -40.75 -42.35
C ALA A 112 36.38 -42.17 -41.83
N GLY A 113 36.75 -42.26 -40.55
CA GLY A 113 37.20 -43.51 -39.99
C GLY A 113 36.17 -44.59 -39.82
N GLY A 114 35.22 -44.40 -38.89
CA GLY A 114 34.36 -45.48 -38.49
C GLY A 114 32.88 -45.23 -38.69
N LEU A 115 32.52 -44.58 -39.81
CA LEU A 115 31.12 -44.32 -40.08
C LEU A 115 30.31 -45.59 -40.35
N ASP A 116 30.95 -46.75 -40.45
CA ASP A 116 30.22 -47.99 -40.60
C ASP A 116 29.76 -48.57 -39.28
N SER A 117 30.29 -48.07 -38.17
CA SER A 117 29.93 -48.52 -36.83
C SER A 117 29.71 -47.33 -35.93
N LEU A 118 28.96 -46.35 -36.41
CA LEU A 118 28.81 -45.10 -35.67
C LEU A 118 27.97 -45.27 -34.41
N PHE A 119 26.94 -46.10 -34.47
CA PHE A 119 25.97 -46.19 -33.38
C PHE A 119 26.33 -47.34 -32.44
N MET A 120 27.45 -47.17 -31.75
CA MET A 120 27.93 -48.10 -30.73
C MET A 120 28.18 -47.32 -29.45
N PRO A 121 28.23 -48.01 -28.31
CA PRO A 121 28.63 -47.32 -27.07
C PRO A 121 29.98 -46.65 -27.21
N SER A 122 30.24 -45.64 -26.38
CA SER A 122 31.44 -44.79 -26.50
C SER A 122 31.49 -44.06 -27.83
N ARG A 123 30.36 -44.00 -28.54
CA ARG A 123 30.22 -43.25 -29.79
C ARG A 123 28.86 -42.59 -29.76
N ILE A 124 28.38 -42.12 -30.91
CA ILE A 124 27.07 -41.50 -30.98
C ILE A 124 26.00 -42.55 -30.70
N LEU A 125 25.12 -42.25 -29.75
CA LEU A 125 23.95 -43.10 -29.51
C LEU A 125 22.67 -42.29 -29.53
N ALA A 126 21.55 -42.88 -29.11
CA ALA A 126 20.26 -42.24 -29.27
C ALA A 126 20.12 -41.01 -28.38
N ILE A 127 20.53 -41.13 -27.11
CA ILE A 127 20.42 -40.00 -26.20
C ILE A 127 21.23 -38.81 -26.72
N ASP A 128 22.34 -39.08 -27.41
CA ASP A 128 23.13 -37.98 -27.95
C ASP A 128 22.41 -37.30 -29.11
N ILE A 129 21.75 -38.09 -29.95
CA ILE A 129 20.96 -37.49 -31.03
C ILE A 129 19.86 -36.61 -30.46
N GLN A 130 19.18 -37.08 -29.42
CA GLN A 130 18.16 -36.25 -28.80
C GLN A 130 18.75 -34.98 -28.21
N LEU A 131 19.80 -35.12 -27.40
CA LEU A 131 20.44 -33.99 -26.76
C LEU A 131 21.02 -33.00 -27.76
N HIS A 132 21.26 -33.41 -29.00
CA HIS A 132 21.75 -32.44 -29.95
C HIS A 132 20.61 -31.77 -30.71
N PHE A 133 19.67 -32.56 -31.23
CA PHE A 133 18.71 -31.99 -32.18
C PHE A 133 17.44 -31.47 -31.51
N TYR A 134 16.99 -32.06 -30.40
CA TYR A 134 15.71 -31.67 -29.82
C TYR A 134 15.85 -31.02 -28.45
N ILE A 135 16.48 -31.68 -27.49
CA ILE A 135 16.72 -31.08 -26.19
C ILE A 135 17.98 -30.24 -26.27
N CYS A 136 17.87 -28.97 -25.90
CA CYS A 136 18.99 -28.01 -25.98
C CYS A 136 19.65 -28.04 -27.36
N ARG A 137 18.85 -27.63 -28.36
CA ARG A 137 19.28 -27.65 -29.75
C ARG A 137 20.55 -26.85 -29.93
N CYS A 138 21.52 -27.42 -30.65
CA CYS A 138 22.84 -26.84 -30.81
C CYS A 138 23.06 -26.30 -32.22
N PHE A 139 22.03 -25.76 -32.88
CA PHE A 139 22.23 -25.18 -34.20
C PHE A 139 21.54 -23.85 -34.40
N LEU A 140 20.67 -23.42 -33.51
CA LEU A 140 20.02 -22.13 -33.68
C LEU A 140 21.05 -21.01 -33.58
N PRO A 141 21.04 -20.04 -34.49
CA PRO A 141 21.93 -18.90 -34.34
C PRO A 141 21.55 -18.07 -33.13
N VAL A 142 22.56 -17.62 -32.40
CA VAL A 142 22.35 -16.89 -31.15
C VAL A 142 23.40 -15.80 -31.05
N SER A 143 23.02 -14.70 -30.39
CA SER A 143 23.96 -13.60 -30.19
C SER A 143 24.96 -13.94 -29.09
N SER A 144 26.13 -13.31 -29.16
CA SER A 144 27.20 -13.62 -28.22
C SER A 144 26.79 -13.31 -26.78
N SER A 145 25.97 -12.30 -26.57
CA SER A 145 25.57 -11.89 -25.24
C SER A 145 24.38 -12.68 -24.72
N ASP A 146 24.14 -13.87 -25.25
CA ASP A 146 22.97 -14.67 -24.88
C ASP A 146 23.35 -16.12 -24.68
N MET A 147 24.44 -16.37 -23.97
CA MET A 147 24.84 -17.72 -23.60
C MET A 147 24.66 -18.01 -22.12
N ILE A 148 24.17 -17.04 -21.35
CA ILE A 148 24.13 -17.14 -19.89
C ILE A 148 22.83 -17.80 -19.45
N ARG A 149 21.70 -17.15 -19.78
CA ARG A 149 20.40 -17.73 -19.48
C ARG A 149 20.28 -19.12 -20.10
N ASN A 150 20.83 -19.29 -21.30
CA ASN A 150 20.79 -20.60 -21.95
C ASN A 150 21.56 -21.63 -21.15
N ALA A 151 22.73 -21.26 -20.63
CA ALA A 151 23.51 -22.20 -19.81
C ALA A 151 22.74 -22.59 -18.56
N ASN A 152 22.08 -21.64 -17.91
CA ASN A 152 21.35 -21.93 -16.68
C ASN A 152 20.19 -22.89 -16.95
N LEU A 153 19.38 -22.56 -17.96
CA LEU A 153 18.28 -23.44 -18.33
C LEU A 153 18.80 -24.81 -18.76
N GLY A 154 19.98 -24.86 -19.38
CA GLY A 154 20.55 -26.15 -19.73
C GLY A 154 20.88 -26.98 -18.51
N TYR A 155 21.42 -26.35 -17.47
CA TYR A 155 21.67 -27.08 -16.23
C TYR A 155 20.39 -27.69 -15.71
N TYR A 156 19.32 -26.90 -15.67
CA TYR A 156 18.07 -27.43 -15.11
C TYR A 156 17.49 -28.54 -15.99
N LYS A 157 17.51 -28.35 -17.31
CA LYS A 157 17.10 -29.38 -18.25
C LYS A 157 17.79 -30.71 -17.95
N LEU A 158 19.13 -30.69 -17.92
CA LEU A 158 19.87 -31.93 -17.80
C LEU A 158 19.67 -32.57 -16.44
N GLU A 159 19.60 -31.76 -15.39
CA GLU A 159 19.37 -32.31 -14.06
C GLU A 159 18.04 -33.05 -14.00
N PHE A 160 16.98 -32.45 -14.55
CA PHE A 160 15.69 -33.12 -14.46
C PHE A 160 15.53 -34.26 -15.45
N LEU A 161 16.26 -34.25 -16.57
CA LEU A 161 16.29 -35.42 -17.44
C LEU A 161 16.95 -36.60 -16.74
N LYS A 162 18.09 -36.36 -16.11
CA LYS A 162 18.71 -37.41 -15.30
C LYS A 162 17.76 -37.89 -14.22
N SER A 163 16.92 -36.99 -13.70
CA SER A 163 15.92 -37.40 -12.72
C SER A 163 14.89 -38.34 -13.34
N ILE A 164 14.39 -38.00 -14.53
CA ILE A 164 13.44 -38.87 -15.23
C ILE A 164 14.05 -40.25 -15.44
N LEU A 165 15.33 -40.30 -15.77
CA LEU A 165 15.96 -41.57 -16.10
C LEU A 165 16.22 -42.41 -14.86
N THR A 166 16.79 -41.80 -13.82
CA THR A 166 17.23 -42.58 -12.66
C THR A 166 16.08 -42.98 -11.75
N GLY A 167 14.98 -42.24 -11.76
CA GLY A 167 13.81 -42.58 -10.97
C GLY A 167 13.71 -41.95 -9.61
N GLN A 168 14.43 -40.86 -9.35
CA GLN A 168 14.35 -40.18 -8.07
C GLN A 168 14.57 -38.69 -8.27
N SER A 169 13.75 -37.88 -7.59
CA SER A 169 13.79 -36.44 -7.78
C SER A 169 15.15 -35.88 -7.38
N PRO A 170 15.50 -34.70 -7.89
CA PRO A 170 16.79 -34.10 -7.55
C PRO A 170 16.91 -33.84 -6.05
N ALA A 171 18.12 -34.04 -5.54
CA ALA A 171 18.37 -33.89 -4.11
C ALA A 171 18.12 -32.44 -3.66
N ASN A 172 18.90 -31.51 -4.20
CA ASN A 172 18.90 -30.12 -3.74
C ASN A 172 18.10 -29.28 -4.72
N PHE A 173 16.80 -29.13 -4.46
CA PHE A 173 15.95 -28.33 -5.34
C PHE A 173 14.70 -27.93 -4.58
N CYS A 174 14.50 -26.62 -4.41
CA CYS A 174 13.25 -26.06 -3.91
C CYS A 174 12.70 -25.15 -5.00
N PHE A 175 11.50 -25.49 -5.49
CA PHE A 175 10.98 -24.79 -6.67
C PHE A 175 10.82 -23.30 -6.40
N LYS A 176 10.09 -22.94 -5.36
CA LYS A 176 10.11 -21.56 -4.91
C LYS A 176 11.52 -21.16 -4.51
N SER A 177 11.83 -19.88 -4.68
CA SER A 177 13.15 -19.30 -4.45
C SER A 177 14.13 -19.70 -5.54
N MET A 178 13.70 -20.59 -6.43
CA MET A 178 14.39 -20.88 -7.68
C MET A 178 13.42 -20.64 -8.82
N TRP A 179 13.87 -20.94 -10.04
CA TRP A 179 13.03 -20.79 -11.23
C TRP A 179 12.54 -19.35 -11.39
N THR A 241 8.93 -37.05 -51.22
CA THR A 241 8.88 -37.16 -49.76
C THR A 241 7.53 -37.71 -49.31
N LYS A 242 6.59 -37.82 -50.25
CA LYS A 242 5.25 -38.32 -49.95
C LYS A 242 5.34 -39.84 -49.82
N ALA A 243 5.61 -40.30 -48.61
CA ALA A 243 5.66 -41.73 -48.32
C ALA A 243 5.60 -41.92 -46.81
N ASP A 244 4.66 -42.74 -46.36
CA ASP A 244 4.42 -42.90 -44.93
C ASP A 244 5.53 -43.73 -44.29
N TYR A 245 5.45 -43.83 -42.97
CA TYR A 245 6.34 -44.69 -42.19
C TYR A 245 5.60 -45.72 -41.36
N CYS A 246 4.26 -45.72 -41.41
CA CYS A 246 3.47 -46.53 -40.49
C CYS A 246 3.87 -47.99 -40.50
N GLY A 247 4.45 -48.47 -41.60
CA GLY A 247 4.98 -49.81 -41.62
C GLY A 247 6.08 -50.02 -40.59
N LEU A 248 6.90 -48.98 -40.36
CA LEU A 248 7.97 -49.12 -39.38
C LEU A 248 7.42 -49.22 -37.97
N LEU A 249 6.44 -48.39 -37.63
CA LEU A 249 5.85 -48.44 -36.29
C LEU A 249 5.11 -49.75 -36.07
N LEU A 250 4.23 -50.11 -37.00
CA LEU A 250 3.44 -51.33 -36.81
C LEU A 250 4.31 -52.58 -36.89
N GLY A 251 5.42 -52.53 -37.62
CA GLY A 251 6.30 -53.66 -37.73
C GLY A 251 6.90 -54.05 -36.40
N THR A 252 7.65 -53.14 -35.79
CA THR A 252 8.12 -53.33 -34.43
C THR A 252 6.98 -52.99 -33.48
N TRP A 253 7.30 -52.82 -32.20
CA TRP A 253 6.32 -52.49 -31.17
C TRP A 253 5.26 -53.58 -31.05
N GLN A 254 5.72 -54.79 -30.76
CA GLN A 254 4.87 -55.88 -30.32
C GLN A 254 4.96 -56.10 -28.82
N GLY A 255 5.45 -55.10 -28.09
CA GLY A 255 5.46 -55.13 -26.65
C GLY A 255 4.09 -54.74 -26.12
N THR A 256 4.06 -53.87 -25.11
CA THR A 256 2.81 -53.43 -24.51
C THR A 256 2.43 -52.02 -24.92
N ASP A 257 2.98 -51.52 -26.01
CA ASP A 257 2.77 -50.14 -26.42
C ASP A 257 1.43 -49.90 -27.07
N LEU A 258 0.61 -50.92 -27.29
CA LEU A 258 -0.67 -50.71 -27.95
C LEU A 258 -1.86 -50.98 -27.04
N LEU A 259 -1.99 -52.20 -26.52
CA LEU A 259 -3.04 -52.57 -25.56
C LEU A 259 -4.43 -52.10 -26.00
N GLY A 260 -4.65 -51.92 -27.31
CA GLY A 260 -5.89 -51.38 -27.79
C GLY A 260 -7.01 -52.39 -27.86
N GLY A 261 -7.82 -52.33 -28.92
CA GLY A 261 -8.89 -53.27 -29.11
C GLY A 261 -8.37 -54.67 -29.38
N PRO A 262 -7.74 -54.87 -30.53
CA PRO A 262 -7.06 -56.13 -30.80
C PRO A 262 -5.58 -56.07 -30.41
N GLY A 263 -4.94 -57.23 -30.44
CA GLY A 263 -3.53 -57.33 -30.11
C GLY A 263 -3.03 -58.77 -30.11
N ALA A 279 6.47 -52.53 -47.39
CA ALA A 279 7.71 -53.30 -47.39
C ALA A 279 8.50 -53.03 -46.11
N GLU A 280 7.97 -52.16 -45.26
CA GLU A 280 8.64 -51.83 -44.02
C GLU A 280 8.42 -52.92 -42.97
N LEU A 281 7.18 -53.38 -42.81
CA LEU A 281 6.88 -54.38 -41.79
C LEU A 281 7.68 -55.65 -42.00
N ALA A 282 7.88 -56.06 -43.26
CA ALA A 282 8.63 -57.28 -43.53
C ALA A 282 10.07 -57.15 -43.03
N LEU A 283 10.68 -56.00 -43.27
CA LEU A 283 12.09 -55.80 -42.93
C LEU A 283 12.30 -55.12 -41.59
N ALA A 284 11.30 -55.16 -40.71
CA ALA A 284 11.41 -54.57 -39.37
C ALA A 284 11.30 -55.63 -38.27
N ILE A 285 11.93 -56.79 -38.45
CA ILE A 285 11.81 -57.92 -37.53
C ILE A 285 13.22 -58.31 -37.07
N THR A 286 13.61 -57.84 -35.90
CA THR A 286 14.86 -58.20 -35.23
C THR A 286 14.74 -57.79 -33.77
N ARG A 287 15.45 -58.50 -32.89
CA ARG A 287 15.34 -58.18 -31.47
C ARG A 287 16.55 -58.67 -30.71
N PRO A 288 17.08 -57.89 -29.76
CA PRO A 288 18.20 -58.36 -28.93
C PRO A 288 17.74 -59.19 -27.75
N GLU A 289 18.67 -59.59 -26.89
CA GLU A 289 18.37 -60.52 -25.81
C GLU A 289 18.90 -60.02 -24.47
N ALA A 290 19.93 -59.19 -24.49
CA ALA A 290 20.52 -58.71 -23.25
C ALA A 290 19.63 -57.72 -22.52
N GLY A 291 18.61 -57.17 -23.18
CA GLY A 291 17.76 -56.16 -22.58
C GLY A 291 16.31 -56.62 -22.51
N ASP A 292 15.50 -55.78 -21.88
CA ASP A 292 14.08 -56.06 -21.67
C ASP A 292 13.36 -55.93 -23.01
N HIS A 293 13.09 -57.07 -23.64
CA HIS A 293 12.40 -57.05 -24.93
C HIS A 293 10.90 -56.89 -24.79
N SER A 294 10.41 -56.52 -23.61
CA SER A 294 8.99 -56.23 -23.43
C SER A 294 8.68 -54.74 -23.47
N GLN A 295 9.67 -53.89 -23.18
CA GLN A 295 9.48 -52.45 -23.21
C GLN A 295 9.89 -51.82 -24.53
N GLY A 296 10.61 -52.55 -25.38
CA GLY A 296 10.99 -52.06 -26.67
C GLY A 296 12.06 -51.00 -26.63
N PRO A 297 12.38 -50.41 -27.77
CA PRO A 297 13.44 -49.39 -27.82
C PRO A 297 13.06 -48.12 -27.08
N CYS A 298 13.13 -48.15 -25.75
CA CYS A 298 12.70 -47.01 -24.96
C CYS A 298 13.62 -45.81 -25.15
N LEU A 299 14.92 -46.04 -25.18
CA LEU A 299 15.88 -44.93 -25.12
C LEU A 299 15.81 -44.00 -26.33
N LEU A 300 15.00 -44.29 -27.34
CA LEU A 300 14.76 -43.33 -28.41
C LEU A 300 13.67 -42.34 -28.05
N ALA A 301 12.71 -42.76 -27.23
CA ALA A 301 11.58 -41.93 -26.83
C ALA A 301 12.05 -40.71 -26.07
N PRO A 302 11.22 -39.69 -25.87
CA PRO A 302 11.60 -38.55 -25.03
C PRO A 302 11.32 -38.73 -23.55
N MET A 303 10.92 -39.93 -23.12
CA MET A 303 10.68 -40.22 -21.71
C MET A 303 11.55 -41.34 -21.19
N PHE A 304 12.34 -42.00 -22.03
CA PHE A 304 13.29 -43.02 -21.61
C PHE A 304 12.61 -44.12 -20.80
N GLY A 305 11.50 -44.61 -21.29
CA GLY A 305 10.82 -45.70 -20.63
C GLY A 305 9.36 -45.77 -21.02
N LEU A 306 8.76 -46.92 -20.72
CA LEU A 306 7.35 -47.17 -21.03
C LEU A 306 6.68 -47.69 -19.77
N ARG A 307 6.21 -46.78 -18.94
CA ARG A 307 5.35 -47.10 -17.80
C ARG A 307 3.95 -46.61 -18.10
N HIS A 308 2.95 -47.33 -17.59
CA HIS A 308 1.58 -46.94 -17.89
C HIS A 308 0.67 -47.15 -16.69
N LYS A 309 -0.26 -46.21 -16.52
CA LYS A 309 -1.21 -46.17 -15.43
C LYS A 309 -2.55 -45.70 -15.99
N ASN A 310 -3.63 -46.35 -15.54
CA ASN A 310 -4.98 -46.03 -16.01
C ASN A 310 -5.09 -46.18 -17.52
N ALA A 311 -4.42 -47.19 -18.08
CA ALA A 311 -4.45 -47.48 -19.50
C ALA A 311 -3.97 -46.32 -20.35
N SER A 312 -3.01 -45.55 -19.84
CA SER A 312 -2.33 -44.52 -20.60
C SER A 312 -0.84 -44.62 -20.34
N ARG A 313 -0.04 -44.51 -21.38
CA ARG A 313 1.39 -44.81 -21.30
C ARG A 313 2.21 -43.55 -21.55
N THR A 314 3.52 -43.70 -21.39
CA THR A 314 4.46 -42.59 -21.52
C THR A 314 5.06 -42.49 -22.91
N ILE A 315 4.56 -43.25 -23.87
CA ILE A 315 4.95 -43.11 -25.28
C ILE A 315 3.64 -42.95 -26.04
N CYS A 316 3.23 -41.70 -26.25
CA CYS A 316 1.93 -41.42 -26.84
C CYS A 316 1.94 -41.84 -28.30
N PRO A 317 1.24 -42.91 -28.69
CA PRO A 317 1.28 -43.34 -30.10
C PRO A 317 0.76 -42.30 -31.06
N LEU A 318 -0.21 -41.49 -30.64
CA LEU A 318 -0.68 -40.42 -31.51
C LEU A 318 0.46 -39.49 -31.91
N CYS A 319 1.42 -39.28 -31.02
CA CYS A 319 2.59 -38.47 -31.34
C CYS A 319 3.55 -39.17 -32.29
N GLU A 320 3.42 -40.48 -32.48
CA GLU A 320 4.10 -41.12 -33.60
C GLU A 320 3.34 -40.92 -34.89
N SER A 321 2.01 -41.10 -34.85
CA SER A 321 1.22 -40.85 -36.05
C SER A 321 1.43 -39.45 -36.58
N LEU A 322 1.57 -38.46 -35.69
CA LEU A 322 1.82 -37.09 -36.15
C LEU A 322 3.06 -37.00 -37.01
N GLY A 323 4.01 -37.91 -36.85
CA GLY A 323 5.26 -37.80 -37.58
C GLY A 323 5.47 -38.87 -38.61
N ALA A 324 4.56 -39.84 -38.70
CA ALA A 324 4.73 -40.96 -39.62
C ALA A 324 3.69 -41.00 -40.72
N HIS A 325 2.93 -39.93 -40.94
CA HIS A 325 1.91 -39.94 -41.98
C HIS A 325 1.44 -38.51 -42.23
N PRO A 326 1.12 -38.15 -43.47
CA PRO A 326 0.73 -36.77 -43.76
C PRO A 326 -0.68 -36.43 -43.30
N ASP A 327 -1.57 -37.40 -43.32
CA ASP A 327 -2.98 -37.17 -43.02
C ASP A 327 -3.33 -37.41 -41.56
N ALA A 328 -2.38 -37.23 -40.64
CA ALA A 328 -2.62 -37.55 -39.24
C ALA A 328 -3.02 -36.33 -38.43
N LYS A 329 -2.29 -35.22 -38.57
CA LYS A 329 -2.64 -34.02 -37.81
C LYS A 329 -4.03 -33.52 -38.16
N ASP A 330 -4.39 -33.56 -39.45
CA ASP A 330 -5.72 -33.11 -39.85
C ASP A 330 -6.79 -34.08 -39.38
N THR A 331 -6.51 -35.38 -39.39
CA THR A 331 -7.46 -36.35 -38.86
C THR A 331 -7.73 -36.11 -37.39
N LEU A 332 -6.67 -35.84 -36.61
CA LEU A 332 -6.86 -35.59 -35.20
C LEU A 332 -7.59 -34.26 -34.96
N ASP A 333 -7.33 -33.26 -35.79
CA ASP A 333 -8.07 -32.01 -35.65
C ASP A 333 -9.55 -32.22 -35.93
N ARG A 334 -9.87 -33.00 -36.97
CA ARG A 334 -11.27 -33.31 -37.24
C ARG A 334 -11.90 -34.09 -36.10
N PHE A 335 -11.15 -35.03 -35.51
CA PHE A 335 -11.67 -35.78 -34.38
C PHE A 335 -11.97 -34.88 -33.20
N LYS A 336 -11.07 -33.95 -32.91
CA LYS A 336 -11.29 -33.03 -31.80
C LYS A 336 -12.51 -32.15 -32.06
N SER A 337 -12.67 -31.69 -33.30
CA SER A 337 -13.84 -30.88 -33.62
C SER A 337 -15.12 -31.67 -33.45
N LEU A 338 -15.12 -32.94 -33.88
CA LEU A 338 -16.27 -33.80 -33.67
C LEU A 338 -16.60 -33.93 -32.19
N ILE A 339 -15.59 -34.21 -31.37
CA ILE A 339 -15.82 -34.34 -29.93
C ILE A 339 -16.44 -33.07 -29.37
N LEU A 340 -15.86 -31.92 -29.72
CA LEU A 340 -16.32 -30.69 -29.11
C LEU A 340 -17.71 -30.28 -29.59
N ASP A 341 -18.09 -30.63 -30.82
CA ASP A 341 -19.28 -30.06 -31.42
C ASP A 341 -20.46 -31.01 -31.57
N SER A 342 -20.24 -32.32 -31.52
CA SER A 342 -21.30 -33.28 -31.84
C SER A 342 -22.06 -33.76 -30.61
N PHE A 343 -22.19 -32.95 -29.58
CA PHE A 343 -22.96 -33.31 -28.39
C PHE A 343 -23.50 -32.06 -27.74
N GLY A 344 -24.67 -32.21 -27.10
CA GLY A 344 -25.29 -31.09 -26.42
C GLY A 344 -25.37 -31.27 -24.93
N ASN A 345 -25.39 -32.52 -24.47
CA ASN A 345 -25.49 -32.82 -23.06
C ASN A 345 -24.18 -32.44 -22.36
N ASN A 346 -24.17 -32.64 -21.05
CA ASN A 346 -22.94 -32.51 -20.26
C ASN A 346 -22.31 -33.88 -20.00
N ILE A 347 -21.90 -34.54 -21.07
CA ILE A 347 -21.23 -35.83 -20.96
C ILE A 347 -19.74 -35.57 -20.84
N LYS A 348 -19.08 -36.31 -19.94
CA LYS A 348 -17.65 -36.15 -19.75
C LYS A 348 -16.91 -36.50 -21.04
N ILE A 349 -15.73 -35.89 -21.21
CA ILE A 349 -15.03 -35.96 -22.48
C ILE A 349 -14.55 -37.37 -22.79
N LEU A 350 -14.13 -38.12 -21.76
CA LEU A 350 -13.77 -39.51 -21.99
C LEU A 350 -14.95 -40.32 -22.51
N ASP A 351 -16.15 -40.01 -22.03
CA ASP A 351 -17.33 -40.71 -22.53
C ASP A 351 -17.63 -40.33 -23.97
N ARG A 352 -17.50 -39.05 -24.32
CA ARG A 352 -17.66 -38.66 -25.71
C ARG A 352 -16.70 -39.40 -26.61
N ILE A 353 -15.45 -39.57 -26.17
CA ILE A 353 -14.47 -40.28 -26.98
C ILE A 353 -14.86 -41.74 -27.12
N VAL A 354 -15.25 -42.38 -26.01
CA VAL A 354 -15.60 -43.80 -26.05
C VAL A 354 -16.79 -44.03 -26.97
N PHE A 355 -17.75 -43.10 -26.95
CA PHE A 355 -18.93 -43.28 -27.78
C PHE A 355 -18.61 -43.04 -29.25
N LEU A 356 -17.87 -41.97 -29.56
CA LEU A 356 -17.50 -41.71 -30.94
C LEU A 356 -16.65 -42.83 -31.52
N ILE A 357 -15.91 -43.55 -30.68
CA ILE A 357 -15.10 -44.64 -31.20
C ILE A 357 -15.90 -45.94 -31.27
N LYS A 358 -16.89 -46.11 -30.40
CA LYS A 358 -17.57 -47.39 -30.28
C LYS A 358 -18.76 -47.52 -31.24
N THR A 359 -19.76 -46.65 -31.10
CA THR A 359 -20.99 -46.83 -31.85
C THR A 359 -20.87 -46.32 -33.28
N GLN A 360 -20.67 -45.01 -33.45
CA GLN A 360 -20.54 -44.43 -34.77
C GLN A 360 -19.06 -44.40 -35.11
N ASN A 361 -18.56 -45.55 -35.58
CA ASN A 361 -17.14 -45.73 -35.82
C ASN A 361 -16.61 -44.64 -36.73
N THR A 362 -15.74 -43.79 -36.19
CA THR A 362 -15.08 -42.75 -36.96
C THR A 362 -13.63 -43.12 -37.27
N LEU A 363 -13.20 -44.31 -36.87
CA LEU A 363 -11.86 -44.79 -37.17
C LEU A 363 -11.86 -45.79 -38.33
N LEU A 364 -12.88 -45.75 -39.18
CA LEU A 364 -12.91 -46.52 -40.42
C LEU A 364 -12.83 -45.66 -41.66
N ASP A 365 -13.42 -44.46 -41.63
CA ASP A 365 -13.36 -43.54 -42.77
C ASP A 365 -12.03 -42.77 -42.77
N VAL A 366 -10.95 -43.54 -42.86
CA VAL A 366 -9.60 -42.98 -42.95
C VAL A 366 -8.95 -43.56 -44.21
N PRO A 367 -8.30 -42.74 -45.04
CA PRO A 367 -7.78 -43.23 -46.32
C PRO A 367 -6.79 -44.38 -46.20
N CYS A 368 -5.69 -44.17 -45.50
CA CYS A 368 -4.66 -45.19 -45.42
C CYS A 368 -5.16 -46.40 -44.64
N PRO A 369 -4.91 -47.61 -45.12
CA PRO A 369 -5.28 -48.79 -44.34
C PRO A 369 -4.37 -49.00 -43.14
N ARG A 370 -3.08 -48.71 -43.32
CA ARG A 370 -2.14 -48.87 -42.21
C ARG A 370 -2.39 -47.85 -41.12
N LEU A 371 -2.76 -46.63 -41.50
CA LEU A 371 -3.06 -45.61 -40.50
C LEU A 371 -4.20 -46.05 -39.61
N ARG A 372 -5.40 -46.25 -40.19
CA ARG A 372 -6.52 -46.65 -39.36
C ARG A 372 -6.41 -48.09 -38.87
N ALA A 373 -5.40 -48.84 -39.27
CA ALA A 373 -5.13 -50.12 -38.65
C ALA A 373 -4.28 -49.98 -37.40
N TRP A 374 -3.38 -49.00 -37.38
CA TRP A 374 -2.57 -48.71 -36.20
C TRP A 374 -3.22 -47.70 -35.28
N LEU A 375 -4.32 -47.10 -35.69
CA LEU A 375 -5.02 -46.08 -34.92
C LEU A 375 -6.18 -46.63 -34.14
N GLN A 376 -6.92 -47.58 -34.72
CA GLN A 376 -8.06 -48.20 -34.04
C GLN A 376 -7.65 -49.20 -32.98
N MET A 377 -6.36 -49.25 -32.63
CA MET A 377 -5.89 -50.05 -31.51
C MET A 377 -5.27 -49.16 -30.45
N CYS A 378 -5.88 -47.99 -30.23
CA CYS A 378 -5.44 -47.04 -29.22
C CYS A 378 -6.60 -46.82 -28.25
N THR A 379 -6.38 -47.16 -26.98
CA THR A 379 -7.43 -47.04 -25.98
C THR A 379 -7.93 -45.60 -25.89
N PRO A 380 -9.23 -45.40 -25.66
CA PRO A 380 -9.77 -44.03 -25.65
C PRO A 380 -9.14 -43.13 -24.61
N GLN A 381 -8.64 -43.70 -23.51
CA GLN A 381 -7.90 -42.88 -22.55
C GLN A 381 -6.71 -42.21 -23.20
N ASP A 382 -6.10 -42.88 -24.19
CA ASP A 382 -4.95 -42.29 -24.87
C ASP A 382 -5.37 -41.12 -25.74
N PHE A 383 -6.47 -41.27 -26.47
CA PHE A 383 -7.02 -40.14 -27.22
C PHE A 383 -7.29 -38.97 -26.29
N HIS A 384 -7.94 -39.24 -25.15
CA HIS A 384 -8.24 -38.17 -24.20
C HIS A 384 -6.97 -37.47 -23.74
N LYS A 385 -5.99 -38.24 -23.28
CA LYS A 385 -4.73 -37.67 -22.84
C LYS A 385 -4.13 -36.77 -23.91
N HIS A 386 -3.89 -37.34 -25.10
CA HIS A 386 -3.20 -36.59 -26.14
C HIS A 386 -3.96 -35.34 -26.52
N LEU A 387 -5.28 -35.43 -26.65
CA LEU A 387 -6.00 -34.31 -27.22
C LEU A 387 -6.24 -33.21 -26.20
N PHE A 388 -6.62 -33.54 -24.96
CA PHE A 388 -7.07 -32.52 -24.04
C PHE A 388 -6.23 -32.35 -22.78
N CYS A 389 -5.30 -33.26 -22.47
CA CYS A 389 -4.69 -33.25 -21.14
C CYS A 389 -3.22 -32.92 -21.14
N ASP A 390 -2.39 -33.68 -21.86
CA ASP A 390 -0.95 -33.60 -21.63
C ASP A 390 -0.36 -32.35 -22.26
N PRO A 391 0.64 -31.72 -21.62
CA PRO A 391 1.25 -30.52 -22.20
C PRO A 391 2.24 -30.82 -23.31
N LEU A 392 3.01 -31.89 -23.17
CA LEU A 392 3.97 -32.24 -24.22
C LEU A 392 3.26 -32.62 -25.51
N CYS A 393 2.13 -33.31 -25.39
CA CYS A 393 1.36 -33.64 -26.58
C CYS A 393 0.78 -32.39 -27.22
N ALA A 394 0.42 -31.38 -26.42
CA ALA A 394 -0.04 -30.12 -27.00
C ALA A 394 1.10 -29.42 -27.73
N ILE A 395 2.30 -29.41 -27.15
CA ILE A 395 3.45 -28.83 -27.83
C ILE A 395 3.71 -29.53 -29.15
N ASN A 396 3.65 -30.86 -29.16
CA ASN A 396 3.83 -31.60 -30.41
C ASN A 396 2.76 -31.24 -31.41
N HIS A 397 1.50 -31.32 -31.02
CA HIS A 397 0.39 -31.01 -31.92
C HIS A 397 0.44 -29.59 -32.45
N SER A 398 1.11 -28.68 -31.74
CA SER A 398 1.16 -27.28 -32.15
C SER A 398 2.47 -26.86 -32.78
N ILE A 399 3.48 -27.73 -32.79
CA ILE A 399 4.76 -27.39 -33.40
C ILE A 399 5.02 -28.14 -34.70
N THR A 400 4.42 -29.31 -34.90
CA THR A 400 4.65 -30.05 -36.12
C THR A 400 3.98 -29.33 -37.30
N ASN A 401 4.34 -29.75 -38.50
CA ASN A 401 3.91 -29.05 -39.70
C ASN A 401 4.02 -29.99 -40.90
N PRO A 402 3.09 -30.93 -41.07
CA PRO A 402 3.31 -32.03 -42.02
C PRO A 402 3.43 -31.61 -43.46
N SER A 403 3.17 -30.34 -43.81
CA SER A 403 3.42 -29.90 -45.17
C SER A 403 4.91 -29.77 -45.44
N VAL A 404 5.70 -29.48 -44.41
CA VAL A 404 7.15 -29.39 -44.58
C VAL A 404 7.78 -30.78 -44.60
N LEU A 405 7.20 -31.73 -43.87
CA LEU A 405 7.78 -33.06 -43.82
C LEU A 405 7.33 -33.94 -44.97
N PHE A 406 6.15 -33.70 -45.53
CA PHE A 406 5.63 -34.53 -46.59
C PHE A 406 5.14 -33.69 -47.76
N GLY A 407 5.88 -32.64 -48.09
CA GLY A 407 5.52 -31.78 -49.20
C GLY A 407 6.69 -31.39 -50.07
N GLN A 408 6.47 -31.31 -51.37
CA GLN A 408 7.52 -30.91 -52.29
C GLN A 408 7.73 -29.41 -52.24
N ILE A 409 8.95 -28.99 -52.59
CA ILE A 409 9.34 -27.59 -52.55
C ILE A 409 9.53 -27.11 -53.98
N TYR A 410 9.11 -25.87 -54.24
CA TYR A 410 9.23 -25.21 -55.54
C TYR A 410 10.68 -25.22 -55.99
N PRO A 411 11.03 -25.98 -57.01
CA PRO A 411 12.45 -26.14 -57.39
C PRO A 411 13.13 -24.82 -57.72
N PRO A 412 12.47 -23.87 -58.41
CA PRO A 412 13.14 -22.59 -58.68
C PRO A 412 13.63 -21.84 -57.44
N SER A 413 13.14 -22.17 -56.25
CA SER A 413 13.58 -21.50 -55.03
C SER A 413 14.39 -22.42 -54.12
N PHE A 414 14.68 -23.64 -54.55
CA PHE A 414 15.31 -24.62 -53.68
C PHE A 414 16.72 -24.20 -53.28
N GLN A 415 17.55 -23.84 -54.26
CA GLN A 415 18.92 -23.47 -53.95
C GLN A 415 18.98 -22.17 -53.14
N ALA A 416 18.08 -21.24 -53.44
CA ALA A 416 18.02 -20.01 -52.65
C ALA A 416 17.68 -20.31 -51.21
N PHE A 417 16.73 -21.21 -50.98
CA PHE A 417 16.36 -21.57 -49.61
C PHE A 417 17.50 -22.27 -48.90
N LYS A 418 18.16 -23.21 -49.59
CA LYS A 418 19.31 -23.89 -49.01
C LYS A 418 20.38 -22.90 -48.57
N ALA A 419 20.71 -21.95 -49.46
CA ALA A 419 21.75 -20.98 -49.13
C ALA A 419 21.33 -20.07 -47.98
N ALA A 420 20.05 -19.66 -47.96
CA ALA A 420 19.58 -18.82 -46.87
C ALA A 420 19.66 -19.55 -45.55
N LEU A 421 19.39 -20.85 -45.55
CA LEU A 421 19.50 -21.64 -44.32
C LEU A 421 20.96 -21.78 -43.90
N ALA A 422 21.85 -22.01 -44.86
CA ALA A 422 23.27 -22.14 -44.54
C ALA A 422 23.78 -20.92 -43.79
N ALA A 423 23.34 -19.72 -44.20
CA ALA A 423 23.75 -18.50 -43.53
C ALA A 423 23.02 -18.27 -42.22
N GLY A 424 22.10 -19.15 -41.83
CA GLY A 424 21.36 -18.95 -40.61
C GLY A 424 20.39 -17.79 -40.68
N GLN A 425 19.33 -17.94 -41.47
CA GLN A 425 18.39 -16.85 -41.70
C GLN A 425 16.94 -17.20 -41.39
N ASN A 426 16.55 -18.47 -41.45
CA ASN A 426 15.16 -18.85 -41.25
C ASN A 426 14.96 -19.80 -40.08
N LEU A 427 16.01 -20.15 -39.35
CA LEU A 427 15.90 -21.09 -38.24
C LEU A 427 15.26 -20.39 -37.04
N GLU A 428 13.93 -20.37 -37.04
CA GLU A 428 13.17 -19.77 -35.96
C GLU A 428 13.12 -20.71 -34.77
N GLN A 429 13.18 -20.15 -33.56
CA GLN A 429 13.32 -20.97 -32.36
C GLN A 429 12.20 -21.98 -32.21
N GLY A 430 11.01 -21.66 -32.71
CA GLY A 430 9.88 -22.56 -32.51
C GLY A 430 9.18 -22.30 -31.19
N VAL A 431 9.46 -23.12 -30.19
CA VAL A 431 8.93 -22.92 -28.86
C VAL A 431 9.97 -22.21 -28.02
N CYS A 432 9.54 -21.67 -26.89
CA CYS A 432 10.46 -21.04 -25.96
C CYS A 432 11.38 -22.10 -25.37
N ASP A 433 12.29 -21.68 -24.49
CA ASP A 433 13.15 -22.63 -23.81
C ASP A 433 12.74 -22.86 -22.37
N SER A 434 12.18 -21.84 -21.70
CA SER A 434 11.65 -22.05 -20.37
C SER A 434 10.44 -22.99 -20.40
N LEU A 435 9.67 -22.94 -21.47
CA LEU A 435 8.49 -23.81 -21.57
C LEU A 435 8.91 -25.27 -21.64
N ILE A 436 9.95 -25.59 -22.42
CA ILE A 436 10.40 -26.96 -22.53
C ILE A 436 10.95 -27.45 -21.20
N THR A 437 11.74 -26.62 -20.52
CA THR A 437 12.26 -27.02 -19.22
C THR A 437 11.13 -27.27 -18.23
N LEU A 438 10.10 -26.41 -18.25
CA LEU A 438 8.98 -26.60 -17.34
C LEU A 438 8.22 -27.88 -17.66
N VAL A 439 8.05 -28.18 -18.95
CA VAL A 439 7.35 -29.41 -19.32
C VAL A 439 8.12 -30.62 -18.85
N TYR A 440 9.45 -30.59 -18.96
CA TYR A 440 10.24 -31.73 -18.51
C TYR A 440 10.21 -31.87 -17.00
N ILE A 441 10.21 -30.76 -16.27
CA ILE A 441 10.03 -30.82 -14.82
C ILE A 441 8.70 -31.48 -14.49
N PHE A 442 7.63 -31.10 -15.19
CA PHE A 442 6.31 -31.66 -14.91
C PHE A 442 6.29 -33.14 -15.19
N LYS A 443 6.84 -33.58 -16.32
CA LYS A 443 6.85 -35.01 -16.60
C LYS A 443 7.70 -35.77 -15.60
N SER A 444 8.76 -35.15 -15.10
CA SER A 444 9.59 -35.80 -14.08
C SER A 444 8.80 -36.04 -12.80
N THR A 445 8.11 -35.02 -12.32
CA THR A 445 7.31 -35.23 -11.11
C THR A 445 6.10 -36.13 -11.37
N GLN A 446 5.65 -36.23 -12.62
CA GLN A 446 4.53 -37.11 -12.92
C GLN A 446 4.95 -38.58 -12.99
N VAL A 447 6.19 -38.86 -13.40
CA VAL A 447 6.64 -40.24 -13.58
C VAL A 447 7.29 -40.78 -12.33
N ALA A 448 8.34 -40.10 -11.86
CA ALA A 448 9.14 -40.60 -10.74
C ALA A 448 8.46 -40.22 -9.41
N ARG A 449 9.18 -40.41 -8.31
CA ARG A 449 8.69 -40.02 -7.00
C ARG A 449 8.90 -38.53 -6.79
N VAL A 450 8.11 -37.96 -5.88
CA VAL A 450 8.13 -36.52 -5.64
C VAL A 450 7.47 -36.25 -4.30
N GLY A 451 7.75 -35.09 -3.72
CA GLY A 451 7.10 -34.65 -2.51
C GLY A 451 5.72 -34.08 -2.78
N LYS A 452 5.33 -33.06 -2.03
CA LYS A 452 4.05 -32.39 -2.24
C LYS A 452 4.21 -30.91 -2.56
N THR A 453 4.99 -30.18 -1.76
CA THR A 453 5.09 -28.73 -1.92
C THR A 453 5.72 -28.32 -3.24
N ILE A 454 6.28 -29.25 -3.99
CA ILE A 454 6.81 -28.98 -5.32
C ILE A 454 5.79 -29.29 -6.41
N LEU A 455 4.99 -30.33 -6.21
CA LEU A 455 3.97 -30.69 -7.20
C LEU A 455 2.90 -29.62 -7.29
N VAL A 456 2.34 -29.23 -6.14
CA VAL A 456 1.25 -28.26 -6.13
C VAL A 456 1.67 -26.92 -6.71
N ASP A 457 2.97 -26.62 -6.70
CA ASP A 457 3.44 -25.34 -7.21
C ASP A 457 3.83 -25.40 -8.68
N VAL A 458 4.48 -26.48 -9.11
CA VAL A 458 4.79 -26.63 -10.53
C VAL A 458 3.50 -26.73 -11.33
N THR A 459 2.44 -27.30 -10.73
CA THR A 459 1.16 -27.35 -11.42
C THR A 459 0.63 -25.95 -11.70
N LYS A 460 0.64 -25.09 -10.69
CA LYS A 460 0.15 -23.72 -10.86
C LYS A 460 0.98 -22.97 -11.89
N GLU A 461 2.31 -23.10 -11.80
CA GLU A 461 3.17 -22.38 -12.74
C GLU A 461 2.97 -22.86 -14.16
N LEU A 462 2.85 -24.17 -14.36
CA LEU A 462 2.59 -24.70 -15.69
C LEU A 462 1.26 -24.21 -16.22
N ASP A 463 0.24 -24.15 -15.37
CA ASP A 463 -1.05 -23.63 -15.81
C ASP A 463 -0.93 -22.22 -16.33
N VAL A 464 -0.28 -21.34 -15.55
CA VAL A 464 -0.19 -19.95 -15.96
C VAL A 464 0.62 -19.81 -17.25
N VAL A 465 1.74 -20.53 -17.34
CA VAL A 465 2.59 -20.39 -18.52
C VAL A 465 1.89 -20.91 -19.76
N LEU A 466 1.20 -22.04 -19.64
CA LEU A 466 0.48 -22.59 -20.79
C LEU A 466 -0.64 -21.67 -21.23
N ARG A 467 -1.35 -21.06 -20.28
CA ARG A 467 -2.40 -20.13 -20.66
C ARG A 467 -1.82 -18.91 -21.36
N ILE A 468 -0.66 -18.44 -20.91
CA ILE A 468 -0.01 -17.30 -21.58
C ILE A 468 0.36 -17.66 -23.01
N HIS A 469 1.01 -18.82 -23.19
CA HIS A 469 1.57 -19.16 -24.49
C HIS A 469 0.51 -19.48 -25.53
N GLY A 470 -0.77 -19.52 -25.15
CA GLY A 470 -1.82 -19.69 -26.12
C GLY A 470 -2.27 -21.13 -26.32
N LEU A 471 -2.51 -21.83 -25.22
CA LEU A 471 -3.04 -23.18 -25.23
C LEU A 471 -4.22 -23.26 -24.29
N ASP A 472 -4.95 -24.37 -24.36
CA ASP A 472 -6.16 -24.53 -23.55
C ASP A 472 -6.30 -26.02 -23.22
N LEU A 473 -5.82 -26.41 -22.05
CA LEU A 473 -5.91 -27.77 -21.55
C LEU A 473 -6.61 -27.76 -20.20
N VAL A 474 -7.00 -28.95 -19.74
CA VAL A 474 -7.60 -29.04 -18.43
C VAL A 474 -6.58 -28.70 -17.35
N GLN A 475 -7.08 -28.42 -16.16
CA GLN A 475 -6.22 -28.15 -15.02
C GLN A 475 -5.20 -29.28 -14.86
N SER A 476 -3.97 -28.92 -14.55
CA SER A 476 -2.87 -29.88 -14.66
C SER A 476 -2.76 -30.81 -13.46
N TYR A 477 -3.32 -30.46 -12.31
CA TYR A 477 -3.25 -31.35 -11.17
C TYR A 477 -3.98 -32.65 -11.44
N GLN A 478 -5.18 -32.56 -12.03
CA GLN A 478 -5.92 -33.76 -12.41
C GLN A 478 -5.09 -34.65 -13.33
N THR A 479 -4.66 -34.10 -14.47
CA THR A 479 -3.88 -34.90 -15.41
C THR A 479 -2.50 -35.24 -14.89
N SER A 480 -2.13 -34.77 -13.71
CA SER A 480 -0.92 -35.27 -13.05
C SER A 480 -1.20 -36.42 -12.11
N GLN A 481 -2.42 -36.49 -11.56
CA GLN A 481 -2.77 -37.57 -10.66
C GLN A 481 -3.50 -38.73 -11.33
N VAL A 482 -4.03 -38.53 -12.54
CA VAL A 482 -4.83 -39.56 -13.19
C VAL A 482 -3.98 -40.34 -14.18
N TYR A 483 -3.43 -39.65 -15.17
CA TYR A 483 -2.64 -40.28 -16.22
C TYR A 483 -1.16 -40.21 -15.87
N VAL A 484 -0.39 -41.09 -16.50
CA VAL A 484 1.06 -41.10 -16.33
C VAL A 484 1.70 -40.82 -17.68
N ASP B 3 66.16 2.10 -5.66
CA ASP B 3 67.08 0.98 -5.62
C ASP B 3 66.35 -0.34 -5.42
N PHE B 4 65.38 -0.34 -4.51
CA PHE B 4 64.58 -1.52 -4.22
C PHE B 4 63.21 -1.37 -4.87
N VAL B 5 62.77 -2.43 -5.56
CA VAL B 5 61.45 -2.45 -6.18
C VAL B 5 60.89 -3.85 -6.04
N PRO B 6 59.63 -4.00 -5.62
CA PRO B 6 59.08 -5.34 -5.37
C PRO B 6 58.81 -6.13 -6.64
N TRP B 7 58.56 -7.42 -6.49
CA TRP B 7 58.29 -8.35 -7.59
C TRP B 7 59.47 -8.52 -8.52
N THR B 8 60.67 -8.16 -8.07
CA THR B 8 61.88 -8.45 -8.84
C THR B 8 62.37 -9.85 -8.46
N VAL B 9 62.54 -10.70 -9.48
CA VAL B 9 62.81 -12.11 -9.21
C VAL B 9 64.15 -12.30 -8.50
N ASP B 10 65.07 -11.34 -8.66
CA ASP B 10 66.37 -11.48 -8.01
C ASP B 10 66.24 -11.48 -6.49
N ASN B 11 65.37 -10.61 -5.96
CA ASN B 11 65.17 -10.55 -4.52
C ASN B 11 64.66 -11.86 -3.94
N LEU B 12 64.08 -12.72 -4.77
CA LEU B 12 63.69 -14.06 -4.33
C LEU B 12 64.74 -15.11 -4.63
N LYS B 13 65.48 -14.95 -5.72
CA LYS B 13 66.49 -15.93 -6.08
C LYS B 13 67.67 -15.93 -5.13
N SER B 14 67.85 -14.88 -4.34
CA SER B 14 68.96 -14.79 -3.42
C SER B 14 68.58 -15.10 -1.98
N GLN B 15 67.41 -15.67 -1.74
CA GLN B 15 66.94 -15.96 -0.39
C GLN B 15 66.27 -17.33 -0.34
N PHE B 16 66.89 -18.32 -0.96
CA PHE B 16 66.28 -19.64 -1.04
C PHE B 16 66.27 -20.33 0.32
N GLU B 17 67.20 -19.97 1.20
CA GLU B 17 67.21 -20.56 2.54
C GLU B 17 65.96 -20.16 3.33
N ALA B 18 65.29 -19.09 2.92
CA ALA B 18 64.08 -18.65 3.59
C ALA B 18 62.83 -19.19 2.93
N VAL B 19 62.75 -19.13 1.59
CA VAL B 19 61.58 -19.66 0.91
C VAL B 19 61.49 -21.17 1.11
N GLY B 20 62.63 -21.85 1.26
CA GLY B 20 62.60 -23.26 1.56
C GLY B 20 61.90 -23.55 2.87
N LEU B 21 62.26 -22.81 3.92
CA LEU B 21 61.63 -23.01 5.22
C LEU B 21 60.18 -22.58 5.21
N LEU B 22 59.83 -21.55 4.43
CA LEU B 22 58.44 -21.13 4.35
C LEU B 22 57.59 -22.19 3.67
N MET B 23 58.01 -22.67 2.50
CA MET B 23 57.28 -23.72 1.81
C MET B 23 57.36 -25.06 2.52
N ALA B 24 58.28 -25.23 3.47
CA ALA B 24 58.34 -26.47 4.23
C ALA B 24 57.41 -26.47 5.43
N HIS B 25 57.16 -25.29 6.01
CA HIS B 25 56.28 -25.17 7.16
C HIS B 25 54.84 -24.84 6.76
N SER B 26 54.43 -25.22 5.56
CA SER B 26 53.09 -24.90 5.11
C SER B 26 52.45 -26.07 4.36
N TYR B 27 52.79 -27.30 4.73
CA TYR B 27 52.13 -28.48 4.20
C TYR B 27 51.06 -28.92 5.19
N LEU B 28 49.93 -29.39 4.66
CA LEU B 28 48.92 -29.97 5.52
C LEU B 28 49.42 -31.29 6.09
N PRO B 29 48.92 -31.70 7.25
CA PRO B 29 49.47 -32.89 7.89
C PRO B 29 49.28 -34.14 7.04
N ALA B 30 50.31 -34.98 7.00
CA ALA B 30 50.27 -36.20 6.19
C ALA B 30 49.08 -37.07 6.57
N ASN B 31 49.03 -37.51 7.82
CA ASN B 31 47.87 -38.22 8.31
C ASN B 31 46.66 -37.30 8.36
N ALA B 32 45.49 -37.87 8.07
CA ALA B 32 44.25 -37.10 8.15
C ALA B 32 44.06 -36.55 9.56
N GLU B 33 44.03 -37.44 10.55
CA GLU B 33 44.08 -37.00 11.94
C GLU B 33 45.42 -36.32 12.20
N GLU B 34 45.39 -35.26 13.00
CA GLU B 34 46.56 -34.40 13.20
C GLU B 34 47.77 -35.14 13.75
N GLY B 35 47.61 -36.37 14.23
CA GLY B 35 48.71 -37.08 14.86
C GLY B 35 48.70 -36.88 16.36
N ILE B 36 49.51 -35.94 16.84
CA ILE B 36 49.45 -35.51 18.23
C ILE B 36 49.06 -34.04 18.25
N ALA B 37 49.92 -33.20 17.69
CA ALA B 37 49.58 -31.78 17.50
C ALA B 37 50.51 -31.24 16.42
N TYR B 38 49.98 -30.99 15.24
CA TYR B 38 50.80 -30.47 14.15
C TYR B 38 51.04 -28.98 14.39
N PRO B 39 52.29 -28.54 14.54
CA PRO B 39 52.55 -27.16 14.96
C PRO B 39 51.99 -26.11 14.00
N PRO B 40 52.17 -26.26 12.67
CA PRO B 40 51.59 -25.24 11.79
C PRO B 40 50.09 -25.10 11.93
N LEU B 41 49.36 -26.22 12.04
CA LEU B 41 47.92 -26.12 12.14
C LEU B 41 47.49 -25.46 13.44
N VAL B 42 48.15 -25.78 14.55
CA VAL B 42 47.74 -25.18 15.81
C VAL B 42 48.09 -23.69 15.83
N HIS B 43 49.22 -23.32 15.22
CA HIS B 43 49.54 -21.90 15.12
C HIS B 43 48.51 -21.17 14.25
N THR B 44 48.07 -21.80 13.17
CA THR B 44 47.06 -21.18 12.33
C THR B 44 45.75 -21.02 13.09
N TYR B 45 45.33 -22.07 13.79
CA TYR B 45 44.09 -21.97 14.57
C TYR B 45 44.18 -20.91 15.65
N GLU B 46 45.40 -20.67 16.17
CA GLU B 46 45.55 -19.55 17.09
C GLU B 46 45.50 -18.21 16.36
N SER B 47 45.95 -18.17 15.11
CA SER B 47 45.98 -16.89 14.40
C SER B 47 44.60 -16.47 13.91
N LEU B 48 43.71 -17.42 13.65
CA LEU B 48 42.35 -17.10 13.24
C LEU B 48 41.41 -16.93 14.42
N SER B 49 41.94 -16.89 15.64
CA SER B 49 41.13 -16.65 16.82
C SER B 49 40.44 -15.28 16.70
N PRO B 50 39.28 -15.11 17.32
CA PRO B 50 38.59 -13.81 17.20
C PRO B 50 39.18 -12.71 18.05
N ALA B 51 39.99 -13.04 19.06
CA ALA B 51 40.55 -12.06 19.97
C ALA B 51 42.06 -12.24 20.09
N SER B 52 42.73 -12.38 18.96
CA SER B 52 44.18 -12.45 18.92
C SER B 52 44.74 -11.25 18.18
N THR B 53 46.07 -11.15 18.17
CA THR B 53 46.77 -10.00 17.62
C THR B 53 47.48 -10.38 16.33
N CYS B 54 47.39 -9.50 15.33
CA CYS B 54 48.10 -9.72 14.08
C CYS B 54 49.59 -9.73 14.33
N ARG B 55 50.25 -10.84 14.00
CA ARG B 55 51.66 -10.97 14.33
C ARG B 55 52.53 -10.05 13.49
N VAL B 56 52.11 -9.73 12.27
CA VAL B 56 52.88 -8.82 11.42
C VAL B 56 52.94 -7.43 12.05
N CYS B 57 51.79 -6.90 12.44
CA CYS B 57 51.77 -5.59 13.08
C CYS B 57 52.54 -5.60 14.38
N ASP B 58 52.44 -6.70 15.13
CA ASP B 58 53.19 -6.82 16.38
C ASP B 58 54.68 -6.74 16.13
N LEU B 59 55.17 -7.46 15.13
CA LEU B 59 56.59 -7.39 14.80
C LEU B 59 56.99 -6.00 14.35
N LEU B 60 56.18 -5.38 13.49
CA LEU B 60 56.47 -4.03 13.03
C LEU B 60 56.57 -3.06 14.19
N ASP B 61 55.73 -3.21 15.21
CA ASP B 61 55.81 -2.28 16.32
C ASP B 61 56.96 -2.59 17.25
N THR B 62 57.24 -3.88 17.49
CA THR B 62 58.38 -4.20 18.34
C THR B 62 59.71 -3.88 17.66
N LEU B 63 59.70 -3.61 16.36
CA LEU B 63 60.92 -3.15 15.68
C LEU B 63 60.97 -1.64 15.54
N VAL B 64 59.95 -1.03 14.92
CA VAL B 64 60.02 0.39 14.59
C VAL B 64 59.98 1.26 15.83
N ASN B 65 59.16 0.90 16.82
CA ASN B 65 59.02 1.73 18.01
C ASN B 65 60.22 1.64 18.93
N HIS B 66 61.32 1.07 18.48
CA HIS B 66 62.60 1.19 19.14
C HIS B 66 63.34 2.40 18.56
N SER B 67 64.63 2.52 18.86
CA SER B 67 65.39 3.69 18.47
C SER B 67 65.57 3.77 16.96
N ASP B 68 65.66 5.00 16.47
CA ASP B 68 66.13 5.35 15.12
C ASP B 68 65.63 4.40 14.03
N ALA B 69 64.30 4.28 13.97
CA ALA B 69 63.68 3.62 12.83
C ALA B 69 64.00 4.41 11.57
N PRO B 70 64.81 3.87 10.66
CA PRO B 70 65.27 4.66 9.52
C PRO B 70 64.11 5.12 8.64
N VAL B 71 64.22 6.35 8.14
CA VAL B 71 63.25 6.85 7.19
C VAL B 71 63.49 6.11 5.88
N ALA B 72 62.55 6.21 4.95
CA ALA B 72 62.54 5.49 3.68
C ALA B 72 62.25 4.02 3.91
N PHE B 73 62.18 3.61 5.18
CA PHE B 73 61.61 2.31 5.49
C PHE B 73 60.10 2.35 5.33
N PHE B 74 59.47 3.42 5.80
CA PHE B 74 58.05 3.58 5.57
C PHE B 74 57.76 3.75 4.09
N GLU B 75 58.70 4.31 3.33
CA GLU B 75 58.49 4.44 1.88
C GLU B 75 58.56 3.08 1.20
N ASP B 76 59.55 2.26 1.55
CA ASP B 76 59.62 0.92 0.96
C ASP B 76 58.43 0.07 1.38
N TYR B 77 57.99 0.20 2.63
CA TYR B 77 56.81 -0.52 3.09
C TYR B 77 55.57 -0.07 2.34
N ALA B 78 55.43 1.24 2.12
CA ALA B 78 54.29 1.74 1.36
C ALA B 78 54.34 1.26 -0.09
N LEU B 79 55.53 1.15 -0.67
CA LEU B 79 55.63 0.61 -2.02
C LEU B 79 55.21 -0.85 -2.07
N LEU B 80 55.69 -1.65 -1.11
CA LEU B 80 55.29 -3.05 -1.07
C LEU B 80 53.79 -3.19 -0.88
N CYS B 81 53.20 -2.32 -0.06
CA CYS B 81 51.75 -2.36 0.13
C CYS B 81 51.03 -1.95 -1.14
N TYR B 82 51.56 -0.97 -1.86
CA TYR B 82 50.93 -0.57 -3.12
C TYR B 82 50.96 -1.69 -4.14
N TYR B 83 52.05 -2.45 -4.16
CA TYR B 83 52.09 -3.59 -5.08
C TYR B 83 51.12 -4.68 -4.65
N CYS B 84 51.12 -5.05 -3.38
CA CYS B 84 50.17 -6.04 -2.89
C CYS B 84 48.73 -5.58 -3.06
N LEU B 85 48.51 -4.29 -3.24
CA LEU B 85 47.18 -3.79 -3.57
C LEU B 85 46.79 -4.07 -5.01
N ASN B 86 47.72 -4.54 -5.84
CA ASN B 86 47.50 -4.77 -7.26
C ASN B 86 48.01 -6.14 -7.68
N ALA B 87 47.69 -7.16 -6.91
CA ALA B 87 48.10 -8.52 -7.22
C ALA B 87 46.91 -9.45 -7.08
N PRO B 88 46.92 -10.58 -7.77
CA PRO B 88 45.81 -11.54 -7.63
C PRO B 88 45.97 -12.38 -6.38
N ARG B 89 44.86 -12.59 -5.69
CA ARG B 89 44.87 -13.43 -4.50
C ARG B 89 45.14 -14.86 -4.93
N ALA B 90 46.36 -15.32 -4.75
CA ALA B 90 46.76 -16.64 -5.20
C ALA B 90 47.98 -17.09 -4.41
N TRP B 91 48.63 -18.12 -4.92
CA TRP B 91 49.78 -18.72 -4.24
C TRP B 91 51.05 -17.91 -4.46
N ILE B 92 51.34 -17.61 -5.74
CA ILE B 92 52.56 -16.88 -6.06
C ILE B 92 52.56 -15.50 -5.44
N SER B 93 51.38 -14.89 -5.28
CA SER B 93 51.32 -13.56 -4.67
C SER B 93 51.74 -13.61 -3.21
N SER B 94 51.20 -14.55 -2.46
CA SER B 94 51.57 -14.68 -1.05
C SER B 94 53.06 -14.98 -0.91
N LEU B 95 53.59 -15.87 -1.76
CA LEU B 95 55.00 -16.20 -1.65
C LEU B 95 55.87 -14.97 -1.92
N ILE B 96 55.57 -14.25 -3.00
CA ILE B 96 56.38 -13.09 -3.35
C ILE B 96 56.29 -12.01 -2.28
N THR B 97 55.09 -11.80 -1.74
CA THR B 97 54.95 -10.80 -0.68
C THR B 97 55.75 -11.17 0.55
N GLY B 98 55.71 -12.44 0.95
CA GLY B 98 56.52 -12.85 2.09
C GLY B 98 57.99 -12.64 1.86
N MET B 99 58.48 -13.04 0.68
CA MET B 99 59.91 -12.91 0.41
C MET B 99 60.34 -11.44 0.38
N ASP B 100 59.54 -10.58 -0.23
CA ASP B 100 59.92 -9.17 -0.29
C ASP B 100 59.83 -8.50 1.07
N PHE B 101 58.87 -8.89 1.90
CA PHE B 101 58.82 -8.38 3.25
C PHE B 101 60.08 -8.75 4.02
N LEU B 102 60.48 -10.03 3.93
CA LEU B 102 61.71 -10.44 4.59
C LEU B 102 62.91 -9.69 4.04
N HIS B 103 62.92 -9.39 2.74
CA HIS B 103 64.04 -8.65 2.17
C HIS B 103 64.12 -7.26 2.76
N ILE B 104 62.99 -6.55 2.84
CA ILE B 104 62.99 -5.21 3.42
C ILE B 104 63.47 -5.26 4.86
N LEU B 105 62.98 -6.23 5.63
CA LEU B 105 63.38 -6.31 7.04
C LEU B 105 64.88 -6.55 7.17
N ILE B 106 65.42 -7.49 6.40
CA ILE B 106 66.86 -7.77 6.47
C ILE B 106 67.66 -6.55 6.04
N LYS B 107 67.12 -5.76 5.10
CA LYS B 107 67.85 -4.59 4.63
C LYS B 107 67.91 -3.50 5.68
N TYR B 108 66.76 -3.03 6.14
CA TYR B 108 66.75 -1.81 6.96
C TYR B 108 67.00 -2.08 8.43
N PHE B 109 66.57 -3.22 8.97
CA PHE B 109 66.69 -3.54 10.39
C PHE B 109 67.60 -4.74 10.58
N PRO B 110 68.91 -4.60 10.36
CA PRO B 110 69.79 -5.75 10.46
C PRO B 110 70.10 -6.16 11.89
N MET B 111 70.02 -5.23 12.85
CA MET B 111 70.32 -5.53 14.25
C MET B 111 69.18 -6.24 14.96
N ALA B 112 68.08 -6.52 14.28
CA ALA B 112 66.97 -7.21 14.91
C ALA B 112 67.38 -8.63 15.31
N GLY B 113 66.58 -9.24 16.16
CA GLY B 113 66.96 -10.50 16.78
C GLY B 113 67.01 -11.71 15.87
N GLY B 114 65.86 -12.17 15.40
CA GLY B 114 65.80 -13.47 14.75
C GLY B 114 65.29 -13.44 13.32
N LEU B 115 65.70 -12.42 12.55
CA LEU B 115 65.27 -12.34 11.16
C LEU B 115 65.84 -13.44 10.30
N ASP B 116 66.76 -14.27 10.82
CA ASP B 116 67.27 -15.40 10.06
C ASP B 116 66.37 -16.61 10.16
N SER B 117 65.44 -16.63 11.12
CA SER B 117 64.52 -17.74 11.31
C SER B 117 63.11 -17.19 11.51
N LEU B 118 62.71 -16.26 10.65
CA LEU B 118 61.43 -15.58 10.84
C LEU B 118 60.26 -16.51 10.60
N PHE B 119 60.35 -17.39 9.60
CA PHE B 119 59.21 -18.19 9.16
C PHE B 119 59.20 -19.56 9.84
N MET B 120 58.99 -19.52 11.15
CA MET B 120 58.86 -20.70 11.98
C MET B 120 57.55 -20.61 12.74
N PRO B 121 57.03 -21.74 13.25
CA PRO B 121 55.85 -21.68 14.13
C PRO B 121 56.09 -20.77 15.32
N SER B 122 55.03 -20.26 15.92
CA SER B 122 55.11 -19.25 16.98
C SER B 122 55.77 -17.97 16.50
N ARG B 123 55.88 -17.80 15.19
CA ARG B 123 56.42 -16.58 14.57
C ARG B 123 55.56 -16.30 13.35
N ILE B 124 56.04 -15.43 12.45
CA ILE B 124 55.31 -15.13 11.24
C ILE B 124 55.24 -16.36 10.35
N LEU B 125 54.04 -16.75 9.94
CA LEU B 125 53.87 -17.81 8.95
C LEU B 125 53.01 -17.35 7.79
N ALA B 126 52.61 -18.29 6.93
CA ALA B 126 51.92 -17.92 5.70
C ALA B 126 50.55 -17.33 5.97
N ILE B 127 49.77 -17.95 6.85
CA ILE B 127 48.44 -17.45 7.14
C ILE B 127 48.51 -16.04 7.70
N ASP B 128 49.58 -15.72 8.42
CA ASP B 128 49.71 -14.36 8.95
C ASP B 128 50.00 -13.36 7.84
N ILE B 129 50.83 -13.75 6.87
CA ILE B 129 51.08 -12.88 5.72
C ILE B 129 49.77 -12.61 4.96
N GLN B 130 48.96 -13.65 4.76
CA GLN B 130 47.69 -13.45 4.09
C GLN B 130 46.78 -12.52 4.91
N LEU B 131 46.61 -12.84 6.20
CA LEU B 131 45.75 -12.04 7.06
C LEU B 131 46.22 -10.61 7.19
N HIS B 132 47.47 -10.32 6.91
CA HIS B 132 47.88 -8.92 6.98
C HIS B 132 47.72 -8.22 5.66
N PHE B 133 48.20 -8.82 4.57
CA PHE B 133 48.28 -8.08 3.32
C PHE B 133 47.04 -8.20 2.44
N TYR B 134 46.33 -9.33 2.46
CA TYR B 134 45.22 -9.53 1.54
C TYR B 134 43.87 -9.60 2.24
N ILE B 135 43.69 -10.51 3.19
CA ILE B 135 42.45 -10.58 3.95
C ILE B 135 42.53 -9.57 5.09
N CYS B 136 41.55 -8.69 5.17
CA CYS B 136 41.51 -7.61 6.18
C CYS B 136 42.83 -6.85 6.21
N ARG B 137 43.11 -6.17 5.09
CA ARG B 137 44.34 -5.43 4.91
C ARG B 137 44.52 -4.40 6.02
N CYS B 138 45.73 -4.37 6.60
CA CYS B 138 46.03 -3.52 7.74
C CYS B 138 46.91 -2.33 7.39
N PHE B 139 46.77 -1.77 6.20
CA PHE B 139 47.57 -0.60 5.84
C PHE B 139 46.78 0.51 5.17
N LEU B 140 45.55 0.28 4.74
CA LEU B 140 44.78 1.33 4.10
C LEU B 140 44.49 2.44 5.11
N PRO B 141 44.68 3.70 4.75
CA PRO B 141 44.30 4.78 5.64
C PRO B 141 42.79 4.83 5.81
N VAL B 142 42.34 5.05 7.04
CA VAL B 142 40.93 5.02 7.38
C VAL B 142 40.65 6.12 8.40
N SER B 143 39.44 6.66 8.34
CA SER B 143 39.04 7.69 9.30
C SER B 143 38.73 7.06 10.65
N SER B 144 38.86 7.87 11.71
CA SER B 144 38.69 7.35 13.06
C SER B 144 37.27 6.84 13.29
N SER B 145 36.28 7.45 12.64
CA SER B 145 34.88 7.08 12.82
C SER B 145 34.47 5.92 11.94
N ASP B 146 35.42 5.10 11.48
CA ASP B 146 35.13 4.03 10.54
C ASP B 146 35.87 2.76 10.93
N MET B 147 35.83 2.42 12.22
CA MET B 147 36.39 1.17 12.70
C MET B 147 35.33 0.17 13.13
N ILE B 148 34.06 0.53 13.03
CA ILE B 148 32.97 -0.27 13.57
C ILE B 148 32.50 -1.30 12.55
N ARG B 149 32.01 -0.80 11.41
CA ARG B 149 31.62 -1.70 10.32
C ARG B 149 32.77 -2.61 9.94
N ASN B 150 33.99 -2.07 9.94
CA ASN B 150 35.17 -2.88 9.61
C ASN B 150 35.36 -4.00 10.63
N ALA B 151 35.18 -3.70 11.91
CA ALA B 151 35.32 -4.75 12.93
C ALA B 151 34.28 -5.84 12.74
N ASN B 152 33.04 -5.47 12.42
CA ASN B 152 31.98 -6.45 12.26
C ASN B 152 32.27 -7.37 11.06
N LEU B 153 32.59 -6.76 9.91
CA LEU B 153 32.95 -7.54 8.75
C LEU B 153 34.18 -8.40 9.01
N GLY B 154 35.10 -7.92 9.84
CA GLY B 154 36.25 -8.73 10.19
C GLY B 154 35.85 -9.98 10.97
N TYR B 155 34.92 -9.83 11.90
CA TYR B 155 34.43 -11.00 12.61
C TYR B 155 33.88 -12.03 11.64
N TYR B 156 33.05 -11.58 10.70
CA TYR B 156 32.45 -12.55 9.78
C TYR B 156 33.51 -13.19 8.87
N LYS B 157 34.43 -12.38 8.35
CA LYS B 157 35.57 -12.88 7.57
C LYS B 157 36.26 -14.02 8.29
N LEU B 158 36.71 -13.76 9.52
CA LEU B 158 37.53 -14.74 10.23
C LEU B 158 36.73 -15.98 10.59
N GLU B 159 35.47 -15.81 10.97
CA GLU B 159 34.64 -16.97 11.29
C GLU B 159 34.51 -17.89 10.08
N PHE B 160 34.24 -17.32 8.90
CA PHE B 160 34.05 -18.19 7.75
C PHE B 160 35.37 -18.71 7.18
N LEU B 161 36.49 -18.01 7.39
CA LEU B 161 37.78 -18.59 7.03
C LEU B 161 38.09 -19.81 7.90
N LYS B 162 37.89 -19.68 9.21
CA LYS B 162 38.03 -20.84 10.07
C LYS B 162 37.11 -21.96 9.64
N SER B 163 35.93 -21.61 9.10
CA SER B 163 35.03 -22.63 8.58
C SER B 163 35.62 -23.34 7.36
N ILE B 164 36.19 -22.57 6.44
CA ILE B 164 36.85 -23.16 5.26
C ILE B 164 37.95 -24.12 5.71
N LEU B 165 38.70 -23.74 6.74
CA LEU B 165 39.84 -24.56 7.14
C LEU B 165 39.40 -25.81 7.89
N THR B 166 38.48 -25.68 8.84
CA THR B 166 38.14 -26.82 9.70
C THR B 166 37.24 -27.84 9.00
N GLY B 167 36.47 -27.41 8.01
CA GLY B 167 35.62 -28.31 7.26
C GLY B 167 34.19 -28.45 7.73
N GLN B 168 33.69 -27.51 8.51
CA GLN B 168 32.31 -27.56 8.98
C GLN B 168 31.76 -26.15 9.14
N SER B 169 30.53 -25.94 8.68
CA SER B 169 29.93 -24.62 8.67
C SER B 169 29.82 -24.06 10.08
N PRO B 170 29.72 -22.74 10.21
CA PRO B 170 29.61 -22.15 11.54
C PRO B 170 28.36 -22.63 12.28
N ALA B 171 28.51 -22.81 13.59
CA ALA B 171 27.40 -23.32 14.39
C ALA B 171 26.22 -22.35 14.37
N ASN B 172 26.42 -21.14 14.89
CA ASN B 172 25.34 -20.18 15.11
C ASN B 172 25.38 -19.14 13.99
N PHE B 173 24.63 -19.39 12.92
CA PHE B 173 24.59 -18.45 11.80
C PHE B 173 23.35 -18.72 10.97
N CYS B 174 22.46 -17.73 10.89
CA CYS B 174 21.33 -17.72 9.97
C CYS B 174 21.51 -16.54 9.04
N PHE B 175 21.64 -16.82 7.74
CA PHE B 175 22.00 -15.77 6.79
C PHE B 175 20.97 -14.65 6.79
N LYS B 176 19.70 -14.99 6.57
CA LYS B 176 18.64 -14.02 6.78
C LYS B 176 18.64 -13.60 8.25
N SER B 177 18.20 -12.36 8.49
CA SER B 177 18.20 -11.72 9.80
C SER B 177 19.60 -11.35 10.24
N MET B 178 20.60 -11.76 9.47
CA MET B 178 21.97 -11.27 9.59
C MET B 178 22.38 -10.70 8.24
N TRP B 179 23.64 -10.29 8.15
CA TRP B 179 24.19 -9.75 6.90
C TRP B 179 23.39 -8.55 6.41
N THR B 241 62.18 -5.11 -13.47
CA THR B 241 61.10 -5.91 -12.93
C THR B 241 60.55 -6.87 -13.99
N LYS B 242 60.99 -6.68 -15.23
CA LYS B 242 60.55 -7.52 -16.34
C LYS B 242 61.26 -8.86 -16.25
N ALA B 243 60.66 -9.79 -15.51
CA ALA B 243 61.20 -11.14 -15.38
C ALA B 243 60.11 -12.04 -14.83
N ASP B 244 59.84 -13.14 -15.52
CA ASP B 244 58.75 -14.02 -15.16
C ASP B 244 59.08 -14.81 -13.90
N TYR B 245 58.07 -15.55 -13.42
CA TYR B 245 58.23 -16.49 -12.32
C TYR B 245 57.87 -17.92 -12.69
N CYS B 246 57.43 -18.16 -13.92
CA CYS B 246 56.85 -19.44 -14.30
C CYS B 246 57.76 -20.61 -13.95
N GLY B 247 59.07 -20.37 -13.89
CA GLY B 247 59.97 -21.41 -13.44
C GLY B 247 59.68 -21.86 -12.03
N LEU B 248 59.25 -20.94 -11.17
CA LEU B 248 58.95 -21.31 -9.79
C LEU B 248 57.71 -22.19 -9.70
N LEU B 249 56.67 -21.84 -10.46
CA LEU B 249 55.45 -22.64 -10.45
C LEU B 249 55.69 -24.00 -11.06
N LEU B 250 56.29 -24.04 -12.25
CA LEU B 250 56.49 -25.32 -12.92
C LEU B 250 57.51 -26.19 -12.19
N GLY B 251 58.45 -25.57 -11.47
CA GLY B 251 59.45 -26.31 -10.73
C GLY B 251 58.83 -27.17 -9.65
N THR B 252 58.15 -26.53 -8.71
CA THR B 252 57.37 -27.26 -7.72
C THR B 252 56.03 -27.65 -8.37
N TRP B 253 55.07 -28.07 -7.55
CA TRP B 253 53.75 -28.47 -8.01
C TRP B 253 53.84 -29.67 -8.97
N GLN B 254 54.43 -30.75 -8.44
CA GLN B 254 54.34 -32.07 -9.07
C GLN B 254 53.32 -32.95 -8.37
N GLY B 255 52.41 -32.36 -7.60
CA GLY B 255 51.31 -33.09 -7.03
C GLY B 255 50.21 -33.27 -8.04
N THR B 256 48.96 -33.03 -7.65
CA THR B 256 47.82 -33.19 -8.53
C THR B 256 47.27 -31.86 -9.02
N ASP B 257 48.06 -30.79 -8.94
CA ASP B 257 47.58 -29.46 -9.26
C ASP B 257 47.47 -29.21 -10.76
N LEU B 258 47.89 -30.14 -11.62
CA LEU B 258 47.83 -29.88 -13.05
C LEU B 258 46.84 -30.79 -13.77
N LEU B 259 47.03 -32.11 -13.72
CA LEU B 259 46.10 -33.09 -14.28
C LEU B 259 45.71 -32.75 -15.73
N GLY B 260 46.55 -32.00 -16.44
CA GLY B 260 46.19 -31.56 -17.77
C GLY B 260 46.36 -32.61 -18.84
N GLY B 261 46.86 -32.20 -20.01
CA GLY B 261 47.12 -33.12 -21.09
C GLY B 261 48.24 -34.08 -20.74
N PRO B 262 49.46 -33.57 -20.65
CA PRO B 262 50.58 -34.39 -20.15
C PRO B 262 50.76 -34.24 -18.64
N GLY B 263 51.62 -35.08 -18.10
CA GLY B 263 51.93 -35.05 -16.68
C GLY B 263 52.85 -36.18 -16.25
N ALA B 279 66.40 -20.64 -14.49
CA ALA B 279 67.24 -21.06 -13.37
C ALA B 279 66.39 -21.28 -12.13
N GLU B 280 65.08 -21.06 -12.25
CA GLU B 280 64.19 -21.26 -11.11
C GLU B 280 63.87 -22.73 -10.92
N LEU B 281 63.54 -23.44 -11.99
CA LEU B 281 63.17 -24.85 -11.87
C LEU B 281 64.28 -25.68 -11.25
N ALA B 282 65.54 -25.38 -11.60
CA ALA B 282 66.65 -26.14 -11.04
C ALA B 282 66.71 -25.99 -9.53
N LEU B 283 66.52 -24.76 -9.03
CA LEU B 283 66.65 -24.48 -7.62
C LEU B 283 65.33 -24.51 -6.86
N ALA B 284 64.31 -25.17 -7.41
CA ALA B 284 63.02 -25.30 -6.75
C ALA B 284 62.68 -26.75 -6.43
N ILE B 285 63.65 -27.52 -5.95
CA ILE B 285 63.47 -28.96 -5.70
C ILE B 285 63.83 -29.24 -4.25
N THR B 286 62.81 -29.33 -3.40
CA THR B 286 62.93 -29.71 -1.99
C THR B 286 61.54 -30.10 -1.51
N ARG B 287 61.48 -30.99 -0.50
CA ARG B 287 60.18 -31.42 -0.03
C ARG B 287 60.27 -31.98 1.38
N PRO B 288 59.32 -31.65 2.27
CA PRO B 288 59.32 -32.24 3.62
C PRO B 288 58.68 -33.61 3.65
N GLU B 289 58.56 -34.18 4.85
CA GLU B 289 58.09 -35.56 5.00
C GLU B 289 56.98 -35.68 6.04
N ALA B 290 56.93 -34.75 6.99
CA ALA B 290 55.94 -34.83 8.05
C ALA B 290 54.53 -34.51 7.56
N GLY B 291 54.39 -33.92 6.36
CA GLY B 291 53.11 -33.52 5.85
C GLY B 291 52.76 -34.22 4.55
N ASP B 292 51.55 -33.96 4.07
CA ASP B 292 51.02 -34.59 2.87
C ASP B 292 51.74 -33.99 1.66
N HIS B 293 52.73 -34.69 1.14
CA HIS B 293 53.47 -34.19 -0.02
C HIS B 293 52.75 -34.42 -1.33
N SER B 294 51.46 -34.76 -1.29
CA SER B 294 50.66 -34.88 -2.50
C SER B 294 49.80 -33.66 -2.77
N GLN B 295 49.49 -32.88 -1.73
CA GLN B 295 48.68 -31.67 -1.89
C GLN B 295 49.54 -30.42 -2.04
N GLY B 296 50.83 -30.49 -1.74
CA GLY B 296 51.72 -29.37 -1.92
C GLY B 296 51.50 -28.28 -0.89
N PRO B 297 52.20 -27.16 -1.06
CA PRO B 297 52.08 -26.06 -0.08
C PRO B 297 50.71 -25.41 -0.10
N CYS B 298 49.73 -26.07 0.50
CA CYS B 298 48.36 -25.55 0.46
C CYS B 298 48.23 -24.25 1.23
N LEU B 299 48.82 -24.18 2.41
CA LEU B 299 48.55 -23.07 3.34
C LEU B 299 48.97 -21.71 2.81
N LEU B 300 49.62 -21.63 1.64
CA LEU B 300 49.86 -20.34 1.02
C LEU B 300 48.68 -19.89 0.18
N ALA B 301 47.91 -20.81 -0.37
CA ALA B 301 46.77 -20.53 -1.24
C ALA B 301 45.71 -19.77 -0.47
N PRO B 302 44.73 -19.16 -1.13
CA PRO B 302 43.62 -18.52 -0.40
C PRO B 302 42.47 -19.44 -0.06
N MET B 303 42.61 -20.75 -0.28
CA MET B 303 41.59 -21.70 0.08
C MET B 303 42.08 -22.77 1.05
N PHE B 304 43.35 -22.76 1.41
CA PHE B 304 43.90 -23.65 2.44
C PHE B 304 43.61 -25.11 2.13
N GLY B 305 43.84 -25.51 0.89
CA GLY B 305 43.65 -26.89 0.52
C GLY B 305 43.48 -27.05 -0.96
N LEU B 306 43.62 -28.29 -1.42
CA LEU B 306 43.50 -28.64 -2.83
C LEU B 306 42.55 -29.82 -2.95
N ARG B 307 41.25 -29.54 -3.02
CA ARG B 307 40.24 -30.53 -3.34
C ARG B 307 39.71 -30.24 -4.74
N HIS B 308 39.34 -31.29 -5.46
CA HIS B 308 38.88 -31.09 -6.83
C HIS B 308 37.73 -32.03 -7.17
N LYS B 309 36.78 -31.48 -7.92
CA LYS B 309 35.56 -32.15 -8.35
C LYS B 309 35.27 -31.76 -9.78
N ASN B 310 34.89 -32.73 -10.61
CA ASN B 310 34.60 -32.51 -12.02
C ASN B 310 35.81 -31.92 -12.75
N ALA B 311 37.00 -32.39 -12.37
CA ALA B 311 38.25 -31.96 -13.00
C ALA B 311 38.48 -30.45 -12.87
N SER B 312 38.02 -29.86 -11.78
CA SER B 312 38.31 -28.48 -11.44
C SER B 312 38.69 -28.40 -9.98
N ARG B 313 39.74 -27.64 -9.67
CA ARG B 313 40.34 -27.66 -8.35
C ARG B 313 40.18 -26.31 -7.66
N THR B 314 40.58 -26.25 -6.40
CA THR B 314 40.45 -25.06 -5.58
C THR B 314 41.69 -24.18 -5.59
N ILE B 315 42.65 -24.46 -6.46
CA ILE B 315 43.81 -23.59 -6.67
C ILE B 315 43.85 -23.33 -8.17
N CYS B 316 43.21 -22.26 -8.60
CA CYS B 316 43.06 -21.98 -10.02
C CYS B 316 44.41 -21.62 -10.63
N PRO B 317 45.02 -22.49 -11.44
CA PRO B 317 46.35 -22.17 -11.99
C PRO B 317 46.37 -20.93 -12.84
N LEU B 318 45.28 -20.62 -13.53
CA LEU B 318 45.23 -19.38 -14.29
C LEU B 318 45.46 -18.17 -13.40
N CYS B 319 45.01 -18.24 -12.15
CA CYS B 319 45.25 -17.16 -11.21
C CYS B 319 46.69 -17.12 -10.72
N GLU B 320 47.48 -18.16 -10.95
CA GLU B 320 48.92 -18.04 -10.80
C GLU B 320 49.55 -17.39 -12.02
N SER B 321 49.13 -17.82 -13.21
CA SER B 321 49.65 -17.18 -14.42
C SER B 321 49.40 -15.69 -14.41
N LEU B 322 48.26 -15.25 -13.90
CA LEU B 322 47.98 -13.81 -13.83
C LEU B 322 49.04 -13.07 -13.04
N GLY B 323 49.74 -13.74 -12.14
CA GLY B 323 50.68 -13.05 -11.29
C GLY B 323 52.13 -13.43 -11.54
N ALA B 324 52.37 -14.38 -12.42
CA ALA B 324 53.72 -14.86 -12.66
C ALA B 324 54.23 -14.57 -14.07
N HIS B 325 53.56 -13.70 -14.83
CA HIS B 325 54.02 -13.41 -16.19
C HIS B 325 53.30 -12.16 -16.69
N PRO B 326 53.96 -11.32 -17.48
CA PRO B 326 53.32 -10.08 -17.92
C PRO B 326 52.29 -10.28 -19.01
N ASP B 327 52.48 -11.29 -19.86
CA ASP B 327 51.63 -11.50 -21.01
C ASP B 327 50.49 -12.48 -20.74
N ALA B 328 50.03 -12.59 -19.50
CA ALA B 328 49.03 -13.58 -19.15
C ALA B 328 47.62 -13.01 -19.16
N LYS B 329 47.41 -11.85 -18.54
CA LYS B 329 46.07 -11.27 -18.51
C LYS B 329 45.59 -10.94 -19.92
N ASP B 330 46.48 -10.43 -20.76
CA ASP B 330 46.08 -10.10 -22.14
C ASP B 330 45.83 -11.37 -22.95
N THR B 331 46.63 -12.42 -22.72
CA THR B 331 46.38 -13.68 -23.40
C THR B 331 45.02 -14.24 -23.03
N LEU B 332 44.66 -14.18 -21.74
CA LEU B 332 43.35 -14.70 -21.34
C LEU B 332 42.22 -13.82 -21.88
N ASP B 333 42.43 -12.50 -21.95
CA ASP B 333 41.42 -11.65 -22.55
C ASP B 333 41.21 -11.99 -24.03
N ARG B 334 42.29 -12.22 -24.76
CA ARG B 334 42.18 -12.62 -26.15
C ARG B 334 41.47 -13.96 -26.27
N PHE B 335 41.77 -14.90 -25.37
CA PHE B 335 41.11 -16.19 -25.40
C PHE B 335 39.62 -16.06 -25.17
N LYS B 336 39.22 -15.23 -24.21
CA LYS B 336 37.80 -15.01 -23.94
C LYS B 336 37.12 -14.37 -25.14
N SER B 337 37.78 -13.41 -25.79
CA SER B 337 37.19 -12.79 -26.97
C SER B 337 37.01 -13.82 -28.09
N LEU B 338 38.00 -14.68 -28.28
CA LEU B 338 37.87 -15.75 -29.28
C LEU B 338 36.67 -16.64 -28.97
N ILE B 339 36.55 -17.08 -27.72
CA ILE B 339 35.42 -17.93 -27.34
C ILE B 339 34.11 -17.24 -27.66
N LEU B 340 33.98 -15.98 -27.25
CA LEU B 340 32.70 -15.30 -27.40
C LEU B 340 32.36 -15.01 -28.85
N ASP B 341 33.36 -14.78 -29.70
CA ASP B 341 33.11 -14.23 -31.02
C ASP B 341 33.30 -15.19 -32.18
N SER B 342 34.01 -16.31 -31.99
CA SER B 342 34.38 -17.17 -33.10
C SER B 342 33.41 -18.33 -33.31
N PHE B 343 32.14 -18.15 -33.00
CA PHE B 343 31.15 -19.19 -33.23
C PHE B 343 29.78 -18.55 -33.43
N GLY B 344 28.95 -19.20 -34.23
CA GLY B 344 27.62 -18.69 -34.50
C GLY B 344 26.53 -19.60 -33.97
N ASN B 345 26.83 -20.89 -33.83
CA ASN B 345 25.84 -21.83 -33.34
C ASN B 345 25.57 -21.61 -31.86
N ASN B 346 24.67 -22.40 -31.31
CA ASN B 346 24.43 -22.42 -29.87
C ASN B 346 25.16 -23.60 -29.23
N ILE B 347 26.48 -23.57 -29.30
CA ILE B 347 27.31 -24.59 -28.66
C ILE B 347 27.61 -24.14 -27.24
N LYS B 348 27.53 -25.07 -26.30
CA LYS B 348 27.83 -24.75 -24.91
C LYS B 348 29.27 -24.28 -24.76
N ILE B 349 29.50 -23.45 -23.74
CA ILE B 349 30.77 -22.75 -23.63
C ILE B 349 31.92 -23.72 -23.34
N LEU B 350 31.66 -24.77 -22.56
CA LEU B 350 32.69 -25.77 -22.35
C LEU B 350 33.09 -26.44 -23.65
N ASP B 351 32.13 -26.65 -24.56
CA ASP B 351 32.46 -27.23 -25.85
C ASP B 351 33.28 -26.28 -26.70
N ARG B 352 32.92 -24.99 -26.69
CA ARG B 352 33.73 -24.01 -27.40
C ARG B 352 35.17 -24.03 -26.89
N ILE B 353 35.35 -24.13 -25.58
CA ILE B 353 36.71 -24.15 -25.04
C ILE B 353 37.43 -25.41 -25.49
N VAL B 354 36.77 -26.57 -25.40
CA VAL B 354 37.42 -27.82 -25.76
C VAL B 354 37.82 -27.81 -27.23
N PHE B 355 36.98 -27.23 -28.08
CA PHE B 355 37.30 -27.20 -29.51
C PHE B 355 38.43 -26.23 -29.80
N LEU B 356 38.37 -25.02 -29.22
CA LEU B 356 39.45 -24.06 -29.44
C LEU B 356 40.78 -24.57 -28.93
N ILE B 357 40.76 -25.44 -27.92
CA ILE B 357 42.02 -25.97 -27.43
C ILE B 357 42.47 -27.19 -28.21
N LYS B 358 41.53 -27.96 -28.77
CA LYS B 358 41.86 -29.24 -29.37
C LYS B 358 42.25 -29.12 -30.83
N THR B 359 41.32 -28.64 -31.67
CA THR B 359 41.56 -28.67 -33.11
C THR B 359 42.45 -27.52 -33.58
N GLN B 360 41.97 -26.29 -33.44
CA GLN B 360 42.74 -25.12 -33.84
C GLN B 360 43.52 -24.64 -32.62
N ASN B 361 44.66 -25.30 -32.38
CA ASN B 361 45.44 -25.06 -31.19
C ASN B 361 45.78 -23.58 -31.05
N THR B 362 45.22 -22.95 -30.02
CA THR B 362 45.52 -21.56 -29.71
C THR B 362 46.46 -21.44 -28.53
N LEU B 363 46.93 -22.57 -27.99
CA LEU B 363 47.89 -22.58 -26.90
C LEU B 363 49.30 -22.87 -27.39
N LEU B 364 49.58 -22.62 -28.67
CA LEU B 364 50.93 -22.69 -29.21
C LEU B 364 51.48 -21.33 -29.63
N ASP B 365 50.63 -20.44 -30.14
CA ASP B 365 51.04 -19.10 -30.52
C ASP B 365 51.12 -18.18 -29.30
N VAL B 366 51.98 -18.57 -28.36
CA VAL B 366 52.24 -17.79 -27.15
C VAL B 366 53.74 -17.55 -27.09
N PRO B 367 54.19 -16.31 -26.81
CA PRO B 367 55.63 -16.02 -26.87
C PRO B 367 56.49 -16.87 -25.94
N CYS B 368 56.22 -16.81 -24.64
CA CYS B 368 57.07 -17.52 -23.70
C CYS B 368 56.91 -19.02 -23.86
N PRO B 369 58.01 -19.77 -23.84
CA PRO B 369 57.89 -21.23 -23.89
C PRO B 369 57.39 -21.81 -22.58
N ARG B 370 57.84 -21.22 -21.47
CA ARG B 370 57.40 -21.71 -20.16
C ARG B 370 55.93 -21.41 -19.93
N LEU B 371 55.45 -20.26 -20.39
CA LEU B 371 54.05 -19.94 -20.23
C LEU B 371 53.17 -20.97 -20.94
N ARG B 372 53.30 -21.09 -22.26
CA ARG B 372 52.47 -22.06 -22.96
C ARG B 372 52.87 -23.49 -22.69
N ALA B 373 53.94 -23.74 -21.94
CA ALA B 373 54.22 -25.09 -21.47
C ALA B 373 53.49 -25.40 -20.18
N TRP B 374 53.28 -24.41 -19.33
CA TRP B 374 52.50 -24.57 -18.10
C TRP B 374 51.03 -24.28 -18.30
N LEU B 375 50.64 -23.78 -19.47
CA LEU B 375 49.27 -23.41 -19.76
C LEU B 375 48.53 -24.49 -20.53
N GLN B 376 49.21 -25.17 -21.45
CA GLN B 376 48.60 -26.24 -22.23
C GLN B 376 48.44 -27.53 -21.44
N MET B 377 48.67 -27.50 -20.13
CA MET B 377 48.38 -28.62 -19.25
C MET B 377 47.32 -28.25 -18.24
N CYS B 378 46.32 -27.49 -18.68
CA CYS B 378 45.19 -27.08 -17.85
C CYS B 378 43.91 -27.57 -18.50
N THR B 379 43.19 -28.45 -17.80
CA THR B 379 41.97 -29.03 -18.34
C THR B 379 40.97 -27.94 -18.73
N PRO B 380 40.23 -28.14 -19.82
CA PRO B 380 39.31 -27.08 -20.29
C PRO B 380 38.26 -26.69 -19.26
N GLN B 381 37.89 -27.60 -18.37
CA GLN B 381 36.98 -27.23 -17.30
C GLN B 381 37.57 -26.11 -16.45
N ASP B 382 38.89 -26.08 -16.31
CA ASP B 382 39.52 -25.03 -15.53
C ASP B 382 39.45 -23.68 -16.24
N PHE B 383 39.69 -23.67 -17.55
CA PHE B 383 39.48 -22.45 -18.32
C PHE B 383 38.06 -21.96 -18.19
N HIS B 384 37.09 -22.86 -18.30
CA HIS B 384 35.69 -22.47 -18.17
C HIS B 384 35.42 -21.85 -16.81
N LYS B 385 35.81 -22.54 -15.75
CA LYS B 385 35.63 -22.02 -14.40
C LYS B 385 36.19 -20.62 -14.28
N HIS B 386 37.50 -20.48 -14.54
CA HIS B 386 38.16 -19.20 -14.32
C HIS B 386 37.54 -18.10 -15.15
N LEU B 387 37.22 -18.37 -16.40
CA LEU B 387 36.81 -17.29 -17.29
C LEU B 387 35.36 -16.88 -17.06
N PHE B 388 34.45 -17.84 -16.91
CA PHE B 388 33.03 -17.51 -16.92
C PHE B 388 32.28 -17.81 -15.64
N CYS B 389 32.83 -18.54 -14.68
CA CYS B 389 32.02 -19.06 -13.58
C CYS B 389 32.37 -18.49 -12.22
N ASP B 390 33.61 -18.62 -11.79
CA ASP B 390 33.91 -18.39 -10.37
C ASP B 390 33.97 -16.90 -10.06
N PRO B 391 33.50 -16.48 -8.88
CA PRO B 391 33.54 -15.06 -8.53
C PRO B 391 34.92 -14.58 -8.09
N LEU B 392 35.64 -15.42 -7.35
CA LEU B 392 36.98 -15.02 -6.91
C LEU B 392 37.91 -14.86 -8.09
N CYS B 393 37.78 -15.73 -9.09
CA CYS B 393 38.60 -15.58 -10.29
C CYS B 393 38.23 -14.32 -11.05
N ALA B 394 36.96 -13.92 -11.03
CA ALA B 394 36.60 -12.65 -11.65
C ALA B 394 37.20 -11.48 -10.90
N ILE B 395 37.18 -11.52 -9.56
CA ILE B 395 37.81 -10.46 -8.78
C ILE B 395 39.29 -10.37 -9.10
N ASN B 396 39.97 -11.52 -9.18
CA ASN B 396 41.39 -11.51 -9.55
C ASN B 396 41.60 -10.91 -10.92
N HIS B 397 40.88 -11.43 -11.92
CA HIS B 397 41.03 -10.95 -13.28
C HIS B 397 40.70 -9.47 -13.42
N SER B 398 39.93 -8.91 -12.50
CA SER B 398 39.53 -7.50 -12.60
C SER B 398 40.27 -6.59 -11.65
N ILE B 399 41.10 -7.13 -10.76
CA ILE B 399 41.85 -6.28 -9.83
C ILE B 399 43.34 -6.25 -10.14
N THR B 400 43.88 -7.27 -10.78
CA THR B 400 45.30 -7.26 -11.09
C THR B 400 45.60 -6.21 -12.15
N ASN B 401 46.88 -5.91 -12.32
CA ASN B 401 47.30 -4.83 -13.21
C ASN B 401 48.75 -5.03 -13.60
N PRO B 402 49.04 -5.92 -14.54
CA PRO B 402 50.42 -6.37 -14.75
C PRO B 402 51.37 -5.28 -15.23
N SER B 403 50.88 -4.10 -15.58
CA SER B 403 51.80 -3.00 -15.90
C SER B 403 52.47 -2.47 -14.64
N VAL B 404 51.80 -2.57 -13.49
CA VAL B 404 52.40 -2.13 -12.23
C VAL B 404 53.37 -3.17 -11.70
N LEU B 405 53.10 -4.45 -11.95
CA LEU B 405 53.96 -5.50 -11.43
C LEU B 405 55.14 -5.78 -12.33
N PHE B 406 55.03 -5.54 -13.63
CA PHE B 406 56.11 -5.84 -14.56
C PHE B 406 56.39 -4.65 -15.46
N GLY B 407 56.37 -3.45 -14.89
CA GLY B 407 56.66 -2.25 -15.65
C GLY B 407 57.55 -1.27 -14.93
N GLN B 408 58.43 -0.61 -15.67
CA GLN B 408 59.31 0.38 -15.07
C GLN B 408 58.56 1.67 -14.82
N ILE B 409 59.05 2.44 -13.85
CA ILE B 409 58.43 3.69 -13.44
C ILE B 409 59.36 4.84 -13.85
N TYR B 410 58.76 5.94 -14.31
CA TYR B 410 59.48 7.14 -14.72
C TYR B 410 60.34 7.65 -13.57
N PRO B 411 61.67 7.55 -13.68
CA PRO B 411 62.55 7.88 -12.55
C PRO B 411 62.35 9.30 -12.03
N PRO B 412 62.15 10.30 -12.90
CA PRO B 412 61.93 11.66 -12.36
C PRO B 412 60.76 11.80 -11.40
N SER B 413 59.84 10.85 -11.37
CA SER B 413 58.70 10.92 -10.46
C SER B 413 58.75 9.85 -9.37
N PHE B 414 59.84 9.08 -9.30
CA PHE B 414 59.90 7.94 -8.39
C PHE B 414 59.87 8.38 -6.94
N GLN B 415 60.74 9.33 -6.57
CA GLN B 415 60.79 9.76 -5.18
C GLN B 415 59.52 10.49 -4.77
N ALA B 416 58.94 11.26 -5.68
CA ALA B 416 57.67 11.91 -5.40
C ALA B 416 56.58 10.89 -5.12
N PHE B 417 56.52 9.83 -5.93
CA PHE B 417 55.52 8.79 -5.71
C PHE B 417 55.75 8.07 -4.39
N LYS B 418 57.01 7.73 -4.09
CA LYS B 418 57.32 7.09 -2.82
C LYS B 418 56.85 7.94 -1.65
N ALA B 419 57.16 9.24 -1.68
CA ALA B 419 56.78 10.11 -0.58
C ALA B 419 55.26 10.25 -0.49
N ALA B 420 54.58 10.35 -1.63
CA ALA B 420 53.12 10.44 -1.61
C ALA B 420 52.51 9.18 -1.00
N LEU B 421 53.10 8.02 -1.28
CA LEU B 421 52.59 6.79 -0.70
C LEU B 421 52.86 6.74 0.81
N ALA B 422 54.04 7.20 1.22
CA ALA B 422 54.36 7.20 2.65
C ALA B 422 53.33 7.99 3.45
N ALA B 423 52.88 9.12 2.90
CA ALA B 423 51.86 9.91 3.57
C ALA B 423 50.46 9.33 3.44
N GLY B 424 50.30 8.22 2.74
CA GLY B 424 48.97 7.65 2.57
C GLY B 424 48.07 8.48 1.69
N GLN B 425 48.39 8.53 0.39
CA GLN B 425 47.67 9.39 -0.54
C GLN B 425 47.08 8.65 -1.74
N ASN B 426 47.66 7.53 -2.15
CA ASN B 426 47.20 6.84 -3.35
C ASN B 426 46.71 5.42 -3.07
N LEU B 427 46.71 4.98 -1.83
CA LEU B 427 46.30 3.61 -1.49
C LEU B 427 44.77 3.51 -1.58
N GLU B 428 44.29 3.26 -2.78
CA GLU B 428 42.86 3.10 -3.02
C GLU B 428 42.41 1.70 -2.61
N GLN B 429 41.22 1.62 -2.04
CA GLN B 429 40.75 0.37 -1.45
C GLN B 429 40.77 -0.79 -2.43
N GLY B 430 40.56 -0.52 -3.71
CA GLY B 430 40.48 -1.59 -4.68
C GLY B 430 39.07 -2.14 -4.79
N VAL B 431 38.82 -3.27 -4.14
CA VAL B 431 37.49 -3.85 -4.08
C VAL B 431 36.84 -3.45 -2.76
N CYS B 432 35.53 -3.61 -2.69
CA CYS B 432 34.81 -3.35 -1.45
C CYS B 432 35.24 -4.36 -0.39
N ASP B 433 34.65 -4.24 0.79
CA ASP B 433 34.93 -5.21 1.84
C ASP B 433 33.79 -6.19 2.06
N SER B 434 32.55 -5.75 1.83
CA SER B 434 31.43 -6.68 1.89
C SER B 434 31.52 -7.70 0.76
N LEU B 435 32.03 -7.29 -0.39
CA LEU B 435 32.15 -8.22 -1.52
C LEU B 435 33.12 -9.35 -1.21
N ILE B 436 34.25 -9.03 -0.58
CA ILE B 436 35.22 -10.07 -0.24
C ILE B 436 34.63 -11.03 0.79
N THR B 437 33.96 -10.49 1.81
CA THR B 437 33.34 -11.35 2.81
C THR B 437 32.30 -12.26 2.18
N LEU B 438 31.51 -11.72 1.25
CA LEU B 438 30.50 -12.55 0.60
C LEU B 438 31.14 -13.63 -0.26
N VAL B 439 32.23 -13.30 -0.95
CA VAL B 439 32.92 -14.30 -1.76
C VAL B 439 33.46 -15.42 -0.90
N TYR B 440 34.00 -15.07 0.27
CA TYR B 440 34.53 -16.11 1.16
C TYR B 440 33.41 -16.97 1.73
N ILE B 441 32.28 -16.37 2.06
CA ILE B 441 31.12 -17.15 2.48
C ILE B 441 30.73 -18.15 1.40
N PHE B 442 30.69 -17.68 0.14
CA PHE B 442 30.30 -18.55 -0.96
C PHE B 442 31.27 -19.71 -1.13
N LYS B 443 32.58 -19.41 -1.10
CA LYS B 443 33.55 -20.49 -1.24
C LYS B 443 33.47 -21.46 -0.06
N SER B 444 33.14 -20.97 1.13
CA SER B 444 32.99 -21.85 2.28
C SER B 444 31.84 -22.83 2.07
N THR B 445 30.67 -22.33 1.66
CA THR B 445 29.57 -23.25 1.41
C THR B 445 29.81 -24.12 0.19
N GLN B 446 30.66 -23.70 -0.73
CA GLN B 446 30.97 -24.52 -1.90
C GLN B 446 31.93 -25.66 -1.57
N VAL B 447 32.83 -25.46 -0.62
CA VAL B 447 33.85 -26.45 -0.31
C VAL B 447 33.39 -27.39 0.80
N ALA B 448 33.05 -26.84 1.96
CA ALA B 448 32.73 -27.64 3.12
C ALA B 448 31.27 -28.11 3.05
N ARG B 449 30.77 -28.65 4.16
CA ARG B 449 29.37 -29.05 4.26
C ARG B 449 28.50 -27.84 4.56
N VAL B 450 27.23 -27.95 4.23
CA VAL B 450 26.29 -26.84 4.37
C VAL B 450 24.87 -27.38 4.32
N GLY B 451 23.93 -26.60 4.84
CA GLY B 451 22.52 -26.95 4.74
C GLY B 451 21.95 -26.61 3.39
N LYS B 452 20.69 -26.17 3.36
CA LYS B 452 20.04 -25.74 2.12
C LYS B 452 19.58 -24.30 2.17
N THR B 453 18.86 -23.90 3.22
CA THR B 453 18.26 -22.58 3.27
C THR B 453 19.30 -21.46 3.32
N ILE B 454 20.57 -21.79 3.50
CA ILE B 454 21.64 -20.81 3.45
C ILE B 454 22.29 -20.74 2.07
N LEU B 455 22.39 -21.89 1.39
CA LEU B 455 22.97 -21.92 0.07
C LEU B 455 22.11 -21.17 -0.93
N VAL B 456 20.81 -21.50 -0.97
CA VAL B 456 19.91 -20.89 -1.93
C VAL B 456 19.82 -19.39 -1.77
N ASP B 457 20.11 -18.88 -0.58
CA ASP B 457 20.01 -17.45 -0.32
C ASP B 457 21.31 -16.71 -0.56
N VAL B 458 22.45 -17.29 -0.17
CA VAL B 458 23.73 -16.68 -0.47
C VAL B 458 23.94 -16.63 -1.97
N THR B 459 23.40 -17.61 -2.71
CA THR B 459 23.50 -17.57 -4.16
C THR B 459 22.80 -16.34 -4.73
N LYS B 460 21.57 -16.10 -4.30
CA LYS B 460 20.82 -14.95 -4.77
C LYS B 460 21.52 -13.64 -4.42
N GLU B 461 21.99 -13.53 -3.17
CA GLU B 461 22.65 -12.30 -2.76
C GLU B 461 23.93 -12.07 -3.54
N LEU B 462 24.72 -13.12 -3.74
CA LEU B 462 25.94 -12.98 -4.53
C LEU B 462 25.62 -12.56 -5.95
N ASP B 463 24.57 -13.13 -6.54
CA ASP B 463 24.18 -12.72 -7.89
C ASP B 463 23.89 -11.23 -7.95
N VAL B 464 23.05 -10.74 -7.03
CA VAL B 464 22.68 -9.34 -7.09
C VAL B 464 23.89 -8.44 -6.87
N VAL B 465 24.75 -8.79 -5.90
CA VAL B 465 25.89 -7.93 -5.60
C VAL B 465 26.88 -7.91 -6.75
N LEU B 466 27.13 -9.07 -7.37
CA LEU B 466 28.04 -9.12 -8.49
C LEU B 466 27.50 -8.34 -9.67
N ARG B 467 26.19 -8.42 -9.92
CA ARG B 467 25.63 -7.65 -11.02
C ARG B 467 25.75 -6.15 -10.75
N ILE B 468 25.57 -5.74 -9.50
CA ILE B 468 25.72 -4.32 -9.16
C ILE B 468 27.16 -3.87 -9.40
N HIS B 469 28.12 -4.63 -8.90
CA HIS B 469 29.51 -4.20 -8.93
C HIS B 469 30.11 -4.18 -10.34
N GLY B 470 29.38 -4.64 -11.34
CA GLY B 470 29.85 -4.52 -12.71
C GLY B 470 30.58 -5.74 -13.23
N LEU B 471 30.01 -6.92 -13.01
CA LEU B 471 30.54 -8.16 -13.52
C LEU B 471 29.42 -8.92 -14.23
N ASP B 472 29.80 -9.98 -14.95
CA ASP B 472 28.83 -10.75 -15.73
C ASP B 472 29.29 -12.20 -15.75
N LEU B 473 28.75 -13.00 -14.84
CA LEU B 473 29.05 -14.42 -14.75
C LEU B 473 27.74 -15.21 -14.83
N VAL B 474 27.87 -16.52 -15.04
CA VAL B 474 26.69 -17.35 -15.06
C VAL B 474 26.05 -17.37 -13.67
N GLN B 475 24.78 -17.81 -13.63
CA GLN B 475 24.07 -17.97 -12.37
C GLN B 475 24.89 -18.81 -11.41
N SER B 476 24.91 -18.41 -10.14
CA SER B 476 25.88 -18.96 -9.21
C SER B 476 25.49 -20.30 -8.64
N TYR B 477 24.21 -20.67 -8.68
CA TYR B 477 23.81 -21.98 -8.17
C TYR B 477 24.45 -23.10 -8.97
N GLN B 478 24.43 -22.97 -10.30
CA GLN B 478 25.07 -23.96 -11.16
C GLN B 478 26.55 -24.10 -10.80
N THR B 479 27.31 -23.01 -10.85
CA THR B 479 28.72 -23.07 -10.54
C THR B 479 28.99 -23.35 -9.08
N SER B 480 27.97 -23.46 -8.24
CA SER B 480 28.15 -23.96 -6.89
C SER B 480 27.92 -25.45 -6.80
N GLN B 481 27.09 -26.01 -7.67
CA GLN B 481 26.82 -27.44 -7.65
C GLN B 481 27.70 -28.24 -8.61
N VAL B 482 28.34 -27.59 -9.58
CA VAL B 482 29.09 -28.32 -10.60
C VAL B 482 30.58 -28.33 -10.25
N TYR B 483 31.17 -27.16 -10.14
CA TYR B 483 32.59 -27.03 -9.85
C TYR B 483 32.82 -26.86 -8.36
N VAL B 484 34.05 -27.14 -7.93
CA VAL B 484 34.44 -26.96 -6.54
C VAL B 484 35.56 -25.94 -6.49
N ASP C 3 26.95 17.50 58.15
CA ASP C 3 27.84 16.70 58.98
C ASP C 3 28.11 15.34 58.36
N PHE C 4 27.05 14.70 57.86
CA PHE C 4 27.16 13.40 57.21
C PHE C 4 27.10 13.57 55.70
N VAL C 5 28.02 12.92 55.00
CA VAL C 5 28.05 12.95 53.54
C VAL C 5 28.47 11.57 53.05
N PRO C 6 27.76 10.99 52.08
CA PRO C 6 28.08 9.63 51.64
C PRO C 6 29.38 9.52 50.86
N TRP C 7 29.85 8.29 50.66
CA TRP C 7 31.09 7.97 49.95
C TRP C 7 32.32 8.51 50.65
N THR C 8 32.22 8.84 51.93
CA THR C 8 33.38 9.20 52.73
C THR C 8 34.00 7.92 53.29
N VAL C 9 35.29 7.72 53.01
CA VAL C 9 35.92 6.44 53.34
C VAL C 9 35.94 6.20 54.85
N ASP C 10 35.90 7.27 55.65
CA ASP C 10 35.93 7.10 57.10
C ASP C 10 34.71 6.33 57.59
N ASN C 11 33.54 6.64 57.03
CA ASN C 11 32.31 5.96 57.44
C ASN C 11 32.37 4.46 57.18
N LEU C 12 33.26 4.01 56.29
CA LEU C 12 33.47 2.59 56.08
C LEU C 12 34.62 2.05 56.90
N LYS C 13 35.65 2.85 57.15
CA LYS C 13 36.81 2.39 57.89
C LYS C 13 36.50 2.16 59.36
N SER C 14 35.39 2.71 59.86
CA SER C 14 35.03 2.56 61.26
C SER C 14 33.94 1.52 61.49
N GLN C 15 33.63 0.68 60.49
CA GLN C 15 32.56 -0.31 60.61
C GLN C 15 33.01 -1.63 60.00
N PHE C 16 34.23 -2.04 60.29
CA PHE C 16 34.76 -3.26 59.67
C PHE C 16 34.06 -4.51 60.20
N GLU C 17 33.53 -4.44 61.42
CA GLU C 17 32.81 -5.59 61.96
C GLU C 17 31.54 -5.87 61.16
N ALA C 18 31.05 -4.90 60.39
CA ALA C 18 29.87 -5.09 59.57
C ALA C 18 30.22 -5.48 58.14
N VAL C 19 31.19 -4.79 57.54
CA VAL C 19 31.57 -5.14 56.17
C VAL C 19 32.18 -6.54 56.15
N GLY C 20 32.83 -6.96 57.24
CA GLY C 20 33.32 -8.33 57.29
C GLY C 20 32.20 -9.35 57.19
N LEU C 21 31.13 -9.15 57.96
CA LEU C 21 30.01 -10.07 57.90
C LEU C 21 29.27 -9.99 56.58
N LEU C 22 29.22 -8.79 55.97
CA LEU C 22 28.56 -8.68 54.67
C LEU C 22 29.34 -9.42 53.60
N MET C 23 30.64 -9.17 53.51
CA MET C 23 31.46 -9.88 52.54
C MET C 23 31.64 -11.35 52.88
N ALA C 24 31.33 -11.77 54.09
CA ALA C 24 31.41 -13.18 54.42
C ALA C 24 30.14 -13.95 54.07
N HIS C 25 28.99 -13.28 54.10
CA HIS C 25 27.72 -13.90 53.76
C HIS C 25 27.34 -13.70 52.30
N SER C 26 28.32 -13.54 51.42
CA SER C 26 28.03 -13.30 50.01
C SER C 26 28.98 -14.06 49.10
N TYR C 27 29.46 -15.22 49.55
CA TYR C 27 30.25 -16.11 48.71
C TYR C 27 29.34 -17.17 48.12
N LEU C 28 29.59 -17.53 46.86
CA LEU C 28 28.86 -18.63 46.27
C LEU C 28 29.29 -19.94 46.94
N PRO C 29 28.42 -20.95 46.95
CA PRO C 29 28.74 -22.18 47.68
C PRO C 29 29.99 -22.86 47.13
N ALA C 30 30.82 -23.37 48.04
CA ALA C 30 32.08 -24.01 47.65
C ALA C 30 31.81 -25.17 46.70
N ASN C 31 31.05 -26.17 47.16
CA ASN C 31 30.63 -27.24 46.28
C ASN C 31 29.68 -26.71 45.21
N ALA C 32 29.78 -27.28 44.02
CA ALA C 32 28.87 -26.91 42.94
C ALA C 32 27.43 -27.16 43.34
N GLU C 33 27.11 -28.41 43.70
CA GLU C 33 25.83 -28.70 44.33
C GLU C 33 25.75 -27.98 45.67
N GLU C 34 24.55 -27.47 45.99
CA GLU C 34 24.38 -26.60 47.16
C GLU C 34 24.77 -27.26 48.46
N GLY C 35 24.99 -28.57 48.49
CA GLY C 35 25.26 -29.27 49.73
C GLY C 35 23.98 -29.82 50.34
N ILE C 36 23.42 -29.10 51.30
CA ILE C 36 22.09 -29.42 51.82
C ILE C 36 21.17 -28.25 51.50
N ALA C 37 21.47 -27.09 52.08
CA ALA C 37 20.77 -25.86 51.72
C ALA C 37 21.65 -24.69 52.14
N TYR C 38 22.25 -24.01 51.18
CA TYR C 38 23.11 -22.87 51.50
C TYR C 38 22.23 -21.67 51.84
N PRO C 39 22.33 -21.13 53.05
CA PRO C 39 21.38 -20.11 53.50
C PRO C 39 21.39 -18.86 52.62
N PRO C 40 22.55 -18.30 52.23
CA PRO C 40 22.49 -17.12 51.37
C PRO C 40 21.77 -17.36 50.06
N LEU C 41 22.01 -18.50 49.41
CA LEU C 41 21.37 -18.76 48.13
C LEU C 41 19.87 -18.91 48.29
N VAL C 42 19.40 -19.60 49.34
CA VAL C 42 17.96 -19.77 49.49
C VAL C 42 17.30 -18.44 49.85
N HIS C 43 17.98 -17.61 50.64
CA HIS C 43 17.43 -16.29 50.92
C HIS C 43 17.36 -15.44 49.65
N THR C 44 18.37 -15.55 48.79
CA THR C 44 18.33 -14.81 47.54
C THR C 44 17.19 -15.30 46.66
N TYR C 45 17.04 -16.62 46.53
CA TYR C 45 15.96 -17.15 45.72
C TYR C 45 14.60 -16.75 46.27
N GLU C 46 14.50 -16.56 47.58
CA GLU C 46 13.26 -16.01 48.14
C GLU C 46 13.10 -14.53 47.82
N SER C 47 14.21 -13.80 47.72
CA SER C 47 14.11 -12.36 47.48
C SER C 47 13.77 -12.03 46.03
N LEU C 48 14.15 -12.89 45.10
CA LEU C 48 13.81 -12.69 43.69
C LEU C 48 12.47 -13.31 43.32
N SER C 49 11.70 -13.76 44.30
CA SER C 49 10.37 -14.28 44.05
C SER C 49 9.51 -13.19 43.40
N PRO C 50 8.51 -13.57 42.60
CA PRO C 50 7.68 -12.54 41.94
C PRO C 50 6.66 -11.89 42.86
N ALA C 51 6.35 -12.51 43.99
CA ALA C 51 5.33 -12.00 44.90
C ALA C 51 5.87 -11.92 46.32
N SER C 52 7.06 -11.35 46.47
CA SER C 52 7.65 -11.12 47.77
C SER C 52 7.80 -9.62 48.01
N THR C 53 8.22 -9.27 49.23
CA THR C 53 8.29 -7.89 49.67
C THR C 53 9.76 -7.45 49.78
N CYS C 54 10.03 -6.24 49.31
CA CYS C 54 11.36 -5.68 49.44
C CYS C 54 11.71 -5.51 50.91
N ARG C 55 12.79 -6.17 51.35
CA ARG C 55 13.11 -6.17 52.77
C ARG C 55 13.60 -4.80 53.25
N VAL C 56 14.21 -4.02 52.37
CA VAL C 56 14.67 -2.69 52.74
C VAL C 56 13.49 -1.79 53.09
N CYS C 57 12.49 -1.76 52.20
CA CYS C 57 11.31 -0.94 52.48
C CYS C 57 10.58 -1.44 53.71
N ASP C 58 10.54 -2.76 53.90
CA ASP C 58 9.90 -3.32 55.09
C ASP C 58 10.58 -2.84 56.35
N LEU C 59 11.91 -2.87 56.38
CA LEU C 59 12.64 -2.37 57.54
C LEU C 59 12.41 -0.89 57.75
N LEU C 60 12.45 -0.11 56.66
CA LEU C 60 12.22 1.33 56.78
C LEU C 60 10.84 1.61 57.37
N ASP C 61 9.83 0.83 57.02
CA ASP C 61 8.51 1.10 57.55
C ASP C 61 8.36 0.60 58.98
N THR C 62 8.95 -0.55 59.31
CA THR C 62 8.87 -1.01 60.68
C THR C 62 9.70 -0.15 61.62
N LEU C 63 10.57 0.72 61.09
CA LEU C 63 11.29 1.66 61.94
C LEU C 63 10.63 3.04 61.97
N VAL C 64 10.42 3.65 60.80
CA VAL C 64 9.97 5.03 60.74
C VAL C 64 8.54 5.16 61.24
N ASN C 65 7.67 4.22 60.89
CA ASN C 65 6.26 4.32 61.26
C ASN C 65 6.01 4.04 62.74
N HIS C 66 7.07 3.99 63.54
CA HIS C 66 6.95 4.03 64.98
C HIS C 66 7.03 5.48 65.44
N SER C 67 7.19 5.68 66.74
CA SER C 67 7.16 7.02 67.30
C SER C 67 8.36 7.86 66.85
N ASP C 68 8.13 9.16 66.76
CA ASP C 68 9.14 10.21 66.65
C ASP C 68 10.31 9.82 65.73
N ALA C 69 9.95 9.49 64.49
CA ALA C 69 10.94 9.36 63.44
C ALA C 69 11.62 10.71 63.23
N PRO C 70 12.91 10.84 63.59
CA PRO C 70 13.55 12.16 63.57
C PRO C 70 13.57 12.75 62.18
N VAL C 71 13.35 14.06 62.09
CA VAL C 71 13.48 14.76 60.83
C VAL C 71 14.96 14.81 60.50
N ALA C 72 15.30 15.16 59.26
CA ALA C 72 16.66 15.16 58.73
C ALA C 72 17.14 13.74 58.51
N PHE C 73 16.34 12.76 58.97
CA PHE C 73 16.58 11.38 58.54
C PHE C 73 16.14 11.20 57.10
N PHE C 74 15.00 11.77 56.74
CA PHE C 74 14.58 11.74 55.35
C PHE C 74 15.54 12.53 54.48
N GLU C 75 16.17 13.57 55.04
CA GLU C 75 17.15 14.33 54.27
C GLU C 75 18.41 13.53 54.02
N ASP C 76 18.93 12.84 55.05
CA ASP C 76 20.10 12.01 54.84
C ASP C 76 19.80 10.84 53.92
N TYR C 77 18.60 10.26 54.03
CA TYR C 77 18.21 9.20 53.13
C TYR C 77 18.10 9.71 51.70
N ALA C 78 17.54 10.90 51.50
CA ALA C 78 17.46 11.47 50.16
C ALA C 78 18.84 11.77 49.60
N LEU C 79 19.78 12.19 50.46
CA LEU C 79 21.15 12.40 49.99
C LEU C 79 21.80 11.10 49.56
N LEU C 80 21.64 10.04 50.36
CA LEU C 80 22.20 8.75 49.99
C LEU C 80 21.58 8.25 48.69
N CYS C 81 20.29 8.47 48.50
CA CYS C 81 19.64 8.07 47.26
C CYS C 81 20.15 8.89 46.08
N TYR C 82 20.39 10.19 46.29
CA TYR C 82 20.92 11.01 45.22
C TYR C 82 22.30 10.55 44.81
N TYR C 83 23.12 10.12 45.77
CA TYR C 83 24.43 9.61 45.41
C TYR C 83 24.33 8.29 44.68
N CYS C 84 23.53 7.35 45.19
CA CYS C 84 23.34 6.08 44.50
C CYS C 84 22.72 6.27 43.13
N LEU C 85 22.10 7.41 42.88
CA LEU C 85 21.62 7.74 41.55
C LEU C 85 22.75 8.12 40.59
N ASN C 86 23.96 8.30 41.10
CA ASN C 86 25.10 8.75 40.31
C ASN C 86 26.32 7.89 40.58
N ALA C 87 26.15 6.59 40.59
CA ALA C 87 27.24 5.66 40.80
C ALA C 87 27.19 4.56 39.75
N PRO C 88 28.33 3.93 39.45
CA PRO C 88 28.32 2.85 38.48
C PRO C 88 27.84 1.54 39.11
N ARG C 89 27.03 0.81 38.37
CA ARG C 89 26.54 -0.48 38.85
C ARG C 89 27.71 -1.44 38.88
N ALA C 90 28.25 -1.68 40.07
CA ALA C 90 29.44 -2.51 40.21
C ALA C 90 29.50 -3.04 41.64
N TRP C 91 30.67 -3.54 42.02
CA TRP C 91 30.86 -4.16 43.32
C TRP C 91 31.07 -3.10 44.41
N ILE C 92 31.99 -2.18 44.17
CA ILE C 92 32.31 -1.16 45.17
C ILE C 92 31.10 -0.29 45.45
N SER C 93 30.24 -0.08 44.45
CA SER C 93 29.06 0.75 44.67
C SER C 93 28.10 0.09 45.65
N SER C 94 27.81 -1.19 45.43
CA SER C 94 26.93 -1.90 46.35
C SER C 94 27.50 -1.93 47.75
N LEU C 95 28.81 -2.18 47.87
CA LEU C 95 29.41 -2.24 49.20
C LEU C 95 29.29 -0.89 49.91
N ILE C 96 29.63 0.19 49.21
CA ILE C 96 29.59 1.51 49.84
C ILE C 96 28.17 1.89 50.21
N THR C 97 27.20 1.58 49.34
CA THR C 97 25.82 1.89 49.66
C THR C 97 25.35 1.14 50.90
N GLY C 98 25.68 -0.15 50.99
CA GLY C 98 25.30 -0.90 52.18
C GLY C 98 25.90 -0.31 53.45
N MET C 99 27.19 0.01 53.39
CA MET C 99 27.85 0.53 54.59
C MET C 99 27.26 1.88 55.00
N ASP C 100 26.99 2.76 54.05
CA ASP C 100 26.45 4.07 54.40
C ASP C 100 25.01 3.97 54.89
N PHE C 101 24.23 3.03 54.33
CA PHE C 101 22.88 2.81 54.85
C PHE C 101 22.94 2.36 56.30
N LEU C 102 23.82 1.40 56.61
CA LEU C 102 23.95 0.97 58.00
C LEU C 102 24.43 2.11 58.88
N HIS C 103 25.28 2.99 58.37
CA HIS C 103 25.74 4.12 59.17
C HIS C 103 24.58 5.04 59.52
N ILE C 104 23.75 5.39 58.53
CA ILE C 104 22.60 6.25 58.80
C ILE C 104 21.68 5.60 59.82
N LEU C 105 21.42 4.31 59.67
CA LEU C 105 20.52 3.63 60.61
C LEU C 105 21.07 3.66 62.02
N ILE C 106 22.35 3.33 62.18
CA ILE C 106 22.96 3.34 63.51
C ILE C 106 22.94 4.75 64.09
N LYS C 107 23.05 5.77 63.24
CA LYS C 107 23.08 7.14 63.73
C LYS C 107 21.72 7.57 64.24
N TYR C 108 20.70 7.53 63.38
CA TYR C 108 19.43 8.17 63.75
C TYR C 108 18.52 7.28 64.57
N PHE C 109 18.55 5.96 64.36
CA PHE C 109 17.65 5.03 65.05
C PHE C 109 18.46 4.09 65.93
N PRO C 110 19.02 4.57 67.04
CA PRO C 110 19.86 3.71 67.86
C PRO C 110 19.07 2.73 68.72
N MET C 111 17.82 3.04 69.06
CA MET C 111 17.01 2.17 69.89
C MET C 111 16.41 0.99 69.13
N ALA C 112 16.69 0.87 67.83
CA ALA C 112 16.17 -0.24 67.06
C ALA C 112 16.75 -1.56 67.58
N GLY C 113 16.13 -2.66 67.17
CA GLY C 113 16.43 -3.95 67.75
C GLY C 113 17.78 -4.54 67.40
N GLY C 114 17.97 -4.93 66.15
CA GLY C 114 19.14 -5.73 65.81
C GLY C 114 20.05 -5.11 64.75
N LEU C 115 20.26 -3.80 64.83
CA LEU C 115 21.14 -3.14 63.88
C LEU C 115 22.59 -3.55 64.03
N ASP C 116 22.94 -4.32 65.06
CA ASP C 116 24.30 -4.81 65.19
C ASP C 116 24.54 -6.08 64.38
N SER C 117 23.48 -6.73 63.93
CA SER C 117 23.57 -7.96 63.14
C SER C 117 22.63 -7.87 61.95
N LEU C 118 22.67 -6.73 61.24
CA LEU C 118 21.71 -6.50 60.17
C LEU C 118 21.97 -7.40 58.98
N PHE C 119 23.22 -7.65 58.65
CA PHE C 119 23.57 -8.34 57.41
C PHE C 119 23.75 -9.84 57.65
N MET C 120 22.65 -10.48 57.98
CA MET C 120 22.58 -11.92 58.18
C MET C 120 21.47 -12.47 57.30
N PRO C 121 21.48 -13.77 57.00
CA PRO C 121 20.35 -14.38 56.30
C PRO C 121 19.04 -14.13 57.02
N SER C 122 17.92 -14.20 56.29
CA SER C 122 16.60 -13.84 56.82
C SER C 122 16.55 -12.38 57.26
N ARG C 123 17.51 -11.57 56.84
CA ARG C 123 17.55 -10.13 57.09
C ARG C 123 18.04 -9.47 55.81
N ILE C 124 18.45 -8.20 55.91
CA ILE C 124 18.98 -7.50 54.75
C ILE C 124 20.29 -8.13 54.31
N LEU C 125 20.37 -8.50 53.03
CA LEU C 125 21.63 -8.97 52.46
C LEU C 125 21.98 -8.17 51.21
N ALA C 126 22.99 -8.64 50.46
CA ALA C 126 23.51 -7.87 49.35
C ALA C 126 22.50 -7.76 48.22
N ILE C 127 21.87 -8.87 47.85
CA ILE C 127 20.89 -8.85 46.76
C ILE C 127 19.75 -7.90 47.09
N ASP C 128 19.41 -7.76 48.36
CA ASP C 128 18.34 -6.83 48.73
C ASP C 128 18.79 -5.39 48.56
N ILE C 129 20.04 -5.09 48.91
CA ILE C 129 20.56 -3.75 48.68
C ILE C 129 20.54 -3.40 47.20
N GLN C 130 20.95 -4.35 46.36
CA GLN C 130 20.90 -4.10 44.92
C GLN C 130 19.47 -3.89 44.45
N LEU C 131 18.58 -4.81 44.80
CA LEU C 131 17.18 -4.73 44.39
C LEU C 131 16.49 -3.47 44.90
N HIS C 132 17.01 -2.84 45.94
CA HIS C 132 16.37 -1.61 46.37
C HIS C 132 16.98 -0.40 45.70
N PHE C 133 18.31 -0.29 45.68
CA PHE C 133 18.92 0.97 45.26
C PHE C 133 19.21 1.04 43.77
N TYR C 134 19.53 -0.07 43.11
CA TYR C 134 19.95 -0.01 41.72
C TYR C 134 18.96 -0.67 40.76
N ILE C 135 18.64 -1.94 40.97
CA ILE C 135 17.65 -2.61 40.15
C ILE C 135 16.27 -2.29 40.70
N CYS C 136 15.39 -1.76 39.86
CA CYS C 136 14.04 -1.35 40.25
C CYS C 136 14.08 -0.45 41.50
N ARG C 137 14.70 0.72 41.30
CA ARG C 137 14.89 1.68 42.38
C ARG C 137 13.56 2.06 43.01
N CYS C 138 13.53 2.05 44.34
CA CYS C 138 12.30 2.27 45.10
C CYS C 138 12.28 3.63 45.80
N PHE C 139 12.85 4.66 45.19
CA PHE C 139 12.80 5.98 45.80
C PHE C 139 12.46 7.10 44.83
N LEU C 140 12.48 6.87 43.53
CA LEU C 140 12.15 7.92 42.58
C LEU C 140 10.68 8.32 42.75
N PRO C 141 10.38 9.61 42.81
CA PRO C 141 8.97 10.03 42.85
C PRO C 141 8.28 9.69 41.54
N VAL C 142 7.05 9.20 41.64
CA VAL C 142 6.30 8.74 40.48
C VAL C 142 4.84 9.11 40.66
N SER C 143 4.17 9.37 39.55
CA SER C 143 2.75 9.70 39.60
C SER C 143 1.92 8.46 39.85
N SER C 144 0.73 8.66 40.42
CA SER C 144 -0.11 7.54 40.79
C SER C 144 -0.53 6.71 39.58
N SER C 145 -0.70 7.35 38.42
CA SER C 145 -1.14 6.67 37.22
C SER C 145 0.00 6.02 36.46
N ASP C 146 1.12 5.74 37.12
CA ASP C 146 2.30 5.22 36.46
C ASP C 146 2.92 4.09 37.26
N MET C 147 2.10 3.17 37.74
CA MET C 147 2.58 1.98 38.42
C MET C 147 2.38 0.71 37.61
N ILE C 148 1.83 0.82 36.41
CA ILE C 148 1.43 -0.34 35.63
C ILE C 148 2.58 -0.81 34.76
N ARG C 149 3.03 0.06 33.85
CA ARG C 149 4.20 -0.25 33.04
C ARG C 149 5.39 -0.62 33.91
N ASN C 150 5.54 0.08 35.05
CA ASN C 150 6.64 -0.22 35.96
C ASN C 150 6.51 -1.62 36.53
N ALA C 151 5.28 -2.03 36.90
CA ALA C 151 5.09 -3.39 37.41
C ALA C 151 5.45 -4.43 36.36
N ASN C 152 5.05 -4.20 35.11
CA ASN C 152 5.32 -5.16 34.05
C ASN C 152 6.82 -5.31 33.81
N LEU C 153 7.51 -4.17 33.65
CA LEU C 153 8.95 -4.21 33.49
C LEU C 153 9.63 -4.83 34.70
N GLY C 154 9.07 -4.63 35.89
CA GLY C 154 9.64 -5.28 37.06
C GLY C 154 9.54 -6.79 37.00
N TYR C 155 8.40 -7.30 36.52
CA TYR C 155 8.29 -8.74 36.34
C TYR C 155 9.38 -9.25 35.41
N TYR C 156 9.59 -8.58 34.29
CA TYR C 156 10.59 -9.07 33.35
C TYR C 156 12.00 -8.98 33.93
N LYS C 157 12.31 -7.85 34.58
CA LYS C 157 13.58 -7.68 35.28
C LYS C 157 13.86 -8.86 36.19
N LEU C 158 12.93 -9.15 37.10
CA LEU C 158 13.19 -10.16 38.12
C LEU C 158 13.28 -11.55 37.52
N GLU C 159 12.44 -11.84 36.52
CA GLU C 159 12.51 -13.14 35.86
C GLU C 159 13.87 -13.37 35.24
N PHE C 160 14.39 -12.37 34.53
CA PHE C 160 15.67 -12.58 33.86
C PHE C 160 16.86 -12.50 34.82
N LEU C 161 16.73 -11.79 35.94
CA LEU C 161 17.77 -11.86 36.96
C LEU C 161 17.85 -13.25 37.57
N LYS C 162 16.69 -13.82 37.93
CA LYS C 162 16.68 -15.19 38.39
C LYS C 162 17.26 -16.12 37.33
N SER C 163 17.08 -15.79 36.06
CA SER C 163 17.70 -16.59 35.00
C SER C 163 19.22 -16.48 35.03
N ILE C 164 19.74 -15.26 35.19
CA ILE C 164 21.19 -15.08 35.30
C ILE C 164 21.74 -15.90 36.46
N LEU C 165 21.01 -15.93 37.56
CA LEU C 165 21.53 -16.59 38.76
C LEU C 165 21.46 -18.11 38.63
N THR C 166 20.32 -18.64 38.18
CA THR C 166 20.13 -20.09 38.20
C THR C 166 20.87 -20.80 37.07
N GLY C 167 21.14 -20.10 35.97
CA GLY C 167 21.90 -20.68 34.87
C GLY C 167 21.09 -21.31 33.76
N GLN C 168 19.80 -20.98 33.64
CA GLN C 168 18.98 -21.52 32.57
C GLN C 168 17.93 -20.50 32.16
N SER C 169 17.74 -20.35 30.85
CA SER C 169 16.84 -19.33 30.33
C SER C 169 15.42 -19.56 30.81
N PRO C 170 14.58 -18.51 30.81
CA PRO C 170 13.20 -18.68 31.26
C PRO C 170 12.45 -19.68 30.42
N ALA C 171 11.58 -20.44 31.07
CA ALA C 171 10.82 -21.48 30.38
C ALA C 171 9.90 -20.88 29.31
N ASN C 172 8.95 -20.06 29.74
CA ASN C 172 7.89 -19.55 28.86
C ASN C 172 8.23 -18.12 28.47
N PHE C 173 8.92 -17.96 27.34
CA PHE C 173 9.29 -16.64 26.86
C PHE C 173 9.62 -16.70 25.38
N CYS C 174 8.85 -15.99 24.57
CA CYS C 174 9.16 -15.77 23.16
C CYS C 174 9.33 -14.27 22.97
N PHE C 175 10.53 -13.85 22.55
CA PHE C 175 10.83 -12.42 22.52
C PHE C 175 9.89 -11.67 21.60
N LYS C 176 9.79 -12.10 20.34
CA LYS C 176 8.73 -11.59 19.48
C LYS C 176 7.38 -11.94 20.09
N SER C 177 6.39 -11.09 19.81
CA SER C 177 5.04 -11.18 20.35
C SER C 177 5.01 -10.80 21.83
N MET C 178 6.17 -10.58 22.42
CA MET C 178 6.32 -9.95 23.72
C MET C 178 7.22 -8.72 23.56
N TRP C 179 7.52 -8.08 24.68
CA TRP C 179 8.40 -6.92 24.68
C TRP C 179 7.86 -5.80 23.79
N THR C 241 35.33 14.35 51.18
CA THR C 241 34.96 13.19 50.39
C THR C 241 36.07 12.78 49.45
N LYS C 242 37.10 13.63 49.34
CA LYS C 242 38.24 13.36 48.46
C LYS C 242 39.12 12.31 49.12
N ALA C 243 38.82 11.05 48.87
CA ALA C 243 39.62 9.94 49.38
C ALA C 243 39.27 8.69 48.59
N ASP C 244 40.28 8.03 48.05
CA ASP C 244 40.07 6.89 47.17
C ASP C 244 39.62 5.67 47.97
N TYR C 245 39.29 4.62 47.23
CA TYR C 245 38.97 3.31 47.80
C TYR C 245 39.87 2.20 47.29
N CYS C 246 40.80 2.51 46.37
CA CYS C 246 41.55 1.48 45.67
C CYS C 246 42.22 0.50 46.62
N GLY C 247 42.51 0.93 47.85
CA GLY C 247 43.03 0.00 48.84
C GLY C 247 42.06 -1.13 49.13
N LEU C 248 40.76 -0.84 49.10
CA LEU C 248 39.78 -1.88 49.39
C LEU C 248 39.74 -2.91 48.27
N LEU C 249 39.76 -2.46 47.01
CA LEU C 249 39.73 -3.39 45.89
C LEU C 249 41.01 -4.20 45.82
N LEU C 250 42.17 -3.55 45.89
CA LEU C 250 43.43 -4.27 45.78
C LEU C 250 43.68 -5.16 46.99
N GLY C 251 43.14 -4.80 48.15
CA GLY C 251 43.31 -5.59 49.35
C GLY C 251 42.69 -6.97 49.21
N THR C 252 41.38 -7.02 48.99
CA THR C 252 40.73 -8.27 48.65
C THR C 252 40.96 -8.55 47.17
N TRP C 253 40.19 -9.49 46.62
CA TRP C 253 40.30 -9.87 45.21
C TRP C 253 41.68 -10.41 44.88
N GLN C 254 42.05 -11.47 45.60
CA GLN C 254 43.19 -12.31 45.25
C GLN C 254 42.75 -13.60 44.58
N GLY C 255 41.52 -13.64 44.07
CA GLY C 255 41.05 -14.76 43.28
C GLY C 255 41.55 -14.63 41.86
N THR C 256 40.67 -14.87 40.89
CA THR C 256 41.03 -14.81 39.48
C THR C 256 40.51 -13.54 38.81
N ASP C 257 40.19 -12.51 39.58
CA ASP C 257 39.57 -11.32 39.04
C ASP C 257 40.56 -10.39 38.34
N LEU C 258 41.85 -10.69 38.35
CA LEU C 258 42.81 -9.79 37.72
C LEU C 258 43.49 -10.41 36.51
N LEU C 259 44.19 -11.52 36.68
CA LEU C 259 44.81 -12.27 35.57
C LEU C 259 45.61 -11.36 34.63
N GLY C 260 46.08 -10.22 35.11
CA GLY C 260 46.75 -9.26 34.26
C GLY C 260 48.19 -9.60 33.96
N GLY C 261 49.06 -8.59 33.95
CA GLY C 261 50.47 -8.80 33.74
C GLY C 261 51.10 -9.57 34.88
N PRO C 262 51.20 -8.94 36.05
CA PRO C 262 51.64 -9.65 37.24
C PRO C 262 50.46 -10.22 38.03
N GLY C 263 50.78 -11.04 39.02
CA GLY C 263 49.79 -11.65 39.87
C GLY C 263 50.37 -12.63 40.87
N ALA C 279 45.74 2.42 54.29
CA ALA C 279 45.39 1.70 55.49
C ALA C 279 44.24 0.73 55.23
N GLU C 280 43.76 0.72 53.99
CA GLU C 280 42.67 -0.16 53.63
C GLU C 280 43.16 -1.58 53.39
N LEU C 281 44.25 -1.74 52.63
CA LEU C 281 44.75 -3.07 52.30
C LEU C 281 45.10 -3.85 53.57
N ALA C 282 45.66 -3.19 54.58
CA ALA C 282 46.03 -3.89 55.80
C ALA C 282 44.80 -4.48 56.48
N LEU C 283 43.72 -3.71 56.53
CA LEU C 283 42.51 -4.13 57.24
C LEU C 283 41.48 -4.78 56.34
N ALA C 284 41.88 -5.28 55.17
CA ALA C 284 40.97 -5.97 54.24
C ALA C 284 41.36 -7.41 54.03
N ILE C 285 41.73 -8.12 55.10
CA ILE C 285 42.23 -9.49 55.02
C ILE C 285 41.37 -10.37 55.92
N THR C 286 40.39 -11.06 55.34
CA THR C 286 39.55 -12.04 56.01
C THR C 286 38.88 -12.88 54.93
N ARG C 287 38.54 -14.13 55.27
CA ARG C 287 37.94 -14.99 54.26
C ARG C 287 37.17 -16.12 54.91
N PRO C 288 35.97 -16.47 54.41
CA PRO C 288 35.24 -17.62 54.95
C PRO C 288 35.69 -18.93 54.34
N GLU C 289 35.02 -20.03 54.71
CA GLU C 289 35.46 -21.36 54.31
C GLU C 289 34.32 -22.18 53.72
N ALA C 290 33.08 -21.86 54.09
CA ALA C 290 31.95 -22.63 53.61
C ALA C 290 31.66 -22.40 52.13
N GLY C 291 32.22 -21.35 51.53
CA GLY C 291 31.96 -21.01 50.16
C GLY C 291 33.21 -21.05 49.30
N ASP C 292 33.00 -20.84 48.00
CA ASP C 292 34.08 -20.89 47.01
C ASP C 292 34.94 -19.65 47.19
N HIS C 293 36.08 -19.80 47.87
CA HIS C 293 36.98 -18.67 48.09
C HIS C 293 37.86 -18.37 46.88
N SER C 294 37.55 -18.94 45.71
CA SER C 294 38.26 -18.60 44.49
C SER C 294 37.52 -17.60 43.63
N GLN C 295 36.20 -17.50 43.78
CA GLN C 295 35.40 -16.55 43.01
C GLN C 295 35.17 -15.24 43.75
N GLY C 296 35.44 -15.20 45.05
CA GLY C 296 35.31 -13.99 45.82
C GLY C 296 33.87 -13.59 46.06
N PRO C 297 33.66 -12.42 46.65
CA PRO C 297 32.29 -11.98 46.96
C PRO C 297 31.48 -11.67 45.72
N CYS C 298 31.00 -12.73 45.05
CA CYS C 298 30.29 -12.54 43.80
C CYS C 298 28.95 -11.83 44.01
N LEU C 299 28.21 -12.22 45.05
CA LEU C 299 26.82 -11.77 45.19
C LEU C 299 26.67 -10.28 45.40
N LEU C 300 27.77 -9.52 45.51
CA LEU C 300 27.67 -8.06 45.50
C LEU C 300 27.65 -7.51 44.10
N ALA C 301 28.29 -8.18 43.15
CA ALA C 301 28.40 -7.75 41.77
C ALA C 301 27.03 -7.67 41.12
N PRO C 302 26.87 -7.02 39.98
CA PRO C 302 25.58 -7.05 39.27
C PRO C 302 25.38 -8.22 38.33
N MET C 303 26.29 -9.21 38.35
CA MET C 303 26.14 -10.40 37.54
C MET C 303 26.11 -11.68 38.36
N PHE C 304 26.28 -11.60 39.68
CA PHE C 304 26.16 -12.74 40.58
C PHE C 304 27.05 -13.90 40.15
N GLY C 305 28.29 -13.60 39.85
CA GLY C 305 29.24 -14.63 39.50
C GLY C 305 30.42 -14.08 38.73
N LEU C 306 31.46 -14.89 38.66
CA LEU C 306 32.70 -14.52 37.96
C LEU C 306 33.06 -15.66 37.01
N ARG C 307 32.51 -15.64 35.81
CA ARG C 307 32.91 -16.53 34.74
C ARG C 307 33.66 -15.71 33.69
N HIS C 308 34.63 -16.33 33.03
CA HIS C 308 35.41 -15.59 32.05
C HIS C 308 35.77 -16.45 30.85
N LYS C 309 35.72 -15.81 29.68
CA LYS C 309 35.96 -16.41 28.38
C LYS C 309 36.77 -15.43 27.55
N ASN C 310 37.77 -15.94 26.84
CA ASN C 310 38.65 -15.12 26.00
C ASN C 310 39.33 -14.03 26.83
N ALA C 311 39.71 -14.38 28.06
CA ALA C 311 40.42 -13.47 28.95
C ALA C 311 39.63 -12.20 29.24
N SER C 312 38.30 -12.31 29.28
CA SER C 312 37.42 -11.24 29.71
C SER C 312 36.38 -11.81 30.67
N ARG C 313 36.13 -11.11 31.76
CA ARG C 313 35.32 -11.64 32.84
C ARG C 313 34.03 -10.86 33.00
N THR C 314 33.17 -11.33 33.89
CA THR C 314 31.87 -10.75 34.12
C THR C 314 31.85 -9.74 35.27
N ILE C 315 33.02 -9.38 35.79
CA ILE C 315 33.15 -8.30 36.78
C ILE C 315 34.19 -7.35 36.21
N CYS C 316 33.73 -6.35 35.48
CA CYS C 316 34.64 -5.45 34.77
C CYS C 316 35.41 -4.59 35.76
N PRO C 317 36.71 -4.82 35.96
CA PRO C 317 37.43 -4.03 36.96
C PRO C 317 37.45 -2.55 36.67
N LEU C 318 37.44 -2.16 35.39
CA LEU C 318 37.36 -0.74 35.07
C LEU C 318 36.12 -0.11 35.66
N CYS C 319 35.02 -0.86 35.76
CA CYS C 319 33.82 -0.34 36.38
C CYS C 319 33.93 -0.26 37.90
N GLU C 320 34.94 -0.89 38.50
CA GLU C 320 35.27 -0.57 39.88
C GLU C 320 36.10 0.70 39.97
N SER C 321 37.10 0.83 39.10
CA SER C 321 37.89 2.05 39.09
C SER C 321 37.03 3.28 38.91
N LEU C 322 35.98 3.18 38.07
CA LEU C 322 35.08 4.31 37.87
C LEU C 322 34.46 4.77 39.18
N GLY C 323 34.36 3.90 40.17
CA GLY C 323 33.68 4.27 41.40
C GLY C 323 34.59 4.34 42.61
N ALA C 324 35.86 4.01 42.44
CA ALA C 324 36.78 3.98 43.58
C ALA C 324 37.90 5.02 43.48
N HIS C 325 37.80 5.99 42.58
CA HIS C 325 38.86 6.98 42.45
C HIS C 325 38.33 8.15 41.61
N PRO C 326 38.74 9.38 41.92
CA PRO C 326 38.21 10.53 41.17
C PRO C 326 38.80 10.69 39.78
N ASP C 327 40.04 10.27 39.59
CA ASP C 327 40.74 10.48 38.34
C ASP C 327 40.63 9.29 37.39
N ALA C 328 39.56 8.51 37.48
CA ALA C 328 39.45 7.30 36.68
C ALA C 328 38.67 7.51 35.40
N LYS C 329 37.50 8.16 35.48
CA LYS C 329 36.70 8.38 34.29
C LYS C 329 37.44 9.24 33.28
N ASP C 330 38.15 10.28 33.76
CA ASP C 330 38.90 11.13 32.85
C ASP C 330 40.10 10.39 32.26
N THR C 331 40.76 9.54 33.05
CA THR C 331 41.85 8.75 32.53
C THR C 331 41.37 7.82 31.42
N LEU C 332 40.22 7.18 31.61
CA LEU C 332 39.70 6.29 30.57
C LEU C 332 39.26 7.08 29.34
N ASP C 333 38.71 8.28 29.53
CA ASP C 333 38.36 9.09 28.39
C ASP C 333 39.60 9.47 27.58
N ARG C 334 40.68 9.85 28.27
CA ARG C 334 41.93 10.16 27.59
C ARG C 334 42.48 8.93 26.86
N PHE C 335 42.37 7.76 27.49
CA PHE C 335 42.84 6.54 26.84
C PHE C 335 42.05 6.25 25.57
N LYS C 336 40.72 6.42 25.63
CA LYS C 336 39.90 6.20 24.44
C LYS C 336 40.25 7.19 23.34
N SER C 337 40.48 8.45 23.70
CA SER C 337 40.87 9.43 22.70
C SER C 337 42.21 9.07 22.06
N LEU C 338 43.16 8.61 22.87
CA LEU C 338 44.44 8.16 22.32
C LEU C 338 44.24 7.02 21.34
N ILE C 339 43.45 6.02 21.72
CA ILE C 339 43.21 4.89 20.83
C ILE C 339 42.62 5.37 19.51
N LEU C 340 41.60 6.22 19.59
CA LEU C 340 40.90 6.62 18.37
C LEU C 340 41.75 7.51 17.48
N ASP C 341 42.65 8.31 18.05
CA ASP C 341 43.29 9.37 17.29
C ASP C 341 44.77 9.14 16.97
N SER C 342 45.46 8.24 17.68
CA SER C 342 46.90 8.12 17.54
C SER C 342 47.32 7.04 16.55
N PHE C 343 46.52 6.79 15.52
CA PHE C 343 46.88 5.82 14.50
C PHE C 343 46.22 6.20 13.18
N GLY C 344 46.89 5.86 12.09
CA GLY C 344 46.36 6.17 10.77
C GLY C 344 46.02 4.93 9.97
N ASN C 345 46.70 3.82 10.27
CA ASN C 345 46.46 2.58 9.55
C ASN C 345 45.10 2.01 9.92
N ASN C 346 44.77 0.89 9.30
CA ASN C 346 43.58 0.12 9.66
C ASN C 346 43.96 -1.05 10.57
N ILE C 347 44.46 -0.73 11.75
CA ILE C 347 44.80 -1.74 12.74
C ILE C 347 43.58 -1.99 13.60
N LYS C 348 43.30 -3.26 13.89
CA LYS C 348 42.16 -3.60 14.73
C LYS C 348 42.31 -2.99 16.12
N ILE C 349 41.18 -2.73 16.76
CA ILE C 349 41.18 -1.93 17.99
C ILE C 349 41.87 -2.67 19.13
N LEU C 350 41.73 -4.00 19.19
CA LEU C 350 42.45 -4.75 20.20
C LEU C 350 43.96 -4.61 20.02
N ASP C 351 44.41 -4.55 18.77
CA ASP C 351 45.83 -4.36 18.53
C ASP C 351 46.29 -2.97 18.96
N ARG C 352 45.48 -1.94 18.65
CA ARG C 352 45.82 -0.60 19.13
C ARG C 352 45.95 -0.58 20.64
N ILE C 353 45.05 -1.26 21.35
CA ILE C 353 45.13 -1.28 22.80
C ILE C 353 46.39 -2.00 23.26
N VAL C 354 46.69 -3.16 22.66
CA VAL C 354 47.85 -3.92 23.08
C VAL C 354 49.13 -3.12 22.85
N PHE C 355 49.19 -2.38 21.76
CA PHE C 355 50.39 -1.60 21.45
C PHE C 355 50.51 -0.41 22.39
N LEU C 356 49.42 0.33 22.60
CA LEU C 356 49.46 1.46 23.51
C LEU C 356 49.81 1.04 24.93
N ILE C 357 49.49 -0.19 25.31
CA ILE C 357 49.82 -0.63 26.65
C ILE C 357 51.23 -1.21 26.71
N LYS C 358 51.72 -1.78 25.61
CA LYS C 358 52.97 -2.52 25.64
C LYS C 358 54.19 -1.63 25.39
N THR C 359 54.25 -0.99 24.22
CA THR C 359 55.48 -0.28 23.85
C THR C 359 55.55 1.10 24.50
N GLN C 360 54.63 1.99 24.14
CA GLN C 360 54.61 3.33 24.71
C GLN C 360 53.69 3.30 25.92
N ASN C 361 54.25 2.84 27.04
CA ASN C 361 53.48 2.63 28.25
C ASN C 361 52.73 3.89 28.65
N THR C 362 51.40 3.82 28.57
CA THR C 362 50.54 4.91 29.00
C THR C 362 49.91 4.63 30.35
N LEU C 363 50.24 3.50 30.97
CA LEU C 363 49.75 3.15 32.30
C LEU C 363 50.78 3.42 33.38
N LEU C 364 51.74 4.30 33.11
CA LEU C 364 52.68 4.77 34.12
C LEU C 364 52.50 6.24 34.48
N ASP C 365 52.11 7.08 33.52
CA ASP C 365 51.86 8.49 33.77
C ASP C 365 50.47 8.70 34.36
N VAL C 366 50.24 8.07 35.51
CA VAL C 366 48.99 8.21 36.26
C VAL C 366 49.36 8.68 37.66
N PRO C 367 48.66 9.68 38.21
CA PRO C 367 49.06 10.25 39.52
C PRO C 367 49.10 9.24 40.65
N CYS C 368 47.97 8.61 40.94
CA CYS C 368 47.90 7.72 42.08
C CYS C 368 48.76 6.48 41.84
N PRO C 369 49.53 6.05 42.83
CA PRO C 369 50.30 4.80 42.67
C PRO C 369 49.39 3.58 42.74
N ARG C 370 48.39 3.63 43.62
CA ARG C 370 47.47 2.49 43.74
C ARG C 370 46.61 2.35 42.50
N LEU C 371 46.20 3.46 41.90
CA LEU C 371 45.41 3.38 40.68
C LEU C 371 46.18 2.67 39.58
N ARG C 372 47.30 3.23 39.16
CA ARG C 372 48.06 2.60 38.09
C ARG C 372 48.73 1.31 38.53
N ALA C 373 48.67 0.94 39.81
CA ALA C 373 49.11 -0.38 40.23
C ALA C 373 48.01 -1.42 40.08
N TRP C 374 46.76 -1.02 40.25
CA TRP C 374 45.62 -1.90 40.05
C TRP C 374 45.09 -1.85 38.63
N LEU C 375 45.60 -0.93 37.80
CA LEU C 375 45.14 -0.75 36.44
C LEU C 375 46.04 -1.44 35.43
N GLN C 376 47.35 -1.44 35.66
CA GLN C 376 48.29 -2.09 34.76
C GLN C 376 48.30 -3.61 34.91
N MET C 377 47.34 -4.18 35.65
CA MET C 377 47.16 -5.61 35.73
C MET C 377 45.79 -5.99 35.17
N CYS C 378 45.38 -5.32 34.10
CA CYS C 378 44.12 -5.60 33.42
C CYS C 378 44.42 -5.95 31.98
N THR C 379 44.08 -7.18 31.58
CA THR C 379 44.38 -7.65 30.23
C THR C 379 43.74 -6.73 29.19
N PRO C 380 44.42 -6.52 28.06
CA PRO C 380 43.90 -5.57 27.06
C PRO C 380 42.53 -5.94 26.52
N GLN C 381 42.18 -7.22 26.52
CA GLN C 381 40.83 -7.60 26.14
C GLN C 381 39.81 -6.94 27.04
N ASP C 382 40.15 -6.73 28.31
CA ASP C 382 39.22 -6.08 29.23
C ASP C 382 39.04 -4.61 28.89
N PHE C 383 40.14 -3.92 28.59
CA PHE C 383 40.03 -2.54 28.11
C PHE C 383 39.16 -2.47 26.88
N HIS C 384 39.38 -3.37 25.92
CA HIS C 384 38.57 -3.38 24.70
C HIS C 384 37.10 -3.56 25.03
N LYS C 385 36.77 -4.59 25.81
CA LYS C 385 35.39 -4.82 26.19
C LYS C 385 34.77 -3.58 26.80
N HIS C 386 35.36 -3.08 27.88
CA HIS C 386 34.76 -1.97 28.60
C HIS C 386 34.61 -0.74 27.72
N LEU C 387 35.61 -0.43 26.90
CA LEU C 387 35.57 0.84 26.20
C LEU C 387 34.67 0.79 24.98
N PHE C 388 34.73 -0.28 24.19
CA PHE C 388 34.06 -0.27 22.89
C PHE C 388 32.95 -1.30 22.72
N CYS C 389 32.79 -2.27 23.60
CA CYS C 389 31.92 -3.41 23.29
C CYS C 389 30.69 -3.51 24.19
N ASP C 390 30.87 -3.59 25.49
CA ASP C 390 29.76 -4.02 26.35
C ASP C 390 28.76 -2.89 26.55
N PRO C 391 27.47 -3.19 26.62
CA PRO C 391 26.47 -2.14 26.83
C PRO C 391 26.37 -1.68 28.27
N LEU C 392 26.48 -2.61 29.23
CA LEU C 392 26.41 -2.22 30.64
C LEU C 392 27.58 -1.33 31.01
N CYS C 393 28.76 -1.61 30.46
CA CYS C 393 29.90 -0.74 30.72
C CYS C 393 29.70 0.63 30.11
N ALA C 394 29.03 0.71 28.96
CA ALA C 394 28.72 2.02 28.40
C ALA C 394 27.74 2.78 29.28
N ILE C 395 26.72 2.09 29.80
CA ILE C 395 25.78 2.74 30.72
C ILE C 395 26.51 3.26 31.94
N ASN C 396 27.42 2.46 32.52
CA ASN C 396 28.20 2.92 33.66
C ASN C 396 29.04 4.13 33.31
N HIS C 397 29.82 4.03 32.23
CA HIS C 397 30.68 5.13 31.82
C HIS C 397 29.90 6.39 31.50
N SER C 398 28.62 6.28 31.17
CA SER C 398 27.82 7.45 30.80
C SER C 398 26.86 7.91 31.89
N ILE C 399 26.74 7.18 33.00
CA ILE C 399 25.86 7.60 34.07
C ILE C 399 26.61 8.07 35.31
N THR C 400 27.85 7.62 35.53
CA THR C 400 28.59 8.06 36.70
C THR C 400 28.96 9.53 36.56
N ASN C 401 29.41 10.11 37.66
CA ASN C 401 29.66 11.54 37.70
C ASN C 401 30.60 11.85 38.86
N PRO C 402 31.90 11.60 38.73
CA PRO C 402 32.79 11.59 39.90
C PRO C 402 32.93 12.94 40.59
N SER C 403 32.40 14.02 40.03
CA SER C 403 32.41 15.29 40.75
C SER C 403 31.40 15.27 41.89
N VAL C 404 30.32 14.49 41.75
CA VAL C 404 29.34 14.38 42.82
C VAL C 404 29.81 13.42 43.89
N LEU C 405 30.57 12.40 43.52
CA LEU C 405 31.03 11.41 44.49
C LEU C 405 32.30 11.85 45.21
N PHE C 406 33.13 12.66 44.58
CA PHE C 406 34.39 13.06 45.18
C PHE C 406 34.57 14.57 45.10
N GLY C 407 33.50 15.32 45.34
CA GLY C 407 33.57 16.76 45.31
C GLY C 407 32.81 17.42 46.44
N GLN C 408 33.35 18.52 46.96
CA GLN C 408 32.69 19.24 48.03
C GLN C 408 31.55 20.09 47.47
N ILE C 409 30.57 20.36 48.32
CA ILE C 409 29.39 21.11 47.95
C ILE C 409 29.44 22.46 48.66
N TYR C 410 29.01 23.51 47.95
CA TYR C 410 28.95 24.87 48.46
C TYR C 410 28.11 24.92 49.73
N PRO C 411 28.72 25.14 50.89
CA PRO C 411 27.99 25.05 52.16
C PRO C 411 26.77 25.97 52.22
N PRO C 412 26.84 27.21 51.72
CA PRO C 412 25.64 28.07 51.77
C PRO C 412 24.41 27.49 51.09
N SER C 413 24.55 26.48 50.24
CA SER C 413 23.40 25.88 49.57
C SER C 413 23.13 24.45 50.04
N PHE C 414 23.87 23.97 51.04
CA PHE C 414 23.78 22.57 51.44
C PHE C 414 22.41 22.24 52.02
N GLN C 415 21.94 23.03 52.98
CA GLN C 415 20.66 22.75 53.61
C GLN C 415 19.51 22.92 52.62
N ALA C 416 19.61 23.90 51.74
CA ALA C 416 18.60 24.08 50.71
C ALA C 416 18.53 22.86 49.81
N PHE C 417 19.69 22.33 49.41
CA PHE C 417 19.70 21.14 48.55
C PHE C 417 19.13 19.93 49.29
N LYS C 418 19.53 19.75 50.55
CA LYS C 418 19.00 18.65 51.34
C LYS C 418 17.47 18.72 51.40
N ALA C 419 16.93 19.89 51.70
CA ALA C 419 15.48 20.03 51.82
C ALA C 419 14.80 19.81 50.47
N ALA C 420 15.39 20.31 49.39
CA ALA C 420 14.80 20.09 48.08
C ALA C 420 14.76 18.61 47.72
N LEU C 421 15.80 17.87 48.13
CA LEU C 421 15.81 16.44 47.88
C LEU C 421 14.77 15.72 48.73
N ALA C 422 14.63 16.14 49.99
CA ALA C 422 13.64 15.52 50.87
C ALA C 422 12.24 15.60 50.27
N ALA C 423 11.91 16.74 49.66
CA ALA C 423 10.61 16.89 49.03
C ALA C 423 10.51 16.18 47.67
N GLY C 424 11.57 15.54 47.21
CA GLY C 424 11.54 14.88 45.92
C GLY C 424 11.47 15.84 44.76
N GLN C 425 12.55 16.58 44.52
CA GLN C 425 12.58 17.61 43.50
C GLN C 425 13.67 17.45 42.47
N ASN C 426 14.79 16.80 42.80
CA ASN C 426 15.92 16.70 41.88
C ASN C 426 16.27 15.26 41.52
N LEU C 427 15.52 14.28 42.01
CA LEU C 427 15.83 12.88 41.75
C LEU C 427 15.40 12.54 40.32
N GLU C 428 16.30 12.81 39.37
CA GLU C 428 16.06 12.51 37.97
C GLU C 428 16.31 11.03 37.70
N GLN C 429 15.48 10.44 36.83
CA GLN C 429 15.50 9.00 36.63
C GLN C 429 16.88 8.49 36.21
N GLY C 430 17.66 9.31 35.52
CA GLY C 430 18.94 8.84 35.01
C GLY C 430 18.80 8.15 33.68
N VAL C 431 18.80 6.82 33.69
CA VAL C 431 18.57 6.04 32.49
C VAL C 431 17.11 5.62 32.45
N CYS C 432 16.68 5.19 31.27
CA CYS C 432 15.32 4.67 31.12
C CYS C 432 15.19 3.37 31.92
N ASP C 433 13.99 2.80 31.88
CA ASP C 433 13.79 1.52 32.53
C ASP C 433 13.74 0.35 31.56
N SER C 434 13.22 0.58 30.34
CA SER C 434 13.27 -0.44 29.32
C SER C 434 14.71 -0.76 28.92
N LEU C 435 15.57 0.25 28.93
CA LEU C 435 16.96 0.02 28.56
C LEU C 435 17.66 -0.91 29.55
N ILE C 436 17.41 -0.71 30.84
CA ILE C 436 18.04 -1.57 31.84
C ILE C 436 17.53 -3.00 31.71
N THR C 437 16.21 -3.17 31.52
CA THR C 437 15.67 -4.50 31.34
C THR C 437 16.27 -5.18 30.12
N LEU C 438 16.43 -4.43 29.03
CA LEU C 438 17.00 -5.01 27.82
C LEU C 438 18.46 -5.39 28.03
N VAL C 439 19.21 -4.57 28.76
CA VAL C 439 20.60 -4.89 29.02
C VAL C 439 20.70 -6.16 29.86
N TYR C 440 19.81 -6.32 30.84
CA TYR C 440 19.86 -7.53 31.66
C TYR C 440 19.47 -8.76 30.86
N ILE C 441 18.50 -8.63 29.96
CA ILE C 441 18.17 -9.73 29.06
C ILE C 441 19.38 -10.13 28.24
N PHE C 442 20.10 -9.13 27.70
CA PHE C 442 21.27 -9.42 26.87
C PHE C 442 22.35 -10.13 27.68
N LYS C 443 22.63 -9.64 28.88
CA LYS C 443 23.65 -10.30 29.69
C LYS C 443 23.23 -11.71 30.08
N SER C 444 21.92 -11.94 30.27
CA SER C 444 21.44 -13.27 30.58
C SER C 444 21.70 -14.23 29.42
N THR C 445 21.34 -13.83 28.21
CA THR C 445 21.62 -14.71 27.07
C THR C 445 23.10 -14.82 26.78
N GLN C 446 23.91 -13.85 27.19
CA GLN C 446 25.35 -13.92 26.97
C GLN C 446 26.03 -14.87 27.96
N VAL C 447 25.51 -14.98 29.19
CA VAL C 447 26.16 -15.77 30.21
C VAL C 447 25.62 -17.20 30.23
N ALA C 448 24.31 -17.36 30.40
CA ALA C 448 23.71 -18.67 30.56
C ALA C 448 23.48 -19.32 29.20
N ARG C 449 22.74 -20.42 29.18
CA ARG C 449 22.37 -21.08 27.94
C ARG C 449 21.19 -20.36 27.30
N VAL C 450 21.04 -20.55 25.98
CA VAL C 450 20.02 -19.85 25.22
C VAL C 450 19.84 -20.57 23.89
N GLY C 451 18.70 -20.34 23.25
CA GLY C 451 18.45 -20.86 21.92
C GLY C 451 19.11 -20.03 20.85
N LYS C 452 18.46 -19.89 19.69
CA LYS C 452 18.96 -19.05 18.62
C LYS C 452 18.01 -17.93 18.24
N THR C 453 16.73 -18.25 18.02
CA THR C 453 15.78 -17.25 17.53
C THR C 453 15.54 -16.13 18.51
N ILE C 454 16.01 -16.24 19.74
CA ILE C 454 15.92 -15.18 20.73
C ILE C 454 17.19 -14.32 20.75
N LEU C 455 18.35 -14.96 20.54
CA LEU C 455 19.61 -14.22 20.54
C LEU C 455 19.67 -13.27 19.35
N VAL C 456 19.41 -13.78 18.15
CA VAL C 456 19.53 -12.98 16.94
C VAL C 456 18.57 -11.80 16.96
N ASP C 457 17.50 -11.88 17.73
CA ASP C 457 16.51 -10.80 17.76
C ASP C 457 16.78 -9.80 18.88
N VAL C 458 17.18 -10.27 20.06
CA VAL C 458 17.56 -9.34 21.12
C VAL C 458 18.78 -8.54 20.70
N THR C 459 19.66 -9.13 19.89
CA THR C 459 20.80 -8.37 19.39
C THR C 459 20.35 -7.18 18.54
N LYS C 460 19.44 -7.43 17.60
CA LYS C 460 18.94 -6.36 16.75
C LYS C 460 18.24 -5.28 17.56
N GLU C 461 17.39 -5.70 18.51
CA GLU C 461 16.66 -4.72 19.30
C GLU C 461 17.60 -3.89 20.16
N LEU C 462 18.59 -4.53 20.77
CA LEU C 462 19.57 -3.79 21.57
C LEU C 462 20.33 -2.81 20.71
N ASP C 463 20.71 -3.21 19.49
CA ASP C 463 21.40 -2.29 18.59
C ASP C 463 20.57 -1.05 18.33
N VAL C 464 19.30 -1.24 17.96
CA VAL C 464 18.48 -0.08 17.62
C VAL C 464 18.27 0.81 18.85
N VAL C 465 18.00 0.21 20.00
CA VAL C 465 17.74 1.02 21.19
C VAL C 465 18.98 1.79 21.62
N LEU C 466 20.14 1.15 21.58
CA LEU C 466 21.37 1.83 21.95
C LEU C 466 21.68 2.96 20.99
N ARG C 467 21.46 2.76 19.69
CA ARG C 467 21.70 3.84 18.74
C ARG C 467 20.76 5.00 19.00
N ILE C 468 19.50 4.71 19.35
CA ILE C 468 18.55 5.78 19.66
C ILE C 468 19.01 6.57 20.88
N HIS C 469 19.37 5.87 21.95
CA HIS C 469 19.67 6.53 23.21
C HIS C 469 20.95 7.34 23.19
N GLY C 470 21.72 7.29 22.11
CA GLY C 470 22.88 8.15 21.98
C GLY C 470 24.18 7.50 22.41
N LEU C 471 24.41 6.27 21.95
CA LEU C 471 25.67 5.57 22.20
C LEU C 471 26.20 5.04 20.88
N ASP C 472 27.45 4.56 20.91
CA ASP C 472 28.11 4.09 19.68
C ASP C 472 29.05 2.96 20.07
N LEU C 473 28.56 1.73 19.93
CA LEU C 473 29.34 0.53 20.20
C LEU C 473 29.35 -0.35 18.96
N VAL C 474 30.23 -1.35 18.97
CA VAL C 474 30.26 -2.28 17.86
C VAL C 474 28.97 -3.10 17.84
N GLN C 475 28.72 -3.74 16.70
CA GLN C 475 27.57 -4.61 16.56
C GLN C 475 27.56 -5.64 17.68
N SER C 476 26.37 -5.91 18.22
CA SER C 476 26.29 -6.64 19.48
C SER C 476 26.41 -8.15 19.33
N TYR C 477 26.16 -8.68 18.13
CA TYR C 477 26.31 -10.12 17.95
C TYR C 477 27.75 -10.57 18.17
N GLN C 478 28.71 -9.82 17.61
CA GLN C 478 30.11 -10.11 17.84
C GLN C 478 30.44 -10.13 19.33
N THR C 479 30.18 -9.02 20.02
CA THR C 479 30.48 -8.94 21.44
C THR C 479 29.59 -9.84 22.28
N SER C 480 28.63 -10.54 21.68
CA SER C 480 27.91 -11.58 22.39
C SER C 480 28.53 -12.94 22.18
N GLN C 481 29.21 -13.15 21.05
CA GLN C 481 29.84 -14.44 20.79
C GLN C 481 31.31 -14.49 21.18
N VAL C 482 31.96 -13.34 21.38
CA VAL C 482 33.39 -13.32 21.64
C VAL C 482 33.66 -13.21 23.14
N TYR C 483 33.18 -12.15 23.75
CA TYR C 483 33.39 -11.90 25.18
C TYR C 483 32.23 -12.42 26.00
N VAL C 484 32.49 -12.64 27.28
CA VAL C 484 31.45 -13.08 28.20
C VAL C 484 31.29 -12.01 29.27
N ASP D 3 -44.53 -7.93 48.67
CA ASP D 3 -44.45 -8.85 49.81
C ASP D 3 -43.15 -9.65 49.77
N PHE D 4 -42.80 -10.16 48.59
CA PHE D 4 -41.59 -10.94 48.40
C PHE D 4 -40.53 -10.07 47.72
N VAL D 5 -39.32 -10.10 48.27
CA VAL D 5 -38.19 -9.37 47.70
C VAL D 5 -36.94 -10.22 47.86
N PRO D 6 -36.13 -10.39 46.80
CA PRO D 6 -34.98 -11.27 46.89
C PRO D 6 -33.85 -10.74 47.75
N TRP D 7 -32.89 -11.60 48.08
CA TRP D 7 -31.73 -11.28 48.90
C TRP D 7 -32.11 -10.91 50.33
N THR D 8 -33.31 -11.28 50.76
CA THR D 8 -33.70 -11.13 52.16
C THR D 8 -33.23 -12.37 52.93
N VAL D 9 -32.46 -12.16 53.99
CA VAL D 9 -31.83 -13.28 54.66
C VAL D 9 -32.86 -14.21 55.30
N ASP D 10 -34.05 -13.69 55.60
CA ASP D 10 -35.07 -14.54 56.22
C ASP D 10 -35.49 -15.66 55.29
N ASN D 11 -35.64 -15.36 53.99
CA ASN D 11 -36.04 -16.38 53.03
C ASN D 11 -35.04 -17.52 52.95
N LEU D 12 -33.80 -17.30 53.39
CA LEU D 12 -32.81 -18.37 53.47
C LEU D 12 -32.75 -19.01 54.84
N LYS D 13 -33.00 -18.24 55.89
CA LYS D 13 -32.92 -18.77 57.25
C LYS D 13 -34.05 -19.73 57.56
N SER D 14 -35.11 -19.72 56.77
CA SER D 14 -36.25 -20.59 57.00
C SER D 14 -36.27 -21.81 56.08
N GLN D 15 -35.19 -22.10 55.38
CA GLN D 15 -35.15 -23.21 54.43
C GLN D 15 -33.82 -23.96 54.55
N PHE D 16 -33.39 -24.21 55.78
CA PHE D 16 -32.09 -24.85 55.98
C PHE D 16 -32.10 -26.30 55.53
N GLU D 17 -33.26 -26.94 55.54
CA GLU D 17 -33.34 -28.33 55.07
C GLU D 17 -33.03 -28.42 53.59
N ALA D 18 -33.11 -27.32 52.86
CA ALA D 18 -32.81 -27.30 51.44
C ALA D 18 -31.37 -26.89 51.16
N VAL D 19 -30.91 -25.82 51.82
CA VAL D 19 -29.53 -25.38 51.60
C VAL D 19 -28.57 -26.44 52.12
N GLY D 20 -28.96 -27.20 53.15
CA GLY D 20 -28.12 -28.29 53.59
C GLY D 20 -27.90 -29.33 52.51
N LEU D 21 -28.99 -29.75 51.85
CA LEU D 21 -28.86 -30.73 50.78
C LEU D 21 -28.15 -30.16 49.56
N LEU D 22 -28.32 -28.86 49.29
CA LEU D 22 -27.61 -28.26 48.17
C LEU D 22 -26.11 -28.22 48.42
N MET D 23 -25.70 -27.71 49.58
CA MET D 23 -24.28 -27.68 49.92
C MET D 23 -23.71 -29.07 50.19
N ALA D 24 -24.55 -30.08 50.38
CA ALA D 24 -24.04 -31.42 50.57
C ALA D 24 -23.83 -32.16 49.26
N HIS D 25 -24.61 -31.82 48.23
CA HIS D 25 -24.47 -32.45 46.91
C HIS D 25 -23.59 -31.64 45.98
N SER D 26 -22.64 -30.88 46.52
CA SER D 26 -21.78 -30.05 45.68
C SER D 26 -20.33 -30.08 46.17
N TYR D 27 -19.90 -31.18 46.77
CA TYR D 27 -18.51 -31.38 47.12
C TYR D 27 -17.82 -32.18 46.03
N LEU D 28 -16.57 -31.83 45.73
CA LEU D 28 -15.80 -32.63 44.80
C LEU D 28 -15.48 -33.98 45.45
N PRO D 29 -15.27 -35.02 44.63
CA PRO D 29 -15.09 -36.36 45.20
C PRO D 29 -13.85 -36.43 46.10
N ALA D 30 -14.00 -37.14 47.21
CA ALA D 30 -12.91 -37.25 48.18
C ALA D 30 -11.67 -37.84 47.53
N ASN D 31 -11.77 -39.05 47.00
CA ASN D 31 -10.68 -39.62 46.24
C ASN D 31 -10.47 -38.85 44.95
N ALA D 32 -9.21 -38.74 44.53
CA ALA D 32 -8.90 -38.07 43.28
C ALA D 32 -9.60 -38.77 42.12
N GLU D 33 -9.33 -40.06 41.95
CA GLU D 33 -10.13 -40.86 41.03
C GLU D 33 -11.57 -40.91 41.52
N GLU D 34 -12.52 -40.87 40.57
CA GLU D 34 -13.93 -40.74 40.91
C GLU D 34 -14.46 -41.85 41.78
N GLY D 35 -13.72 -42.94 41.96
CA GLY D 35 -14.22 -44.08 42.70
C GLY D 35 -14.86 -45.10 41.77
N ILE D 36 -16.19 -45.06 41.66
CA ILE D 36 -16.89 -45.83 40.65
C ILE D 36 -17.58 -44.86 39.71
N ALA D 37 -18.53 -44.10 40.25
CA ALA D 37 -19.15 -43.02 39.48
C ALA D 37 -19.77 -42.06 40.48
N TYR D 38 -19.17 -40.88 40.65
CA TYR D 38 -19.69 -39.91 41.59
C TYR D 38 -20.90 -39.21 40.96
N PRO D 39 -22.09 -39.32 41.56
CA PRO D 39 -23.31 -38.85 40.89
C PRO D 39 -23.27 -37.35 40.56
N PRO D 40 -22.85 -36.47 41.48
CA PRO D 40 -22.82 -35.05 41.10
C PRO D 40 -21.93 -34.77 39.90
N LEU D 41 -20.75 -35.38 39.84
CA LEU D 41 -19.86 -35.11 38.72
C LEU D 41 -20.44 -35.61 37.41
N VAL D 42 -21.06 -36.79 37.40
CA VAL D 42 -21.60 -37.29 36.14
C VAL D 42 -22.80 -36.46 35.72
N HIS D 43 -23.61 -36.00 36.68
CA HIS D 43 -24.71 -35.12 36.31
C HIS D 43 -24.20 -33.80 35.75
N THR D 44 -23.11 -33.27 36.32
CA THR D 44 -22.54 -32.04 35.79
C THR D 44 -22.01 -32.25 34.38
N TYR D 45 -21.28 -33.35 34.16
CA TYR D 45 -20.77 -33.63 32.83
C TYR D 45 -21.89 -33.82 31.82
N GLU D 46 -23.05 -34.30 32.27
CA GLU D 46 -24.20 -34.35 31.38
C GLU D 46 -24.78 -32.97 31.14
N SER D 47 -24.69 -32.08 32.12
CA SER D 47 -25.29 -30.76 31.97
C SER D 47 -24.46 -29.84 31.08
N LEU D 48 -23.15 -30.04 31.01
CA LEU D 48 -22.29 -29.26 30.15
C LEU D 48 -22.15 -29.86 28.75
N SER D 49 -22.96 -30.88 28.44
CA SER D 49 -22.97 -31.46 27.11
C SER D 49 -23.35 -30.39 26.09
N PRO D 50 -22.88 -30.52 24.83
CA PRO D 50 -23.20 -29.49 23.85
C PRO D 50 -24.62 -29.58 23.30
N ALA D 51 -25.29 -30.72 23.45
CA ALA D 51 -26.62 -30.92 22.90
C ALA D 51 -27.56 -31.44 23.97
N SER D 52 -27.55 -30.78 25.13
CA SER D 52 -28.47 -31.11 26.21
C SER D 52 -29.39 -29.91 26.48
N THR D 53 -30.36 -30.12 27.36
CA THR D 53 -31.39 -29.14 27.64
C THR D 53 -31.19 -28.53 29.03
N CYS D 54 -31.36 -27.22 29.12
CA CYS D 54 -31.27 -26.53 30.41
C CYS D 54 -32.37 -27.05 31.32
N ARG D 55 -31.99 -27.60 32.47
CA ARG D 55 -32.97 -28.23 33.34
C ARG D 55 -33.88 -27.20 34.00
N VAL D 56 -33.39 -25.98 34.22
CA VAL D 56 -34.21 -24.94 34.84
C VAL D 56 -35.36 -24.57 33.91
N CYS D 57 -35.06 -24.32 32.64
CA CYS D 57 -36.12 -23.98 31.68
C CYS D 57 -37.07 -25.15 31.51
N ASP D 58 -36.55 -26.37 31.53
CA ASP D 58 -37.39 -27.55 31.41
C ASP D 58 -38.39 -27.62 32.56
N LEU D 59 -37.92 -27.40 33.79
CA LEU D 59 -38.81 -27.39 34.94
C LEU D 59 -39.83 -26.27 34.84
N LEU D 60 -39.38 -25.08 34.45
CA LEU D 60 -40.31 -23.95 34.32
C LEU D 60 -41.41 -24.25 33.31
N ASP D 61 -41.08 -24.95 32.23
CA ASP D 61 -42.10 -25.25 31.24
C ASP D 61 -43.00 -26.39 31.68
N THR D 62 -42.44 -27.41 32.33
CA THR D 62 -43.30 -28.49 32.81
C THR D 62 -44.18 -28.05 33.96
N LEU D 63 -43.93 -26.89 34.56
CA LEU D 63 -44.81 -26.34 35.58
C LEU D 63 -45.79 -25.31 35.02
N VAL D 64 -45.27 -24.27 34.37
CA VAL D 64 -46.11 -23.15 33.97
C VAL D 64 -47.08 -23.56 32.86
N ASN D 65 -46.62 -24.36 31.90
CA ASN D 65 -47.47 -24.72 30.77
C ASN D 65 -48.55 -25.73 31.14
N HIS D 66 -48.77 -25.96 32.43
CA HIS D 66 -49.96 -26.65 32.91
C HIS D 66 -51.03 -25.62 33.21
N SER D 67 -52.10 -26.05 33.88
CA SER D 67 -53.24 -25.18 34.11
C SER D 67 -52.90 -24.01 35.04
N ASP D 68 -53.59 -22.90 34.82
CA ASP D 68 -53.68 -21.76 35.73
C ASP D 68 -52.35 -21.40 36.40
N ALA D 69 -51.35 -21.16 35.56
CA ALA D 69 -50.11 -20.56 36.05
C ALA D 69 -50.41 -19.19 36.61
N PRO D 70 -50.30 -19.00 37.93
CA PRO D 70 -50.75 -17.74 38.53
C PRO D 70 -49.95 -16.55 38.00
N VAL D 71 -50.65 -15.44 37.80
CA VAL D 71 -49.99 -14.20 37.42
C VAL D 71 -49.24 -13.71 38.64
N ALA D 72 -48.34 -12.75 38.45
CA ALA D 72 -47.43 -12.22 39.47
C ALA D 72 -46.36 -13.24 39.78
N PHE D 73 -46.48 -14.45 39.23
CA PHE D 73 -45.35 -15.37 39.24
C PHE D 73 -44.29 -14.91 38.25
N PHE D 74 -44.73 -14.49 37.06
CA PHE D 74 -43.78 -13.92 36.12
C PHE D 74 -43.19 -12.62 36.65
N GLU D 75 -43.93 -11.89 37.48
CA GLU D 75 -43.38 -10.68 38.07
C GLU D 75 -42.32 -11.00 39.12
N ASP D 76 -42.57 -11.98 39.98
CA ASP D 76 -41.55 -12.36 40.96
C ASP D 76 -40.34 -12.96 40.28
N TYR D 77 -40.55 -13.75 39.22
CA TYR D 77 -39.43 -14.30 38.47
C TYR D 77 -38.62 -13.19 37.80
N ALA D 78 -39.31 -12.19 37.24
CA ALA D 78 -38.59 -11.08 36.63
C ALA D 78 -37.83 -10.28 37.68
N LEU D 79 -38.36 -10.15 38.88
CA LEU D 79 -37.62 -9.47 39.94
C LEU D 79 -36.38 -10.24 40.34
N LEU D 80 -36.51 -11.57 40.49
CA LEU D 80 -35.35 -12.38 40.83
C LEU D 80 -34.29 -12.29 39.72
N CYS D 81 -34.73 -12.27 38.47
CA CYS D 81 -33.79 -12.14 37.37
C CYS D 81 -33.12 -10.77 37.36
N TYR D 82 -33.88 -9.72 37.69
CA TYR D 82 -33.28 -8.39 37.76
C TYR D 82 -32.23 -8.31 38.85
N TYR D 83 -32.46 -8.99 39.98
CA TYR D 83 -31.45 -8.99 41.03
C TYR D 83 -30.23 -9.78 40.60
N CYS D 84 -30.42 -10.99 40.06
CA CYS D 84 -29.30 -11.77 39.57
C CYS D 84 -28.55 -11.07 38.45
N LEU D 85 -29.17 -10.10 37.81
CA LEU D 85 -28.48 -9.27 36.84
C LEU D 85 -27.54 -8.26 37.47
N ASN D 86 -27.59 -8.11 38.80
CA ASN D 86 -26.81 -7.11 39.52
C ASN D 86 -26.14 -7.75 40.73
N ALA D 87 -25.52 -8.90 40.55
CA ALA D 87 -24.81 -9.58 41.61
C ALA D 87 -23.44 -10.01 41.12
N PRO D 88 -22.48 -10.19 42.02
CA PRO D 88 -21.15 -10.64 41.59
C PRO D 88 -21.14 -12.15 41.39
N ARG D 89 -20.47 -12.59 40.33
CA ARG D 89 -20.36 -14.01 40.05
C ARG D 89 -19.46 -14.62 41.12
N ALA D 90 -20.06 -15.29 42.08
CA ALA D 90 -19.31 -15.84 43.21
C ALA D 90 -20.12 -16.96 43.84
N TRP D 91 -19.73 -17.35 45.04
CA TRP D 91 -20.35 -18.46 45.74
C TRP D 91 -21.66 -18.05 46.39
N ILE D 92 -21.63 -16.96 47.16
CA ILE D 92 -22.82 -16.52 47.87
C ILE D 92 -23.93 -16.14 46.91
N SER D 93 -23.58 -15.65 45.72
CA SER D 93 -24.60 -15.28 44.75
C SER D 93 -25.35 -16.50 44.25
N SER D 94 -24.63 -17.55 43.88
CA SER D 94 -25.28 -18.77 43.43
C SER D 94 -26.15 -19.36 44.53
N LEU D 95 -25.64 -19.39 45.76
CA LEU D 95 -26.42 -19.96 46.85
C LEU D 95 -27.71 -19.17 47.06
N ILE D 96 -27.62 -17.85 47.11
CA ILE D 96 -28.81 -17.03 47.36
C ILE D 96 -29.80 -17.17 46.22
N THR D 97 -29.31 -17.20 44.98
CA THR D 97 -30.22 -17.36 43.85
C THR D 97 -30.95 -18.69 43.91
N GLY D 98 -30.24 -19.77 44.22
CA GLY D 98 -30.90 -21.06 44.35
C GLY D 98 -31.97 -21.05 45.42
N MET D 99 -31.64 -20.50 46.59
CA MET D 99 -32.60 -20.50 47.69
C MET D 99 -33.83 -19.67 47.35
N ASP D 100 -33.64 -18.51 46.73
CA ASP D 100 -34.79 -17.67 46.40
C ASP D 100 -35.64 -18.28 45.28
N PHE D 101 -35.00 -18.96 44.33
CA PHE D 101 -35.77 -19.66 43.30
C PHE D 101 -36.64 -20.74 43.94
N LEU D 102 -36.06 -21.53 44.85
CA LEU D 102 -36.86 -22.54 45.53
C LEU D 102 -37.98 -21.91 46.34
N HIS D 103 -37.72 -20.74 46.93
CA HIS D 103 -38.77 -20.07 47.70
C HIS D 103 -39.94 -19.69 46.80
N ILE D 104 -39.65 -19.07 45.65
CA ILE D 104 -40.71 -18.69 44.73
C ILE D 104 -41.50 -19.92 44.29
N LEU D 105 -40.80 -21.01 43.96
CA LEU D 105 -41.50 -22.21 43.51
C LEU D 105 -42.41 -22.77 44.59
N ILE D 106 -41.90 -22.87 45.81
CA ILE D 106 -42.72 -23.38 46.91
C ILE D 106 -43.91 -22.47 47.17
N LYS D 107 -43.75 -21.16 46.94
CA LYS D 107 -44.83 -20.23 47.20
C LYS D 107 -45.94 -20.37 46.17
N TYR D 108 -45.62 -20.19 44.89
CA TYR D 108 -46.69 -20.07 43.89
C TYR D 108 -47.19 -21.41 43.37
N PHE D 109 -46.33 -22.43 43.29
CA PHE D 109 -46.70 -23.72 42.74
C PHE D 109 -46.59 -24.80 43.81
N PRO D 110 -47.50 -24.82 44.78
CA PRO D 110 -47.40 -25.79 45.86
C PRO D 110 -47.84 -27.19 45.48
N MET D 111 -48.70 -27.33 44.47
CA MET D 111 -49.18 -28.63 44.05
C MET D 111 -48.19 -29.39 43.18
N ALA D 112 -47.03 -28.81 42.90
CA ALA D 112 -46.04 -29.49 42.09
C ALA D 112 -45.54 -30.75 42.80
N GLY D 113 -44.88 -31.61 42.03
CA GLY D 113 -44.53 -32.94 42.52
C GLY D 113 -43.48 -33.01 43.60
N GLY D 114 -42.24 -32.69 43.27
CA GLY D 114 -41.13 -32.98 44.17
C GLY D 114 -40.32 -31.77 44.58
N LEU D 115 -41.00 -30.65 44.83
CA LEU D 115 -40.29 -29.44 45.26
C LEU D 115 -39.66 -29.58 46.65
N ASP D 116 -39.94 -30.66 47.36
CA ASP D 116 -39.29 -30.89 48.65
C ASP D 116 -37.92 -31.53 48.51
N SER D 117 -37.61 -32.08 47.33
CA SER D 117 -36.33 -32.72 47.08
C SER D 117 -35.79 -32.25 45.74
N LEU D 118 -35.81 -30.94 45.51
CA LEU D 118 -35.46 -30.40 44.21
C LEU D 118 -33.97 -30.54 43.92
N PHE D 119 -33.12 -30.35 44.93
CA PHE D 119 -31.68 -30.28 44.73
C PHE D 119 -31.03 -31.64 44.97
N MET D 120 -31.35 -32.56 44.09
CA MET D 120 -30.77 -33.90 44.06
C MET D 120 -30.20 -34.16 42.68
N PRO D 121 -29.28 -35.12 42.55
CA PRO D 121 -28.83 -35.52 41.21
C PRO D 121 -29.99 -35.91 40.31
N SER D 122 -29.79 -35.84 39.00
CA SER D 122 -30.86 -36.05 38.02
C SER D 122 -31.99 -35.02 38.17
N ARG D 123 -31.72 -33.94 38.90
CA ARG D 123 -32.66 -32.83 39.06
C ARG D 123 -31.85 -31.55 39.02
N ILE D 124 -32.43 -30.44 39.45
CA ILE D 124 -31.71 -29.18 39.47
C ILE D 124 -30.57 -29.24 40.47
N LEU D 125 -29.36 -28.92 40.02
CA LEU D 125 -28.23 -28.80 40.94
C LEU D 125 -27.54 -27.44 40.76
N ALA D 126 -26.36 -27.29 41.37
CA ALA D 126 -25.71 -25.98 41.40
C ALA D 126 -25.25 -25.54 40.02
N ILE D 127 -24.61 -26.44 39.27
CA ILE D 127 -24.13 -26.08 37.95
C ILE D 127 -25.29 -25.65 37.06
N ASP D 128 -26.47 -26.21 37.26
CA ASP D 128 -27.62 -25.82 36.45
C ASP D 128 -28.08 -24.41 36.82
N ILE D 129 -28.07 -24.09 38.12
CA ILE D 129 -28.40 -22.73 38.53
C ILE D 129 -27.44 -21.72 37.91
N GLN D 130 -26.14 -22.04 37.93
CA GLN D 130 -25.19 -21.14 37.30
C GLN D 130 -25.45 -21.01 35.81
N LEU D 131 -25.56 -22.14 35.11
CA LEU D 131 -25.77 -22.14 33.67
C LEU D 131 -27.07 -21.46 33.28
N HIS D 132 -28.02 -21.32 34.19
CA HIS D 132 -29.23 -20.61 33.81
C HIS D 132 -29.12 -19.12 34.12
N PHE D 133 -28.69 -18.77 35.32
CA PHE D 133 -28.80 -17.37 35.73
C PHE D 133 -27.58 -16.52 35.40
N TYR D 134 -26.37 -17.08 35.39
CA TYR D 134 -25.17 -16.29 35.21
C TYR D 134 -24.45 -16.59 33.90
N ILE D 135 -24.06 -17.83 33.67
CA ILE D 135 -23.43 -18.20 32.42
C ILE D 135 -24.52 -18.47 31.39
N CYS D 136 -24.46 -17.78 30.25
CA CYS D 136 -25.46 -17.88 29.19
C CYS D 136 -26.88 -17.69 29.75
N ARG D 137 -27.11 -16.49 30.26
CA ARG D 137 -28.38 -16.16 30.89
C ARG D 137 -29.55 -16.40 29.96
N CYS D 138 -30.58 -17.06 30.46
CA CYS D 138 -31.73 -17.48 29.66
C CYS D 138 -32.98 -16.66 29.95
N PHE D 139 -32.84 -15.38 30.25
CA PHE D 139 -34.01 -14.55 30.48
C PHE D 139 -33.97 -13.19 29.80
N LEU D 140 -32.84 -12.76 29.28
CA LEU D 140 -32.78 -11.47 28.61
C LEU D 140 -33.64 -11.50 27.36
N PRO D 141 -34.46 -10.49 27.13
CA PRO D 141 -35.21 -10.42 25.87
C PRO D 141 -34.27 -10.21 24.70
N VAL D 142 -34.53 -10.92 23.61
CA VAL D 142 -33.67 -10.90 22.44
C VAL D 142 -34.53 -10.96 21.19
N SER D 143 -34.04 -10.33 20.12
CA SER D 143 -34.76 -10.34 18.86
C SER D 143 -34.60 -11.70 18.17
N SER D 144 -35.57 -12.03 17.33
CA SER D 144 -35.58 -13.34 16.68
C SER D 144 -34.35 -13.54 15.79
N SER D 145 -33.86 -12.47 15.18
CA SER D 145 -32.72 -12.55 14.27
C SER D 145 -31.39 -12.51 14.99
N ASP D 146 -31.36 -12.84 16.27
CA ASP D 146 -30.14 -12.74 17.07
C ASP D 146 -29.96 -13.97 17.94
N MET D 147 -30.14 -15.15 17.36
CA MET D 147 -29.88 -16.40 18.06
C MET D 147 -28.66 -17.13 17.52
N ILE D 148 -27.98 -16.56 16.52
CA ILE D 148 -26.92 -17.25 15.82
C ILE D 148 -25.58 -17.01 16.50
N ARG D 149 -25.18 -15.73 16.58
CA ARG D 149 -23.97 -15.38 17.29
C ARG D 149 -24.02 -15.88 18.73
N ASN D 150 -25.22 -15.81 19.34
CA ASN D 150 -25.37 -16.29 20.71
C ASN D 150 -25.13 -17.79 20.80
N ALA D 151 -25.63 -18.55 19.82
CA ALA D 151 -25.40 -20.00 19.82
C ALA D 151 -23.91 -20.31 19.69
N ASN D 152 -23.21 -19.57 18.83
CA ASN D 152 -21.79 -19.84 18.62
C ASN D 152 -20.98 -19.55 19.89
N LEU D 153 -21.21 -18.38 20.48
CA LEU D 153 -20.55 -18.04 21.72
C LEU D 153 -20.92 -19.03 22.83
N GLY D 154 -22.14 -19.55 22.81
CA GLY D 154 -22.52 -20.55 23.79
C GLY D 154 -21.71 -21.82 23.64
N TYR D 155 -21.48 -22.25 22.39
CA TYR D 155 -20.63 -23.41 22.19
C TYR D 155 -19.26 -23.20 22.80
N TYR D 156 -18.66 -22.03 22.53
CA TYR D 156 -17.32 -21.79 23.07
C TYR D 156 -17.32 -21.72 24.58
N LYS D 157 -18.30 -21.02 25.16
CA LYS D 157 -18.46 -20.96 26.61
C LYS D 157 -18.46 -22.36 27.21
N LEU D 158 -19.34 -23.23 26.73
CA LEU D 158 -19.51 -24.53 27.36
C LEU D 158 -18.29 -25.40 27.16
N GLU D 159 -17.67 -25.33 25.99
CA GLU D 159 -16.46 -26.12 25.75
C GLU D 159 -15.37 -25.73 26.73
N PHE D 160 -15.14 -24.44 26.94
CA PHE D 160 -14.06 -24.05 27.83
C PHE D 160 -14.43 -24.21 29.31
N LEU D 161 -15.71 -24.17 29.66
CA LEU D 161 -16.10 -24.52 31.02
C LEU D 161 -15.81 -25.99 31.32
N LYS D 162 -16.20 -26.86 30.39
CA LYS D 162 -15.84 -28.27 30.54
C LYS D 162 -14.34 -28.43 30.63
N SER D 163 -13.59 -27.58 29.94
CA SER D 163 -12.13 -27.62 30.06
C SER D 163 -11.67 -27.25 31.46
N ILE D 164 -12.24 -26.18 32.03
CA ILE D 164 -11.90 -25.79 33.40
C ILE D 164 -12.18 -26.94 34.36
N LEU D 165 -13.28 -27.65 34.14
CA LEU D 165 -13.67 -28.68 35.09
C LEU D 165 -12.81 -29.94 34.95
N THR D 166 -12.59 -30.40 33.71
CA THR D 166 -11.91 -31.67 33.52
C THR D 166 -10.41 -31.59 33.71
N GLY D 167 -9.82 -30.41 33.53
CA GLY D 167 -8.40 -30.23 33.76
C GLY D 167 -7.50 -30.38 32.56
N GLN D 168 -8.03 -30.29 31.34
CA GLN D 168 -7.21 -30.40 30.14
C GLN D 168 -7.82 -29.53 29.04
N SER D 169 -6.95 -28.81 28.33
CA SER D 169 -7.39 -27.86 27.32
C SER D 169 -8.16 -28.58 26.21
N PRO D 170 -8.99 -27.84 25.47
CA PRO D 170 -9.76 -28.47 24.40
C PRO D 170 -8.85 -29.06 23.34
N ALA D 171 -9.27 -30.21 22.79
CA ALA D 171 -8.47 -30.90 21.80
C ALA D 171 -8.28 -30.05 20.54
N ASN D 172 -9.37 -29.75 19.86
CA ASN D 172 -9.34 -29.10 18.55
C ASN D 172 -9.66 -27.62 18.72
N PHE D 173 -8.62 -26.80 18.91
CA PHE D 173 -8.82 -25.36 19.07
C PHE D 173 -7.52 -24.64 18.77
N CYS D 174 -7.53 -23.79 17.75
CA CYS D 174 -6.45 -22.86 17.47
C CYS D 174 -7.02 -21.46 17.57
N PHE D 175 -6.49 -20.66 18.50
CA PHE D 175 -7.10 -19.37 18.80
C PHE D 175 -7.12 -18.48 17.58
N LYS D 176 -5.95 -18.25 16.97
CA LYS D 176 -5.93 -17.60 15.67
C LYS D 176 -6.70 -18.46 14.66
N SER D 177 -7.29 -17.79 13.67
CA SER D 177 -8.14 -18.40 12.65
C SER D 177 -9.49 -18.79 13.23
N MET D 178 -9.65 -18.65 14.55
CA MET D 178 -10.94 -18.72 15.22
C MET D 178 -11.13 -17.43 16.00
N TRP D 179 -12.22 -17.37 16.75
CA TRP D 179 -12.51 -16.19 17.57
C TRP D 179 -12.59 -14.92 16.75
N THR D 241 -34.48 -5.60 53.43
CA THR D 241 -33.41 -6.28 52.72
C THR D 241 -32.06 -5.96 53.35
N LYS D 242 -32.05 -4.98 54.27
CA LYS D 242 -30.82 -4.57 54.94
C LYS D 242 -30.48 -5.60 56.00
N ALA D 243 -29.72 -6.62 55.59
CA ALA D 243 -29.26 -7.65 56.50
C ALA D 243 -28.12 -8.41 55.83
N ASP D 244 -26.99 -8.50 56.53
CA ASP D 244 -25.80 -9.10 55.95
C ASP D 244 -25.94 -10.61 55.84
N TYR D 245 -24.93 -11.23 55.22
CA TYR D 245 -24.81 -12.67 55.13
C TYR D 245 -23.52 -13.19 55.72
N CYS D 246 -22.64 -12.31 56.21
CA CYS D 246 -21.28 -12.70 56.58
C CYS D 246 -21.27 -13.86 57.56
N GLY D 247 -22.33 -14.03 58.33
CA GLY D 247 -22.43 -15.20 59.19
C GLY D 247 -22.41 -16.49 58.40
N LEU D 248 -23.02 -16.49 57.21
CA LEU D 248 -23.04 -17.71 56.40
C LEU D 248 -21.65 -18.06 55.89
N LEU D 249 -20.91 -17.06 55.41
CA LEU D 249 -19.56 -17.31 54.90
C LEU D 249 -18.63 -17.72 56.03
N LEU D 250 -18.62 -16.97 57.12
CA LEU D 250 -17.69 -17.28 58.21
C LEU D 250 -18.07 -18.58 58.91
N GLY D 251 -19.36 -18.94 58.89
CA GLY D 251 -19.81 -20.17 59.52
C GLY D 251 -19.20 -21.39 58.88
N THR D 252 -19.48 -21.58 57.59
CA THR D 252 -18.80 -22.62 56.82
C THR D 252 -17.42 -22.09 56.43
N TRP D 253 -16.77 -22.78 55.48
CA TRP D 253 -15.45 -22.40 54.99
C TRP D 253 -14.42 -22.43 56.12
N GLN D 254 -14.29 -23.61 56.72
CA GLN D 254 -13.17 -23.93 57.60
C GLN D 254 -12.14 -24.80 56.90
N GLY D 255 -12.17 -24.83 55.58
CA GLY D 255 -11.14 -25.49 54.81
C GLY D 255 -9.93 -24.61 54.67
N THR D 256 -9.37 -24.50 53.47
CA THR D 256 -8.17 -23.69 53.23
C THR D 256 -8.50 -22.40 52.51
N ASP D 257 -9.75 -21.95 52.55
CA ASP D 257 -10.19 -20.79 51.79
C ASP D 257 -9.77 -19.48 52.42
N LEU D 258 -9.16 -19.48 53.60
CA LEU D 258 -8.79 -18.22 54.25
C LEU D 258 -7.29 -18.03 54.35
N LEU D 259 -6.58 -18.92 55.05
CA LEU D 259 -5.12 -18.90 55.15
C LEU D 259 -4.59 -17.51 55.51
N GLY D 260 -5.39 -16.68 56.15
CA GLY D 260 -4.99 -15.32 56.44
C GLY D 260 -4.05 -15.19 57.64
N GLY D 261 -4.27 -14.15 58.43
CA GLY D 261 -3.49 -13.94 59.64
C GLY D 261 -3.74 -15.02 60.66
N PRO D 262 -4.94 -15.04 61.24
CA PRO D 262 -5.33 -16.14 62.12
C PRO D 262 -6.07 -17.24 61.34
N GLY D 263 -6.30 -18.34 62.03
CA GLY D 263 -7.00 -19.48 61.45
C GLY D 263 -7.05 -20.68 62.37
N ALA D 279 -26.94 -15.25 63.94
CA ALA D 279 -27.63 -16.52 64.10
C ALA D 279 -27.33 -17.44 62.92
N GLU D 280 -26.54 -16.94 61.96
CA GLU D 280 -26.19 -17.74 60.81
C GLU D 280 -25.08 -18.74 61.13
N LEU D 281 -24.03 -18.28 61.81
CA LEU D 281 -22.91 -19.16 62.10
C LEU D 281 -23.35 -20.38 62.92
N ALA D 282 -24.27 -20.18 63.86
CA ALA D 282 -24.73 -21.30 64.68
C ALA D 282 -25.38 -22.37 63.82
N LEU D 283 -26.20 -21.95 62.86
CA LEU D 283 -26.97 -22.89 62.05
C LEU D 283 -26.31 -23.21 60.72
N ALA D 284 -25.00 -22.99 60.60
CA ALA D 284 -24.25 -23.31 59.39
C ALA D 284 -23.19 -24.37 59.62
N ILE D 285 -23.51 -25.41 60.38
CA ILE D 285 -22.55 -26.45 60.78
C ILE D 285 -23.11 -27.80 60.34
N THR D 286 -22.65 -28.30 59.20
CA THR D 286 -22.95 -29.62 58.68
C THR D 286 -21.92 -29.95 57.61
N ARG D 287 -21.65 -31.25 57.41
CA ARG D 287 -20.64 -31.61 56.43
C ARG D 287 -20.83 -33.05 55.96
N PRO D 288 -20.69 -33.33 54.65
CA PRO D 288 -20.77 -34.71 54.18
C PRO D 288 -19.45 -35.45 54.32
N GLU D 289 -19.41 -36.70 53.84
CA GLU D 289 -18.24 -37.56 54.04
C GLU D 289 -17.76 -38.19 52.75
N ALA D 290 -18.66 -38.34 51.78
CA ALA D 290 -18.29 -38.99 50.52
C ALA D 290 -17.37 -38.13 49.66
N GLY D 291 -17.25 -36.83 49.96
CA GLY D 291 -16.46 -35.93 49.17
C GLY D 291 -15.33 -35.30 49.96
N ASP D 292 -14.51 -34.53 49.25
CA ASP D 292 -13.34 -33.89 49.83
C ASP D 292 -13.80 -32.75 50.72
N HIS D 293 -13.84 -32.98 52.03
CA HIS D 293 -14.27 -31.95 52.95
C HIS D 293 -13.18 -30.94 53.27
N SER D 294 -12.10 -30.92 52.50
CA SER D 294 -11.07 -29.90 52.66
C SER D 294 -11.19 -28.77 51.65
N GLN D 295 -11.83 -29.02 50.51
CA GLN D 295 -12.02 -27.99 49.49
C GLN D 295 -13.36 -27.28 49.61
N GLY D 296 -14.29 -27.82 50.39
CA GLY D 296 -15.57 -27.18 50.60
C GLY D 296 -16.48 -27.25 49.40
N PRO D 297 -17.62 -26.58 49.47
CA PRO D 297 -18.58 -26.62 48.36
C PRO D 297 -18.06 -25.92 47.12
N CYS D 298 -17.17 -26.58 46.39
CA CYS D 298 -16.56 -25.96 45.23
C CYS D 298 -17.56 -25.72 44.11
N LEU D 299 -18.43 -26.70 43.85
CA LEU D 299 -19.27 -26.66 42.66
C LEU D 299 -20.26 -25.51 42.63
N LEU D 300 -20.35 -24.70 43.69
CA LEU D 300 -21.15 -23.48 43.62
C LEU D 300 -20.35 -22.32 43.05
N ALA D 301 -19.04 -22.32 43.23
CA ALA D 301 -18.15 -21.25 42.78
C ALA D 301 -18.19 -21.15 41.26
N PRO D 302 -17.69 -20.07 40.67
CA PRO D 302 -17.60 -20.00 39.20
C PRO D 302 -16.32 -20.59 38.62
N MET D 303 -15.51 -21.27 39.43
CA MET D 303 -14.30 -21.91 38.95
C MET D 303 -14.29 -23.41 39.22
N PHE D 304 -15.28 -23.94 39.92
CA PHE D 304 -15.43 -25.38 40.14
C PHE D 304 -14.17 -25.98 40.76
N GLY D 305 -13.66 -25.33 41.79
CA GLY D 305 -12.50 -25.87 42.47
C GLY D 305 -11.78 -24.79 43.25
N LEU D 306 -10.91 -25.24 44.16
CA LEU D 306 -10.13 -24.35 45.01
C LEU D 306 -8.67 -24.79 44.94
N ARG D 307 -7.95 -24.30 43.94
CA ARG D 307 -6.51 -24.46 43.84
C ARG D 307 -5.86 -23.11 44.12
N HIS D 308 -4.67 -23.13 44.72
CA HIS D 308 -4.03 -21.87 45.06
C HIS D 308 -2.53 -21.95 44.87
N LYS D 309 -1.97 -20.85 44.37
CA LYS D 309 -0.56 -20.69 44.05
C LYS D 309 -0.14 -19.29 44.47
N ASN D 310 1.04 -19.18 45.08
CA ASN D 310 1.57 -17.91 45.56
C ASN D 310 0.61 -17.25 46.54
N ALA D 311 -0.02 -18.06 47.38
CA ALA D 311 -0.95 -17.58 48.42
C ALA D 311 -2.11 -16.79 47.82
N SER D 312 -2.56 -17.17 46.63
CA SER D 312 -3.76 -16.63 46.04
C SER D 312 -4.58 -17.78 45.46
N ARG D 313 -5.88 -17.76 45.69
CA ARG D 313 -6.74 -18.90 45.39
C ARG D 313 -7.73 -18.56 44.29
N THR D 314 -8.48 -19.57 43.85
CA THR D 314 -9.44 -19.43 42.77
C THR D 314 -10.84 -19.13 43.25
N ILE D 315 -11.02 -18.84 44.53
CA ILE D 315 -12.30 -18.39 45.07
C ILE D 315 -11.99 -17.09 45.82
N CYS D 316 -12.10 -15.98 45.12
CA CYS D 316 -11.70 -14.69 45.67
C CYS D 316 -12.64 -14.29 46.79
N PRO D 317 -12.21 -14.32 48.06
CA PRO D 317 -13.14 -13.99 49.15
C PRO D 317 -13.68 -12.58 49.07
N LEU D 318 -12.90 -11.63 48.55
CA LEU D 318 -13.40 -10.29 48.39
C LEU D 318 -14.65 -10.27 47.50
N CYS D 319 -14.72 -11.17 46.53
CA CYS D 319 -15.91 -11.27 45.69
C CYS D 319 -17.09 -11.91 46.42
N GLU D 320 -16.86 -12.54 47.57
CA GLU D 320 -17.98 -12.88 48.44
C GLU D 320 -18.41 -11.67 49.27
N SER D 321 -17.45 -10.95 49.82
CA SER D 321 -17.80 -9.74 50.56
C SER D 321 -18.60 -8.77 49.72
N LEU D 322 -18.28 -8.66 48.43
CA LEU D 322 -19.04 -7.77 47.56
C LEU D 322 -20.52 -8.14 47.53
N GLY D 323 -20.86 -9.38 47.83
CA GLY D 323 -22.24 -9.80 47.71
C GLY D 323 -22.89 -10.14 49.03
N ALA D 324 -22.14 -10.09 50.13
CA ALA D 324 -22.68 -10.49 51.42
C ALA D 324 -22.74 -9.34 52.43
N HIS D 325 -22.58 -8.09 51.98
CA HIS D 325 -22.62 -6.97 52.92
C HIS D 325 -22.77 -5.67 52.13
N PRO D 326 -23.50 -4.69 52.65
CA PRO D 326 -23.72 -3.46 51.89
C PRO D 326 -22.51 -2.53 51.86
N ASP D 327 -21.70 -2.55 52.92
CA ASP D 327 -20.59 -1.63 53.05
C ASP D 327 -19.27 -2.21 52.53
N ALA D 328 -19.31 -3.13 51.57
CA ALA D 328 -18.10 -3.79 51.12
C ALA D 328 -17.50 -3.15 49.88
N LYS D 329 -18.33 -2.87 48.87
CA LYS D 329 -17.80 -2.26 47.66
C LYS D 329 -17.21 -0.88 47.95
N ASP D 330 -17.86 -0.11 48.80
CA ASP D 330 -17.33 1.22 49.14
C ASP D 330 -16.06 1.11 49.98
N THR D 331 -16.00 0.13 50.88
CA THR D 331 -14.79 -0.08 51.65
C THR D 331 -13.62 -0.43 50.74
N LEU D 332 -13.85 -1.30 49.75
CA LEU D 332 -12.76 -1.65 48.85
C LEU D 332 -12.38 -0.48 47.95
N ASP D 333 -13.35 0.35 47.55
CA ASP D 333 -13.00 1.54 46.78
C ASP D 333 -12.14 2.49 47.60
N ARG D 334 -12.49 2.69 48.86
CA ARG D 334 -11.67 3.52 49.74
C ARG D 334 -10.28 2.94 49.92
N PHE D 335 -10.19 1.62 50.05
CA PHE D 335 -8.88 0.97 50.18
C PHE D 335 -8.03 1.19 48.94
N LYS D 336 -8.64 1.05 47.76
CA LYS D 336 -7.90 1.27 46.53
C LYS D 336 -7.43 2.71 46.41
N SER D 337 -8.29 3.66 46.81
CA SER D 337 -7.88 5.07 46.76
C SER D 337 -6.72 5.33 47.72
N LEU D 338 -6.77 4.74 48.91
CA LEU D 338 -5.65 4.86 49.84
C LEU D 338 -4.36 4.33 49.24
N ILE D 339 -4.41 3.13 48.65
CA ILE D 339 -3.23 2.55 48.04
C ILE D 339 -2.66 3.49 46.98
N LEU D 340 -3.54 3.98 46.09
CA LEU D 340 -3.05 4.77 44.97
C LEU D 340 -2.52 6.12 45.39
N ASP D 341 -3.06 6.71 46.48
CA ASP D 341 -2.80 8.11 46.78
C ASP D 341 -1.90 8.35 47.98
N SER D 342 -1.73 7.38 48.88
CA SER D 342 -1.04 7.63 50.14
C SER D 342 0.43 7.26 50.09
N PHE D 343 1.08 7.39 48.94
CA PHE D 343 2.51 7.14 48.83
C PHE D 343 3.09 7.96 47.70
N GLY D 344 4.35 8.34 47.86
CA GLY D 344 5.02 9.12 46.84
C GLY D 344 6.17 8.40 46.18
N ASN D 345 6.76 7.43 46.90
CA ASN D 345 7.88 6.69 46.36
C ASN D 345 7.41 5.75 45.26
N ASN D 346 8.35 5.03 44.68
CA ASN D 346 8.04 3.97 43.72
C ASN D 346 8.08 2.60 44.41
N ILE D 347 7.18 2.40 45.36
CA ILE D 347 7.07 1.13 46.05
C ILE D 347 6.09 0.26 45.28
N LYS D 348 6.43 -1.03 45.12
CA LYS D 348 5.54 -1.94 44.42
C LYS D 348 4.21 -2.06 45.14
N ILE D 349 3.16 -2.37 44.36
CA ILE D 349 1.80 -2.29 44.89
C ILE D 349 1.55 -3.34 45.96
N LEU D 350 2.15 -4.52 45.83
CA LEU D 350 2.02 -5.51 46.88
C LEU D 350 2.62 -5.01 48.18
N ASP D 351 3.72 -4.26 48.10
CA ASP D 351 4.32 -3.71 49.31
C ASP D 351 3.43 -2.63 49.92
N ARG D 352 2.83 -1.78 49.09
CA ARG D 352 1.89 -0.80 49.61
C ARG D 352 0.75 -1.48 50.35
N ILE D 353 0.24 -2.58 49.80
CA ILE D 353 -0.85 -3.29 50.47
C ILE D 353 -0.37 -3.88 51.79
N VAL D 354 0.80 -4.52 51.79
CA VAL D 354 1.29 -5.14 53.01
C VAL D 354 1.51 -4.10 54.10
N PHE D 355 1.99 -2.92 53.71
CA PHE D 355 2.24 -1.88 54.72
C PHE D 355 0.94 -1.29 55.24
N LEU D 356 0.00 -0.97 54.33
CA LEU D 356 -1.28 -0.44 54.77
C LEU D 356 -2.03 -1.42 55.65
N ILE D 357 -1.80 -2.71 55.48
CA ILE D 357 -2.49 -3.67 56.33
C ILE D 357 -1.72 -3.92 57.63
N LYS D 358 -0.40 -3.78 57.61
CA LYS D 358 0.41 -4.19 58.76
C LYS D 358 0.57 -3.06 59.78
N THR D 359 1.16 -1.94 59.39
CA THR D 359 1.53 -0.92 60.36
C THR D 359 0.32 -0.03 60.72
N GLN D 360 -0.20 0.72 59.75
CA GLN D 360 -1.34 1.59 59.99
C GLN D 360 -2.59 0.79 59.65
N ASN D 361 -3.02 -0.03 60.61
CA ASN D 361 -4.12 -0.96 60.40
C ASN D 361 -5.36 -0.21 59.89
N THR D 362 -5.73 -0.49 58.65
CA THR D 362 -6.95 0.05 58.06
C THR D 362 -8.07 -0.96 58.02
N LEU D 363 -7.84 -2.16 58.56
CA LEU D 363 -8.87 -3.19 58.65
C LEU D 363 -9.47 -3.29 60.04
N LEU D 364 -9.38 -2.22 60.82
CA LEU D 364 -10.07 -2.12 62.10
C LEU D 364 -11.18 -1.08 62.11
N ASP D 365 -11.01 0.03 61.38
CA ASP D 365 -12.03 1.06 61.29
C ASP D 365 -13.09 0.68 60.26
N VAL D 366 -13.74 -0.45 60.51
CA VAL D 366 -14.84 -0.94 59.68
C VAL D 366 -16.04 -1.15 60.60
N PRO D 367 -17.24 -0.69 60.21
CA PRO D 367 -18.39 -0.77 61.11
C PRO D 367 -18.74 -2.17 61.59
N CYS D 368 -19.04 -3.07 60.66
CA CYS D 368 -19.48 -4.40 61.04
C CYS D 368 -18.34 -5.17 61.71
N PRO D 369 -18.61 -5.86 62.80
CA PRO D 369 -17.56 -6.70 63.40
C PRO D 369 -17.30 -7.95 62.59
N ARG D 370 -18.36 -8.53 62.02
CA ARG D 370 -18.19 -9.74 61.22
C ARG D 370 -17.46 -9.44 59.92
N LEU D 371 -17.72 -8.27 59.33
CA LEU D 371 -17.02 -7.91 58.10
C LEU D 371 -15.53 -7.83 58.34
N ARG D 372 -15.09 -6.92 59.21
CA ARG D 372 -13.66 -6.81 59.45
C ARG D 372 -13.08 -7.99 60.22
N ALA D 373 -13.91 -8.92 60.68
CA ALA D 373 -13.38 -10.17 61.22
C ALA D 373 -13.12 -11.19 60.14
N TRP D 374 -13.92 -11.18 59.08
CA TRP D 374 -13.70 -12.06 57.93
C TRP D 374 -12.82 -11.43 56.87
N LEU D 375 -12.49 -10.15 57.02
CA LEU D 375 -11.68 -9.42 56.04
C LEU D 375 -10.22 -9.35 56.43
N GLN D 376 -9.93 -9.21 57.73
CA GLN D 376 -8.55 -9.15 58.20
C GLN D 376 -7.89 -10.51 58.24
N MET D 377 -8.50 -11.53 57.66
CA MET D 377 -7.87 -12.84 57.49
C MET D 377 -7.74 -13.16 56.01
N CYS D 378 -7.41 -12.15 55.21
CA CYS D 378 -7.18 -12.30 53.78
C CYS D 378 -5.77 -11.84 53.46
N THR D 379 -4.95 -12.77 52.95
CA THR D 379 -3.56 -12.46 52.67
C THR D 379 -3.45 -11.29 51.68
N PRO D 380 -2.45 -10.44 51.85
CA PRO D 380 -2.35 -9.24 50.99
C PRO D 380 -2.24 -9.58 49.51
N GLN D 381 -1.68 -10.73 49.17
CA GLN D 381 -1.67 -11.13 47.76
C GLN D 381 -3.09 -11.21 47.21
N ASP D 382 -4.05 -11.57 48.05
CA ASP D 382 -5.44 -11.66 47.59
C ASP D 382 -6.01 -10.26 47.32
N PHE D 383 -5.74 -9.31 48.21
CA PHE D 383 -6.13 -7.92 47.95
C PHE D 383 -5.52 -7.44 46.64
N HIS D 384 -4.23 -7.71 46.44
CA HIS D 384 -3.58 -7.28 45.20
C HIS D 384 -4.26 -7.88 43.99
N LYS D 385 -4.45 -9.20 43.98
CA LYS D 385 -5.11 -9.86 42.87
C LYS D 385 -6.45 -9.21 42.58
N HIS D 386 -7.34 -9.20 43.58
CA HIS D 386 -8.70 -8.71 43.35
C HIS D 386 -8.71 -7.27 42.87
N LEU D 387 -7.88 -6.41 43.46
CA LEU D 387 -8.01 -5.00 43.17
C LEU D 387 -7.36 -4.62 41.85
N PHE D 388 -6.17 -5.14 41.55
CA PHE D 388 -5.41 -4.63 40.42
C PHE D 388 -5.14 -5.64 39.31
N CYS D 389 -5.37 -6.94 39.50
CA CYS D 389 -4.85 -7.92 38.57
C CYS D 389 -5.93 -8.68 37.80
N ASP D 390 -6.83 -9.35 38.49
CA ASP D 390 -7.67 -10.35 37.82
C ASP D 390 -8.78 -9.68 37.02
N PRO D 391 -9.13 -10.23 35.85
CA PRO D 391 -10.20 -9.62 35.05
C PRO D 391 -11.60 -9.95 35.56
N LEU D 392 -11.81 -11.17 36.03
CA LEU D 392 -13.13 -11.54 36.54
C LEU D 392 -13.46 -10.73 37.79
N CYS D 393 -12.47 -10.48 38.63
CA CYS D 393 -12.71 -9.64 39.80
C CYS D 393 -13.02 -8.21 39.40
N ALA D 394 -12.42 -7.72 38.32
CA ALA D 394 -12.78 -6.40 37.83
C ALA D 394 -14.21 -6.37 37.31
N ILE D 395 -14.63 -7.41 36.58
CA ILE D 395 -16.00 -7.48 36.11
C ILE D 395 -16.96 -7.48 37.29
N ASN D 396 -16.66 -8.27 38.33
CA ASN D 396 -17.51 -8.28 39.52
C ASN D 396 -17.56 -6.90 40.17
N HIS D 397 -16.41 -6.31 40.45
CA HIS D 397 -16.35 -5.01 41.08
C HIS D 397 -17.04 -3.93 40.27
N SER D 398 -17.19 -4.13 38.96
CA SER D 398 -17.79 -3.10 38.11
C SER D 398 -19.22 -3.43 37.69
N ILE D 399 -19.74 -4.60 38.02
CA ILE D 399 -21.11 -4.94 37.66
C ILE D 399 -22.04 -4.99 38.86
N THR D 400 -21.53 -5.24 40.06
CA THR D 400 -22.40 -5.29 41.22
C THR D 400 -22.92 -3.89 41.54
N ASN D 401 -23.93 -3.84 42.41
CA ASN D 401 -24.62 -2.58 42.70
C ASN D 401 -25.34 -2.71 44.03
N PRO D 402 -24.64 -2.60 45.15
CA PRO D 402 -25.22 -3.00 46.44
C PRO D 402 -26.41 -2.16 46.87
N SER D 403 -26.73 -1.07 46.19
CA SER D 403 -27.95 -0.33 46.52
C SER D 403 -29.18 -1.10 46.06
N VAL D 404 -29.05 -1.90 45.01
CA VAL D 404 -30.17 -2.71 44.54
C VAL D 404 -30.33 -3.95 45.39
N LEU D 405 -29.25 -4.50 45.91
CA LEU D 405 -29.33 -5.72 46.70
C LEU D 405 -29.64 -5.44 48.16
N PHE D 406 -29.28 -4.29 48.68
CA PHE D 406 -29.50 -3.98 50.08
C PHE D 406 -30.17 -2.62 50.25
N GLY D 407 -31.13 -2.31 49.38
CA GLY D 407 -31.83 -1.05 49.47
C GLY D 407 -33.32 -1.18 49.26
N GLN D 408 -34.10 -0.40 49.98
CA GLN D 408 -35.54 -0.42 49.83
C GLN D 408 -35.95 0.34 48.59
N ILE D 409 -37.11 -0.03 48.04
CA ILE D 409 -37.64 0.56 46.83
C ILE D 409 -38.88 1.37 47.18
N TYR D 410 -39.02 2.53 46.52
CA TYR D 410 -40.15 3.43 46.71
C TYR D 410 -41.46 2.70 46.46
N PRO D 411 -42.26 2.45 47.50
CA PRO D 411 -43.46 1.60 47.34
C PRO D 411 -44.43 2.13 46.28
N PRO D 412 -44.64 3.44 46.16
CA PRO D 412 -45.57 3.91 45.11
C PRO D 412 -45.19 3.50 43.69
N SER D 413 -43.95 3.08 43.45
CA SER D 413 -43.52 2.67 42.12
C SER D 413 -43.24 1.17 42.04
N PHE D 414 -43.50 0.42 43.10
CA PHE D 414 -43.11 -0.98 43.16
C PHE D 414 -43.87 -1.82 42.14
N GLN D 415 -45.20 -1.69 42.12
CA GLN D 415 -46.00 -2.49 41.19
C GLN D 415 -45.74 -2.09 39.76
N ALA D 416 -45.53 -0.80 39.50
CA ALA D 416 -45.19 -0.36 38.16
C ALA D 416 -43.88 -0.97 37.70
N PHE D 417 -42.87 -1.01 38.59
CA PHE D 417 -41.60 -1.60 38.22
C PHE D 417 -41.73 -3.10 37.97
N LYS D 418 -42.46 -3.79 38.85
CA LYS D 418 -42.70 -5.22 38.66
C LYS D 418 -43.33 -5.49 37.30
N ALA D 419 -44.37 -4.73 36.96
CA ALA D 419 -45.05 -4.96 35.68
C ALA D 419 -44.13 -4.63 34.50
N ALA D 420 -43.35 -3.56 34.61
CA ALA D 420 -42.43 -3.23 33.53
C ALA D 420 -41.39 -4.32 33.33
N LEU D 421 -40.95 -4.95 34.42
CA LEU D 421 -40.01 -6.05 34.30
C LEU D 421 -40.67 -7.27 33.67
N ALA D 422 -41.91 -7.57 34.07
CA ALA D 422 -42.62 -8.71 33.51
C ALA D 422 -42.69 -8.63 32.00
N ALA D 423 -42.94 -7.43 31.46
CA ALA D 423 -42.99 -7.24 30.02
C ALA D 423 -41.62 -7.21 29.37
N GLY D 424 -40.53 -7.32 30.14
CA GLY D 424 -39.21 -7.28 29.56
C GLY D 424 -38.83 -5.90 29.05
N GLN D 425 -38.65 -4.94 29.96
CA GLN D 425 -38.39 -3.56 29.59
C GLN D 425 -37.11 -2.99 30.17
N ASN D 426 -36.63 -3.49 31.30
CA ASN D 426 -35.47 -2.90 31.96
C ASN D 426 -34.30 -3.88 32.10
N LEU D 427 -34.44 -5.11 31.60
CA LEU D 427 -33.39 -6.12 31.74
C LEU D 427 -32.26 -5.80 30.76
N GLU D 428 -31.35 -4.94 31.20
CA GLU D 428 -30.20 -4.56 30.39
C GLU D 428 -29.13 -5.64 30.50
N GLN D 429 -28.44 -5.88 29.37
CA GLN D 429 -27.53 -7.01 29.27
C GLN D 429 -26.45 -6.97 30.35
N GLY D 430 -26.04 -5.79 30.79
CA GLY D 430 -24.97 -5.69 31.75
C GLY D 430 -23.62 -5.67 31.06
N VAL D 431 -22.93 -6.80 31.03
CA VAL D 431 -21.68 -6.93 30.33
C VAL D 431 -21.94 -7.56 28.97
N CYS D 432 -20.97 -7.44 28.07
CA CYS D 432 -21.06 -8.08 26.77
C CYS D 432 -21.06 -9.59 26.94
N ASP D 433 -21.15 -10.30 25.83
CA ASP D 433 -21.06 -11.75 25.87
C ASP D 433 -19.72 -12.28 25.40
N SER D 434 -19.09 -11.59 24.46
CA SER D 434 -17.74 -11.97 24.05
C SER D 434 -16.75 -11.77 25.19
N LEU D 435 -16.97 -10.74 26.01
CA LEU D 435 -16.07 -10.48 27.14
C LEU D 435 -16.10 -11.61 28.14
N ILE D 436 -17.30 -12.12 28.45
CA ILE D 436 -17.39 -13.22 29.41
C ILE D 436 -16.73 -14.47 28.86
N THR D 437 -16.97 -14.77 27.58
CA THR D 437 -16.33 -15.94 26.98
C THR D 437 -14.81 -15.81 27.01
N LEU D 438 -14.30 -14.60 26.73
CA LEU D 438 -12.86 -14.41 26.75
C LEU D 438 -12.30 -14.55 28.16
N VAL D 439 -13.03 -14.05 29.16
CA VAL D 439 -12.57 -14.18 30.54
C VAL D 439 -12.51 -15.65 30.94
N TYR D 440 -13.51 -16.43 30.51
CA TYR D 440 -13.49 -17.85 30.88
C TYR D 440 -12.37 -18.59 30.16
N ILE D 441 -12.09 -18.24 28.91
CA ILE D 441 -10.94 -18.81 28.21
C ILE D 441 -9.66 -18.50 28.98
N PHE D 442 -9.51 -17.26 29.44
CA PHE D 442 -8.31 -16.87 30.16
C PHE D 442 -8.17 -17.64 31.46
N LYS D 443 -9.25 -17.77 32.23
CA LYS D 443 -9.18 -18.52 33.47
C LYS D 443 -8.88 -19.99 33.20
N SER D 444 -9.39 -20.53 32.10
CA SER D 444 -9.09 -21.91 31.75
C SER D 444 -7.61 -22.13 31.50
N THR D 445 -7.00 -21.27 30.67
CA THR D 445 -5.56 -21.42 30.45
C THR D 445 -4.75 -21.08 31.69
N GLN D 446 -5.29 -20.29 32.61
CA GLN D 446 -4.57 -19.96 33.83
C GLN D 446 -4.60 -21.11 34.83
N VAL D 447 -5.67 -21.90 34.85
CA VAL D 447 -5.83 -22.95 35.85
C VAL D 447 -5.28 -24.28 35.34
N ALA D 448 -5.80 -24.75 34.21
CA ALA D 448 -5.46 -26.07 33.70
C ALA D 448 -4.14 -26.01 32.92
N ARG D 449 -3.81 -27.08 32.21
CA ARG D 449 -2.64 -27.11 31.36
C ARG D 449 -2.95 -26.43 30.03
N VAL D 450 -1.88 -25.98 29.36
CA VAL D 450 -2.02 -25.21 28.13
C VAL D 450 -0.68 -25.22 27.41
N GLY D 451 -0.72 -24.94 26.10
CA GLY D 451 0.50 -24.79 25.32
C GLY D 451 1.12 -23.42 25.51
N LYS D 452 1.71 -22.89 24.45
CA LYS D 452 2.29 -21.54 24.49
C LYS D 452 1.66 -20.60 23.48
N THR D 453 1.54 -21.01 22.23
CA THR D 453 1.07 -20.11 21.18
C THR D 453 -0.38 -19.67 21.38
N ILE D 454 -1.10 -20.27 22.32
CA ILE D 454 -2.44 -19.85 22.66
C ILE D 454 -2.46 -18.89 23.84
N LEU D 455 -1.56 -19.11 24.80
CA LEU D 455 -1.49 -18.23 25.97
C LEU D 455 -1.04 -16.83 25.56
N VAL D 456 0.08 -16.74 24.82
CA VAL D 456 0.63 -15.44 24.45
C VAL D 456 -0.34 -14.63 23.62
N ASP D 457 -1.28 -15.28 22.94
CA ASP D 457 -2.23 -14.58 22.09
C ASP D 457 -3.51 -14.21 22.80
N VAL D 458 -4.05 -15.10 23.64
CA VAL D 458 -5.21 -14.75 24.44
C VAL D 458 -4.87 -13.62 25.39
N THR D 459 -3.63 -13.56 25.86
CA THR D 459 -3.23 -12.45 26.71
C THR D 459 -3.35 -11.12 25.98
N LYS D 460 -2.81 -11.04 24.76
CA LYS D 460 -2.88 -9.82 23.99
C LYS D 460 -4.33 -9.43 23.70
N GLU D 461 -5.14 -10.40 23.29
CA GLU D 461 -6.53 -10.10 22.97
C GLU D 461 -7.29 -9.63 24.19
N LEU D 462 -7.08 -10.27 25.34
CA LEU D 462 -7.74 -9.83 26.57
C LEU D 462 -7.31 -8.43 26.94
N ASP D 463 -6.02 -8.11 26.78
CA ASP D 463 -5.56 -6.76 27.06
C ASP D 463 -6.31 -5.74 26.23
N VAL D 464 -6.36 -5.97 24.91
CA VAL D 464 -7.00 -4.97 24.04
C VAL D 464 -8.48 -4.85 24.38
N VAL D 465 -9.17 -5.97 24.60
CA VAL D 465 -10.61 -5.91 24.85
C VAL D 465 -10.90 -5.22 26.18
N LEU D 466 -10.11 -5.52 27.20
CA LEU D 466 -10.32 -4.87 28.49
C LEU D 466 -10.06 -3.39 28.41
N ARG D 467 -9.02 -2.97 27.67
CA ARG D 467 -8.76 -1.55 27.53
C ARG D 467 -9.91 -0.86 26.80
N ILE D 468 -10.48 -1.53 25.79
CA ILE D 468 -11.62 -0.95 25.07
C ILE D 468 -12.81 -0.78 26.01
N HIS D 469 -13.14 -1.82 26.75
CA HIS D 469 -14.36 -1.81 27.56
C HIS D 469 -14.30 -0.85 28.74
N GLY D 470 -13.16 -0.23 28.99
CA GLY D 470 -13.10 0.79 30.02
C GLY D 470 -12.63 0.29 31.37
N LEU D 471 -11.54 -0.48 31.38
CA LEU D 471 -10.92 -0.97 32.59
C LEU D 471 -9.43 -0.67 32.53
N ASP D 472 -8.76 -0.85 33.67
CA ASP D 472 -7.33 -0.53 33.76
C ASP D 472 -6.70 -1.50 34.75
N LEU D 473 -6.12 -2.57 34.24
CA LEU D 473 -5.44 -3.57 35.03
C LEU D 473 -4.01 -3.73 34.51
N VAL D 474 -3.18 -4.41 35.31
CA VAL D 474 -1.82 -4.66 34.86
C VAL D 474 -1.84 -5.60 33.65
N GLN D 475 -0.71 -5.64 32.94
CA GLN D 475 -0.56 -6.55 31.81
C GLN D 475 -0.90 -7.97 32.24
N SER D 476 -1.60 -8.69 31.37
CA SER D 476 -2.23 -9.94 31.80
C SER D 476 -1.27 -11.12 31.81
N TYR D 477 -0.16 -11.05 31.09
CA TYR D 477 0.79 -12.17 31.11
C TYR D 477 1.36 -12.37 32.52
N GLN D 478 1.74 -11.28 33.18
CA GLN D 478 2.22 -11.36 34.55
C GLN D 478 1.20 -12.03 35.44
N THR D 479 -0.01 -11.47 35.51
CA THR D 479 -1.04 -12.03 36.37
C THR D 479 -1.54 -13.37 35.88
N SER D 480 -1.06 -13.87 34.75
CA SER D 480 -1.32 -15.24 34.35
C SER D 480 -0.23 -16.19 34.80
N GLN D 481 1.00 -15.69 34.96
CA GLN D 481 2.10 -16.53 35.41
C GLN D 481 2.35 -16.48 36.90
N VAL D 482 1.83 -15.47 37.60
CA VAL D 482 2.12 -15.29 39.02
C VAL D 482 1.01 -15.87 39.88
N TYR D 483 -0.20 -15.36 39.70
CA TYR D 483 -1.35 -15.79 40.49
C TYR D 483 -2.13 -16.86 39.75
N VAL D 484 -2.91 -17.61 40.50
CA VAL D 484 -3.77 -18.65 39.92
C VAL D 484 -5.21 -18.28 40.23
N ASP E 3 -49.48 -39.04 -20.98
CA ASP E 3 -49.85 -40.35 -20.46
C ASP E 3 -48.95 -40.77 -19.31
N PHE E 4 -47.65 -40.56 -19.48
CA PHE E 4 -46.65 -40.89 -18.48
C PHE E 4 -46.21 -39.62 -17.76
N VAL E 5 -46.17 -39.68 -16.43
CA VAL E 5 -45.72 -38.55 -15.62
C VAL E 5 -44.94 -39.11 -14.44
N PRO E 6 -43.75 -38.58 -14.13
CA PRO E 6 -42.93 -39.15 -13.06
C PRO E 6 -43.49 -38.90 -11.66
N TRP E 7 -42.94 -39.60 -10.68
CA TRP E 7 -43.33 -39.50 -9.28
C TRP E 7 -44.77 -39.95 -9.03
N THR E 8 -45.34 -40.71 -9.95
CA THR E 8 -46.64 -41.33 -9.74
C THR E 8 -46.43 -42.67 -9.04
N VAL E 9 -47.08 -42.85 -7.88
CA VAL E 9 -46.78 -44.01 -7.06
C VAL E 9 -47.17 -45.31 -7.76
N ASP E 10 -48.09 -45.25 -8.71
CA ASP E 10 -48.50 -46.47 -9.41
C ASP E 10 -47.35 -47.07 -10.20
N ASN E 11 -46.55 -46.21 -10.85
CA ASN E 11 -45.42 -46.69 -11.63
C ASN E 11 -44.40 -47.43 -10.78
N LEU E 12 -44.41 -47.21 -9.47
CA LEU E 12 -43.56 -47.97 -8.56
C LEU E 12 -44.27 -49.16 -7.95
N LYS E 13 -45.57 -49.06 -7.73
CA LYS E 13 -46.32 -50.15 -7.12
C LYS E 13 -46.46 -51.34 -8.05
N SER E 14 -46.24 -51.16 -9.34
CA SER E 14 -46.36 -52.25 -10.30
C SER E 14 -45.03 -52.84 -10.73
N GLN E 15 -43.94 -52.53 -10.02
CA GLN E 15 -42.62 -53.02 -10.39
C GLN E 15 -41.84 -53.45 -9.15
N PHE E 16 -42.51 -54.18 -8.26
CA PHE E 16 -41.87 -54.57 -7.01
C PHE E 16 -40.76 -55.59 -7.23
N GLU E 17 -40.86 -56.37 -8.30
CA GLU E 17 -39.80 -57.34 -8.59
C GLU E 17 -38.49 -56.64 -8.91
N ALA E 18 -38.52 -55.36 -9.27
CA ALA E 18 -37.32 -54.61 -9.57
C ALA E 18 -36.82 -53.83 -8.36
N VAL E 19 -37.72 -53.15 -7.65
CA VAL E 19 -37.29 -52.41 -6.47
C VAL E 19 -36.79 -53.36 -5.40
N GLY E 20 -37.32 -54.59 -5.36
CA GLY E 20 -36.80 -55.57 -4.43
C GLY E 20 -35.33 -55.89 -4.70
N LEU E 21 -35.00 -56.14 -5.97
CA LEU E 21 -33.62 -56.43 -6.31
C LEU E 21 -32.71 -55.22 -6.14
N LEU E 22 -33.25 -54.01 -6.37
CA LEU E 22 -32.44 -52.82 -6.17
C LEU E 22 -32.11 -52.61 -4.70
N MET E 23 -33.14 -52.66 -3.84
CA MET E 23 -32.90 -52.52 -2.42
C MET E 23 -32.19 -53.72 -1.81
N ALA E 24 -32.10 -54.84 -2.52
CA ALA E 24 -31.37 -55.98 -2.00
C ALA E 24 -29.89 -55.93 -2.36
N HIS E 25 -29.54 -55.30 -3.49
CA HIS E 25 -28.16 -55.17 -3.92
C HIS E 25 -27.54 -53.85 -3.46
N SER E 26 -28.02 -53.28 -2.36
CA SER E 26 -27.48 -52.01 -1.90
C SER E 26 -27.34 -51.97 -0.38
N TYR E 27 -27.06 -53.12 0.23
CA TYR E 27 -26.74 -53.19 1.65
C TYR E 27 -25.23 -53.21 1.81
N LEU E 28 -24.73 -52.52 2.83
CA LEU E 28 -23.32 -52.61 3.14
C LEU E 28 -22.99 -54.00 3.67
N PRO E 29 -21.75 -54.45 3.51
CA PRO E 29 -21.43 -55.83 3.88
C PRO E 29 -21.64 -56.08 5.37
N ALA E 30 -22.20 -57.26 5.68
CA ALA E 30 -22.49 -57.62 7.05
C ALA E 30 -21.24 -57.55 7.92
N ASN E 31 -20.24 -58.35 7.58
CA ASN E 31 -18.96 -58.26 8.25
C ASN E 31 -18.28 -56.93 7.93
N ALA E 32 -17.58 -56.39 8.92
CA ALA E 32 -16.83 -55.15 8.70
C ALA E 32 -15.82 -55.32 7.58
N GLU E 33 -14.92 -56.30 7.72
CA GLU E 33 -14.08 -56.69 6.61
C GLU E 33 -14.94 -57.25 5.49
N GLU E 34 -14.57 -56.94 4.24
CA GLU E 34 -15.41 -57.26 3.09
C GLU E 34 -15.69 -58.74 2.94
N GLY E 35 -14.99 -59.61 3.66
CA GLY E 35 -15.15 -61.04 3.48
C GLY E 35 -14.13 -61.58 2.50
N ILE E 36 -14.55 -61.75 1.25
CA ILE E 36 -13.61 -62.07 0.18
C ILE E 36 -13.63 -60.92 -0.83
N ALA E 37 -14.79 -60.71 -1.45
CA ALA E 37 -14.98 -59.54 -2.31
C ALA E 37 -16.48 -59.33 -2.44
N TYR E 38 -17.01 -58.30 -1.80
CA TYR E 38 -18.43 -58.01 -1.87
C TYR E 38 -18.74 -57.36 -3.22
N PRO E 39 -19.57 -57.96 -4.06
CA PRO E 39 -19.74 -57.48 -5.43
C PRO E 39 -20.25 -56.05 -5.51
N PRO E 40 -21.27 -55.65 -4.73
CA PRO E 40 -21.70 -54.25 -4.83
C PRO E 40 -20.60 -53.25 -4.50
N LEU E 41 -19.81 -53.51 -3.47
CA LEU E 41 -18.77 -52.57 -3.09
C LEU E 41 -17.70 -52.47 -4.17
N VAL E 42 -17.30 -53.60 -4.77
CA VAL E 42 -16.26 -53.52 -5.78
C VAL E 42 -16.79 -52.84 -7.03
N HIS E 43 -18.06 -53.07 -7.37
CA HIS E 43 -18.64 -52.36 -8.51
C HIS E 43 -18.71 -50.86 -8.24
N THR E 44 -19.04 -50.48 -7.01
CA THR E 44 -19.06 -49.06 -6.67
C THR E 44 -17.67 -48.46 -6.77
N TYR E 45 -16.67 -49.14 -6.21
CA TYR E 45 -15.30 -48.63 -6.30
C TYR E 45 -14.83 -48.52 -7.73
N GLU E 46 -15.34 -49.39 -8.61
CA GLU E 46 -15.03 -49.22 -10.03
C GLU E 46 -15.77 -48.04 -10.64
N SER E 47 -16.97 -47.74 -10.13
CA SER E 47 -17.76 -46.65 -10.71
C SER E 47 -17.25 -45.28 -10.30
N LEU E 48 -16.62 -45.17 -9.13
CA LEU E 48 -16.05 -43.90 -8.68
C LEU E 48 -14.62 -43.73 -9.14
N SER E 49 -14.13 -44.60 -10.02
CA SER E 49 -12.79 -44.45 -10.58
C SER E 49 -12.70 -43.11 -11.33
N PRO E 50 -11.49 -42.53 -11.42
CA PRO E 50 -11.38 -41.23 -12.10
C PRO E 50 -11.41 -41.32 -13.61
N ALA E 51 -11.18 -42.50 -14.18
CA ALA E 51 -11.13 -42.67 -15.62
C ALA E 51 -12.03 -43.81 -16.06
N SER E 52 -13.26 -43.82 -15.57
CA SER E 52 -14.26 -44.79 -15.97
C SER E 52 -15.41 -44.08 -16.67
N THR E 53 -16.33 -44.88 -17.20
CA THR E 53 -17.43 -44.38 -18.01
C THR E 53 -18.75 -44.49 -17.24
N CYS E 54 -19.57 -43.44 -17.33
CA CYS E 54 -20.88 -43.48 -16.72
C CYS E 54 -21.72 -44.56 -17.37
N ARG E 55 -22.19 -45.52 -16.55
CA ARG E 55 -22.89 -46.66 -17.11
C ARG E 55 -24.26 -46.29 -17.65
N VAL E 56 -24.89 -45.26 -17.07
CA VAL E 56 -26.20 -44.83 -17.56
C VAL E 56 -26.08 -44.29 -18.98
N CYS E 57 -25.13 -43.40 -19.22
CA CYS E 57 -24.95 -42.87 -20.56
C CYS E 57 -24.55 -43.96 -21.54
N ASP E 58 -23.74 -44.91 -21.07
CA ASP E 58 -23.33 -46.02 -21.92
C ASP E 58 -24.54 -46.83 -22.36
N LEU E 59 -25.43 -47.14 -21.43
CA LEU E 59 -26.65 -47.87 -21.78
C LEU E 59 -27.53 -47.07 -22.72
N LEU E 60 -27.69 -45.77 -22.45
CA LEU E 60 -28.50 -44.93 -23.32
C LEU E 60 -27.95 -44.92 -24.74
N ASP E 61 -26.63 -44.93 -24.89
CA ASP E 61 -26.09 -44.90 -26.24
C ASP E 61 -26.15 -46.26 -26.91
N THR E 62 -25.92 -47.34 -26.16
CA THR E 62 -26.03 -48.66 -26.77
C THR E 62 -27.47 -49.01 -27.09
N LEU E 63 -28.45 -48.26 -26.58
CA LEU E 63 -29.85 -48.46 -26.96
C LEU E 63 -30.30 -47.51 -28.06
N VAL E 64 -30.15 -46.20 -27.84
CA VAL E 64 -30.72 -45.21 -28.74
C VAL E 64 -30.00 -45.22 -30.09
N ASN E 65 -28.67 -45.35 -30.08
CA ASN E 65 -27.91 -45.28 -31.32
C ASN E 65 -28.06 -46.53 -32.18
N HIS E 66 -29.02 -47.39 -31.86
CA HIS E 66 -29.46 -48.44 -32.75
C HIS E 66 -30.61 -47.92 -33.60
N SER E 67 -31.30 -48.82 -34.30
CA SER E 67 -32.33 -48.41 -35.24
C SER E 67 -33.53 -47.81 -34.51
N ASP E 68 -34.19 -46.88 -35.21
CA ASP E 68 -35.53 -46.36 -34.90
C ASP E 68 -35.76 -46.13 -33.40
N ALA E 69 -34.87 -45.32 -32.83
CA ALA E 69 -35.11 -44.81 -31.49
C ALA E 69 -36.38 -43.97 -31.51
N PRO E 70 -37.46 -44.41 -30.87
CA PRO E 70 -38.74 -43.71 -31.00
C PRO E 70 -38.66 -42.29 -30.47
N VAL E 71 -39.34 -41.38 -31.16
CA VAL E 71 -39.45 -40.01 -30.69
C VAL E 71 -40.39 -40.03 -29.49
N ALA E 72 -40.41 -38.94 -28.73
CA ALA E 72 -41.16 -38.81 -27.48
C ALA E 72 -40.48 -39.63 -26.39
N PHE E 73 -39.47 -40.41 -26.76
CA PHE E 73 -38.60 -40.98 -25.74
C PHE E 73 -37.68 -39.90 -25.17
N PHE E 74 -37.15 -39.05 -26.04
CA PHE E 74 -36.37 -37.92 -25.54
C PHE E 74 -37.25 -36.97 -24.75
N GLU E 75 -38.54 -36.89 -25.08
CA GLU E 75 -39.44 -36.03 -24.31
C GLU E 75 -39.69 -36.59 -22.92
N ASP E 76 -39.95 -37.90 -22.83
CA ASP E 76 -40.14 -38.50 -21.50
C ASP E 76 -38.85 -38.45 -20.68
N TYR E 77 -37.71 -38.65 -21.33
CA TYR E 77 -36.44 -38.53 -20.62
C TYR E 77 -36.21 -37.11 -20.14
N ALA E 78 -36.54 -36.11 -20.96
CA ALA E 78 -36.40 -34.73 -20.54
C ALA E 78 -37.34 -34.40 -19.40
N LEU E 79 -38.54 -34.99 -19.39
CA LEU E 79 -39.45 -34.77 -18.27
C LEU E 79 -38.90 -35.38 -16.99
N LEU E 80 -38.38 -36.61 -17.07
CA LEU E 80 -37.80 -37.23 -15.89
C LEU E 80 -36.62 -36.42 -15.38
N CYS E 81 -35.81 -35.88 -16.29
CA CYS E 81 -34.69 -35.05 -15.87
C CYS E 81 -35.16 -33.75 -15.24
N TYR E 82 -36.23 -33.17 -15.76
CA TYR E 82 -36.77 -31.95 -15.17
C TYR E 82 -37.27 -32.20 -13.76
N TYR E 83 -37.88 -33.37 -13.53
CA TYR E 83 -38.32 -33.68 -12.18
C TYR E 83 -37.14 -33.91 -11.25
N CYS E 84 -36.17 -34.72 -11.68
CA CYS E 84 -34.97 -34.93 -10.87
C CYS E 84 -34.21 -33.64 -10.63
N LEU E 85 -34.45 -32.62 -11.44
CA LEU E 85 -33.88 -31.31 -11.19
C LEU E 85 -34.56 -30.58 -10.05
N ASN E 86 -35.68 -31.09 -9.54
CA ASN E 86 -36.48 -30.45 -8.51
C ASN E 86 -36.85 -31.44 -7.42
N ALA E 87 -35.89 -32.21 -6.96
CA ALA E 87 -36.10 -33.17 -5.89
C ALA E 87 -35.00 -33.03 -4.85
N PRO E 88 -35.26 -33.42 -3.61
CA PRO E 88 -34.22 -33.35 -2.58
C PRO E 88 -33.27 -34.53 -2.68
N ARG E 89 -31.99 -34.26 -2.52
CA ARG E 89 -30.98 -35.31 -2.55
C ARG E 89 -31.17 -36.17 -1.32
N ALA E 90 -31.78 -37.33 -1.48
CA ALA E 90 -32.11 -38.20 -0.35
C ALA E 90 -32.29 -39.62 -0.86
N TRP E 91 -32.88 -40.45 -0.02
CA TRP E 91 -33.06 -41.86 -0.33
C TRP E 91 -34.25 -42.08 -1.25
N ILE E 92 -35.40 -41.52 -0.89
CA ILE E 92 -36.62 -41.72 -1.66
C ILE E 92 -36.46 -41.15 -3.07
N SER E 93 -35.67 -40.09 -3.22
CA SER E 93 -35.48 -39.50 -4.54
C SER E 93 -34.73 -40.45 -5.45
N SER E 94 -33.63 -41.02 -4.97
CA SER E 94 -32.88 -41.98 -5.78
C SER E 94 -33.73 -43.19 -6.12
N LEU E 95 -34.50 -43.70 -5.16
CA LEU E 95 -35.32 -44.87 -5.46
C LEU E 95 -36.36 -44.55 -6.54
N ILE E 96 -37.05 -43.43 -6.39
CA ILE E 96 -38.09 -43.08 -7.35
C ILE E 96 -37.49 -42.84 -8.73
N THR E 97 -36.34 -42.17 -8.79
CA THR E 97 -35.70 -41.95 -10.09
C THR E 97 -35.32 -43.24 -10.75
N GLY E 98 -34.75 -44.18 -9.99
CA GLY E 98 -34.41 -45.47 -10.58
C GLY E 98 -35.62 -46.19 -11.12
N MET E 99 -36.70 -46.23 -10.33
CA MET E 99 -37.89 -46.95 -10.76
C MET E 99 -38.51 -46.31 -12.01
N ASP E 100 -38.57 -44.99 -12.06
CA ASP E 100 -39.15 -44.34 -13.23
C ASP E 100 -38.28 -44.48 -14.47
N PHE E 101 -36.96 -44.47 -14.29
CA PHE E 101 -36.07 -44.73 -15.42
C PHE E 101 -36.32 -46.13 -15.98
N LEU E 102 -36.39 -47.13 -15.10
CA LEU E 102 -36.68 -48.47 -15.57
C LEU E 102 -38.05 -48.55 -16.25
N HIS E 103 -39.02 -47.78 -15.75
CA HIS E 103 -40.34 -47.79 -16.38
C HIS E 103 -40.27 -47.26 -17.80
N ILE E 104 -39.59 -46.12 -17.99
CA ILE E 104 -39.45 -45.56 -19.33
C ILE E 104 -38.75 -46.55 -20.26
N LEU E 105 -37.68 -47.19 -19.78
CA LEU E 105 -36.95 -48.12 -20.62
C LEU E 105 -37.82 -49.30 -21.03
N ILE E 106 -38.54 -49.88 -20.07
CA ILE E 106 -39.41 -51.01 -20.39
C ILE E 106 -40.52 -50.59 -21.35
N LYS E 107 -40.97 -49.33 -21.26
CA LYS E 107 -42.03 -48.87 -22.12
C LYS E 107 -41.56 -48.72 -23.56
N TYR E 108 -40.55 -47.88 -23.79
CA TYR E 108 -40.22 -47.50 -25.16
C TYR E 108 -39.30 -48.49 -25.85
N PHE E 109 -38.41 -49.15 -25.13
CA PHE E 109 -37.42 -50.07 -25.72
C PHE E 109 -37.66 -51.47 -25.20
N PRO E 110 -38.72 -52.14 -25.64
CA PRO E 110 -39.02 -53.47 -25.12
C PRO E 110 -38.15 -54.57 -25.72
N MET E 111 -37.61 -54.38 -26.92
CA MET E 111 -36.78 -55.38 -27.56
C MET E 111 -35.35 -55.40 -27.02
N ALA E 112 -35.02 -54.54 -26.06
CA ALA E 112 -33.67 -54.54 -25.50
C ALA E 112 -33.40 -55.86 -24.78
N GLY E 113 -32.12 -56.09 -24.51
CA GLY E 113 -31.68 -57.39 -24.03
C GLY E 113 -32.10 -57.76 -22.62
N GLY E 114 -31.56 -57.09 -21.62
CA GLY E 114 -31.71 -57.55 -20.26
C GLY E 114 -32.38 -56.56 -19.32
N LEU E 115 -33.40 -55.86 -19.80
CA LEU E 115 -34.11 -54.91 -18.95
C LEU E 115 -34.88 -55.57 -17.82
N ASP E 116 -34.97 -56.90 -17.80
CA ASP E 116 -35.61 -57.58 -16.70
C ASP E 116 -34.68 -57.79 -15.52
N SER E 117 -33.38 -57.64 -15.72
CA SER E 117 -32.38 -57.80 -14.67
C SER E 117 -31.39 -56.65 -14.72
N LEU E 118 -31.92 -55.42 -14.81
CA LEU E 118 -31.05 -54.27 -15.01
C LEU E 118 -30.23 -53.96 -13.75
N PHE E 119 -30.82 -54.12 -12.57
CA PHE E 119 -30.18 -53.67 -11.33
C PHE E 119 -29.42 -54.82 -10.67
N MET E 120 -28.36 -55.24 -11.35
CA MET E 120 -27.45 -56.26 -10.85
C MET E 120 -26.03 -55.69 -10.90
N PRO E 121 -25.10 -56.29 -10.14
CA PRO E 121 -23.69 -55.88 -10.28
C PRO E 121 -23.21 -56.01 -11.71
N SER E 122 -22.16 -55.28 -12.06
CA SER E 122 -21.68 -55.18 -13.44
C SER E 122 -22.73 -54.61 -14.38
N ARG E 123 -23.77 -53.99 -13.83
CA ARG E 123 -24.81 -53.31 -14.60
C ARG E 123 -25.14 -52.03 -13.84
N ILE E 124 -26.27 -51.40 -14.18
CA ILE E 124 -26.69 -50.19 -13.48
C ILE E 124 -27.03 -50.51 -12.04
N LEU E 125 -26.41 -49.78 -11.10
CA LEU E 125 -26.78 -49.89 -9.69
C LEU E 125 -27.10 -48.53 -9.11
N ALA E 126 -27.23 -48.45 -7.78
CA ALA E 126 -27.71 -47.23 -7.15
C ALA E 126 -26.70 -46.09 -7.28
N ILE E 127 -25.42 -46.37 -7.03
CA ILE E 127 -24.40 -45.33 -7.12
C ILE E 127 -24.35 -44.76 -8.53
N ASP E 128 -24.64 -45.58 -9.53
CA ASP E 128 -24.65 -45.07 -10.90
C ASP E 128 -25.83 -44.14 -11.15
N ILE E 129 -26.99 -44.48 -10.60
CA ILE E 129 -28.14 -43.59 -10.70
C ILE E 129 -27.84 -42.24 -10.06
N GLN E 130 -27.23 -42.26 -8.88
CA GLN E 130 -26.86 -41.01 -8.23
C GLN E 130 -25.87 -40.23 -9.07
N LEU E 131 -24.77 -40.88 -9.49
CA LEU E 131 -23.75 -40.23 -10.28
C LEU E 131 -24.26 -39.71 -11.60
N HIS E 132 -25.38 -40.22 -12.10
CA HIS E 132 -25.89 -39.66 -13.34
C HIS E 132 -26.86 -38.52 -13.09
N PHE E 133 -27.82 -38.71 -12.19
CA PHE E 133 -28.91 -37.75 -12.10
C PHE E 133 -28.66 -36.63 -11.11
N TYR E 134 -27.92 -36.87 -10.01
CA TYR E 134 -27.78 -35.86 -8.97
C TYR E 134 -26.35 -35.34 -8.85
N ILE E 135 -25.38 -36.21 -8.62
CA ILE E 135 -23.99 -35.79 -8.56
C ILE E 135 -23.44 -35.74 -9.98
N CYS E 136 -22.90 -34.59 -10.37
CA CYS E 136 -22.38 -34.36 -11.72
C CYS E 136 -23.42 -34.76 -12.79
N ARG E 137 -24.52 -34.01 -12.77
CA ARG E 137 -25.65 -34.29 -13.66
C ARG E 137 -25.21 -34.27 -15.11
N CYS E 138 -25.62 -35.29 -15.87
CA CYS E 138 -25.19 -35.47 -17.25
C CYS E 138 -26.29 -35.16 -18.25
N PHE E 139 -27.15 -34.19 -17.98
CA PHE E 139 -28.18 -33.82 -18.94
C PHE E 139 -28.35 -32.32 -19.14
N LEU E 140 -27.76 -31.48 -18.32
CA LEU E 140 -27.89 -30.04 -18.50
C LEU E 140 -27.22 -29.63 -19.80
N PRO E 141 -27.86 -28.82 -20.63
CA PRO E 141 -27.19 -28.30 -21.82
C PRO E 141 -26.05 -27.37 -21.44
N VAL E 142 -24.93 -27.50 -22.14
CA VAL E 142 -23.73 -26.75 -21.82
C VAL E 142 -23.05 -26.36 -23.12
N SER E 143 -22.36 -25.21 -23.09
CA SER E 143 -21.64 -24.76 -24.26
C SER E 143 -20.34 -25.55 -24.43
N SER E 144 -19.86 -25.61 -25.66
CA SER E 144 -18.68 -26.41 -25.97
C SER E 144 -17.45 -25.92 -25.22
N SER E 145 -17.36 -24.61 -24.99
CA SER E 145 -16.21 -24.02 -24.33
C SER E 145 -16.30 -24.07 -22.82
N ASP E 146 -17.11 -24.98 -22.26
CA ASP E 146 -17.35 -25.02 -20.83
C ASP E 146 -17.31 -26.46 -20.33
N MET E 147 -16.32 -27.23 -20.77
CA MET E 147 -16.12 -28.57 -20.26
C MET E 147 -14.88 -28.70 -19.39
N ILE E 148 -14.16 -27.60 -19.17
CA ILE E 148 -12.86 -27.64 -18.49
C ILE E 148 -13.06 -27.51 -16.99
N ARG E 149 -13.62 -26.37 -16.57
CA ARG E 149 -13.94 -26.18 -15.16
C ARG E 149 -14.81 -27.31 -14.63
N ASN E 150 -15.75 -27.78 -15.47
CA ASN E 150 -16.61 -28.88 -15.07
C ASN E 150 -15.81 -30.16 -14.84
N ALA E 151 -14.83 -30.43 -15.72
CA ALA E 151 -14.00 -31.62 -15.53
C ALA E 151 -13.20 -31.53 -14.23
N ASN E 152 -12.66 -30.35 -13.94
CA ASN E 152 -11.86 -30.20 -12.72
C ASN E 152 -12.70 -30.41 -11.46
N LEU E 153 -13.85 -29.73 -11.41
CA LEU E 153 -14.76 -29.92 -10.28
C LEU E 153 -15.24 -31.37 -10.20
N GLY E 154 -15.39 -32.04 -11.33
CA GLY E 154 -15.75 -33.44 -11.30
C GLY E 154 -14.68 -34.30 -10.65
N TYR E 155 -13.42 -34.02 -10.96
CA TYR E 155 -12.34 -34.75 -10.29
C TYR E 155 -12.44 -34.58 -8.78
N TYR E 156 -12.63 -33.35 -8.32
CA TYR E 156 -12.67 -33.14 -6.87
C TYR E 156 -13.90 -33.82 -6.25
N LYS E 157 -15.06 -33.68 -6.89
CA LYS E 157 -16.27 -34.37 -6.46
C LYS E 157 -16.01 -35.85 -6.23
N LEU E 158 -15.49 -36.53 -7.26
CA LEU E 158 -15.37 -37.98 -7.18
C LEU E 158 -14.32 -38.39 -6.16
N GLU E 159 -13.22 -37.63 -6.07
CA GLU E 159 -12.20 -37.95 -5.09
C GLU E 159 -12.77 -37.90 -3.67
N PHE E 160 -13.53 -36.84 -3.36
CA PHE E 160 -14.04 -36.73 -2.01
C PHE E 160 -15.22 -37.65 -1.74
N LEU E 161 -15.97 -38.04 -2.76
CA LEU E 161 -16.99 -39.08 -2.57
C LEU E 161 -16.34 -40.41 -2.22
N LYS E 162 -15.32 -40.80 -2.97
CA LYS E 162 -14.57 -41.99 -2.62
C LYS E 162 -14.01 -41.88 -1.21
N SER E 163 -13.65 -40.66 -0.78
CA SER E 163 -13.20 -40.47 0.59
C SER E 163 -14.32 -40.74 1.60
N ILE E 164 -15.51 -40.22 1.33
CA ILE E 164 -16.66 -40.49 2.20
C ILE E 164 -16.90 -41.99 2.31
N LEU E 165 -16.77 -42.70 1.21
CA LEU E 165 -17.09 -44.13 1.21
C LEU E 165 -16.02 -44.95 1.92
N THR E 166 -14.75 -44.70 1.61
CA THR E 166 -13.68 -45.56 2.11
C THR E 166 -13.35 -45.29 3.58
N GLY E 167 -13.61 -44.08 4.05
CA GLY E 167 -13.37 -43.76 5.45
C GLY E 167 -12.04 -43.13 5.77
N GLN E 168 -11.34 -42.57 4.79
CA GLN E 168 -10.05 -41.92 5.05
C GLN E 168 -9.87 -40.77 4.07
N SER E 169 -9.39 -39.64 4.59
CA SER E 169 -9.26 -38.43 3.80
C SER E 169 -8.30 -38.65 2.62
N PRO E 170 -8.42 -37.83 1.58
CA PRO E 170 -7.52 -38.00 0.42
C PRO E 170 -6.07 -37.80 0.82
N ALA E 171 -5.20 -38.60 0.18
CA ALA E 171 -3.78 -38.56 0.51
C ALA E 171 -3.18 -37.19 0.18
N ASN E 172 -3.21 -36.81 -1.10
CA ASN E 172 -2.52 -35.62 -1.58
C ASN E 172 -3.54 -34.51 -1.78
N PHE E 173 -3.73 -33.69 -0.73
CA PHE E 173 -4.68 -32.58 -0.82
C PHE E 173 -4.36 -31.57 0.27
N CYS E 174 -4.02 -30.35 -0.15
CA CYS E 174 -3.90 -29.20 0.75
C CYS E 174 -4.92 -28.18 0.30
N PHE E 175 -5.86 -27.84 1.18
CA PHE E 175 -6.99 -27.00 0.78
C PHE E 175 -6.51 -25.65 0.27
N LYS E 176 -5.74 -24.94 1.10
CA LYS E 176 -5.06 -23.75 0.59
C LYS E 176 -4.12 -24.15 -0.53
N SER E 177 -3.90 -23.21 -1.47
CA SER E 177 -3.10 -23.41 -2.67
C SER E 177 -3.83 -24.29 -3.67
N MET E 178 -4.98 -24.83 -3.27
CA MET E 178 -5.92 -25.48 -4.18
C MET E 178 -7.27 -24.78 -4.00
N TRP E 179 -8.27 -25.31 -4.69
CA TRP E 179 -9.62 -24.77 -4.61
C TRP E 179 -9.68 -23.30 -4.99
N THR E 241 -50.79 -37.38 -9.83
CA THR E 241 -49.50 -37.41 -9.14
C THR E 241 -49.67 -37.18 -7.65
N LYS E 242 -50.89 -36.79 -7.25
CA LYS E 242 -51.20 -36.52 -5.84
C LYS E 242 -51.35 -37.85 -5.12
N ALA E 243 -50.22 -38.37 -4.62
CA ALA E 243 -50.23 -39.59 -3.84
C ALA E 243 -48.91 -39.69 -3.10
N ASP E 244 -48.99 -39.89 -1.78
CA ASP E 244 -47.81 -39.89 -0.94
C ASP E 244 -46.98 -41.15 -1.14
N TYR E 245 -45.82 -41.18 -0.49
CA TYR E 245 -44.96 -42.34 -0.44
C TYR E 245 -44.68 -42.82 0.96
N CYS E 246 -45.20 -42.13 1.98
CA CYS E 246 -44.81 -42.37 3.36
C CYS E 246 -44.94 -43.83 3.75
N GLY E 247 -45.84 -44.56 3.09
CA GLY E 247 -45.93 -45.99 3.32
C GLY E 247 -44.63 -46.71 2.99
N LEU E 248 -43.93 -46.25 1.95
CA LEU E 248 -42.68 -46.91 1.58
C LEU E 248 -41.60 -46.68 2.62
N LEU E 249 -41.48 -45.45 3.13
CA LEU E 249 -40.48 -45.16 4.15
C LEU E 249 -40.80 -45.87 5.45
N LEU E 250 -42.03 -45.76 5.93
CA LEU E 250 -42.38 -46.37 7.20
C LEU E 250 -42.39 -47.89 7.11
N GLY E 251 -42.65 -48.44 5.93
CA GLY E 251 -42.66 -49.88 5.74
C GLY E 251 -41.30 -50.49 6.01
N THR E 252 -40.30 -50.09 5.23
CA THR E 252 -38.93 -50.47 5.52
C THR E 252 -38.40 -49.56 6.62
N TRP E 253 -37.08 -49.55 6.82
CA TRP E 253 -36.42 -48.73 7.83
C TRP E 253 -36.91 -49.11 9.24
N GLN E 254 -36.72 -50.38 9.57
CA GLN E 254 -36.83 -50.86 10.95
C GLN E 254 -35.46 -51.05 11.59
N GLY E 255 -34.43 -50.44 11.02
CA GLY E 255 -33.12 -50.43 11.63
C GLY E 255 -33.05 -49.38 12.70
N THR E 256 -31.97 -48.60 12.72
CA THR E 256 -31.78 -47.56 13.72
C THR E 256 -32.01 -46.17 13.17
N ASP E 257 -32.73 -46.06 12.05
CA ASP E 257 -32.90 -44.79 11.37
C ASP E 257 -33.93 -43.89 12.04
N LEU E 258 -34.62 -44.34 13.08
CA LEU E 258 -35.64 -43.50 13.70
C LEU E 258 -35.29 -43.10 15.12
N LEU E 259 -35.11 -44.05 16.03
CA LEU E 259 -34.67 -43.80 17.40
C LEU E 259 -35.48 -42.69 18.07
N GLY E 260 -36.71 -42.45 17.62
CA GLY E 260 -37.50 -41.35 18.13
C GLY E 260 -38.15 -41.62 19.46
N GLY E 261 -39.40 -41.17 19.62
CA GLY E 261 -40.15 -41.42 20.83
C GLY E 261 -40.47 -42.89 20.99
N PRO E 262 -41.34 -43.42 20.14
CA PRO E 262 -41.58 -44.87 20.10
C PRO E 262 -40.68 -45.57 19.10
N GLY E 263 -40.71 -46.89 19.14
CA GLY E 263 -39.93 -47.71 18.24
C GLY E 263 -40.02 -49.19 18.54
N ALA E 279 -51.20 -49.22 1.14
CA ALA E 279 -50.90 -50.52 0.55
C ALA E 279 -49.40 -50.67 0.32
N GLU E 280 -48.65 -49.63 0.66
CA GLU E 280 -47.20 -49.68 0.49
C GLU E 280 -46.54 -50.47 1.62
N LEU E 281 -46.92 -50.20 2.86
CA LEU E 281 -46.29 -50.88 3.99
C LEU E 281 -46.45 -52.39 3.90
N ALA E 282 -47.60 -52.86 3.44
CA ALA E 282 -47.82 -54.30 3.34
C ALA E 282 -46.83 -54.93 2.37
N LEU E 283 -46.60 -54.27 1.23
CA LEU E 283 -45.76 -54.83 0.18
C LEU E 283 -44.32 -54.33 0.25
N ALA E 284 -43.87 -53.83 1.39
CA ALA E 284 -42.50 -53.36 1.57
C ALA E 284 -41.75 -54.17 2.61
N ILE E 285 -41.91 -55.50 2.60
CA ILE E 285 -41.33 -56.38 3.62
C ILE E 285 -40.49 -57.43 2.91
N THR E 286 -39.18 -57.21 2.85
CA THR E 286 -38.20 -58.15 2.33
C THR E 286 -36.83 -57.71 2.83
N ARG E 287 -35.90 -58.67 2.97
CA ARG E 287 -34.59 -58.31 3.48
C ARG E 287 -33.55 -59.34 3.09
N PRO E 288 -32.34 -58.92 2.68
CA PRO E 288 -31.28 -59.89 2.38
C PRO E 288 -30.53 -60.33 3.63
N GLU E 289 -29.49 -61.15 3.44
CA GLU E 289 -28.79 -61.75 4.57
C GLU E 289 -27.27 -61.58 4.47
N ALA E 290 -26.77 -61.41 3.25
CA ALA E 290 -25.33 -61.28 3.07
C ALA E 290 -24.78 -59.95 3.58
N GLY E 291 -25.65 -58.96 3.83
CA GLY E 291 -25.21 -57.65 4.25
C GLY E 291 -25.75 -57.28 5.61
N ASP E 292 -25.30 -56.12 6.09
CA ASP E 292 -25.67 -55.62 7.42
C ASP E 292 -27.13 -55.17 7.37
N HIS E 293 -28.03 -56.01 7.87
CA HIS E 293 -29.44 -55.67 7.87
C HIS E 293 -29.82 -54.74 9.02
N SER E 294 -28.86 -54.14 9.70
CA SER E 294 -29.14 -53.14 10.72
C SER E 294 -28.98 -51.72 10.22
N GLN E 295 -28.20 -51.51 9.17
CA GLN E 295 -28.02 -50.17 8.60
C GLN E 295 -28.96 -49.89 7.44
N GLY E 296 -29.61 -50.90 6.90
CA GLY E 296 -30.57 -50.71 5.84
C GLY E 296 -29.93 -50.36 4.52
N PRO E 297 -30.75 -50.05 3.52
CA PRO E 297 -30.21 -49.74 2.18
C PRO E 297 -29.43 -48.44 2.16
N CYS E 298 -28.19 -48.48 2.67
CA CYS E 298 -27.40 -47.26 2.77
C CYS E 298 -27.02 -46.72 1.40
N LEU E 299 -26.62 -47.59 0.48
CA LEU E 299 -26.01 -47.14 -0.77
C LEU E 299 -26.95 -46.35 -1.66
N LEU E 300 -28.22 -46.19 -1.30
CA LEU E 300 -29.10 -45.27 -2.02
C LEU E 300 -28.97 -43.86 -1.51
N ALA E 301 -28.64 -43.68 -0.23
CA ALA E 301 -28.53 -42.38 0.41
C ALA E 301 -27.42 -41.57 -0.23
N PRO E 302 -27.35 -40.26 0.00
CA PRO E 302 -26.21 -39.47 -0.51
C PRO E 302 -25.00 -39.44 0.40
N MET E 303 -24.98 -40.25 1.47
CA MET E 303 -23.84 -40.33 2.35
C MET E 303 -23.26 -41.74 2.45
N PHE E 304 -23.89 -42.73 1.81
CA PHE E 304 -23.36 -44.09 1.74
C PHE E 304 -23.07 -44.65 3.13
N GLY E 305 -24.02 -44.50 4.02
CA GLY E 305 -23.87 -45.06 5.35
C GLY E 305 -24.77 -44.37 6.35
N LEU E 306 -24.93 -45.03 7.49
CA LEU E 306 -25.76 -44.52 8.58
C LEU E 306 -24.96 -44.58 9.87
N ARG E 307 -24.18 -43.54 10.13
CA ARG E 307 -23.51 -43.35 11.41
C ARG E 307 -24.20 -42.20 12.14
N HIS E 308 -24.23 -42.28 13.47
CA HIS E 308 -24.92 -41.24 14.22
C HIS E 308 -24.19 -40.92 15.52
N LYS E 309 -24.18 -39.63 15.84
CA LYS E 309 -23.51 -39.06 17.00
C LYS E 309 -24.41 -37.99 17.59
N ASN E 310 -24.52 -37.96 18.91
CA ASN E 310 -25.37 -37.01 19.62
C ASN E 310 -26.82 -37.10 19.16
N ALA E 311 -27.27 -38.33 18.91
CA ALA E 311 -28.65 -38.60 18.50
C ALA E 311 -29.03 -37.87 17.21
N SER E 312 -28.07 -37.70 16.30
CA SER E 312 -28.32 -37.19 14.97
C SER E 312 -27.56 -38.05 13.98
N ARG E 313 -28.21 -38.40 12.87
CA ARG E 313 -27.68 -39.39 11.95
C ARG E 313 -27.37 -38.77 10.60
N THR E 314 -26.78 -39.56 9.72
CA THR E 314 -26.35 -39.11 8.41
C THR E 314 -27.38 -39.37 7.32
N ILE E 315 -28.59 -39.78 7.69
CA ILE E 315 -29.71 -39.90 6.75
C ILE E 315 -30.84 -39.09 7.37
N CYS E 316 -30.93 -37.83 7.00
CA CYS E 316 -31.89 -36.92 7.62
C CYS E 316 -33.30 -37.30 7.23
N PRO E 317 -34.11 -37.86 8.13
CA PRO E 317 -35.46 -38.28 7.74
C PRO E 317 -36.33 -37.15 7.24
N LEU E 318 -36.14 -35.94 7.77
CA LEU E 318 -36.90 -34.80 7.27
C LEU E 318 -36.66 -34.61 5.78
N CYS E 319 -35.46 -34.92 5.28
CA CYS E 319 -35.19 -34.83 3.86
C CYS E 319 -35.85 -35.97 3.07
N GLU E 320 -36.32 -37.01 3.72
CA GLU E 320 -37.22 -37.94 3.05
C GLU E 320 -38.64 -37.40 3.02
N SER E 321 -39.11 -36.86 4.15
CA SER E 321 -40.44 -36.26 4.16
C SER E 321 -40.58 -35.18 3.10
N LEU E 322 -39.52 -34.40 2.87
CA LEU E 322 -39.58 -33.37 1.84
C LEU E 322 -39.90 -33.96 0.47
N GLY E 323 -39.60 -35.22 0.25
CA GLY E 323 -39.79 -35.79 -1.06
C GLY E 323 -40.87 -36.86 -1.14
N ALA E 324 -41.47 -37.20 0.00
CA ALA E 324 -42.47 -38.27 0.04
C ALA E 324 -43.86 -37.78 0.41
N HIS E 325 -44.11 -36.48 0.40
CA HIS E 325 -45.42 -35.98 0.77
C HIS E 325 -45.55 -34.52 0.34
N PRO E 326 -46.73 -34.08 -0.09
CA PRO E 326 -46.86 -32.70 -0.57
C PRO E 326 -46.89 -31.66 0.53
N ASP E 327 -47.41 -32.03 1.70
CA ASP E 327 -47.59 -31.09 2.80
C ASP E 327 -46.42 -31.08 3.78
N ALA E 328 -45.21 -31.40 3.32
CA ALA E 328 -44.08 -31.51 4.23
C ALA E 328 -43.25 -30.25 4.29
N LYS E 329 -42.90 -29.68 3.13
CA LYS E 329 -42.09 -28.47 3.13
C LYS E 329 -42.82 -27.32 3.82
N ASP E 330 -44.12 -27.20 3.59
CA ASP E 330 -44.89 -26.13 4.23
C ASP E 330 -45.02 -26.38 5.73
N THR E 331 -45.19 -27.64 6.13
CA THR E 331 -45.24 -27.95 7.55
C THR E 331 -43.93 -27.57 8.25
N LEU E 332 -42.80 -27.88 7.62
CA LEU E 332 -41.52 -27.54 8.22
C LEU E 332 -41.31 -26.03 8.23
N ASP E 333 -41.77 -25.32 7.21
CA ASP E 333 -41.67 -23.87 7.23
C ASP E 333 -42.50 -23.28 8.37
N ARG E 334 -43.71 -23.79 8.58
CA ARG E 334 -44.53 -23.34 9.69
C ARG E 334 -43.86 -23.65 11.02
N PHE E 335 -43.24 -24.83 11.14
CA PHE E 335 -42.54 -25.18 12.36
C PHE E 335 -41.38 -24.23 12.64
N LYS E 336 -40.61 -23.90 11.61
CA LYS E 336 -39.51 -22.97 11.78
C LYS E 336 -40.01 -21.59 12.19
N SER E 337 -41.11 -21.14 11.59
CA SER E 337 -41.66 -19.84 11.97
C SER E 337 -42.12 -19.86 13.43
N LEU E 338 -42.76 -20.95 13.86
CA LEU E 338 -43.15 -21.06 15.26
C LEU E 338 -41.94 -20.98 16.18
N ILE E 339 -40.88 -21.73 15.87
CA ILE E 339 -39.67 -21.69 16.69
C ILE E 339 -39.14 -20.26 16.78
N LEU E 340 -39.03 -19.60 15.65
CA LEU E 340 -38.39 -18.28 15.64
C LEU E 340 -39.24 -17.23 16.34
N ASP E 341 -40.57 -17.36 16.29
CA ASP E 341 -41.44 -16.26 16.69
C ASP E 341 -42.18 -16.45 18.00
N SER E 342 -42.32 -17.69 18.50
CA SER E 342 -43.17 -17.95 19.65
C SER E 342 -42.42 -17.95 20.98
N PHE E 343 -41.35 -17.16 21.09
CA PHE E 343 -40.63 -17.05 22.35
C PHE E 343 -39.98 -15.68 22.43
N GLY E 344 -39.84 -15.18 23.66
CA GLY E 344 -39.23 -13.88 23.87
C GLY E 344 -37.93 -13.97 24.64
N ASN E 345 -37.77 -15.02 25.45
CA ASN E 345 -36.56 -15.18 26.23
C ASN E 345 -35.38 -15.54 25.33
N ASN E 346 -34.22 -15.69 25.94
CA ASN E 346 -33.04 -16.19 25.25
C ASN E 346 -32.85 -17.68 25.54
N ILE E 347 -33.80 -18.49 25.11
CA ILE E 347 -33.70 -19.93 25.25
C ILE E 347 -33.01 -20.49 24.02
N LYS E 348 -32.10 -21.44 24.23
CA LYS E 348 -31.39 -22.05 23.13
C LYS E 348 -32.37 -22.76 22.20
N ILE E 349 -31.98 -22.86 20.92
CA ILE E 349 -32.91 -23.31 19.90
C ILE E 349 -33.29 -24.77 20.08
N LEU E 350 -32.36 -25.60 20.54
CA LEU E 350 -32.70 -26.99 20.83
C LEU E 350 -33.75 -27.07 21.93
N ASP E 351 -33.69 -26.17 22.91
CA ASP E 351 -34.70 -26.16 23.96
C ASP E 351 -36.05 -25.72 23.43
N ARG E 352 -36.06 -24.70 22.55
CA ARG E 352 -37.33 -24.31 21.93
C ARG E 352 -37.94 -25.48 21.17
N ILE E 353 -37.12 -26.24 20.46
CA ILE E 353 -37.66 -27.39 19.72
C ILE E 353 -38.21 -28.43 20.68
N VAL E 354 -37.46 -28.74 21.74
CA VAL E 354 -37.90 -29.78 22.68
C VAL E 354 -39.21 -29.36 23.34
N PHE E 355 -39.36 -28.09 23.65
CA PHE E 355 -40.58 -27.63 24.31
C PHE E 355 -41.75 -27.63 23.35
N LEU E 356 -41.56 -27.11 22.13
CA LEU E 356 -42.64 -27.12 21.15
C LEU E 356 -43.08 -28.53 20.80
N ILE E 357 -42.19 -29.51 20.92
CA ILE E 357 -42.59 -30.88 20.61
C ILE E 357 -43.19 -31.56 21.83
N LYS E 358 -42.78 -31.17 23.04
CA LYS E 358 -43.17 -31.91 24.23
C LYS E 358 -44.48 -31.42 24.82
N THR E 359 -44.55 -30.15 25.23
CA THR E 359 -45.71 -29.68 25.97
C THR E 359 -46.88 -29.33 25.05
N GLN E 360 -46.71 -28.33 24.19
CA GLN E 360 -47.76 -27.93 23.27
C GLN E 360 -47.53 -28.69 21.96
N ASN E 361 -47.99 -29.94 21.95
CA ASN E 361 -47.74 -30.84 20.83
C ASN E 361 -48.18 -30.20 19.52
N THR E 362 -47.21 -29.92 18.66
CA THR E 362 -47.48 -29.40 17.33
C THR E 362 -47.31 -30.47 16.26
N LEU E 363 -47.02 -31.71 16.67
CA LEU E 363 -46.91 -32.83 15.75
C LEU E 363 -48.16 -33.71 15.75
N LEU E 364 -49.29 -33.15 16.18
CA LEU E 364 -50.58 -33.82 16.07
C LEU E 364 -51.53 -33.16 15.08
N ASP E 365 -51.48 -31.83 14.97
CA ASP E 365 -52.32 -31.10 14.02
C ASP E 365 -51.70 -31.14 12.62
N VAL E 366 -51.54 -32.36 12.11
CA VAL E 366 -51.03 -32.59 10.76
C VAL E 366 -52.06 -33.44 10.03
N PRO E 367 -52.42 -33.10 8.78
CA PRO E 367 -53.50 -33.83 8.11
C PRO E 367 -53.26 -35.32 7.94
N CYS E 368 -52.19 -35.70 7.28
CA CYS E 368 -51.95 -37.11 7.01
C CYS E 368 -51.65 -37.86 8.30
N PRO E 369 -52.23 -39.03 8.48
CA PRO E 369 -51.89 -39.83 9.67
C PRO E 369 -50.51 -40.45 9.55
N ARG E 370 -50.15 -40.88 8.33
CA ARG E 370 -48.84 -41.49 8.13
C ARG E 370 -47.73 -40.46 8.29
N LEU E 371 -47.97 -39.23 7.83
CA LEU E 371 -46.96 -38.19 7.97
C LEU E 371 -46.65 -37.95 9.44
N ARG E 372 -47.64 -37.51 10.21
CA ARG E 372 -47.37 -37.25 11.62
C ARG E 372 -47.15 -38.52 12.43
N ALA E 373 -47.31 -39.69 11.84
CA ALA E 373 -46.89 -40.92 12.51
C ALA E 373 -45.43 -41.21 12.29
N TRP E 374 -44.89 -40.84 11.14
CA TRP E 374 -43.47 -40.99 10.85
C TRP E 374 -42.65 -39.78 11.23
N LEU E 375 -43.32 -38.69 11.62
CA LEU E 375 -42.66 -37.44 11.97
C LEU E 375 -42.48 -37.28 13.48
N GLN E 376 -43.44 -37.73 14.27
CA GLN E 376 -43.35 -37.64 15.72
C GLN E 376 -42.44 -38.69 16.32
N MET E 377 -41.67 -39.40 15.50
CA MET E 377 -40.64 -40.30 15.98
C MET E 377 -39.26 -39.83 15.49
N CYS E 378 -39.05 -38.52 15.48
CA CYS E 378 -37.79 -37.91 15.10
C CYS E 378 -37.28 -37.09 16.27
N THR E 379 -36.11 -37.48 16.79
CA THR E 379 -35.55 -36.81 17.95
C THR E 379 -35.36 -35.31 17.68
N PRO E 380 -35.58 -34.47 18.68
CA PRO E 380 -35.49 -33.01 18.44
C PRO E 380 -34.15 -32.55 17.94
N GLN E 381 -33.07 -33.27 18.28
CA GLN E 381 -31.77 -32.93 17.70
C GLN E 381 -31.81 -33.00 16.19
N ASP E 382 -32.62 -33.90 15.63
CA ASP E 382 -32.71 -34.02 14.19
C ASP E 382 -33.44 -32.83 13.58
N PHE E 383 -34.53 -32.39 14.22
CA PHE E 383 -35.18 -31.15 13.79
C PHE E 383 -34.20 -29.99 13.81
N HIS E 384 -33.45 -29.87 14.90
CA HIS E 384 -32.48 -28.78 15.00
C HIS E 384 -31.47 -28.83 13.87
N LYS E 385 -30.85 -29.99 13.68
CA LYS E 385 -29.88 -30.15 12.60
C LYS E 385 -30.47 -29.72 11.27
N HIS E 386 -31.57 -30.36 10.86
CA HIS E 386 -32.13 -30.10 9.55
C HIS E 386 -32.52 -28.65 9.37
N LEU E 387 -33.13 -28.04 10.38
CA LEU E 387 -33.68 -26.71 10.18
C LEU E 387 -32.62 -25.63 10.24
N PHE E 388 -31.69 -25.69 11.20
CA PHE E 388 -30.81 -24.57 11.44
C PHE E 388 -29.33 -24.83 11.21
N CYS E 389 -28.89 -26.08 11.06
CA CYS E 389 -27.46 -26.36 11.13
C CYS E 389 -26.86 -26.86 9.81
N ASP E 390 -27.37 -27.93 9.25
CA ASP E 390 -26.62 -28.62 8.20
C ASP E 390 -26.75 -27.88 6.87
N PRO E 391 -25.69 -27.86 6.06
CA PRO E 391 -25.77 -27.16 4.77
C PRO E 391 -26.48 -27.96 3.69
N LEU E 392 -26.29 -29.28 3.67
CA LEU E 392 -26.97 -30.10 2.67
C LEU E 392 -28.47 -30.07 2.88
N CYS E 393 -28.91 -30.07 4.14
CA CYS E 393 -30.33 -29.97 4.41
C CYS E 393 -30.88 -28.62 4.00
N ALA E 394 -30.08 -27.55 4.11
CA ALA E 394 -30.53 -26.26 3.62
C ALA E 394 -30.65 -26.27 2.10
N ILE E 395 -29.68 -26.88 1.41
CA ILE E 395 -29.78 -26.99 -0.05
C ILE E 395 -31.04 -27.75 -0.45
N ASN E 396 -31.32 -28.86 0.24
CA ASN E 396 -32.55 -29.61 -0.04
C ASN E 396 -33.79 -28.76 0.19
N HIS E 397 -33.89 -28.17 1.37
CA HIS E 397 -35.05 -27.35 1.71
C HIS E 397 -35.22 -26.17 0.77
N SER E 398 -34.17 -25.74 0.10
CA SER E 398 -34.26 -24.57 -0.78
C SER E 398 -34.27 -24.92 -2.26
N ILE E 399 -34.10 -26.19 -2.63
CA ILE E 399 -34.13 -26.57 -4.03
C ILE E 399 -35.37 -27.37 -4.38
N THR E 400 -35.99 -28.07 -3.44
CA THR E 400 -37.18 -28.84 -3.75
C THR E 400 -38.34 -27.90 -4.07
N ASN E 401 -39.39 -28.48 -4.64
CA ASN E 401 -40.52 -27.68 -5.12
C ASN E 401 -41.74 -28.57 -5.24
N PRO E 402 -42.42 -28.88 -4.14
CA PRO E 402 -43.42 -29.97 -4.16
C PRO E 402 -44.62 -29.69 -5.05
N SER E 403 -44.77 -28.49 -5.59
CA SER E 403 -45.85 -28.27 -6.56
C SER E 403 -45.54 -28.94 -7.89
N VAL E 404 -44.25 -29.09 -8.22
CA VAL E 404 -43.87 -29.77 -9.45
C VAL E 404 -43.93 -31.27 -9.28
N LEU E 405 -43.67 -31.78 -8.08
CA LEU E 405 -43.67 -33.22 -7.86
C LEU E 405 -45.05 -33.75 -7.55
N PHE E 406 -45.94 -32.95 -6.98
CA PHE E 406 -47.26 -33.41 -6.60
C PHE E 406 -48.34 -32.46 -7.11
N GLY E 407 -48.17 -31.96 -8.33
CA GLY E 407 -49.14 -31.06 -8.91
C GLY E 407 -49.44 -31.37 -10.37
N GLN E 408 -50.70 -31.20 -10.76
CA GLN E 408 -51.08 -31.43 -12.14
C GLN E 408 -50.66 -30.26 -13.01
N ILE E 409 -50.46 -30.55 -14.29
CA ILE E 409 -50.01 -29.55 -15.27
C ILE E 409 -51.16 -29.27 -16.23
N TYR E 410 -51.31 -28.00 -16.60
CA TYR E 410 -52.32 -27.54 -17.54
C TYR E 410 -52.22 -28.30 -18.86
N PRO E 411 -53.17 -29.17 -19.17
CA PRO E 411 -53.05 -30.05 -20.35
C PRO E 411 -52.84 -29.28 -21.65
N PRO E 412 -53.52 -28.15 -21.86
CA PRO E 412 -53.27 -27.41 -23.13
C PRO E 412 -51.82 -27.00 -23.36
N SER E 413 -50.97 -27.00 -22.34
CA SER E 413 -49.58 -26.63 -22.51
C SER E 413 -48.63 -27.81 -22.32
N PHE E 414 -49.17 -29.02 -22.13
CA PHE E 414 -48.34 -30.17 -21.78
C PHE E 414 -47.39 -30.53 -22.92
N GLN E 415 -47.91 -30.68 -24.13
CA GLN E 415 -47.06 -31.07 -25.25
C GLN E 415 -46.06 -29.98 -25.59
N ALA E 416 -46.46 -28.72 -25.48
CA ALA E 416 -45.53 -27.63 -25.71
C ALA E 416 -44.38 -27.67 -24.72
N PHE E 417 -44.70 -27.93 -23.44
CA PHE E 417 -43.64 -28.01 -22.43
C PHE E 417 -42.72 -29.20 -22.69
N LYS E 418 -43.30 -30.35 -23.01
CA LYS E 418 -42.50 -31.52 -23.34
C LYS E 418 -41.52 -31.22 -24.47
N ALA E 419 -42.02 -30.61 -25.55
CA ALA E 419 -41.16 -30.32 -26.69
C ALA E 419 -40.09 -29.30 -26.33
N ALA E 420 -40.45 -28.27 -25.54
CA ALA E 420 -39.46 -27.29 -25.14
C ALA E 420 -38.36 -27.93 -24.30
N LEU E 421 -38.72 -28.90 -23.46
CA LEU E 421 -37.71 -29.60 -22.68
C LEU E 421 -36.82 -30.47 -23.56
N ALA E 422 -37.43 -31.15 -24.53
CA ALA E 422 -36.65 -32.00 -25.44
C ALA E 422 -35.55 -31.20 -26.12
N ALA E 423 -35.85 -29.97 -26.53
CA ALA E 423 -34.85 -29.13 -27.16
C ALA E 423 -33.87 -28.51 -26.17
N GLY E 424 -34.02 -28.77 -24.87
CA GLY E 424 -33.12 -28.19 -23.90
C GLY E 424 -33.31 -26.70 -23.74
N GLN E 425 -34.44 -26.29 -23.18
CA GLN E 425 -34.78 -24.88 -23.06
C GLN E 425 -35.07 -24.41 -21.65
N ASN E 426 -35.52 -25.29 -20.75
CA ASN E 426 -35.91 -24.89 -19.41
C ASN E 426 -35.10 -25.56 -18.31
N LEU E 427 -34.12 -26.39 -18.67
CA LEU E 427 -33.33 -27.12 -17.67
C LEU E 427 -32.34 -26.15 -17.03
N GLU E 428 -32.80 -25.45 -16.00
CA GLU E 428 -31.96 -24.51 -15.28
C GLU E 428 -31.09 -25.27 -14.28
N GLN E 429 -29.84 -24.80 -14.12
CA GLN E 429 -28.86 -25.54 -13.35
C GLN E 429 -29.33 -25.81 -11.92
N GLY E 430 -30.13 -24.94 -11.35
CA GLY E 430 -30.54 -25.10 -9.97
C GLY E 430 -29.54 -24.49 -9.02
N VAL E 431 -28.68 -25.31 -8.43
CA VAL E 431 -27.62 -24.83 -7.57
C VAL E 431 -26.34 -24.76 -8.39
N CYS E 432 -25.35 -24.03 -7.86
CA CYS E 432 -24.05 -23.97 -8.48
C CYS E 432 -23.38 -25.34 -8.45
N ASP E 433 -22.19 -25.42 -9.00
CA ASP E 433 -21.44 -26.67 -8.93
C ASP E 433 -20.32 -26.62 -7.91
N SER E 434 -19.71 -25.46 -7.70
CA SER E 434 -18.72 -25.32 -6.65
C SER E 434 -19.35 -25.50 -5.28
N LEU E 435 -20.61 -25.07 -5.12
CA LEU E 435 -21.29 -25.21 -3.84
C LEU E 435 -21.49 -26.67 -3.48
N ILE E 436 -21.89 -27.49 -4.45
CA ILE E 436 -22.09 -28.91 -4.17
C ILE E 436 -20.78 -29.58 -3.82
N THR E 437 -19.71 -29.27 -4.56
CA THR E 437 -18.42 -29.84 -4.24
C THR E 437 -17.97 -29.45 -2.85
N LEU E 438 -18.19 -28.19 -2.47
CA LEU E 438 -17.79 -27.75 -1.14
C LEU E 438 -18.61 -28.44 -0.06
N VAL E 439 -19.91 -28.64 -0.31
CA VAL E 439 -20.74 -29.33 0.67
C VAL E 439 -20.27 -30.76 0.86
N TYR E 440 -19.88 -31.42 -0.24
CA TYR E 440 -19.42 -32.80 -0.11
C TYR E 440 -18.07 -32.87 0.60
N ILE E 441 -17.19 -31.91 0.35
CA ILE E 441 -15.95 -31.83 1.11
C ILE E 441 -16.24 -31.70 2.60
N PHE E 442 -17.19 -30.83 2.94
CA PHE E 442 -17.52 -30.61 4.35
C PHE E 442 -18.07 -31.87 4.99
N LYS E 443 -18.99 -32.55 4.32
CA LYS E 443 -19.53 -33.78 4.88
C LYS E 443 -18.46 -34.86 5.00
N SER E 444 -17.49 -34.87 4.08
CA SER E 444 -16.40 -35.83 4.17
C SER E 444 -15.56 -35.60 5.42
N THR E 445 -15.16 -34.35 5.66
CA THR E 445 -14.39 -34.09 6.88
C THR E 445 -15.23 -34.24 8.13
N GLN E 446 -16.55 -34.11 8.03
CA GLN E 446 -17.41 -34.29 9.19
C GLN E 446 -17.60 -35.76 9.55
N VAL E 447 -17.59 -36.65 8.56
CA VAL E 447 -17.87 -38.06 8.81
C VAL E 447 -16.58 -38.84 9.07
N ALA E 448 -15.65 -38.79 8.12
CA ALA E 448 -14.44 -39.60 8.20
C ALA E 448 -13.40 -38.92 9.08
N ARG E 449 -12.18 -39.43 9.06
CA ARG E 449 -11.08 -38.81 9.79
C ARG E 449 -10.51 -37.64 8.99
N VAL E 450 -9.85 -36.72 9.69
CA VAL E 450 -9.35 -35.50 9.09
C VAL E 450 -8.30 -34.90 10.01
N GLY E 451 -7.46 -34.04 9.45
CA GLY E 451 -6.49 -33.30 10.26
C GLY E 451 -7.13 -32.10 10.92
N LYS E 452 -6.37 -31.01 11.05
CA LYS E 452 -6.89 -29.77 11.62
C LYS E 452 -6.84 -28.60 10.65
N THR E 453 -5.69 -28.36 10.02
CA THR E 453 -5.52 -27.18 9.18
C THR E 453 -6.42 -27.20 7.95
N ILE E 454 -7.09 -28.30 7.66
CA ILE E 454 -8.06 -28.37 6.58
C ILE E 454 -9.48 -28.13 7.07
N LEU E 455 -9.79 -28.60 8.28
CA LEU E 455 -11.12 -28.40 8.83
C LEU E 455 -11.38 -26.92 9.12
N VAL E 456 -10.46 -26.27 9.83
CA VAL E 456 -10.65 -24.88 10.21
C VAL E 456 -10.77 -23.97 9.00
N ASP E 457 -10.24 -24.38 7.86
CA ASP E 457 -10.28 -23.55 6.66
C ASP E 457 -11.50 -23.84 5.78
N VAL E 458 -11.86 -25.10 5.62
CA VAL E 458 -13.08 -25.42 4.89
C VAL E 458 -14.29 -24.86 5.61
N THR E 459 -14.24 -24.78 6.95
CA THR E 459 -15.34 -24.16 7.69
C THR E 459 -15.51 -22.70 7.30
N LYS E 460 -14.41 -21.94 7.29
CA LYS E 460 -14.47 -20.53 6.93
C LYS E 460 -14.97 -20.35 5.51
N GLU E 461 -14.44 -21.15 4.57
CA GLU E 461 -14.85 -21.01 3.18
C GLU E 461 -16.32 -21.34 3.00
N LEU E 462 -16.79 -22.41 3.65
CA LEU E 462 -18.21 -22.76 3.55
C LEU E 462 -19.07 -21.65 4.13
N ASP E 463 -18.64 -21.05 5.24
CA ASP E 463 -19.41 -19.95 5.82
C ASP E 463 -19.56 -18.82 4.81
N VAL E 464 -18.45 -18.39 4.22
CA VAL E 464 -18.52 -17.24 3.30
C VAL E 464 -19.38 -17.59 2.08
N VAL E 465 -19.20 -18.79 1.53
CA VAL E 465 -19.94 -19.14 0.32
C VAL E 465 -21.43 -19.25 0.61
N LEU E 466 -21.80 -19.84 1.75
CA LEU E 466 -23.20 -19.96 2.09
C LEU E 466 -23.83 -18.60 2.34
N ARG E 467 -23.10 -17.69 2.98
CA ARG E 467 -23.63 -16.35 3.19
C ARG E 467 -23.84 -15.64 1.86
N ILE E 468 -22.92 -15.83 0.91
CA ILE E 468 -23.07 -15.21 -0.41
C ILE E 468 -24.30 -15.75 -1.10
N HIS E 469 -24.46 -17.07 -1.13
CA HIS E 469 -25.53 -17.69 -1.91
C HIS E 469 -26.92 -17.43 -1.36
N GLY E 470 -27.03 -16.80 -0.21
CA GLY E 470 -28.34 -16.41 0.30
C GLY E 470 -28.95 -17.40 1.26
N LEU E 471 -28.16 -17.85 2.24
CA LEU E 471 -28.63 -18.73 3.30
C LEU E 471 -28.21 -18.16 4.64
N ASP E 472 -28.76 -18.73 5.71
CA ASP E 472 -28.48 -18.22 7.06
C ASP E 472 -28.52 -19.40 8.02
N LEU E 473 -27.35 -19.95 8.32
CA LEU E 473 -27.20 -21.06 9.24
C LEU E 473 -26.21 -20.66 10.33
N VAL E 474 -26.16 -21.46 11.39
CA VAL E 474 -25.21 -21.20 12.45
C VAL E 474 -23.78 -21.41 11.92
N GLN E 475 -22.81 -20.88 12.66
CA GLN E 475 -21.41 -21.08 12.32
C GLN E 475 -21.12 -22.57 12.15
N SER E 476 -20.32 -22.90 11.14
CA SER E 476 -20.23 -24.29 10.71
C SER E 476 -19.27 -25.11 11.56
N TYR E 477 -18.36 -24.49 12.30
CA TYR E 477 -17.46 -25.27 13.14
C TYR E 477 -18.23 -26.01 14.24
N GLN E 478 -19.18 -25.33 14.87
CA GLN E 478 -20.02 -25.96 15.87
C GLN E 478 -20.73 -27.17 15.28
N THR E 479 -21.52 -26.96 14.23
CA THR E 479 -22.25 -28.06 13.62
C THR E 479 -21.35 -29.07 12.93
N SER E 480 -20.04 -28.84 12.90
CA SER E 480 -19.11 -29.88 12.47
C SER E 480 -18.58 -30.68 13.64
N GLN E 481 -18.53 -30.10 14.83
CA GLN E 481 -18.04 -30.82 15.99
C GLN E 481 -19.14 -31.44 16.84
N VAL E 482 -20.39 -31.02 16.66
CA VAL E 482 -21.47 -31.50 17.52
C VAL E 482 -22.24 -32.63 16.84
N TYR E 483 -22.80 -32.35 15.67
CA TYR E 483 -23.59 -33.31 14.93
C TYR E 483 -22.74 -34.03 13.90
N VAL E 484 -23.21 -35.19 13.47
CA VAL E 484 -22.53 -35.95 12.43
C VAL E 484 -23.48 -36.08 11.25
N ASP F 3 36.82 41.74 36.27
CA ASP F 3 36.62 43.17 36.44
C ASP F 3 35.39 43.65 35.66
N PHE F 4 35.26 43.19 34.42
CA PHE F 4 34.14 43.55 33.56
C PHE F 4 33.15 42.40 33.51
N VAL F 5 31.88 42.71 33.69
CA VAL F 5 30.81 41.73 33.61
C VAL F 5 29.61 42.38 32.94
N PRO F 6 28.99 41.73 31.95
CA PRO F 6 27.88 42.36 31.22
C PRO F 6 26.60 42.48 32.03
N TRP F 7 25.66 43.28 31.53
CA TRP F 7 24.37 43.55 32.16
C TRP F 7 24.50 44.28 33.49
N THR F 8 25.64 44.91 33.74
CA THR F 8 25.79 45.78 34.90
C THR F 8 25.30 47.16 34.52
N VAL F 9 24.36 47.70 35.31
CA VAL F 9 23.70 48.94 34.92
C VAL F 9 24.68 50.11 34.91
N ASP F 10 25.77 50.02 35.66
CA ASP F 10 26.74 51.11 35.69
C ASP F 10 27.36 51.33 34.31
N ASN F 11 27.68 50.24 33.62
CA ASN F 11 28.30 50.34 32.30
C ASN F 11 27.39 51.05 31.30
N LEU F 12 26.09 51.12 31.58
CA LEU F 12 25.17 51.89 30.75
C LEU F 12 24.93 53.29 31.28
N LYS F 13 24.96 53.46 32.60
CA LYS F 13 24.70 54.77 33.20
C LYS F 13 25.83 55.75 32.94
N SER F 14 27.01 55.27 32.54
CA SER F 14 28.15 56.13 32.29
C SER F 14 28.39 56.39 30.80
N GLN F 15 27.44 56.05 29.94
CA GLN F 15 27.61 56.21 28.49
C GLN F 15 26.34 56.76 27.87
N PHE F 16 25.74 57.76 28.51
CA PHE F 16 24.46 58.28 28.01
C PHE F 16 24.63 59.03 26.70
N GLU F 17 25.82 59.58 26.45
CA GLU F 17 26.05 60.27 25.18
C GLU F 17 25.98 59.31 24.01
N ALA F 18 26.11 58.01 24.25
CA ALA F 18 26.03 57.01 23.20
C ALA F 18 24.63 56.43 23.07
N VAL F 19 24.01 56.07 24.19
CA VAL F 19 22.66 55.52 24.12
C VAL F 19 21.69 56.59 23.62
N GLY F 20 21.96 57.86 23.89
CA GLY F 20 21.13 58.91 23.33
C GLY F 20 21.15 58.91 21.81
N LEU F 21 22.35 58.83 21.22
CA LEU F 21 22.45 58.81 19.78
C LEU F 21 21.90 57.53 19.19
N LEU F 22 22.03 56.41 19.91
CA LEU F 22 21.47 55.15 19.40
C LEU F 22 19.95 55.21 19.38
N MET F 23 19.33 55.60 20.50
CA MET F 23 17.88 55.72 20.53
C MET F 23 17.37 56.88 19.69
N ALA F 24 18.22 57.80 19.27
CA ALA F 24 17.78 58.88 18.41
C ALA F 24 17.82 58.50 16.93
N HIS F 25 18.73 57.61 16.55
CA HIS F 25 18.83 57.15 15.17
C HIS F 25 18.05 55.87 14.91
N SER F 26 16.99 55.63 15.67
CA SER F 26 16.21 54.40 15.50
C SER F 26 14.71 54.66 15.61
N TYR F 27 14.27 55.85 15.21
CA TYR F 27 12.85 56.15 15.11
C TYR F 27 12.39 55.95 13.68
N LEU F 28 11.19 55.41 13.51
CA LEU F 28 10.62 55.31 12.19
C LEU F 28 10.29 56.71 11.67
N PRO F 29 10.27 56.90 10.35
CA PRO F 29 10.09 58.25 9.81
C PRO F 29 8.73 58.84 10.21
N ALA F 30 8.75 60.13 10.55
CA ALA F 30 7.53 60.81 10.99
C ALA F 30 6.44 60.71 9.94
N ASN F 31 6.71 61.24 8.75
CA ASN F 31 5.78 61.07 7.64
C ASN F 31 5.73 59.61 7.22
N ALA F 32 4.54 59.17 6.80
CA ALA F 32 4.39 57.80 6.31
C ALA F 32 5.30 57.56 5.11
N GLU F 33 5.15 58.38 4.07
CA GLU F 33 6.12 58.38 2.99
C GLU F 33 7.47 58.84 3.53
N GLU F 34 8.54 58.22 3.03
CA GLU F 34 9.88 58.43 3.58
C GLU F 34 10.34 59.89 3.52
N GLY F 35 9.64 60.74 2.79
CA GLY F 35 10.10 62.11 2.62
C GLY F 35 10.94 62.26 1.37
N ILE F 36 12.26 62.24 1.53
CA ILE F 36 13.15 62.16 0.39
C ILE F 36 13.93 60.85 0.48
N ALA F 37 14.73 60.71 1.52
CA ALA F 37 15.39 59.45 1.82
C ALA F 37 15.78 59.47 3.29
N TYR F 38 15.09 58.69 4.11
CA TYR F 38 15.41 58.65 5.53
C TYR F 38 16.66 57.80 5.74
N PRO F 39 17.73 58.35 6.28
CA PRO F 39 19.01 57.63 6.31
C PRO F 39 18.94 56.32 7.09
N PRO F 40 18.32 56.28 8.28
CA PRO F 40 18.26 54.98 8.98
C PRO F 40 17.56 53.90 8.18
N LEU F 41 16.44 54.23 7.54
CA LEU F 41 15.72 53.22 6.78
C LEU F 41 16.52 52.71 5.59
N VAL F 42 17.21 53.61 4.88
CA VAL F 42 17.98 53.15 3.72
C VAL F 42 19.17 52.33 4.16
N HIS F 43 19.79 52.70 5.29
CA HIS F 43 20.88 51.88 5.81
C HIS F 43 20.38 50.50 6.23
N THR F 44 19.19 50.44 6.82
CA THR F 44 18.63 49.15 7.19
C THR F 44 18.35 48.30 5.97
N TYR F 45 17.72 48.91 4.95
CA TYR F 45 17.44 48.17 3.73
C TYR F 45 18.71 47.69 3.05
N GLU F 46 19.81 48.43 3.22
CA GLU F 46 21.09 47.92 2.72
C GLU F 46 21.62 46.78 3.59
N SER F 47 21.32 46.81 4.89
CA SER F 47 21.85 45.77 5.77
C SER F 47 21.12 44.45 5.63
N LEU F 48 19.85 44.47 5.24
CA LEU F 48 19.08 43.25 5.02
C LEU F 48 19.21 42.74 3.60
N SER F 49 20.10 43.32 2.81
CA SER F 49 20.35 42.83 1.47
C SER F 49 20.83 41.37 1.52
N PRO F 50 20.57 40.59 0.47
CA PRO F 50 20.98 39.17 0.51
C PRO F 50 22.46 38.96 0.27
N ALA F 51 23.17 39.93 -0.29
CA ALA F 51 24.58 39.79 -0.61
C ALA F 51 25.38 40.95 -0.05
N SER F 52 25.15 41.27 1.22
CA SER F 52 25.90 42.29 1.91
C SER F 52 26.69 41.66 3.06
N THR F 53 27.53 42.48 3.70
CA THR F 53 28.45 42.02 4.73
C THR F 53 27.98 42.51 6.10
N CYS F 54 28.06 41.62 7.09
CA CYS F 54 27.73 42.00 8.47
C CYS F 54 28.71 43.07 8.94
N ARG F 55 28.18 44.23 9.32
CA ARG F 55 29.05 45.34 9.67
C ARG F 55 29.78 45.10 10.98
N VAL F 56 29.19 44.33 11.90
CA VAL F 56 29.84 44.04 13.17
C VAL F 56 31.11 43.22 12.93
N CYS F 57 30.98 42.14 12.16
CA CYS F 57 32.15 41.32 11.87
C CYS F 57 33.19 42.10 11.10
N ASP F 58 32.75 42.97 10.19
CA ASP F 58 33.68 43.81 9.44
C ASP F 58 34.49 44.70 10.37
N LEU F 59 33.81 45.35 11.32
CA LEU F 59 34.52 46.18 12.29
C LEU F 59 35.47 45.37 13.14
N LEU F 60 35.01 44.20 13.62
CA LEU F 60 35.87 43.35 14.42
C LEU F 60 37.13 42.95 13.67
N ASP F 61 37.02 42.70 12.37
CA ASP F 61 38.21 42.30 11.62
C ASP F 61 39.10 43.49 11.29
N THR F 62 38.50 44.64 10.97
CA THR F 62 39.34 45.81 10.71
C THR F 62 40.01 46.33 11.97
N LEU F 63 39.58 45.87 13.16
CA LEU F 63 40.26 46.23 14.39
C LEU F 63 41.25 45.15 14.85
N VAL F 64 40.77 43.92 15.02
CA VAL F 64 41.60 42.88 15.62
C VAL F 64 42.75 42.49 14.71
N ASN F 65 42.50 42.39 13.40
CA ASN F 65 43.53 41.94 12.47
C ASN F 65 44.60 42.98 12.22
N HIS F 66 44.63 44.04 13.02
CA HIS F 66 45.76 44.95 13.07
C HIS F 66 46.72 44.47 14.15
N SER F 67 47.69 45.30 14.51
CA SER F 67 48.73 44.90 15.45
C SER F 67 48.18 44.66 16.86
N ASP F 68 48.83 43.75 17.56
CA ASP F 68 48.71 43.54 19.01
C ASP F 68 47.26 43.65 19.53
N ALA F 69 46.39 42.85 18.93
CA ALA F 69 45.06 42.67 19.50
C ALA F 69 45.19 42.07 20.89
N PRO F 70 44.85 42.82 21.93
CA PRO F 70 45.12 42.34 23.30
C PRO F 70 44.36 41.07 23.60
N VAL F 71 45.01 40.16 24.32
CA VAL F 71 44.35 38.96 24.79
C VAL F 71 43.37 39.39 25.89
N ALA F 72 42.46 38.50 26.26
CA ALA F 72 41.37 38.76 27.21
C ALA F 72 40.32 39.65 26.57
N PHE F 73 40.61 40.16 25.37
CA PHE F 73 39.55 40.76 24.57
C PHE F 73 38.63 39.69 24.02
N PHE F 74 39.22 38.60 23.53
CA PHE F 74 38.40 37.48 23.10
C PHE F 74 37.64 36.86 24.27
N GLU F 75 38.21 36.95 25.47
CA GLU F 75 37.50 36.43 26.64
C GLU F 75 36.31 37.31 27.00
N ASP F 76 36.48 38.63 26.99
CA ASP F 76 35.35 39.52 27.27
C ASP F 76 34.30 39.41 26.18
N TYR F 77 34.72 39.28 24.93
CA TYR F 77 33.77 39.09 23.84
C TYR F 77 33.02 37.78 23.99
N ALA F 78 33.70 36.71 24.38
CA ALA F 78 33.03 35.44 24.60
C ALA F 78 32.06 35.52 25.77
N LEU F 79 32.39 36.29 26.80
CA LEU F 79 31.47 36.47 27.91
C LEU F 79 30.22 37.23 27.46
N LEU F 80 30.40 38.31 26.70
CA LEU F 80 29.26 39.05 26.20
C LEU F 80 28.38 38.17 25.31
N CYS F 81 29.01 37.33 24.49
CA CYS F 81 28.24 36.42 23.65
C CYS F 81 27.51 35.38 24.48
N TYR F 82 28.13 34.90 25.55
CA TYR F 82 27.45 33.93 26.41
C TYR F 82 26.25 34.55 27.08
N TYR F 83 26.33 35.83 27.46
CA TYR F 83 25.18 36.48 28.04
C TYR F 83 24.08 36.69 27.01
N CYS F 84 24.44 37.22 25.84
CA CYS F 84 23.45 37.38 24.77
C CYS F 84 22.85 36.06 24.34
N LEU F 85 23.50 34.95 24.65
CA LEU F 85 22.92 33.63 24.41
C LEU F 85 21.83 33.29 25.41
N ASN F 86 21.66 34.08 26.46
CA ASN F 86 20.71 33.81 27.54
C ASN F 86 19.90 35.05 27.87
N ALA F 87 19.39 35.72 26.86
CA ALA F 87 18.57 36.90 27.04
C ALA F 87 17.32 36.80 26.18
N PRO F 88 16.25 37.48 26.55
CA PRO F 88 15.04 37.43 25.72
C PRO F 88 15.15 38.40 24.56
N ARG F 89 14.69 37.95 23.40
CA ARG F 89 14.69 38.78 22.21
C ARG F 89 13.68 39.90 22.41
N ALA F 90 14.17 41.09 22.74
CA ALA F 90 13.29 42.21 23.06
C ALA F 90 14.07 43.50 22.86
N TRP F 91 13.51 44.58 23.39
CA TRP F 91 14.08 45.91 23.23
C TRP F 91 15.25 46.14 24.18
N ILE F 92 15.03 45.87 25.47
CA ILE F 92 16.06 46.10 26.47
C ILE F 92 17.29 45.24 26.20
N SER F 93 17.09 44.05 25.63
CA SER F 93 18.23 43.18 25.35
C SER F 93 19.13 43.78 24.28
N SER F 94 18.54 44.24 23.19
CA SER F 94 19.32 44.86 22.13
C SER F 94 20.04 46.10 22.65
N LEU F 95 19.35 46.93 23.44
CA LEU F 95 20.00 48.14 23.95
C LEU F 95 21.19 47.79 24.83
N ILE F 96 21.00 46.85 25.76
CA ILE F 96 22.08 46.50 26.68
C ILE F 96 23.25 45.88 25.92
N THR F 97 22.97 45.03 24.94
CA THR F 97 24.04 44.42 24.16
C THR F 97 24.84 45.48 23.41
N GLY F 98 24.15 46.44 22.79
CA GLY F 98 24.87 47.50 22.10
C GLY F 98 25.75 48.30 23.03
N MET F 99 25.21 48.67 24.20
CA MET F 99 25.98 49.47 25.13
C MET F 99 27.20 48.72 25.65
N ASP F 100 27.03 47.44 25.97
CA ASP F 100 28.18 46.68 26.48
C ASP F 100 29.21 46.41 25.40
N PHE F 101 28.78 46.20 24.16
CA PHE F 101 29.74 46.08 23.06
C PHE F 101 30.56 47.35 22.92
N LEU F 102 29.91 48.51 22.94
CA LEU F 102 30.64 49.76 22.86
C LEU F 102 31.58 49.92 24.05
N HIS F 103 31.18 49.46 25.22
CA HIS F 103 32.05 49.56 26.39
C HIS F 103 33.31 48.73 26.21
N ILE F 104 33.17 47.49 25.75
CA ILE F 104 34.33 46.65 25.51
C ILE F 104 35.25 47.29 24.48
N LEU F 105 34.68 47.81 23.40
CA LEU F 105 35.52 48.42 22.36
C LEU F 105 36.28 49.62 22.89
N ILE F 106 35.60 50.50 23.62
CA ILE F 106 36.27 51.68 24.18
C ILE F 106 37.35 51.26 25.17
N LYS F 107 37.14 50.14 25.88
CA LYS F 107 38.11 49.71 26.87
C LYS F 107 39.38 49.17 26.20
N TYR F 108 39.24 48.16 25.37
CA TYR F 108 40.44 47.45 24.90
C TYR F 108 41.09 48.10 23.69
N PHE F 109 40.32 48.73 22.81
CA PHE F 109 40.86 49.32 21.58
C PHE F 109 40.65 50.83 21.60
N PRO F 110 41.40 51.55 22.43
CA PRO F 110 41.19 53.01 22.52
C PRO F 110 41.76 53.79 21.35
N MET F 111 42.79 53.26 20.68
CA MET F 111 43.41 53.94 19.56
C MET F 111 42.60 53.84 18.27
N ALA F 112 41.46 53.16 18.28
CA ALA F 112 40.66 53.04 17.08
C ALA F 112 40.14 54.41 16.65
N GLY F 113 39.65 54.47 15.42
CA GLY F 113 39.32 55.75 14.81
C GLY F 113 38.12 56.47 15.37
N GLY F 114 36.92 55.93 15.15
CA GLY F 114 35.72 56.68 15.43
C GLY F 114 34.78 56.05 16.43
N LEU F 115 35.33 55.44 17.48
CA LEU F 115 34.49 54.82 18.49
C LEU F 115 33.68 55.82 19.28
N ASP F 116 33.90 57.13 19.10
CA ASP F 116 33.08 58.12 19.77
C ASP F 116 31.79 58.41 19.02
N SER F 117 31.69 57.99 17.75
CA SER F 117 30.51 58.20 16.94
C SER F 117 30.15 56.90 16.21
N LEU F 118 30.14 55.80 16.95
CA LEU F 118 29.95 54.49 16.32
C LEU F 118 28.53 54.32 15.80
N PHE F 119 27.54 54.81 16.52
CA PHE F 119 26.15 54.52 16.21
C PHE F 119 25.55 55.63 15.35
N MET F 120 26.05 55.73 14.13
CA MET F 120 25.57 56.65 13.11
C MET F 120 25.23 55.86 11.86
N PRO F 121 24.42 56.43 10.97
CA PRO F 121 24.20 55.77 9.67
C PRO F 121 25.51 55.51 8.94
N SER F 122 25.52 54.55 8.02
CA SER F 122 26.73 54.09 7.35
C SER F 122 27.75 53.52 8.34
N ARG F 123 27.31 53.22 9.55
CA ARG F 123 28.14 52.58 10.57
C ARG F 123 27.27 51.56 11.28
N ILE F 124 27.72 51.09 12.44
CA ILE F 124 26.91 50.14 13.20
C ILE F 124 25.65 50.80 13.70
N LEU F 125 24.50 50.19 13.41
CA LEU F 125 23.23 50.64 13.97
C LEU F 125 22.50 49.50 14.65
N ALA F 126 21.24 49.73 15.02
CA ALA F 126 20.51 48.76 15.84
C ALA F 126 20.24 47.47 15.07
N ILE F 127 19.79 47.57 13.83
CA ILE F 127 19.50 46.37 13.05
C ILE F 127 20.74 45.53 12.89
N ASP F 128 21.92 46.15 12.83
CA ASP F 128 23.15 45.38 12.71
C ASP F 128 23.46 44.64 14.00
N ILE F 129 23.21 45.28 15.15
CA ILE F 129 23.41 44.59 16.42
C ILE F 129 22.49 43.38 16.53
N GLN F 130 21.24 43.54 16.11
CA GLN F 130 20.33 42.41 16.13
C GLN F 130 20.80 41.30 15.19
N LEU F 131 21.09 41.66 13.94
CA LEU F 131 21.54 40.69 12.94
C LEU F 131 22.83 40.00 13.33
N HIS F 132 23.62 40.59 14.22
CA HIS F 132 24.83 39.88 14.63
C HIS F 132 24.58 39.00 15.84
N PHE F 133 23.94 39.53 16.87
CA PHE F 133 23.90 38.81 18.14
C PHE F 133 22.70 37.89 18.29
N TYR F 134 21.55 38.22 17.71
CA TYR F 134 20.34 37.44 17.94
C TYR F 134 19.84 36.72 16.70
N ILE F 135 19.57 37.45 15.62
CA ILE F 135 19.17 36.82 14.37
C ILE F 135 20.42 36.38 13.63
N CYS F 136 20.49 35.10 13.27
CA CYS F 136 21.66 34.51 12.60
C CYS F 136 22.95 34.85 13.34
N ARG F 137 23.03 34.32 14.57
CA ARG F 137 24.16 34.60 15.44
C ARG F 137 25.47 34.20 14.79
N CYS F 138 26.46 35.09 14.86
CA CYS F 138 27.74 34.93 14.18
C CYS F 138 28.87 34.60 15.14
N PHE F 139 28.61 33.87 16.21
CA PHE F 139 29.69 33.49 17.12
C PHE F 139 29.66 32.04 17.56
N LEU F 140 28.61 31.30 17.30
CA LEU F 140 28.56 29.89 17.70
C LEU F 140 29.61 29.11 16.92
N PRO F 141 30.40 28.27 17.57
CA PRO F 141 31.32 27.41 16.83
C PRO F 141 30.57 26.40 15.99
N VAL F 142 31.04 26.19 14.77
CA VAL F 142 30.36 25.32 13.81
C VAL F 142 31.41 24.57 13.02
N SER F 143 31.05 23.35 12.61
CA SER F 143 31.96 22.55 11.81
C SER F 143 31.99 23.05 10.37
N SER F 144 33.10 22.77 9.68
CA SER F 144 33.29 23.28 8.34
C SER F 144 32.23 22.75 7.37
N SER F 145 31.78 21.52 7.59
CA SER F 145 30.80 20.89 6.71
C SER F 145 29.37 21.27 7.04
N ASP F 146 29.16 22.40 7.73
CA ASP F 146 27.83 22.78 8.18
C ASP F 146 27.60 24.26 7.93
N MET F 147 27.95 24.73 6.74
CA MET F 147 27.65 26.10 6.35
C MET F 147 26.58 26.19 5.28
N ILE F 148 26.03 25.06 4.84
CA ILE F 148 25.13 25.01 3.70
C ILE F 148 23.69 25.22 4.16
N ARG F 149 23.21 24.31 5.01
CA ARG F 149 21.87 24.47 5.58
C ARG F 149 21.75 25.82 6.27
N ASN F 150 22.81 26.26 6.94
CA ASN F 150 22.79 27.55 7.61
C ASN F 150 22.63 28.69 6.61
N ALA F 151 23.32 28.61 5.47
CA ALA F 151 23.17 29.65 4.46
C ALA F 151 21.75 29.69 3.92
N ASN F 152 21.14 28.53 3.69
CA ASN F 152 19.79 28.49 3.14
C ASN F 152 18.79 29.11 4.13
N LEU F 153 18.85 28.66 5.38
CA LEU F 153 17.98 29.22 6.40
C LEU F 153 18.24 30.72 6.57
N GLY F 154 19.48 31.16 6.40
CA GLY F 154 19.76 32.58 6.46
C GLY F 154 19.06 33.36 5.36
N TYR F 155 19.06 32.81 4.15
CA TYR F 155 18.33 33.46 3.07
C TYR F 155 16.86 33.63 3.44
N TYR F 156 16.24 32.57 3.96
CA TYR F 156 14.82 32.68 4.28
C TYR F 156 14.57 33.66 5.42
N LYS F 157 15.41 33.60 6.47
CA LYS F 157 15.36 34.56 7.57
C LYS F 157 15.33 35.99 7.05
N LEU F 158 16.34 36.34 6.25
CA LEU F 158 16.49 37.73 5.83
C LEU F 158 15.36 38.16 4.90
N GLU F 159 14.93 37.26 4.01
CA GLU F 159 13.83 37.60 3.13
C GLU F 159 12.56 37.93 3.92
N PHE F 160 12.24 37.11 4.91
CA PHE F 160 11.02 37.38 5.66
C PHE F 160 11.15 38.52 6.66
N LEU F 161 12.36 38.81 7.13
CA LEU F 161 12.55 40.02 7.93
C LEU F 161 12.31 41.27 7.09
N LYS F 162 12.90 41.31 5.89
CA LYS F 162 12.61 42.40 4.98
C LYS F 162 11.12 42.49 4.71
N SER F 163 10.43 41.35 4.68
CA SER F 163 8.98 41.38 4.50
C SER F 163 8.28 42.03 5.69
N ILE F 164 8.69 41.68 6.91
CA ILE F 164 8.12 42.31 8.11
C ILE F 164 8.31 43.82 8.05
N LEU F 165 9.48 44.25 7.59
CA LEU F 165 9.78 45.68 7.61
C LEU F 165 9.03 46.44 6.52
N THR F 166 9.04 45.92 5.29
CA THR F 166 8.49 46.67 4.17
C THR F 166 6.95 46.65 4.14
N GLY F 167 6.33 45.63 4.72
CA GLY F 167 4.89 45.57 4.79
C GLY F 167 4.19 44.80 3.69
N GLN F 168 4.90 43.93 2.96
CA GLN F 168 4.29 43.15 1.91
C GLN F 168 5.00 41.80 1.80
N SER F 169 4.21 40.74 1.65
CA SER F 169 4.75 39.39 1.65
C SER F 169 5.72 39.19 0.49
N PRO F 170 6.62 38.21 0.60
CA PRO F 170 7.57 37.98 -0.49
C PRO F 170 6.88 37.64 -1.79
N ALA F 171 7.44 38.11 -2.89
CA ALA F 171 6.85 37.90 -4.20
C ALA F 171 6.81 36.42 -4.56
N ASN F 172 7.98 35.78 -4.66
CA ASN F 172 8.10 34.42 -5.16
C ASN F 172 8.30 33.48 -3.97
N PHE F 173 7.20 32.95 -3.45
CA PHE F 173 7.28 32.03 -2.33
C PHE F 173 6.00 31.22 -2.24
N CYS F 174 6.12 29.90 -2.40
CA CYS F 174 5.04 28.96 -2.13
C CYS F 174 5.50 28.04 -1.00
N PHE F 175 4.78 28.07 0.12
CA PHE F 175 5.26 27.37 1.31
C PHE F 175 5.41 25.88 1.05
N LYS F 176 4.34 25.23 0.59
CA LYS F 176 4.48 23.87 0.10
C LYS F 176 5.45 23.86 -1.09
N SER F 177 6.14 22.73 -1.24
CA SER F 177 7.18 22.53 -2.25
C SER F 177 8.45 23.30 -1.89
N MET F 178 8.38 24.11 -0.84
CA MET F 178 9.55 24.69 -0.21
C MET F 178 9.54 24.29 1.27
N TRP F 179 10.50 24.82 2.01
CA TRP F 179 10.59 24.56 3.43
C TRP F 179 10.71 23.06 3.73
N THR F 241 26.04 42.66 39.69
CA THR F 241 25.12 42.62 38.56
C THR F 241 23.68 42.72 39.02
N LYS F 242 23.47 42.64 40.34
CA LYS F 242 22.12 42.72 40.91
C LYS F 242 21.68 44.18 40.91
N ALA F 243 21.07 44.59 39.80
CA ALA F 243 20.53 45.94 39.68
C ALA F 243 19.56 45.96 38.51
N ASP F 244 18.35 46.44 38.76
CA ASP F 244 17.29 46.39 37.76
C ASP F 244 17.54 47.43 36.67
N TYR F 245 16.68 47.39 35.66
CA TYR F 245 16.67 48.38 34.58
C TYR F 245 15.33 49.08 34.44
N CYS F 246 14.33 48.71 35.26
CA CYS F 246 12.96 49.16 35.06
C CYS F 246 12.87 50.68 34.96
N GLY F 247 13.81 51.40 35.55
CA GLY F 247 13.85 52.84 35.38
C GLY F 247 14.04 53.25 33.93
N LEU F 248 14.81 52.47 33.18
CA LEU F 248 15.04 52.81 31.78
C LEU F 248 13.77 52.62 30.96
N LEU F 249 13.05 51.52 31.18
CA LEU F 249 11.81 51.28 30.44
C LEU F 249 10.75 52.29 30.81
N LEU F 250 10.51 52.49 32.11
CA LEU F 250 9.46 53.40 32.53
C LEU F 250 9.81 54.85 32.21
N GLY F 251 11.09 55.18 32.15
CA GLY F 251 11.52 56.52 31.83
C GLY F 251 11.09 56.94 30.43
N THR F 252 11.58 56.22 29.43
CA THR F 252 11.09 56.41 28.07
C THR F 252 9.76 55.67 27.93
N TRP F 253 9.32 55.48 26.69
CA TRP F 253 8.06 54.79 26.40
C TRP F 253 6.87 55.52 27.02
N GLN F 254 6.72 56.79 26.63
CA GLN F 254 5.51 57.55 26.86
C GLN F 254 4.64 57.64 25.61
N GLY F 255 4.88 56.75 24.64
CA GLY F 255 4.03 56.65 23.47
C GLY F 255 2.80 55.83 23.81
N THR F 256 2.43 54.91 22.93
CA THR F 256 1.25 54.08 23.11
C THR F 256 1.60 52.66 23.54
N ASP F 257 2.80 52.45 24.07
CA ASP F 257 3.27 51.11 24.39
C ASP F 257 2.68 50.55 25.68
N LEU F 258 1.89 51.33 26.42
CA LEU F 258 1.35 50.83 27.68
C LEU F 258 -0.16 50.66 27.65
N LEU F 259 -0.91 51.74 27.43
CA LEU F 259 -2.36 51.71 27.29
C LEU F 259 -3.04 50.91 28.41
N GLY F 260 -2.40 50.80 29.57
CA GLY F 260 -2.92 49.98 30.64
C GLY F 260 -4.03 50.63 31.44
N GLY F 261 -4.01 50.44 32.76
CA GLY F 261 -4.98 51.06 33.62
C GLY F 261 -4.83 52.57 33.66
N PRO F 262 -3.73 53.04 34.24
CA PRO F 262 -3.41 54.47 34.17
C PRO F 262 -2.49 54.78 33.00
N GLY F 263 -2.31 56.07 32.77
CA GLY F 263 -1.45 56.55 31.69
C GLY F 263 -1.47 58.05 31.53
N ALA F 279 17.56 56.39 39.45
CA ALA F 279 18.29 57.47 38.80
C ALA F 279 18.24 57.32 37.28
N GLU F 280 17.57 56.26 36.82
CA GLU F 280 17.46 56.03 35.39
C GLU F 280 16.38 56.90 34.76
N LEU F 281 15.21 56.97 35.40
CA LEU F 281 14.10 57.75 34.84
C LEU F 281 14.49 59.21 34.66
N ALA F 282 15.24 59.77 35.60
CA ALA F 282 15.63 61.17 35.50
C ALA F 282 16.48 61.41 34.26
N LEU F 283 17.41 60.50 33.98
CA LEU F 283 18.36 60.68 32.88
C LEU F 283 17.92 59.96 31.61
N ALA F 284 16.64 59.64 31.47
CA ALA F 284 16.11 58.99 30.28
C ALA F 284 15.09 59.86 29.56
N ILE F 285 15.36 61.16 29.43
CA ILE F 285 14.41 62.11 28.86
C ILE F 285 15.12 62.84 27.71
N THR F 286 14.86 62.40 26.49
CA THR F 286 15.34 63.03 25.25
C THR F 286 14.50 62.48 24.11
N ARG F 287 14.35 63.27 23.04
CA ARG F 287 13.52 62.80 21.93
C ARG F 287 13.87 63.53 20.65
N PRO F 288 13.95 62.84 19.51
CA PRO F 288 14.19 63.53 18.23
C PRO F 288 12.91 64.09 17.63
N GLU F 289 13.02 64.66 16.43
CA GLU F 289 11.90 65.36 15.81
C GLU F 289 11.67 64.90 14.37
N ALA F 290 12.71 64.40 13.71
CA ALA F 290 12.58 64.00 12.32
C ALA F 290 11.76 62.73 12.15
N GLY F 291 11.51 61.98 13.23
CA GLY F 291 10.80 60.72 13.15
C GLY F 291 9.52 60.74 13.97
N ASP F 292 8.77 59.65 13.86
CA ASP F 292 7.48 59.50 14.53
C ASP F 292 7.75 59.30 16.02
N HIS F 293 7.59 60.37 16.80
CA HIS F 293 7.81 60.28 18.23
C HIS F 293 6.62 59.69 18.98
N SER F 294 5.67 59.09 18.28
CA SER F 294 4.57 58.39 18.93
C SER F 294 4.77 56.89 18.99
N GLN F 295 5.60 56.33 18.11
CA GLN F 295 5.88 54.90 18.11
C GLN F 295 7.13 54.54 18.89
N GLY F 296 7.97 55.52 19.22
CA GLY F 296 9.15 55.29 20.01
C GLY F 296 10.23 54.56 19.24
N PRO F 297 11.31 54.20 19.94
CA PRO F 297 12.44 53.53 19.26
C PRO F 297 12.08 52.14 18.77
N CYS F 298 11.35 52.07 17.66
CA CYS F 298 10.88 50.78 17.16
C CYS F 298 12.04 49.91 16.68
N LEU F 299 13.00 50.50 15.97
CA LEU F 299 14.01 49.71 15.27
C LEU F 299 14.91 48.91 16.19
N LEU F 300 14.79 49.06 17.51
CA LEU F 300 15.50 48.17 18.42
C LEU F 300 14.74 46.88 18.67
N ALA F 301 13.42 46.93 18.61
CA ALA F 301 12.56 45.79 18.87
C ALA F 301 12.81 44.68 17.86
N PRO F 302 12.35 43.46 18.09
CA PRO F 302 12.48 42.40 17.08
C PRO F 302 11.36 42.36 16.07
N MET F 303 10.46 43.35 16.06
CA MET F 303 9.39 43.42 15.08
C MET F 303 9.42 44.69 14.25
N PHE F 304 10.33 45.62 14.55
CA PHE F 304 10.53 46.82 13.74
C PHE F 304 9.22 47.60 13.58
N GLY F 305 8.52 47.80 14.68
CA GLY F 305 7.31 48.59 14.63
C GLY F 305 6.41 48.29 15.80
N LEU F 306 5.45 49.19 16.02
CA LEU F 306 4.48 49.06 17.10
C LEU F 306 3.09 49.25 16.52
N ARG F 307 2.50 48.17 16.03
CA ARG F 307 1.11 48.13 15.64
C ARG F 307 0.34 47.30 16.66
N HIS F 308 -0.92 47.65 16.88
CA HIS F 308 -1.69 46.92 17.88
C HIS F 308 -3.14 46.76 17.46
N LYS F 309 -3.67 45.58 17.76
CA LYS F 309 -5.02 45.15 17.43
C LYS F 309 -5.60 44.40 18.62
N ASN F 310 -6.87 44.66 18.94
CA ASN F 310 -7.53 44.03 20.07
C ASN F 310 -6.78 44.28 21.39
N ALA F 311 -6.24 45.48 21.53
CA ALA F 311 -5.52 45.89 22.73
C ALA F 311 -4.33 44.99 23.03
N SER F 312 -3.67 44.48 21.99
CA SER F 312 -2.42 43.75 22.11
C SER F 312 -1.47 44.25 21.05
N ARG F 313 -0.21 44.47 21.42
CA ARG F 313 0.74 45.15 20.56
C ARG F 313 1.87 44.21 20.17
N THR F 314 2.75 44.70 19.29
CA THR F 314 3.84 43.92 18.75
C THR F 314 5.14 44.11 19.52
N ILE F 315 5.10 44.79 20.66
CA ILE F 315 6.25 44.90 21.55
C ILE F 315 5.75 44.45 22.92
N CYS F 316 5.89 43.17 23.21
CA CYS F 316 5.33 42.58 24.42
C CYS F 316 6.06 43.12 25.64
N PRO F 317 5.45 43.98 26.45
CA PRO F 317 6.17 44.54 27.60
C PRO F 317 6.63 43.49 28.59
N LEU F 318 5.87 42.40 28.75
CA LEU F 318 6.33 41.33 29.63
C LEU F 318 7.68 40.80 29.20
N CYS F 319 7.96 40.79 27.90
CA CYS F 319 9.27 40.37 27.41
C CYS F 319 10.36 41.40 27.68
N GLU F 320 10.00 42.63 28.03
CA GLU F 320 10.98 43.54 28.61
C GLU F 320 11.20 43.25 30.08
N SER F 321 10.12 43.04 30.82
CA SER F 321 10.28 42.70 32.23
C SER F 321 11.14 41.46 32.41
N LEU F 322 11.02 40.48 31.52
CA LEU F 322 11.85 39.29 31.61
C LEU F 322 13.33 39.63 31.59
N GLY F 323 13.70 40.75 31.00
CA GLY F 323 15.11 41.06 30.84
C GLY F 323 15.57 42.26 31.66
N ALA F 324 14.65 42.92 32.35
CA ALA F 324 15.01 44.13 33.10
C ALA F 324 14.83 43.97 34.60
N HIS F 325 14.68 42.76 35.12
CA HIS F 325 14.49 42.58 36.55
C HIS F 325 14.68 41.11 36.90
N PRO F 326 15.27 40.79 38.05
CA PRO F 326 15.52 39.39 38.39
C PRO F 326 14.28 38.62 38.80
N ASP F 327 13.32 39.31 39.42
CA ASP F 327 12.14 38.66 39.97
C ASP F 327 10.96 38.65 39.01
N ALA F 328 11.21 38.66 37.70
CA ALA F 328 10.13 38.76 36.74
C ALA F 328 9.69 37.40 36.21
N LYS F 329 10.64 36.57 35.80
CA LYS F 329 10.27 35.26 35.27
C LYS F 329 9.55 34.42 36.32
N ASP F 330 10.01 34.47 37.57
CA ASP F 330 9.36 33.71 38.63
C ASP F 330 7.99 34.28 38.95
N THR F 331 7.85 35.62 38.92
CA THR F 331 6.55 36.22 39.13
C THR F 331 5.56 35.77 38.06
N LEU F 332 5.98 35.75 36.81
CA LEU F 332 5.08 35.32 35.74
C LEU F 332 4.77 33.83 35.85
N ASP F 333 5.74 33.01 36.28
CA ASP F 333 5.45 31.61 36.49
C ASP F 333 4.41 31.41 37.58
N ARG F 334 4.54 32.16 38.69
CA ARG F 334 3.55 32.09 39.75
C ARG F 334 2.18 32.55 39.26
N PHE F 335 2.16 33.60 38.44
CA PHE F 335 0.89 34.08 37.90
C PHE F 335 0.23 33.02 37.02
N LYS F 336 1.01 32.35 36.17
CA LYS F 336 0.46 31.31 35.32
C LYS F 336 -0.07 30.15 36.16
N SER F 337 0.66 29.77 37.22
CA SER F 337 0.18 28.70 38.08
C SER F 337 -1.13 29.09 38.76
N LEU F 338 -1.24 30.34 39.22
CA LEU F 338 -2.49 30.81 39.80
C LEU F 338 -3.63 30.71 38.80
N ILE F 339 -3.41 31.18 37.57
CA ILE F 339 -4.46 31.11 36.55
C ILE F 339 -4.90 29.68 36.35
N LEU F 340 -3.93 28.77 36.18
CA LEU F 340 -4.28 27.39 35.84
C LEU F 340 -4.96 26.67 37.00
N ASP F 341 -4.63 27.02 38.24
CA ASP F 341 -5.03 26.18 39.38
C ASP F 341 -6.11 26.77 40.27
N SER F 342 -6.35 28.08 40.22
CA SER F 342 -7.24 28.72 41.18
C SER F 342 -8.67 28.87 40.67
N PHE F 343 -9.13 27.94 39.83
CA PHE F 343 -10.51 27.97 39.36
C PHE F 343 -10.96 26.56 39.03
N GLY F 344 -12.26 26.31 39.20
CA GLY F 344 -12.81 25.01 38.91
C GLY F 344 -13.80 25.01 37.76
N ASN F 345 -14.42 26.17 37.53
CA ASN F 345 -15.40 26.28 36.46
C ASN F 345 -14.71 26.23 35.10
N ASN F 346 -15.50 26.30 34.05
CA ASN F 346 -14.98 26.44 32.69
C ASN F 346 -15.05 27.90 32.24
N ILE F 347 -14.30 28.76 32.92
CA ILE F 347 -14.21 30.16 32.56
C ILE F 347 -13.06 30.33 31.58
N LYS F 348 -13.30 31.13 30.54
CA LYS F 348 -12.27 31.37 29.54
C LYS F 348 -11.05 32.03 30.19
N ILE F 349 -9.89 31.80 29.58
CA ILE F 349 -8.63 32.18 30.23
C ILE F 349 -8.48 33.69 30.32
N LEU F 350 -8.97 34.43 29.32
CA LEU F 350 -8.94 35.88 29.42
C LEU F 350 -9.78 36.36 30.59
N ASP F 351 -10.90 35.69 30.87
CA ASP F 351 -11.70 36.07 32.02
C ASP F 351 -10.99 35.77 33.33
N ARG F 352 -10.32 34.61 33.41
CA ARG F 352 -9.53 34.31 34.60
C ARG F 352 -8.49 35.39 34.83
N ILE F 353 -7.82 35.85 33.77
CA ILE F 353 -6.81 36.88 33.94
C ILE F 353 -7.45 38.19 34.40
N VAL F 354 -8.56 38.57 33.79
CA VAL F 354 -9.20 39.84 34.16
C VAL F 354 -9.65 39.80 35.61
N PHE F 355 -10.14 38.65 36.07
CA PHE F 355 -10.61 38.56 37.45
C PHE F 355 -9.45 38.57 38.42
N LEU F 356 -8.40 37.78 38.14
CA LEU F 356 -7.24 37.77 39.03
C LEU F 356 -6.57 39.13 39.11
N ILE F 357 -6.70 39.94 38.06
CA ILE F 357 -6.09 41.27 38.12
C ILE F 357 -7.02 42.28 38.75
N LYS F 358 -8.33 42.09 38.63
CA LYS F 358 -9.29 43.11 39.06
C LYS F 358 -9.67 42.99 40.52
N THR F 359 -10.26 41.86 40.91
CA THR F 359 -10.83 41.75 42.26
C THR F 359 -9.77 41.44 43.30
N GLN F 360 -9.15 40.26 43.20
CA GLN F 360 -8.11 39.87 44.15
C GLN F 360 -6.77 40.29 43.55
N ASN F 361 -6.45 41.57 43.74
CA ASN F 361 -5.27 42.16 43.13
C ASN F 361 -4.02 41.36 43.47
N THR F 362 -3.44 40.73 42.45
CA THR F 362 -2.19 40.01 42.59
C THR F 362 -1.01 40.79 42.04
N LEU F 363 -1.25 42.02 41.57
CA LEU F 363 -0.19 42.89 41.09
C LEU F 363 0.20 43.95 42.11
N LEU F 364 -0.07 43.70 43.39
CA LEU F 364 0.40 44.54 44.47
C LEU F 364 1.43 43.86 45.36
N ASP F 365 1.30 42.55 45.57
CA ASP F 365 2.26 41.79 46.37
C ASP F 365 3.50 41.43 45.54
N VAL F 366 4.17 42.47 45.05
CA VAL F 366 5.40 42.33 44.29
C VAL F 366 6.46 43.18 44.98
N PRO F 367 7.67 42.65 45.20
CA PRO F 367 8.67 43.40 45.99
C PRO F 367 9.03 44.77 45.42
N CYS F 368 9.53 44.80 44.20
CA CYS F 368 9.99 46.06 43.63
C CYS F 368 8.81 47.00 43.40
N PRO F 369 8.94 48.27 43.75
CA PRO F 369 7.86 49.23 43.45
C PRO F 369 7.81 49.57 41.97
N ARG F 370 8.98 49.67 41.33
CA ARG F 370 9.02 49.99 39.91
C ARG F 370 8.48 48.84 39.07
N LEU F 371 8.75 47.60 39.48
CA LEU F 371 8.24 46.46 38.75
C LEU F 371 6.71 46.47 38.74
N ARG F 372 6.10 46.38 39.91
CA ARG F 372 4.64 46.37 39.94
C ARG F 372 4.03 47.71 39.59
N ALA F 373 4.82 48.76 39.41
CA ALA F 373 4.31 50.01 38.86
C ALA F 373 4.27 50.00 37.36
N TRP F 374 5.22 49.31 36.72
CA TRP F 374 5.25 49.16 35.28
C TRP F 374 4.49 47.92 34.81
N LEU F 375 4.07 47.07 35.73
CA LEU F 375 3.38 45.83 35.41
C LEU F 375 1.87 45.95 35.52
N GLN F 376 1.38 46.71 36.49
CA GLN F 376 -0.05 46.91 36.66
C GLN F 376 -0.64 47.88 35.65
N MET F 377 0.12 48.27 34.63
CA MET F 377 -0.38 49.06 33.53
C MET F 377 -0.27 48.28 32.23
N CYS F 378 -0.54 46.98 32.29
CA CYS F 378 -0.52 46.09 31.13
C CYS F 378 -1.90 45.45 31.00
N THR F 379 -2.57 45.74 29.88
CA THR F 379 -3.92 45.23 29.67
C THR F 379 -3.95 43.70 29.75
N PRO F 380 -5.01 43.13 30.29
CA PRO F 380 -5.04 41.67 30.47
C PRO F 380 -4.91 40.90 29.18
N GLN F 381 -5.33 41.47 28.06
CA GLN F 381 -5.10 40.80 26.78
C GLN F 381 -3.61 40.56 26.55
N ASP F 382 -2.77 41.46 27.06
CA ASP F 382 -1.34 41.29 26.88
C ASP F 382 -0.80 40.13 27.73
N PHE F 383 -1.27 40.03 28.98
CA PHE F 383 -0.93 38.87 29.79
C PHE F 383 -1.36 37.58 29.09
N HIS F 384 -2.58 37.56 28.56
CA HIS F 384 -3.06 36.37 27.88
C HIS F 384 -2.16 36.02 26.71
N LYS F 385 -1.89 36.98 25.83
CA LYS F 385 -1.02 36.75 24.69
C LYS F 385 0.30 36.16 25.14
N HIS F 386 1.01 36.89 25.99
CA HIS F 386 2.36 36.46 26.37
C HIS F 386 2.35 35.08 27.01
N LEU F 387 1.40 34.81 27.90
CA LEU F 387 1.48 33.59 28.67
C LEU F 387 1.03 32.37 27.88
N PHE F 388 -0.07 32.48 27.13
CA PHE F 388 -0.67 31.28 26.54
C PHE F 388 -0.71 31.25 25.02
N CYS F 389 -0.43 32.34 24.32
CA CYS F 389 -0.74 32.38 22.89
C CYS F 389 0.49 32.48 22.00
N ASP F 390 1.32 33.49 22.17
CA ASP F 390 2.30 33.81 21.15
C ASP F 390 3.49 32.85 21.20
N PRO F 391 4.05 32.47 20.05
CA PRO F 391 5.19 31.55 20.05
C PRO F 391 6.51 32.22 20.41
N LEU F 392 6.72 33.45 19.95
CA LEU F 392 7.95 34.15 20.26
C LEU F 392 8.05 34.43 21.75
N CYS F 393 6.92 34.76 22.38
CA CYS F 393 6.93 34.96 23.82
C CYS F 393 7.21 33.67 24.56
N ALA F 394 6.76 32.53 24.03
CA ALA F 394 7.10 31.26 24.64
C ALA F 394 8.60 30.98 24.52
N ILE F 395 9.18 31.26 23.35
CA ILE F 395 10.61 31.08 23.17
C ILE F 395 11.38 31.94 24.16
N ASN F 396 10.96 33.20 24.32
CA ASN F 396 11.62 34.08 25.30
C ASN F 396 11.49 33.52 26.71
N HIS F 397 10.27 33.21 27.13
CA HIS F 397 10.04 32.69 28.46
C HIS F 397 10.77 31.39 28.73
N SER F 398 11.13 30.65 27.69
CA SER F 398 11.80 29.37 27.86
C SER F 398 13.29 29.40 27.58
N ILE F 399 13.82 30.51 27.08
CA ILE F 399 15.25 30.59 26.80
C ILE F 399 15.99 31.51 27.77
N THR F 400 15.32 32.48 28.38
CA THR F 400 15.99 33.36 29.31
C THR F 400 16.37 32.59 30.59
N ASN F 401 17.23 33.21 31.39
CA ASN F 401 17.78 32.53 32.55
C ASN F 401 18.30 33.58 33.53
N PRO F 402 17.41 34.22 34.30
CA PRO F 402 17.82 35.43 35.04
C PRO F 402 18.88 35.19 36.11
N SER F 403 19.23 33.94 36.42
CA SER F 403 20.33 33.71 37.34
C SER F 403 21.67 34.03 36.68
N VAL F 404 21.76 33.88 35.36
CA VAL F 404 22.98 34.22 34.65
C VAL F 404 23.08 35.72 34.43
N LEU F 405 21.96 36.41 34.26
CA LEU F 405 21.99 37.84 34.01
C LEU F 405 22.07 38.65 35.28
N PHE F 406 21.56 38.15 36.39
CA PHE F 406 21.54 38.90 37.64
C PHE F 406 22.08 38.05 38.79
N GLY F 407 23.14 37.30 38.53
CA GLY F 407 23.74 36.48 39.56
C GLY F 407 25.26 36.52 39.54
N GLN F 408 25.87 36.50 40.72
CA GLN F 408 27.32 36.51 40.83
C GLN F 408 27.87 35.12 40.51
N ILE F 409 29.11 35.09 40.06
CA ILE F 409 29.79 33.87 39.67
C ILE F 409 30.90 33.59 40.67
N TYR F 410 31.08 32.32 41.03
CA TYR F 410 32.10 31.85 41.94
C TYR F 410 33.48 32.30 41.46
N PRO F 411 34.13 33.23 42.16
CA PRO F 411 35.38 33.81 41.67
C PRO F 411 36.46 32.78 41.41
N PRO F 412 36.62 31.75 42.25
CA PRO F 412 37.66 30.74 41.96
C PRO F 412 37.53 30.05 40.62
N SER F 413 36.37 30.11 39.96
CA SER F 413 36.18 29.48 38.66
C SER F 413 36.01 30.50 37.54
N PHE F 414 36.15 31.79 37.83
CA PHE F 414 35.85 32.83 36.85
C PHE F 414 36.81 32.79 35.67
N GLN F 415 38.12 32.76 35.95
CA GLN F 415 39.09 32.76 34.87
C GLN F 415 39.03 31.47 34.06
N ALA F 416 38.79 30.34 34.74
CA ALA F 416 38.63 29.09 34.02
C ALA F 416 37.45 29.14 33.07
N PHE F 417 36.32 29.71 33.53
CA PHE F 417 35.16 29.82 32.67
C PHE F 417 35.42 30.75 31.49
N LYS F 418 36.05 31.89 31.75
CA LYS F 418 36.40 32.82 30.68
C LYS F 418 37.25 32.12 29.62
N ALA F 419 38.29 31.40 30.05
CA ALA F 419 39.16 30.73 29.09
C ALA F 419 38.43 29.64 28.34
N ALA F 420 37.57 28.88 29.02
CA ALA F 420 36.80 27.85 28.34
C ALA F 420 35.89 28.44 27.28
N LEU F 421 35.32 29.62 27.56
CA LEU F 421 34.48 30.28 26.58
C LEU F 421 35.30 30.78 25.40
N ALA F 422 36.48 31.34 25.68
CA ALA F 422 37.34 31.84 24.61
C ALA F 422 37.64 30.75 23.59
N ALA F 423 37.88 29.53 24.07
CA ALA F 423 38.15 28.41 23.18
C ALA F 423 36.90 27.86 22.52
N GLY F 424 35.72 28.40 22.82
CA GLY F 424 34.49 27.89 22.24
C GLY F 424 34.12 26.52 22.75
N GLN F 425 33.74 26.43 24.03
CA GLN F 425 33.46 25.15 24.65
C GLN F 425 32.08 25.05 25.27
N ASN F 426 31.45 26.16 25.66
CA ASN F 426 30.16 26.11 26.35
C ASN F 426 29.05 26.84 25.60
N LEU F 427 29.35 27.40 24.43
CA LEU F 427 28.35 28.17 23.68
C LEU F 427 27.37 27.21 23.03
N GLU F 428 26.35 26.82 23.79
CA GLU F 428 25.32 25.92 23.29
C GLU F 428 24.32 26.71 22.45
N GLN F 429 23.83 26.08 21.38
CA GLN F 429 23.01 26.78 20.39
C GLN F 429 21.78 27.42 21.03
N GLY F 430 21.24 26.83 22.09
CA GLY F 430 20.02 27.34 22.67
C GLY F 430 18.80 26.78 21.99
N VAL F 431 18.19 27.54 21.09
CA VAL F 431 17.07 27.08 20.30
C VAL F 431 17.58 26.62 18.95
N CYS F 432 16.75 25.86 18.23
CA CYS F 432 17.08 25.45 16.88
C CYS F 432 17.15 26.67 15.97
N ASP F 433 17.47 26.43 14.70
CA ASP F 433 17.45 27.51 13.73
C ASP F 433 16.24 27.48 12.83
N SER F 434 15.71 26.30 12.52
CA SER F 434 14.47 26.22 11.77
C SER F 434 13.31 26.79 12.57
N LEU F 435 13.34 26.61 13.89
CA LEU F 435 12.26 27.13 14.73
C LEU F 435 12.21 28.65 14.68
N ILE F 436 13.36 29.31 14.74
CA ILE F 436 13.37 30.76 14.69
C ILE F 436 12.89 31.26 13.33
N THR F 437 13.34 30.63 12.25
CA THR F 437 12.87 31.02 10.94
C THR F 437 11.37 30.85 10.81
N LEU F 438 10.83 29.76 11.34
CA LEU F 438 9.39 29.54 11.27
C LEU F 438 8.64 30.56 12.09
N VAL F 439 9.17 30.93 13.26
CA VAL F 439 8.51 31.93 14.08
C VAL F 439 8.48 33.28 13.37
N TYR F 440 9.57 33.62 12.68
CA TYR F 440 9.59 34.90 11.97
C TYR F 440 8.65 34.89 10.78
N ILE F 441 8.55 33.75 10.08
CA ILE F 441 7.55 33.62 9.02
C ILE F 441 6.14 33.85 9.57
N PHE F 442 5.86 33.24 10.73
CA PHE F 442 4.53 33.38 11.32
C PHE F 442 4.24 34.82 11.69
N LYS F 443 5.20 35.50 12.33
CA LYS F 443 4.97 36.89 12.69
C LYS F 443 4.82 37.76 11.45
N SER F 444 5.52 37.43 10.37
CA SER F 444 5.37 38.18 9.13
C SER F 444 3.96 38.07 8.58
N THR F 445 3.43 36.85 8.48
CA THR F 445 2.06 36.72 8.00
C THR F 445 1.05 37.26 8.98
N GLN F 446 1.39 37.35 10.27
CA GLN F 446 0.47 37.90 11.25
C GLN F 446 0.41 39.43 11.19
N VAL F 447 1.52 40.08 10.83
CA VAL F 447 1.58 41.54 10.85
C VAL F 447 1.21 42.12 9.50
N ALA F 448 1.92 41.73 8.44
CA ALA F 448 1.73 42.32 7.13
C ALA F 448 0.56 41.65 6.41
N ARG F 449 0.41 41.93 5.12
CA ARG F 449 -0.60 41.30 4.31
C ARG F 449 -0.15 39.91 3.87
N VAL F 450 -1.12 39.06 3.54
CA VAL F 450 -0.84 37.67 3.20
C VAL F 450 -2.04 37.10 2.47
N GLY F 451 -1.82 36.01 1.73
CA GLY F 451 -2.92 35.30 1.10
C GLY F 451 -3.64 34.40 2.06
N LYS F 452 -4.09 33.24 1.58
CA LYS F 452 -4.75 32.25 2.44
C LYS F 452 -4.03 30.91 2.47
N THR F 453 -3.69 30.36 1.30
CA THR F 453 -3.12 29.02 1.24
C THR F 453 -1.75 28.93 1.90
N ILE F 454 -1.15 30.05 2.28
CA ILE F 454 0.10 30.07 3.02
C ILE F 454 -0.14 30.18 4.51
N LEU F 455 -1.15 30.93 4.92
CA LEU F 455 -1.46 31.08 6.34
C LEU F 455 -1.93 29.76 6.94
N VAL F 456 -2.91 29.11 6.29
CA VAL F 456 -3.48 27.89 6.84
C VAL F 456 -2.45 26.79 6.94
N ASP F 457 -1.37 26.85 6.16
CA ASP F 457 -0.35 25.82 6.17
C ASP F 457 0.78 26.11 7.14
N VAL F 458 1.22 27.38 7.20
CA VAL F 458 2.24 27.73 8.20
C VAL F 458 1.68 27.54 9.60
N THR F 459 0.38 27.74 9.78
CA THR F 459 -0.22 27.48 11.09
C THR F 459 -0.06 26.02 11.49
N LYS F 460 -0.41 25.11 10.59
CA LYS F 460 -0.30 23.69 10.88
C LYS F 460 1.15 23.29 11.16
N GLU F 461 2.07 23.79 10.33
CA GLU F 461 3.48 23.43 10.53
C GLU F 461 4.01 23.97 11.85
N LEU F 462 3.67 25.21 12.19
CA LEU F 462 4.09 25.76 13.46
C LEU F 462 3.52 24.97 14.63
N ASP F 463 2.26 24.55 14.52
CA ASP F 463 1.67 23.73 15.58
C ASP F 463 2.48 22.46 15.79
N VAL F 464 2.76 21.73 14.71
CA VAL F 464 3.46 20.46 14.86
C VAL F 464 4.86 20.68 15.42
N VAL F 465 5.57 21.69 14.92
CA VAL F 465 6.95 21.91 15.36
C VAL F 465 6.99 22.33 16.83
N LEU F 466 6.06 23.20 17.24
CA LEU F 466 6.03 23.63 18.63
C LEU F 466 5.69 22.47 19.55
N ARG F 467 4.76 21.60 19.13
CA ARG F 467 4.44 20.45 19.96
C ARG F 467 5.64 19.52 20.09
N ILE F 468 6.41 19.35 19.01
CA ILE F 468 7.60 18.51 19.07
C ILE F 468 8.61 19.10 20.04
N HIS F 469 8.89 20.40 19.90
CA HIS F 469 9.97 21.01 20.68
C HIS F 469 9.67 21.11 22.16
N GLY F 470 8.47 20.75 22.59
CA GLY F 470 8.18 20.71 24.01
C GLY F 470 7.54 21.96 24.56
N LEU F 471 6.52 22.47 23.87
CA LEU F 471 5.75 23.62 24.32
C LEU F 471 4.27 23.27 24.25
N ASP F 472 3.44 24.13 24.83
CA ASP F 472 2.00 23.88 24.90
C ASP F 472 1.28 25.22 24.84
N LEU F 473 0.85 25.61 23.65
CA LEU F 473 0.12 26.84 23.42
C LEU F 473 -1.19 26.51 22.73
N VAL F 474 -2.10 27.50 22.70
CA VAL F 474 -3.35 27.29 22.00
C VAL F 474 -3.08 27.14 20.50
N GLN F 475 -4.09 26.63 19.80
CA GLN F 475 -4.00 26.51 18.35
C GLN F 475 -3.64 27.85 17.74
N SER F 476 -2.77 27.83 16.73
CA SER F 476 -2.14 29.07 16.28
C SER F 476 -3.02 29.88 15.33
N TYR F 477 -4.01 29.27 14.69
CA TYR F 477 -4.88 30.04 13.80
C TYR F 477 -5.65 31.11 14.58
N GLN F 478 -6.19 30.74 15.73
CA GLN F 478 -6.88 31.70 16.58
C GLN F 478 -5.96 32.87 16.92
N THR F 479 -4.82 32.58 17.54
CA THR F 479 -3.90 33.64 17.92
C THR F 479 -3.24 34.32 16.75
N SER F 480 -3.52 33.87 15.52
CA SER F 480 -3.11 34.62 14.34
C SER F 480 -4.20 35.55 13.85
N GLN F 481 -5.46 35.22 14.11
CA GLN F 481 -6.56 36.07 13.68
C GLN F 481 -7.05 37.03 14.75
N VAL F 482 -6.70 36.81 16.02
CA VAL F 482 -7.23 37.63 17.10
C VAL F 482 -6.23 38.70 17.50
N TYR F 483 -5.04 38.29 17.91
CA TYR F 483 -4.00 39.20 18.35
C TYR F 483 -3.05 39.53 17.21
N VAL F 484 -2.34 40.64 17.36
CA VAL F 484 -1.34 41.05 16.38
C VAL F 484 0.00 41.08 17.07
N ASP G 3 54.46 17.17 -33.96
CA ASP G 3 54.83 18.50 -34.43
C ASP G 3 53.78 19.52 -34.04
N PHE G 4 52.50 19.18 -34.21
CA PHE G 4 51.39 20.05 -33.88
C PHE G 4 50.76 19.58 -32.57
N VAL G 5 50.54 20.52 -31.66
CA VAL G 5 49.89 20.23 -30.39
C VAL G 5 48.97 21.40 -30.04
N PRO G 6 47.72 21.14 -29.65
CA PRO G 6 46.79 22.25 -29.40
C PRO G 6 47.09 23.04 -28.14
N TRP G 7 46.45 24.20 -28.00
CA TRP G 7 46.61 25.10 -26.87
C TRP G 7 48.01 25.69 -26.79
N THR G 8 48.77 25.65 -27.88
CA THR G 8 50.05 26.33 -27.94
C THR G 8 49.81 27.77 -28.38
N VAL G 9 50.30 28.72 -27.59
CA VAL G 9 49.96 30.13 -27.83
C VAL G 9 50.51 30.61 -29.16
N ASP G 10 51.58 29.98 -29.66
CA ASP G 10 52.17 30.41 -30.93
C ASP G 10 51.18 30.23 -32.08
N ASN G 11 50.45 29.12 -32.09
CA ASN G 11 49.47 28.86 -33.14
C ASN G 11 48.38 29.91 -33.19
N LEU G 12 48.18 30.65 -32.10
CA LEU G 12 47.25 31.77 -32.10
C LEU G 12 47.92 33.11 -32.38
N LYS G 13 49.17 33.26 -31.95
CA LYS G 13 49.87 34.52 -32.14
C LYS G 13 50.23 34.77 -33.60
N SER G 14 50.20 33.74 -34.44
CA SER G 14 50.54 33.88 -35.83
C SER G 14 49.32 33.94 -36.75
N GLN G 15 48.13 34.12 -36.21
CA GLN G 15 46.91 34.15 -37.01
C GLN G 15 45.98 35.26 -36.54
N PHE G 16 46.54 36.44 -36.29
CA PHE G 16 45.74 37.54 -35.77
C PHE G 16 44.75 38.07 -36.80
N GLU G 17 45.05 37.90 -38.08
CA GLU G 17 44.12 38.34 -39.10
C GLU G 17 42.82 37.54 -39.06
N ALA G 18 42.85 36.36 -38.44
CA ALA G 18 41.66 35.53 -38.32
C ALA G 18 40.93 35.76 -37.01
N VAL G 19 41.66 35.81 -35.89
CA VAL G 19 41.01 36.05 -34.62
C VAL G 19 40.42 37.44 -34.57
N GLY G 20 41.00 38.39 -35.30
CA GLY G 20 40.39 39.72 -35.39
C GLY G 20 39.02 39.67 -36.02
N LEU G 21 38.90 38.96 -37.15
CA LEU G 21 37.61 38.86 -37.81
C LEU G 21 36.63 38.04 -37.00
N LEU G 22 37.11 37.04 -36.27
CA LEU G 22 36.20 36.26 -35.43
C LEU G 22 35.65 37.08 -34.29
N MET G 23 36.52 37.76 -33.55
CA MET G 23 36.07 38.63 -32.46
C MET G 23 35.34 39.86 -32.97
N ALA G 24 35.44 40.20 -34.25
CA ALA G 24 34.70 41.32 -34.78
C ALA G 24 33.30 40.95 -35.22
N HIS G 25 33.10 39.71 -35.65
CA HIS G 25 31.78 39.23 -36.08
C HIS G 25 31.02 38.55 -34.96
N SER G 26 31.29 38.91 -33.71
CA SER G 26 30.61 38.27 -32.59
C SER G 26 30.23 39.27 -31.51
N TYR G 27 29.93 40.51 -31.89
CA TYR G 27 29.41 41.50 -30.98
C TYR G 27 27.89 41.55 -31.11
N LEU G 28 27.20 41.71 -29.98
CA LEU G 28 25.77 41.89 -30.04
C LEU G 28 25.45 43.24 -30.67
N PRO G 29 24.28 43.40 -31.29
CA PRO G 29 23.98 44.63 -32.01
C PRO G 29 23.97 45.84 -31.09
N ALA G 30 24.55 46.94 -31.58
CA ALA G 30 24.65 48.16 -30.79
C ALA G 30 23.27 48.62 -30.33
N ASN G 31 22.39 48.91 -31.27
CA ASN G 31 21.01 49.23 -30.93
C ASN G 31 20.32 48.00 -30.35
N ALA G 32 19.43 48.23 -29.39
CA ALA G 32 18.66 47.14 -28.81
C ALA G 32 17.85 46.43 -29.88
N GLU G 33 17.00 47.19 -30.59
CA GLU G 33 16.37 46.66 -31.79
C GLU G 33 17.42 46.35 -32.84
N GLU G 34 17.23 45.25 -33.57
CA GLU G 34 18.25 44.76 -34.48
C GLU G 34 18.65 45.76 -35.57
N GLY G 35 17.91 46.83 -35.74
CA GLY G 35 18.17 47.76 -36.83
C GLY G 35 17.36 47.42 -38.05
N ILE G 36 17.97 46.72 -39.00
CA ILE G 36 17.23 46.16 -40.13
C ILE G 36 17.34 44.65 -40.05
N ALA G 37 18.55 44.13 -40.17
CA ALA G 37 18.81 42.71 -39.95
C ALA G 37 20.30 42.55 -39.67
N TYR G 38 20.65 42.27 -38.43
CA TYR G 38 22.05 42.10 -38.07
C TYR G 38 22.52 40.73 -38.54
N PRO G 39 23.51 40.65 -39.43
CA PRO G 39 23.86 39.37 -40.05
C PRO G 39 24.28 38.31 -39.04
N PRO G 40 25.14 38.61 -38.06
CA PRO G 40 25.50 37.55 -37.11
C PRO G 40 24.31 36.98 -36.37
N LEU G 41 23.38 37.83 -35.93
CA LEU G 41 22.24 37.33 -35.18
C LEU G 41 21.34 36.46 -36.05
N VAL G 42 21.11 36.85 -37.30
CA VAL G 42 20.24 36.03 -38.14
C VAL G 42 20.92 34.71 -38.49
N HIS G 43 22.24 34.73 -38.68
CA HIS G 43 22.93 33.47 -38.92
C HIS G 43 22.87 32.57 -37.70
N THR G 44 22.97 33.15 -36.50
CA THR G 44 22.87 32.35 -35.29
C THR G 44 21.47 31.75 -35.17
N TYR G 45 20.44 32.57 -35.38
CA TYR G 45 19.08 32.07 -35.31
C TYR G 45 18.82 30.98 -36.34
N GLU G 46 19.51 31.03 -37.48
CA GLU G 46 19.42 29.92 -38.43
C GLU G 46 20.18 28.70 -37.93
N SER G 47 21.26 28.90 -37.18
CA SER G 47 22.05 27.76 -36.73
C SER G 47 21.40 27.00 -35.58
N LEU G 48 20.60 27.69 -34.77
CA LEU G 48 19.89 27.05 -33.68
C LEU G 48 18.53 26.50 -34.10
N SER G 49 18.24 26.51 -35.40
CA SER G 49 17.00 25.93 -35.90
C SER G 49 16.94 24.46 -35.54
N PRO G 50 15.74 23.89 -35.39
CA PRO G 50 15.65 22.47 -35.01
C PRO G 50 15.91 21.51 -36.14
N ALA G 51 15.84 21.95 -37.39
CA ALA G 51 16.03 21.10 -38.56
C ALA G 51 17.06 21.69 -39.50
N SER G 52 18.20 22.10 -38.97
CA SER G 52 19.31 22.59 -39.76
C SER G 52 20.50 21.68 -39.60
N THR G 53 21.54 21.95 -40.38
CA THR G 53 22.73 21.10 -40.45
C THR G 53 23.91 21.78 -39.77
N CYS G 54 24.67 21.02 -39.00
CA CYS G 54 25.88 21.53 -38.37
C CYS G 54 26.87 21.94 -39.45
N ARG G 55 27.26 23.21 -39.45
CA ARG G 55 28.11 23.71 -40.52
C ARG G 55 29.52 23.16 -40.43
N VAL G 56 29.99 22.84 -39.23
CA VAL G 56 31.33 22.28 -39.08
C VAL G 56 31.40 20.91 -39.75
N CYS G 57 30.44 20.03 -39.45
CA CYS G 57 30.43 18.71 -40.07
C CYS G 57 30.26 18.83 -41.58
N ASP G 58 29.44 19.79 -42.02
CA ASP G 58 29.25 19.99 -43.45
C ASP G 58 30.55 20.36 -44.14
N LEU G 59 31.32 21.27 -43.53
CA LEU G 59 32.61 21.64 -44.10
C LEU G 59 33.57 20.46 -44.09
N LEU G 60 33.61 19.73 -42.98
CA LEU G 60 34.48 18.56 -42.91
C LEU G 60 34.17 17.55 -43.99
N ASP G 61 32.89 17.36 -44.32
CA ASP G 61 32.56 16.39 -45.34
C ASP G 61 32.82 16.94 -46.74
N THR G 62 32.54 18.22 -46.98
CA THR G 62 32.82 18.76 -48.29
C THR G 62 34.32 18.90 -48.54
N LEU G 63 35.15 18.75 -47.52
CA LEU G 63 36.60 18.73 -47.72
C LEU G 63 37.16 17.31 -47.77
N VAL G 64 36.90 16.51 -46.74
CA VAL G 64 37.54 15.20 -46.62
C VAL G 64 37.04 14.25 -47.70
N ASN G 65 35.74 14.26 -47.99
CA ASN G 65 35.17 13.32 -48.95
C ASN G 65 35.53 13.64 -50.39
N HIS G 66 36.47 14.56 -50.59
CA HIS G 66 37.11 14.74 -51.89
C HIS G 66 38.34 13.85 -51.96
N SER G 67 39.19 14.07 -52.97
CA SER G 67 40.33 13.20 -53.20
C SER G 67 41.36 13.32 -52.08
N ASP G 68 42.07 12.21 -51.85
CA ASP G 68 43.31 12.13 -51.07
C ASP G 68 43.28 12.99 -49.80
N ALA G 69 42.27 12.75 -48.98
CA ALA G 69 42.27 13.29 -47.63
C ALA G 69 43.47 12.75 -46.86
N PRO G 70 44.46 13.58 -46.56
CA PRO G 70 45.71 13.07 -45.98
C PRO G 70 45.45 12.39 -44.64
N VAL G 71 46.17 11.29 -44.41
CA VAL G 71 46.13 10.62 -43.12
C VAL G 71 46.86 11.52 -42.14
N ALA G 72 46.71 11.24 -40.84
CA ALA G 72 47.24 12.05 -39.75
C ALA G 72 46.45 13.34 -39.62
N PHE G 73 45.56 13.61 -40.57
CA PHE G 73 44.57 14.66 -40.37
C PHE G 73 43.53 14.21 -39.37
N PHE G 74 43.07 12.96 -39.49
CA PHE G 74 42.17 12.42 -38.48
C PHE G 74 42.85 12.32 -37.13
N GLU G 75 44.17 12.11 -37.11
CA GLU G 75 44.88 12.08 -35.84
C GLU G 75 44.95 13.46 -35.20
N ASP G 76 45.26 14.49 -35.99
CA ASP G 76 45.29 15.84 -35.42
C ASP G 76 43.89 16.28 -34.99
N TYR G 77 42.87 15.92 -35.77
CA TYR G 77 41.51 16.23 -35.39
C TYR G 77 41.12 15.51 -34.10
N ALA G 78 41.51 14.24 -33.96
CA ALA G 78 41.23 13.51 -32.73
C ALA G 78 41.96 14.11 -31.54
N LEU G 79 43.17 14.61 -31.76
CA LEU G 79 43.88 15.28 -30.67
C LEU G 79 43.19 16.56 -30.25
N LEU G 80 42.77 17.38 -31.23
CA LEU G 80 42.03 18.60 -30.90
C LEU G 80 40.74 18.28 -30.17
N CYS G 81 40.06 17.21 -30.57
CA CYS G 81 38.83 16.83 -29.89
C CYS G 81 39.12 16.35 -28.48
N TYR G 82 40.23 15.63 -28.28
CA TYR G 82 40.59 15.17 -26.95
C TYR G 82 40.88 16.36 -26.04
N TYR G 83 41.51 17.39 -26.57
CA TYR G 83 41.76 18.58 -25.74
C TYR G 83 40.47 19.30 -25.43
N CYS G 84 39.63 19.55 -26.43
CA CYS G 84 38.34 20.18 -26.19
C CYS G 84 37.46 19.35 -25.26
N LEU G 85 37.76 18.07 -25.09
CA LEU G 85 37.08 17.25 -24.11
C LEU G 85 37.53 17.54 -22.68
N ASN G 86 38.59 18.33 -22.50
CA ASN G 86 39.19 18.61 -21.21
C ASN G 86 39.43 20.10 -21.04
N ALA G 87 38.46 20.92 -21.39
CA ALA G 87 38.57 22.36 -21.25
C ALA G 87 37.31 22.90 -20.58
N PRO G 88 37.40 24.05 -19.92
CA PRO G 88 36.21 24.63 -19.30
C PRO G 88 35.36 25.36 -20.33
N ARG G 89 34.06 25.19 -20.23
CA ARG G 89 33.14 25.88 -21.12
C ARG G 89 33.18 27.36 -20.79
N ALA G 90 33.88 28.14 -21.62
CA ALA G 90 34.08 29.55 -21.34
C ALA G 90 34.43 30.25 -22.65
N TRP G 91 34.93 31.48 -22.53
CA TRP G 91 35.24 32.30 -23.68
C TRP G 91 36.58 31.90 -24.30
N ILE G 92 37.62 31.81 -23.48
CA ILE G 92 38.95 31.50 -23.99
C ILE G 92 38.98 30.12 -24.63
N SER G 93 38.16 29.19 -24.13
CA SER G 93 38.13 27.85 -24.70
C SER G 93 37.59 27.87 -26.12
N SER G 94 36.47 28.56 -26.34
CA SER G 94 35.92 28.66 -27.68
C SER G 94 36.88 29.34 -28.63
N LEU G 95 37.51 30.43 -28.17
CA LEU G 95 38.45 31.12 -29.05
C LEU G 95 39.61 30.23 -29.44
N ILE G 96 40.21 29.54 -28.46
CA ILE G 96 41.37 28.71 -28.76
C ILE G 96 40.97 27.55 -29.67
N THR G 97 39.81 26.95 -29.43
CA THR G 97 39.36 25.86 -30.30
C THR G 97 39.17 26.33 -31.73
N GLY G 98 38.55 27.50 -31.91
CA GLY G 98 38.38 28.00 -33.26
C GLY G 98 39.70 28.25 -33.96
N MET G 99 40.64 28.88 -33.24
CA MET G 99 41.94 29.18 -33.86
C MET G 99 42.69 27.90 -34.22
N ASP G 100 42.68 26.90 -33.34
CA ASP G 100 43.40 25.67 -33.64
C ASP G 100 42.73 24.88 -34.76
N PHE G 101 41.40 24.91 -34.83
CA PHE G 101 40.71 24.28 -35.95
C PHE G 101 41.13 24.92 -37.26
N LEU G 102 41.14 26.25 -37.31
CA LEU G 102 41.58 26.94 -38.52
C LEU G 102 43.03 26.61 -38.85
N HIS G 103 43.87 26.46 -37.82
CA HIS G 103 45.27 26.11 -38.07
C HIS G 103 45.39 24.74 -38.73
N ILE G 104 44.67 23.75 -38.20
CA ILE G 104 44.71 22.41 -38.80
C ILE G 104 44.23 22.46 -40.23
N LEU G 105 43.14 23.18 -40.50
CA LEU G 105 42.60 23.24 -41.84
C LEU G 105 43.60 23.88 -42.81
N ILE G 106 44.20 25.01 -42.41
CA ILE G 106 45.18 25.67 -43.27
C ILE G 106 46.39 24.76 -43.49
N LYS G 107 46.73 23.95 -42.51
CA LYS G 107 47.90 23.09 -42.65
C LYS G 107 47.65 21.96 -43.64
N TYR G 108 46.63 21.13 -43.39
CA TYR G 108 46.49 19.90 -44.16
C TYR G 108 45.75 20.09 -45.47
N PHE G 109 44.80 21.01 -45.55
CA PHE G 109 43.98 21.21 -46.75
C PHE G 109 44.22 22.61 -47.30
N PRO G 110 45.38 22.85 -47.90
CA PRO G 110 45.67 24.20 -48.39
C PRO G 110 44.96 24.54 -49.69
N MET G 111 44.62 23.54 -50.50
CA MET G 111 43.95 23.78 -51.78
C MET G 111 42.46 24.07 -51.63
N ALA G 112 41.94 24.09 -50.42
CA ALA G 112 40.52 24.38 -50.23
C ALA G 112 40.22 25.82 -50.65
N GLY G 113 38.93 26.10 -50.82
CA GLY G 113 38.51 27.35 -51.42
C GLY G 113 38.73 28.60 -50.62
N GLY G 114 37.99 28.76 -49.51
CA GLY G 114 37.97 30.04 -48.83
C GLY G 114 38.41 30.01 -47.39
N LEU G 115 39.45 29.23 -47.09
CA LEU G 115 39.96 29.15 -45.73
C LEU G 115 40.58 30.45 -45.26
N ASP G 116 40.75 31.43 -46.13
CA ASP G 116 41.26 32.73 -45.71
C ASP G 116 40.17 33.63 -45.16
N SER G 117 38.91 33.30 -45.40
CA SER G 117 37.78 34.07 -44.91
C SER G 117 36.74 33.14 -44.31
N LEU G 118 37.19 32.23 -43.46
CA LEU G 118 36.30 31.20 -42.94
C LEU G 118 35.27 31.77 -41.97
N PHE G 119 35.68 32.73 -41.15
CA PHE G 119 34.84 33.21 -40.05
C PHE G 119 34.05 34.45 -40.48
N MET G 120 33.14 34.23 -41.41
CA MET G 120 32.22 35.25 -41.89
C MET G 120 30.80 34.72 -41.76
N PRO G 121 29.79 35.61 -41.77
CA PRO G 121 28.41 35.14 -41.80
C PRO G 121 28.16 34.23 -43.00
N SER G 122 27.14 33.38 -42.91
CA SER G 122 26.86 32.34 -43.90
C SER G 122 28.01 31.35 -44.01
N ARG G 123 28.91 31.34 -43.04
CA ARG G 123 30.02 30.39 -42.96
C ARG G 123 30.16 29.99 -41.49
N ILE G 124 31.28 29.38 -41.14
CA ILE G 124 31.51 28.99 -39.75
C ILE G 124 31.63 30.24 -38.88
N LEU G 125 30.84 30.31 -37.82
CA LEU G 125 30.99 31.37 -36.83
C LEU G 125 31.12 30.79 -35.43
N ALA G 126 31.05 31.65 -34.41
CA ALA G 126 31.35 31.22 -33.05
C ALA G 126 30.31 30.24 -32.52
N ILE G 127 29.02 30.55 -32.73
CA ILE G 127 27.98 29.65 -32.23
C ILE G 127 28.11 28.28 -32.86
N ASP G 128 28.60 28.20 -34.10
CA ASP G 128 28.78 26.89 -34.73
C ASP G 128 29.92 26.12 -34.08
N ILE G 129 31.01 26.82 -33.74
CA ILE G 129 32.11 26.16 -33.04
C ILE G 129 31.63 25.62 -31.71
N GLN G 130 30.84 26.40 -30.97
CA GLN G 130 30.30 25.90 -29.71
C GLN G 130 29.40 24.70 -29.93
N LEU G 131 28.43 24.82 -30.84
CA LEU G 131 27.49 23.74 -31.11
C LEU G 131 28.18 22.49 -31.63
N HIS G 132 29.39 22.60 -32.16
CA HIS G 132 30.04 21.38 -32.58
C HIS G 132 30.90 20.77 -31.48
N PHE G 133 31.72 21.58 -30.81
CA PHE G 133 32.72 21.02 -29.92
C PHE G 133 32.25 20.86 -28.49
N TYR G 134 31.37 21.74 -27.98
CA TYR G 134 31.00 21.70 -26.58
C TYR G 134 29.54 21.33 -26.36
N ILE G 135 28.60 22.06 -26.94
CA ILE G 135 27.19 21.70 -26.82
C ILE G 135 26.87 20.66 -27.88
N CYS G 136 26.33 19.52 -27.46
CA CYS G 136 26.02 18.41 -28.36
C CYS G 136 27.22 18.03 -29.22
N ARG G 137 28.26 17.57 -28.53
CA ARG G 137 29.53 17.23 -29.17
C ARG G 137 29.32 16.19 -30.27
N CYS G 138 29.90 16.45 -31.44
CA CYS G 138 29.71 15.62 -32.62
C CYS G 138 30.93 14.78 -32.96
N PHE G 139 31.67 14.29 -31.96
CA PHE G 139 32.82 13.44 -32.24
C PHE G 139 32.92 12.23 -31.34
N LEU G 140 32.16 12.14 -30.27
CA LEU G 140 32.23 10.98 -29.40
C LEU G 140 31.75 9.74 -30.14
N PRO G 141 32.46 8.62 -30.08
CA PRO G 141 31.94 7.40 -30.69
C PRO G 141 30.71 6.92 -29.95
N VAL G 142 29.72 6.45 -30.71
CA VAL G 142 28.44 6.06 -30.16
C VAL G 142 27.94 4.83 -30.93
N SER G 143 27.20 3.97 -30.23
CA SER G 143 26.63 2.80 -30.87
C SER G 143 25.43 3.18 -31.72
N SER G 144 25.15 2.36 -32.73
CA SER G 144 24.08 2.67 -33.67
C SER G 144 22.72 2.74 -32.99
N SER G 145 22.52 1.93 -31.95
CA SER G 145 21.24 1.89 -31.25
C SER G 145 21.11 2.97 -30.19
N ASP G 146 21.88 4.05 -30.29
CA ASP G 146 21.89 5.08 -29.26
C ASP G 146 21.87 6.46 -29.89
N MET G 147 21.00 6.65 -30.88
CA MET G 147 20.80 7.97 -31.47
C MET G 147 19.46 8.58 -31.12
N ILE G 148 18.64 7.89 -30.32
CA ILE G 148 17.26 8.29 -30.07
C ILE G 148 17.21 9.24 -28.87
N ARG G 149 17.63 8.73 -27.71
CA ARG G 149 17.72 9.58 -26.53
C ARG G 149 18.56 10.81 -26.79
N ASN G 150 19.64 10.64 -27.56
CA ASN G 150 20.50 11.77 -27.89
C ASN G 150 19.76 12.80 -28.73
N ALA G 151 18.94 12.35 -29.69
CA ALA G 151 18.17 13.29 -30.49
C ALA G 151 17.18 14.06 -29.63
N ASN G 152 16.52 13.38 -28.70
CA ASN G 152 15.54 14.04 -27.85
C ASN G 152 16.19 15.11 -26.97
N LEU G 153 17.28 14.72 -26.29
CA LEU G 153 18.00 15.69 -25.48
C LEU G 153 18.55 16.82 -26.33
N GLY G 154 18.91 16.55 -27.57
CA GLY G 154 19.36 17.61 -28.45
C GLY G 154 18.25 18.61 -28.74
N TYR G 155 17.03 18.12 -28.96
CA TYR G 155 15.91 19.03 -29.15
C TYR G 155 15.77 19.96 -27.94
N TYR G 156 15.81 19.38 -26.74
CA TYR G 156 15.63 20.23 -25.55
C TYR G 156 16.76 21.22 -25.38
N LYS G 157 18.01 20.75 -25.57
CA LYS G 157 19.18 21.62 -25.55
C LYS G 157 18.97 22.84 -26.43
N LEU G 158 18.68 22.61 -27.71
CA LEU G 158 18.62 23.70 -28.67
C LEU G 158 17.45 24.63 -28.38
N GLU G 159 16.32 24.07 -27.97
CA GLU G 159 15.16 24.92 -27.64
C GLU G 159 15.51 25.88 -26.50
N PHE G 160 16.15 25.37 -25.45
CA PHE G 160 16.43 26.25 -24.32
C PHE G 160 17.62 27.17 -24.58
N LEU G 161 18.54 26.80 -25.46
CA LEU G 161 19.57 27.76 -25.87
C LEU G 161 18.96 28.92 -26.63
N LYS G 162 18.09 28.62 -27.59
CA LYS G 162 17.37 29.69 -28.26
C LYS G 162 16.60 30.53 -27.27
N SER G 163 16.10 29.92 -26.19
CA SER G 163 15.43 30.70 -25.16
C SER G 163 16.40 31.65 -24.44
N ILE G 164 17.59 31.15 -24.10
CA ILE G 164 18.60 32.01 -23.48
C ILE G 164 18.91 33.20 -24.38
N LEU G 165 18.99 32.96 -25.68
CA LEU G 165 19.40 34.01 -26.59
C LEU G 165 18.29 35.03 -26.82
N THR G 166 17.07 34.56 -27.07
CA THR G 166 15.99 35.47 -27.46
C THR G 166 15.41 36.25 -26.28
N GLY G 167 15.52 35.71 -25.07
CA GLY G 167 15.05 36.41 -23.90
C GLY G 167 13.65 36.09 -23.44
N GLN G 168 13.07 34.97 -23.86
CA GLN G 168 11.73 34.59 -23.44
C GLN G 168 11.63 33.08 -23.37
N SER G 169 11.00 32.58 -22.31
CA SER G 169 10.92 31.14 -22.07
C SER G 169 10.18 30.45 -23.21
N PRO G 170 10.40 29.15 -23.38
CA PRO G 170 9.71 28.43 -24.46
C PRO G 170 8.20 28.46 -24.28
N ALA G 171 7.50 28.56 -25.40
CA ALA G 171 6.04 28.66 -25.36
C ALA G 171 5.42 27.40 -24.75
N ASN G 172 5.61 26.26 -25.40
CA ASN G 172 4.94 25.01 -25.04
C ASN G 172 5.91 24.14 -24.26
N PHE G 173 5.89 24.26 -22.94
CA PHE G 173 6.76 23.45 -22.09
C PHE G 173 6.22 23.44 -20.67
N CYS G 174 5.87 22.25 -20.19
CA CYS G 174 5.54 22.01 -18.79
C CYS G 174 6.55 21.03 -18.24
N PHE G 175 7.33 21.45 -17.24
CA PHE G 175 8.44 20.62 -16.79
C PHE G 175 7.97 19.27 -16.29
N LYS G 176 7.05 19.27 -15.34
CA LYS G 176 6.38 18.02 -14.99
C LYS G 176 5.63 17.48 -16.21
N SER G 177 5.52 16.15 -16.27
CA SER G 177 4.93 15.41 -17.39
C SER G 177 5.86 15.42 -18.59
N MET G 178 6.96 16.16 -18.51
CA MET G 178 8.07 16.07 -19.44
C MET G 178 9.33 15.76 -18.64
N TRP G 179 10.46 15.73 -19.34
CA TRP G 179 11.74 15.49 -18.69
C TRP G 179 11.77 14.16 -17.95
N THR G 241 53.92 23.64 -24.66
CA THR G 241 52.55 24.05 -24.40
C THR G 241 52.47 24.91 -23.15
N LYS G 242 53.58 24.99 -22.41
CA LYS G 242 53.65 25.76 -21.16
C LYS G 242 53.77 27.23 -21.53
N ALA G 243 52.62 27.88 -21.70
CA ALA G 243 52.58 29.31 -21.99
C ALA G 243 51.16 29.81 -21.73
N ASP G 244 51.06 30.85 -20.91
CA ASP G 244 49.76 31.35 -20.49
C ASP G 244 49.05 32.08 -21.62
N TYR G 245 47.81 32.47 -21.36
CA TYR G 245 47.02 33.30 -22.25
C TYR G 245 46.56 34.60 -21.61
N CYS G 246 46.87 34.81 -20.33
CA CYS G 246 46.28 35.92 -19.57
C CYS G 246 46.45 37.25 -20.27
N GLY G 247 47.48 37.38 -21.11
CA GLY G 247 47.62 38.59 -21.91
C GLY G 247 46.44 38.81 -22.83
N LEU G 248 45.87 37.73 -23.37
CA LEU G 248 44.74 37.87 -24.27
C LEU G 248 43.50 38.35 -23.53
N LEU G 249 43.24 37.79 -22.35
CA LEU G 249 42.07 38.21 -21.58
C LEU G 249 42.22 39.65 -21.09
N LEU G 250 43.37 39.96 -20.48
CA LEU G 250 43.55 41.30 -19.94
C LEU G 250 43.66 42.35 -21.04
N GLY G 251 44.13 41.95 -22.22
CA GLY G 251 44.26 42.88 -23.33
C GLY G 251 42.91 43.42 -23.77
N THR G 252 42.03 42.54 -24.21
CA THR G 252 40.65 42.92 -24.48
C THR G 252 39.91 42.97 -23.15
N TRP G 253 38.58 43.03 -23.21
CA TRP G 253 37.73 43.08 -22.03
C TRP G 253 38.01 44.34 -21.20
N GLN G 254 37.84 45.48 -21.86
CA GLN G 254 37.77 46.78 -21.18
C GLN G 254 36.34 47.27 -21.07
N GLY G 255 35.37 46.38 -21.22
CA GLY G 255 33.98 46.71 -20.99
C GLY G 255 33.68 46.67 -19.51
N THR G 256 32.56 46.04 -19.13
CA THR G 256 32.16 45.96 -17.74
C THR G 256 32.39 44.58 -17.15
N ASP G 257 33.26 43.78 -17.76
CA ASP G 257 33.46 42.40 -17.35
C ASP G 257 34.31 42.27 -16.10
N LEU G 258 34.86 43.35 -15.56
CA LEU G 258 35.72 43.23 -14.39
C LEU G 258 35.12 43.88 -13.14
N LEU G 259 34.86 45.18 -13.19
CA LEU G 259 34.21 45.91 -12.10
C LEU G 259 34.83 45.61 -10.72
N GLY G 260 36.10 45.20 -10.70
CA GLY G 260 36.73 44.80 -9.46
C GLY G 260 37.18 45.96 -8.60
N GLY G 261 38.36 45.80 -7.98
CA GLY G 261 38.93 46.86 -7.18
C GLY G 261 39.32 48.06 -8.01
N PRO G 262 40.33 47.92 -8.85
CA PRO G 262 40.67 48.96 -9.82
C PRO G 262 39.98 48.73 -11.15
N GLY G 263 40.09 49.72 -12.03
CA GLY G 263 39.50 49.66 -13.35
C GLY G 263 39.64 50.95 -14.12
N ALA G 279 53.35 39.77 -24.85
CA ALA G 279 53.23 40.30 -26.20
C ALA G 279 51.80 40.17 -26.70
N GLU G 280 50.93 39.60 -25.86
CA GLU G 280 49.54 39.42 -26.24
C GLU G 280 48.76 40.72 -26.08
N LEU G 281 48.93 41.41 -24.96
CA LEU G 281 48.17 42.64 -24.70
C LEU G 281 48.43 43.68 -25.77
N ALA G 282 49.68 43.78 -26.25
CA ALA G 282 49.99 44.77 -27.28
C ALA G 282 49.21 44.51 -28.55
N LEU G 283 49.12 43.24 -28.95
CA LEU G 283 48.48 42.87 -30.21
C LEU G 283 47.02 42.46 -30.04
N ALA G 284 46.38 42.85 -28.95
CA ALA G 284 44.96 42.55 -28.72
C ALA G 284 44.12 43.81 -28.64
N ILE G 285 44.35 44.77 -29.53
CA ILE G 285 43.68 46.07 -29.49
C ILE G 285 43.02 46.30 -30.85
N THR G 286 41.73 46.02 -30.94
CA THR G 286 40.90 46.29 -32.10
C THR G 286 39.44 46.23 -31.67
N ARG G 287 38.56 46.96 -32.36
CA ARG G 287 37.17 46.96 -31.95
C ARG G 287 36.27 47.39 -33.09
N PRO G 288 35.11 46.74 -33.29
CA PRO G 288 34.17 47.17 -34.33
C PRO G 288 33.27 48.29 -33.85
N GLU G 289 32.33 48.69 -34.70
CA GLU G 289 31.49 49.86 -34.42
C GLU G 289 30.01 49.58 -34.61
N ALA G 290 29.69 48.58 -35.44
CA ALA G 290 28.29 48.28 -35.70
C ALA G 290 27.59 47.63 -34.52
N GLY G 291 28.34 47.13 -33.53
CA GLY G 291 27.77 46.43 -32.41
C GLY G 291 28.06 47.14 -31.09
N ASP G 292 27.48 46.59 -30.03
CA ASP G 292 27.61 47.15 -28.69
C ASP G 292 29.02 46.88 -28.19
N HIS G 293 29.89 47.89 -28.26
CA HIS G 293 31.25 47.72 -27.81
C HIS G 293 31.40 47.85 -26.30
N SER G 294 30.30 47.83 -25.55
CA SER G 294 30.35 47.82 -24.10
C SER G 294 30.19 46.43 -23.50
N GLN G 295 29.58 45.50 -24.24
CA GLN G 295 29.40 44.15 -23.75
C GLN G 295 30.49 43.19 -24.25
N GLY G 296 31.28 43.60 -25.23
CA GLY G 296 32.39 42.80 -25.70
C GLY G 296 31.93 41.60 -26.51
N PRO G 297 32.87 40.74 -26.88
CA PRO G 297 32.53 39.58 -27.70
C PRO G 297 31.68 38.56 -26.96
N CYS G 298 30.39 38.86 -26.82
CA CYS G 298 29.52 37.99 -26.04
C CYS G 298 29.32 36.64 -26.70
N LEU G 299 29.12 36.63 -28.01
CA LEU G 299 28.68 35.41 -28.70
C LEU G 299 29.70 34.28 -28.64
N LEU G 300 30.90 34.49 -28.08
CA LEU G 300 31.81 33.38 -27.83
C LEU G 300 31.51 32.69 -26.52
N ALA G 301 30.98 33.42 -25.54
CA ALA G 301 30.69 32.90 -24.20
C ALA G 301 29.64 31.80 -24.29
N PRO G 302 29.46 31.00 -23.24
CA PRO G 302 28.38 30.01 -23.24
C PRO G 302 27.03 30.54 -22.75
N MET G 303 26.90 31.85 -22.55
CA MET G 303 25.64 32.45 -22.16
C MET G 303 25.14 33.50 -23.13
N PHE G 304 25.92 33.82 -24.17
CA PHE G 304 25.49 34.73 -25.23
C PHE G 304 25.03 36.07 -24.67
N GLY G 305 25.82 36.63 -23.77
CA GLY G 305 25.50 37.94 -23.23
C GLY G 305 26.19 38.17 -21.91
N LEU G 306 26.21 39.44 -21.51
CA LEU G 306 26.84 39.87 -20.26
C LEU G 306 25.84 40.75 -19.51
N ARG G 307 24.98 40.11 -18.72
CA ARG G 307 24.11 40.80 -17.79
C ARG G 307 24.60 40.51 -16.38
N HIS G 308 24.43 41.47 -15.48
CA HIS G 308 24.92 41.28 -14.12
C HIS G 308 23.98 41.88 -13.10
N LYS G 309 23.85 41.17 -11.98
CA LYS G 309 22.97 41.50 -10.87
C LYS G 309 23.70 41.17 -9.58
N ASN G 310 23.61 42.07 -8.60
CA ASN G 310 24.27 41.91 -7.31
C ASN G 310 25.78 41.75 -7.48
N ALA G 311 26.34 42.50 -8.43
CA ALA G 311 27.78 42.50 -8.69
C ALA G 311 28.30 41.12 -9.06
N SER G 312 27.49 40.32 -9.73
CA SER G 312 27.91 39.05 -10.30
C SER G 312 27.37 38.95 -11.72
N ARG G 313 28.21 38.49 -12.64
CA ARG G 313 27.89 38.55 -14.07
C ARG G 313 27.75 37.15 -14.65
N THR G 314 27.36 37.11 -15.91
CA THR G 314 27.11 35.85 -16.60
C THR G 314 28.31 35.36 -17.39
N ILE G 315 29.46 35.97 -17.23
CA ILE G 315 30.72 35.50 -17.80
C ILE G 315 31.70 35.39 -16.64
N CYS G 316 31.76 34.23 -16.02
CA CYS G 316 32.54 34.06 -14.81
C CYS G 316 34.03 34.15 -15.13
N PRO G 317 34.72 35.22 -14.74
CA PRO G 317 36.14 35.35 -15.11
C PRO G 317 37.00 34.24 -14.55
N LEU G 318 36.66 33.71 -13.38
CA LEU G 318 37.42 32.58 -12.85
C LEU G 318 37.41 31.40 -13.82
N CYS G 319 36.32 31.23 -14.57
CA CYS G 319 36.26 30.17 -15.56
C CYS G 319 37.10 30.50 -16.79
N GLU G 320 37.53 31.74 -16.97
CA GLU G 320 38.58 32.02 -17.95
C GLU G 320 39.95 31.68 -17.38
N SER G 321 40.21 32.08 -16.13
CA SER G 321 41.48 31.74 -15.52
C SER G 321 41.71 30.24 -15.51
N LEU G 322 40.66 29.45 -15.31
CA LEU G 322 40.81 28.00 -15.34
C LEU G 322 41.37 27.51 -16.65
N GLY G 323 41.19 28.27 -17.73
CA GLY G 323 41.62 27.80 -19.03
C GLY G 323 42.76 28.58 -19.63
N ALA G 324 43.19 29.66 -18.96
CA ALA G 324 44.23 30.51 -19.51
C ALA G 324 45.52 30.51 -18.69
N HIS G 325 45.69 29.55 -17.78
CA HIS G 325 46.91 29.53 -16.97
C HIS G 325 46.99 28.19 -16.26
N PRO G 326 48.21 27.63 -16.08
CA PRO G 326 48.33 26.31 -15.47
C PRO G 326 48.11 26.32 -13.97
N ASP G 327 48.47 27.41 -13.30
CA ASP G 327 48.42 27.48 -11.85
C ASP G 327 47.12 28.07 -11.32
N ALA G 328 46.02 27.93 -12.05
CA ALA G 328 44.76 28.56 -11.66
C ALA G 328 43.86 27.62 -10.88
N LYS G 329 43.66 26.39 -11.37
CA LYS G 329 42.79 25.46 -10.68
C LYS G 329 43.33 25.14 -9.28
N ASP G 330 44.64 24.98 -9.16
CA ASP G 330 45.23 24.69 -7.86
C ASP G 330 45.15 25.89 -6.94
N THR G 331 45.33 27.10 -7.48
CA THR G 331 45.18 28.30 -6.67
C THR G 331 43.76 28.42 -6.13
N LEU G 332 42.76 28.15 -6.96
CA LEU G 332 41.38 28.23 -6.49
C LEU G 332 41.07 27.13 -5.49
N ASP G 333 41.65 25.93 -5.66
CA ASP G 333 41.46 24.89 -4.68
C ASP G 333 42.05 25.29 -3.33
N ARG G 334 43.26 25.88 -3.34
CA ARG G 334 43.86 26.37 -2.11
C ARG G 334 43.02 27.46 -1.47
N PHE G 335 42.46 28.35 -2.28
CA PHE G 335 41.60 29.41 -1.76
C PHE G 335 40.36 28.83 -1.10
N LYS G 336 39.74 27.83 -1.73
CA LYS G 336 38.56 27.21 -1.14
C LYS G 336 38.91 26.52 0.17
N SER G 337 40.06 25.84 0.23
CA SER G 337 40.47 25.19 1.46
C SER G 337 40.70 26.22 2.56
N LEU G 338 41.32 27.35 2.23
CA LEU G 338 41.50 28.42 3.20
C LEU G 338 40.15 28.91 3.74
N ILE G 339 39.21 29.17 2.84
CA ILE G 339 37.89 29.64 3.27
C ILE G 339 37.26 28.63 4.22
N LEU G 340 37.29 27.36 3.84
CA LEU G 340 36.58 26.36 4.65
C LEU G 340 37.25 26.11 5.99
N ASP G 341 38.58 26.27 6.08
CA ASP G 341 39.30 25.79 7.25
C ASP G 341 39.84 26.87 8.16
N SER G 342 39.97 28.12 7.70
CA SER G 342 40.65 29.15 8.47
C SER G 342 39.70 30.01 9.29
N PHE G 343 38.59 29.44 9.76
CA PHE G 343 37.68 30.18 10.62
C PHE G 343 36.93 29.20 11.52
N GLY G 344 36.58 29.67 12.71
CA GLY G 344 35.86 28.83 13.65
C GLY G 344 34.46 29.33 13.94
N ASN G 345 34.24 30.64 13.77
CA ASN G 345 32.94 31.22 14.04
C ASN G 345 31.94 30.78 12.98
N ASN G 346 30.71 31.24 13.13
CA ASN G 346 29.68 31.07 12.11
C ASN G 346 29.54 32.34 11.27
N ILE G 347 30.60 32.68 10.56
CA ILE G 347 30.57 33.83 9.66
C ILE G 347 30.11 33.36 8.28
N LYS G 348 29.24 34.14 7.66
CA LYS G 348 28.75 33.79 6.34
C LYS G 348 29.89 33.73 5.33
N ILE G 349 29.72 32.90 4.31
CA ILE G 349 30.82 32.59 3.40
C ILE G 349 31.26 33.81 2.60
N LEU G 350 30.32 34.66 2.21
CA LEU G 350 30.70 35.89 1.53
C LEU G 350 31.57 36.77 2.43
N ASP G 351 31.30 36.78 3.73
CA ASP G 351 32.13 37.55 4.63
C ASP G 351 33.53 36.94 4.77
N ARG G 352 33.61 35.61 4.84
CA ARG G 352 34.91 34.97 4.86
C ARG G 352 35.72 35.35 3.61
N ILE G 353 35.07 35.37 2.46
CA ILE G 353 35.78 35.73 1.24
C ILE G 353 36.24 37.18 1.30
N VAL G 354 35.35 38.08 1.71
CA VAL G 354 35.72 39.50 1.75
C VAL G 354 36.87 39.73 2.70
N PHE G 355 36.89 39.02 3.82
CA PHE G 355 37.96 39.21 4.79
C PHE G 355 39.28 38.63 4.28
N LEU G 356 39.24 37.41 3.74
CA LEU G 356 40.46 36.82 3.20
C LEU G 356 41.03 37.63 2.06
N ILE G 357 40.19 38.37 1.34
CA ILE G 357 40.73 39.18 0.25
C ILE G 357 41.17 40.55 0.75
N LYS G 358 40.56 41.07 1.81
CA LYS G 358 40.80 42.44 2.22
C LYS G 358 41.98 42.57 3.18
N THR G 359 41.90 41.92 4.33
CA THR G 359 42.90 42.16 5.37
C THR G 359 44.17 41.35 5.13
N GLN G 360 44.08 40.03 5.18
CA GLN G 360 45.24 39.17 4.95
C GLN G 360 45.24 38.81 3.47
N ASN G 361 45.79 39.75 2.68
CA ASN G 361 45.77 39.62 1.23
C ASN G 361 46.37 38.29 0.79
N THR G 362 45.52 37.44 0.23
CA THR G 362 45.96 36.17 -0.33
C THR G 362 46.03 36.21 -1.85
N LEU G 363 45.75 37.37 -2.46
CA LEU G 363 45.86 37.55 -3.89
C LEU G 363 47.14 38.27 -4.29
N LEU G 364 48.16 38.23 -3.44
CA LEU G 364 49.49 38.72 -3.77
C LEU G 364 50.53 37.62 -3.87
N ASP G 365 50.42 36.57 -3.06
CA ASP G 365 51.35 35.44 -3.11
C ASP G 365 50.96 34.48 -4.23
N VAL G 366 50.95 35.01 -5.45
CA VAL G 366 50.68 34.22 -6.65
C VAL G 366 51.85 34.41 -7.60
N PRO G 367 52.38 33.33 -8.19
CA PRO G 367 53.60 33.46 -9.01
C PRO G 367 53.48 34.43 -10.18
N CYS G 368 52.55 34.18 -11.08
CA CYS G 368 52.44 35.00 -12.28
C CYS G 368 51.99 36.41 -11.91
N PRO G 369 52.60 37.44 -12.49
CA PRO G 369 52.14 38.81 -12.24
C PRO G 369 50.83 39.10 -12.97
N ARG G 370 50.69 38.56 -14.19
CA ARG G 370 49.46 38.77 -14.94
C ARG G 370 48.28 38.06 -14.30
N LEU G 371 48.51 36.87 -13.75
CA LEU G 371 47.44 36.15 -13.10
C LEU G 371 46.90 36.95 -11.93
N ARG G 372 47.72 37.22 -10.93
CA ARG G 372 47.22 37.97 -9.79
C ARG G 372 46.95 39.44 -10.10
N ALA G 373 47.27 39.90 -11.30
CA ALA G 373 46.83 41.22 -11.73
C ALA G 373 45.44 41.21 -12.32
N TRP G 374 45.06 40.11 -12.97
CA TRP G 374 43.73 39.94 -13.50
C TRP G 374 42.78 39.26 -12.52
N LEU G 375 43.31 38.78 -11.39
CA LEU G 375 42.53 38.07 -10.39
C LEU G 375 42.11 38.96 -9.24
N GLN G 376 42.97 39.89 -8.83
CA GLN G 376 42.65 40.81 -7.75
C GLN G 376 41.72 41.93 -8.17
N MET G 377 41.13 41.84 -9.36
CA MET G 377 40.09 42.75 -9.81
C MET G 377 38.79 42.00 -10.05
N CYS G 378 38.51 41.03 -9.18
CA CYS G 378 37.27 40.24 -9.24
C CYS G 378 36.54 40.42 -7.91
N THR G 379 35.34 40.98 -7.99
CA THR G 379 34.56 41.25 -6.78
C THR G 379 34.32 39.96 -5.99
N PRO G 380 34.33 40.05 -4.66
CA PRO G 380 34.20 38.82 -3.86
C PRO G 380 32.91 38.06 -4.12
N GLN G 381 31.84 38.74 -4.53
CA GLN G 381 30.63 38.02 -4.91
C GLN G 381 30.91 37.04 -6.03
N ASP G 382 31.84 37.38 -6.91
CA ASP G 382 32.18 36.48 -8.02
C ASP G 382 32.90 35.23 -7.52
N PHE G 383 33.85 35.41 -6.60
CA PHE G 383 34.49 34.27 -5.96
C PHE G 383 33.45 33.38 -5.30
N HIS G 384 32.53 33.98 -4.55
CA HIS G 384 31.50 33.20 -3.90
C HIS G 384 30.68 32.41 -4.89
N LYS G 385 30.16 33.08 -5.92
CA LYS G 385 29.39 32.40 -6.95
C LYS G 385 30.15 31.22 -7.51
N HIS G 386 31.33 31.48 -8.06
CA HIS G 386 32.08 30.42 -8.75
C HIS G 386 32.40 29.27 -7.82
N LEU G 387 32.80 29.55 -6.58
CA LEU G 387 33.30 28.48 -5.74
C LEU G 387 32.18 27.67 -5.12
N PHE G 388 31.12 28.31 -4.63
CA PHE G 388 30.13 27.59 -3.82
C PHE G 388 28.73 27.55 -4.40
N CYS G 389 28.39 28.32 -5.43
CA CYS G 389 27.00 28.49 -5.79
C CYS G 389 26.64 27.91 -7.16
N ASP G 390 27.29 28.35 -8.21
CA ASP G 390 26.76 28.08 -9.55
C ASP G 390 27.05 26.65 -9.97
N PRO G 391 26.12 26.00 -10.70
CA PRO G 391 26.36 24.63 -11.13
C PRO G 391 27.28 24.51 -12.34
N LEU G 392 27.17 25.45 -13.28
CA LEU G 392 28.05 25.40 -14.45
C LEU G 392 29.50 25.62 -14.06
N CYS G 393 29.73 26.51 -13.08
CA CYS G 393 31.09 26.70 -12.60
C CYS G 393 31.61 25.47 -11.90
N ALA G 394 30.74 24.73 -11.21
CA ALA G 394 31.18 23.48 -10.61
C ALA G 394 31.54 22.45 -11.68
N ILE G 395 30.73 22.37 -12.74
CA ILE G 395 31.05 21.46 -13.84
C ILE G 395 32.40 21.82 -14.45
N ASN G 396 32.65 23.11 -14.67
CA ASN G 396 33.94 23.54 -15.21
C ASN G 396 35.07 23.16 -14.26
N HIS G 397 34.96 23.54 -12.98
CA HIS G 397 35.98 23.25 -12.01
C HIS G 397 36.24 21.76 -11.85
N SER G 398 35.28 20.92 -12.19
CA SER G 398 35.42 19.48 -12.02
C SER G 398 35.69 18.72 -13.30
N ILE G 399 35.66 19.38 -14.46
CA ILE G 399 35.92 18.70 -15.71
C ILE G 399 37.26 19.12 -16.33
N THR G 400 37.76 20.31 -16.03
CA THR G 400 39.03 20.73 -16.60
C THR G 400 40.17 19.91 -16.02
N ASN G 401 41.33 20.00 -16.64
CA ASN G 401 42.46 19.17 -16.27
C ASN G 401 43.75 19.80 -16.78
N PRO G 402 44.26 20.83 -16.10
CA PRO G 402 45.32 21.66 -16.70
C PRO G 402 46.62 20.94 -16.96
N SER G 403 46.78 19.69 -16.50
CA SER G 403 47.98 18.94 -16.88
C SER G 403 47.91 18.51 -18.33
N VAL G 404 46.70 18.30 -18.87
CA VAL G 404 46.56 17.93 -20.27
C VAL G 404 46.70 19.16 -21.17
N LEU G 405 46.28 20.33 -20.69
CA LEU G 405 46.33 21.51 -21.52
C LEU G 405 47.69 22.21 -21.45
N PHE G 406 48.41 22.06 -20.35
CA PHE G 406 49.70 22.73 -20.20
C PHE G 406 50.77 21.76 -19.74
N GLY G 407 50.76 20.55 -20.30
CA GLY G 407 51.76 19.57 -19.95
C GLY G 407 52.31 18.81 -21.15
N GLN G 408 53.59 18.51 -21.13
CA GLN G 408 54.20 17.76 -22.22
C GLN G 408 53.84 16.28 -22.09
N ILE G 409 53.87 15.60 -23.24
CA ILE G 409 53.52 14.18 -23.33
C ILE G 409 54.77 13.40 -23.65
N TYR G 410 54.90 12.22 -23.03
CA TYR G 410 56.03 11.30 -23.22
C TYR G 410 56.16 10.96 -24.70
N PRO G 411 57.21 11.43 -25.37
CA PRO G 411 57.33 11.27 -26.82
C PRO G 411 57.28 9.81 -27.27
N PRO G 412 57.91 8.87 -26.54
CA PRO G 412 57.81 7.46 -26.98
C PRO G 412 56.40 6.91 -27.08
N SER G 413 55.40 7.55 -26.48
CA SER G 413 54.03 7.09 -26.57
C SER G 413 53.13 8.01 -27.39
N PHE G 414 53.70 9.05 -27.99
CA PHE G 414 52.90 10.07 -28.66
C PHE G 414 52.16 9.52 -29.87
N GLN G 415 52.88 8.82 -30.76
CA GLN G 415 52.24 8.29 -31.95
C GLN G 415 51.23 7.20 -31.61
N ALA G 416 51.54 6.38 -30.60
CA ALA G 416 50.58 5.37 -30.16
C ALA G 416 49.31 6.02 -29.66
N PHE G 417 49.43 7.10 -28.88
CA PHE G 417 48.24 7.78 -28.38
C PHE G 417 47.45 8.41 -29.51
N LYS G 418 48.14 9.07 -30.45
CA LYS G 418 47.47 9.65 -31.60
C LYS G 418 46.67 8.60 -32.35
N ALA G 419 47.28 7.45 -32.63
CA ALA G 419 46.60 6.40 -33.38
C ALA G 419 45.43 5.83 -32.58
N ALA G 420 45.59 5.66 -31.28
CA ALA G 420 44.49 5.15 -30.47
C ALA G 420 43.32 6.12 -30.47
N LEU G 421 43.60 7.42 -30.48
CA LEU G 421 42.53 8.41 -30.55
C LEU G 421 41.85 8.38 -31.92
N ALA G 422 42.64 8.25 -32.99
CA ALA G 422 42.07 8.20 -34.32
C ALA G 422 41.03 7.08 -34.44
N ALA G 423 41.31 5.93 -33.85
CA ALA G 423 40.38 4.81 -33.88
C ALA G 423 39.21 4.99 -32.90
N GLY G 424 39.19 6.07 -32.13
CA GLY G 424 38.11 6.27 -31.17
C GLY G 424 38.18 5.29 -30.01
N GLN G 425 39.19 5.45 -29.16
CA GLN G 425 39.41 4.52 -28.06
C GLN G 425 39.46 5.16 -26.69
N ASN G 426 39.81 6.44 -26.58
CA ASN G 426 39.96 7.09 -25.29
C ASN G 426 39.03 8.27 -25.09
N LEU G 427 38.17 8.59 -26.05
CA LEU G 427 37.28 9.75 -25.96
C LEU G 427 36.14 9.41 -25.01
N GLU G 428 36.41 9.63 -23.71
CA GLU G 428 35.40 9.40 -22.69
C GLU G 428 34.43 10.57 -22.63
N GLN G 429 33.16 10.26 -22.38
CA GLN G 429 32.11 11.27 -22.48
C GLN G 429 32.36 12.47 -21.58
N GLY G 430 33.03 12.27 -20.45
CA GLY G 430 33.22 13.35 -19.52
C GLY G 430 32.05 13.49 -18.58
N VAL G 431 31.17 14.45 -18.85
CA VAL G 431 29.95 14.62 -18.07
C VAL G 431 28.81 13.93 -18.80
N CYS G 432 27.71 13.71 -18.08
CA CYS G 432 26.52 13.14 -18.69
C CYS G 432 25.95 14.13 -19.70
N ASP G 433 24.85 13.73 -20.34
CA ASP G 433 24.18 14.65 -21.25
C ASP G 433 22.91 15.24 -20.67
N SER G 434 22.21 14.49 -19.82
CA SER G 434 21.07 15.06 -19.12
C SER G 434 21.49 16.17 -18.16
N LEU G 435 22.67 16.03 -17.57
CA LEU G 435 23.15 17.05 -16.64
C LEU G 435 23.39 18.38 -17.35
N ILE G 436 23.98 18.33 -18.54
CA ILE G 436 24.23 19.57 -19.28
C ILE G 436 22.92 20.22 -19.69
N THR G 437 21.96 19.42 -20.17
CA THR G 437 20.67 19.97 -20.54
C THR G 437 19.99 20.61 -19.34
N LEU G 438 20.07 19.97 -18.18
CA LEU G 438 19.44 20.53 -16.99
C LEU G 438 20.13 21.82 -16.56
N VAL G 439 21.45 21.87 -16.68
CA VAL G 439 22.17 23.09 -16.32
C VAL G 439 21.76 24.24 -17.24
N TYR G 440 21.60 23.94 -18.53
CA TYR G 440 21.20 25.01 -19.45
C TYR G 440 19.77 25.47 -19.20
N ILE G 441 18.88 24.54 -18.85
CA ILE G 441 17.53 24.92 -18.45
C ILE G 441 17.58 25.85 -17.25
N PHE G 442 18.41 25.52 -16.27
CA PHE G 442 18.50 26.34 -15.07
C PHE G 442 19.02 27.74 -15.38
N LYS G 443 20.08 27.82 -16.19
CA LYS G 443 20.61 29.14 -16.54
C LYS G 443 19.58 29.93 -17.35
N SER G 444 18.78 29.26 -18.17
CA SER G 444 17.75 29.95 -18.93
C SER G 444 16.71 30.58 -18.00
N THR G 445 16.20 29.82 -17.04
CA THR G 445 15.24 30.40 -16.12
C THR G 445 15.89 31.42 -15.19
N GLN G 446 17.20 31.34 -14.98
CA GLN G 446 17.87 32.32 -14.13
C GLN G 446 18.10 33.65 -14.85
N VAL G 447 18.29 33.62 -16.17
CA VAL G 447 18.61 34.83 -16.92
C VAL G 447 17.36 35.50 -17.45
N ALA G 448 16.58 34.77 -18.25
CA ALA G 448 15.42 35.33 -18.93
C ALA G 448 14.22 35.37 -17.99
N ARG G 449 13.05 35.65 -18.54
CA ARG G 449 11.81 35.63 -17.78
C ARG G 449 11.30 34.19 -17.64
N VAL G 450 10.49 33.97 -16.61
CA VAL G 450 10.01 32.63 -16.29
C VAL G 450 8.80 32.76 -15.37
N GLY G 451 8.00 31.70 -15.32
CA GLY G 451 6.89 31.65 -14.39
C GLY G 451 7.32 31.27 -12.99
N LYS G 452 6.50 30.52 -12.27
CA LYS G 452 6.85 30.04 -10.94
C LYS G 452 6.88 28.52 -10.84
N THR G 453 5.82 27.85 -11.31
CA THR G 453 5.72 26.40 -11.13
C THR G 453 6.79 25.62 -11.87
N ILE G 454 7.57 26.28 -12.74
CA ILE G 454 8.69 25.65 -13.41
C ILE G 454 9.99 25.89 -12.67
N LEU G 455 10.15 27.08 -12.08
CA LEU G 455 11.37 27.39 -11.34
C LEU G 455 11.48 26.53 -10.09
N VAL G 456 10.43 26.48 -9.28
CA VAL G 456 10.47 25.74 -8.03
C VAL G 456 10.72 24.26 -8.25
N ASP G 457 10.40 23.75 -9.43
CA ASP G 457 10.58 22.33 -9.72
C ASP G 457 11.92 22.01 -10.35
N VAL G 458 12.40 22.86 -11.27
CA VAL G 458 13.73 22.66 -11.83
C VAL G 458 14.78 22.82 -10.73
N THR G 459 14.51 23.67 -9.74
CA THR G 459 15.44 23.79 -8.62
C THR G 459 15.58 22.47 -7.87
N LYS G 460 14.45 21.85 -7.53
CA LYS G 460 14.48 20.58 -6.80
C LYS G 460 15.18 19.50 -7.63
N GLU G 461 14.85 19.42 -8.92
CA GLU G 461 15.45 18.39 -9.75
C GLU G 461 16.95 18.60 -9.88
N LEU G 462 17.39 19.84 -10.08
CA LEU G 462 18.82 20.12 -10.16
C LEU G 462 19.52 19.76 -8.86
N ASP G 463 18.89 20.06 -7.73
CA ASP G 463 19.48 19.69 -6.44
C ASP G 463 19.72 18.20 -6.37
N VAL G 464 18.68 17.41 -6.67
CA VAL G 464 18.82 15.96 -6.54
C VAL G 464 19.88 15.43 -7.50
N VAL G 465 19.87 15.91 -8.75
CA VAL G 465 20.81 15.39 -9.74
C VAL G 465 22.24 15.76 -9.37
N LEU G 466 22.46 16.99 -8.92
CA LEU G 466 23.81 17.39 -8.53
C LEU G 466 24.29 16.61 -7.33
N ARG G 467 23.42 16.34 -6.36
CA ARG G 467 23.83 15.55 -5.21
C ARG G 467 24.20 14.13 -5.64
N ILE G 468 23.44 13.57 -6.59
CA ILE G 468 23.76 12.22 -7.09
C ILE G 468 25.13 12.22 -7.77
N HIS G 469 25.36 13.18 -8.67
CA HIS G 469 26.57 13.15 -9.48
C HIS G 469 27.83 13.43 -8.69
N GLY G 470 27.74 13.76 -7.41
CA GLY G 470 28.93 13.90 -6.59
C GLY G 470 29.44 15.32 -6.48
N LEU G 471 28.54 16.27 -6.22
CA LEU G 471 28.90 17.66 -5.99
C LEU G 471 28.23 18.13 -4.70
N ASP G 472 28.64 19.31 -4.24
CA ASP G 472 28.13 19.84 -2.98
C ASP G 472 28.09 21.36 -3.09
N LEU G 473 26.93 21.89 -3.44
CA LEU G 473 26.70 23.32 -3.56
C LEU G 473 25.53 23.71 -2.66
N VAL G 474 25.38 25.02 -2.45
CA VAL G 474 24.24 25.49 -1.66
C VAL G 474 22.95 25.20 -2.41
N GLN G 475 21.85 25.26 -1.67
CA GLN G 475 20.52 25.08 -2.27
C GLN G 475 20.35 26.03 -3.44
N SER G 476 19.74 25.54 -4.52
CA SER G 476 19.79 26.25 -5.79
C SER G 476 18.78 27.38 -5.89
N TYR G 477 17.72 27.36 -5.09
CA TYR G 477 16.76 28.46 -5.15
C TYR G 477 17.40 29.78 -4.75
N GLN G 478 18.18 29.78 -3.68
CA GLN G 478 18.90 30.97 -3.28
C GLN G 478 19.78 31.50 -4.41
N THR G 479 20.70 30.67 -4.90
CA THR G 479 21.58 31.10 -5.97
C THR G 479 20.86 31.31 -7.29
N SER G 480 19.56 31.04 -7.36
CA SER G 480 18.77 31.44 -8.51
C SER G 480 18.12 32.80 -8.32
N GLN G 481 17.84 33.18 -7.08
CA GLN G 481 17.23 34.47 -6.81
C GLN G 481 18.21 35.57 -6.46
N VAL G 482 19.45 35.23 -6.11
CA VAL G 482 20.42 36.22 -5.65
C VAL G 482 21.34 36.63 -6.79
N TYR G 483 22.07 35.66 -7.34
CA TYR G 483 23.02 35.91 -8.41
C TYR G 483 22.38 35.67 -9.78
N VAL G 484 22.99 36.25 -10.80
CA VAL G 484 22.53 36.06 -12.17
C VAL G 484 23.65 35.40 -12.95
N ASP H 3 -8.12 -14.49 -64.32
CA ASP H 3 -8.15 -13.56 -65.44
C ASP H 3 -7.96 -12.12 -64.96
N PHE H 4 -8.66 -11.76 -63.88
CA PHE H 4 -8.57 -10.43 -63.30
C PHE H 4 -7.70 -10.48 -62.06
N VAL H 5 -6.77 -9.53 -61.97
CA VAL H 5 -5.90 -9.41 -60.81
C VAL H 5 -5.68 -7.93 -60.52
N PRO H 6 -5.82 -7.48 -59.26
CA PRO H 6 -5.71 -6.05 -58.97
C PRO H 6 -4.29 -5.51 -59.09
N TRP H 7 -4.17 -4.19 -59.09
CA TRP H 7 -2.91 -3.47 -59.19
C TRP H 7 -2.20 -3.70 -60.52
N THR H 8 -2.93 -4.16 -61.53
CA THR H 8 -2.40 -4.25 -62.89
C THR H 8 -2.61 -2.90 -63.58
N VAL H 9 -1.53 -2.32 -64.08
CA VAL H 9 -1.60 -0.96 -64.59
C VAL H 9 -2.51 -0.86 -65.81
N ASP H 10 -2.71 -1.97 -66.53
CA ASP H 10 -3.58 -1.93 -67.71
C ASP H 10 -5.01 -1.59 -67.33
N ASN H 11 -5.49 -2.16 -66.22
CA ASN H 11 -6.86 -1.90 -65.78
C ASN H 11 -7.10 -0.42 -65.46
N LEU H 12 -6.03 0.33 -65.22
CA LEU H 12 -6.14 1.78 -65.04
C LEU H 12 -5.90 2.54 -66.32
N LYS H 13 -5.02 2.04 -67.19
CA LYS H 13 -4.69 2.75 -68.42
C LYS H 13 -5.85 2.73 -69.41
N SER H 14 -6.83 1.86 -69.22
CA SER H 14 -7.96 1.77 -70.14
C SER H 14 -9.22 2.43 -69.60
N GLN H 15 -9.12 3.23 -68.54
CA GLN H 15 -10.28 3.87 -67.92
C GLN H 15 -9.96 5.31 -67.56
N PHE H 16 -9.30 6.03 -68.47
CA PHE H 16 -8.89 7.39 -68.16
C PHE H 16 -10.08 8.34 -68.07
N GLU H 17 -11.17 8.01 -68.75
CA GLU H 17 -12.36 8.86 -68.65
C GLU H 17 -12.95 8.84 -67.25
N ALA H 18 -12.60 7.85 -66.44
CA ALA H 18 -13.08 7.77 -65.07
C ALA H 18 -12.10 8.37 -64.09
N VAL H 19 -10.81 8.05 -64.21
CA VAL H 19 -9.83 8.61 -63.30
C VAL H 19 -9.74 10.12 -63.50
N GLY H 20 -10.00 10.61 -64.72
CA GLY H 20 -10.03 12.05 -64.92
C GLY H 20 -11.12 12.72 -64.09
N LEU H 21 -12.33 12.15 -64.12
CA LEU H 21 -13.42 12.72 -63.34
C LEU H 21 -13.20 12.55 -61.85
N LEU H 22 -12.54 11.46 -61.44
CA LEU H 22 -12.26 11.28 -60.02
C LEU H 22 -11.26 12.31 -59.52
N MET H 23 -10.13 12.45 -60.23
CA MET H 23 -9.14 13.45 -59.85
C MET H 23 -9.61 14.87 -60.09
N ALA H 24 -10.69 15.07 -60.85
CA ALA H 24 -11.21 16.41 -61.04
C ALA H 24 -12.19 16.81 -59.96
N HIS H 25 -12.90 15.85 -59.37
CA HIS H 25 -13.85 16.12 -58.30
C HIS H 25 -13.24 15.95 -56.93
N SER H 26 -11.93 16.15 -56.79
CA SER H 26 -11.28 15.98 -55.51
C SER H 26 -10.23 17.06 -55.25
N TYR H 27 -10.44 18.26 -55.77
CA TYR H 27 -9.61 19.40 -55.48
C TYR H 27 -10.26 20.23 -54.37
N LEU H 28 -9.45 20.75 -53.46
CA LEU H 28 -9.98 21.65 -52.46
C LEU H 28 -10.40 22.96 -53.13
N PRO H 29 -11.35 23.68 -52.54
CA PRO H 29 -11.88 24.88 -53.21
C PRO H 29 -10.81 25.93 -53.41
N ALA H 30 -10.84 26.56 -54.59
CA ALA H 30 -9.84 27.57 -54.93
C ALA H 30 -9.82 28.69 -53.91
N ASN H 31 -10.94 29.38 -53.75
CA ASN H 31 -11.05 30.37 -52.69
C ASN H 31 -11.02 29.70 -51.33
N ALA H 32 -10.40 30.38 -50.36
CA ALA H 32 -10.38 29.86 -49.00
C ALA H 32 -11.79 29.66 -48.46
N GLU H 33 -12.58 30.73 -48.46
CA GLU H 33 -14.01 30.58 -48.20
C GLU H 33 -14.64 29.75 -49.31
N GLU H 34 -15.60 28.89 -48.93
CA GLU H 34 -16.16 27.91 -49.85
C GLU H 34 -16.82 28.54 -51.08
N GLY H 35 -17.03 29.85 -51.09
CA GLY H 35 -17.74 30.47 -52.19
C GLY H 35 -19.22 30.58 -51.89
N ILE H 36 -20.00 29.64 -52.42
CA ILE H 36 -21.41 29.53 -52.04
C ILE H 36 -21.59 28.18 -51.35
N ALA H 37 -21.37 27.10 -52.10
CA ALA H 37 -21.36 25.76 -51.52
C ALA H 37 -20.60 24.86 -52.48
N TYR H 38 -19.39 24.46 -52.11
CA TYR H 38 -18.60 23.59 -52.97
C TYR H 38 -19.13 22.16 -52.86
N PRO H 39 -19.60 21.56 -53.94
CA PRO H 39 -20.30 20.27 -53.85
C PRO H 39 -19.43 19.17 -53.25
N PRO H 40 -18.16 19.01 -53.67
CA PRO H 40 -17.38 17.93 -53.04
C PRO H 40 -17.23 18.08 -51.54
N LEU H 41 -17.00 19.30 -51.06
CA LEU H 41 -16.82 19.48 -49.62
C LEU H 41 -18.10 19.19 -48.86
N VAL H 42 -19.26 19.61 -49.37
CA VAL H 42 -20.50 19.36 -48.65
C VAL H 42 -20.83 17.87 -48.68
N HIS H 43 -20.53 17.20 -49.79
CA HIS H 43 -20.75 15.75 -49.82
C HIS H 43 -19.83 15.04 -48.84
N THR H 44 -18.59 15.51 -48.71
CA THR H 44 -17.68 14.91 -47.75
C THR H 44 -18.18 15.13 -46.32
N TYR H 45 -18.60 16.36 -46.01
CA TYR H 45 -19.11 16.64 -44.67
C TYR H 45 -20.35 15.83 -44.37
N GLU H 46 -21.13 15.49 -45.40
CA GLU H 46 -22.25 14.57 -45.18
C GLU H 46 -21.77 13.14 -44.96
N SER H 47 -20.66 12.76 -45.60
CA SER H 47 -20.18 11.39 -45.48
C SER H 47 -19.51 11.11 -44.15
N LEU H 48 -18.92 12.13 -43.52
CA LEU H 48 -18.31 11.97 -42.21
C LEU H 48 -19.29 12.21 -41.08
N SER H 49 -20.58 12.34 -41.38
CA SER H 49 -21.60 12.48 -40.35
C SER H 49 -21.58 11.26 -39.43
N PRO H 50 -21.99 11.41 -38.17
CA PRO H 50 -21.95 10.26 -37.25
C PRO H 50 -23.08 9.28 -37.47
N ALA H 51 -24.15 9.66 -38.14
CA ALA H 51 -25.31 8.80 -38.34
C ALA H 51 -25.69 8.75 -39.80
N SER H 52 -24.72 8.53 -40.67
CA SER H 52 -24.95 8.35 -42.09
C SER H 52 -24.55 6.94 -42.51
N THR H 53 -24.83 6.61 -43.76
CA THR H 53 -24.64 5.27 -44.29
C THR H 53 -23.47 5.25 -45.27
N CYS H 54 -22.64 4.22 -45.17
CA CYS H 54 -21.54 4.05 -46.10
C CYS H 54 -22.08 3.85 -47.51
N ARG H 55 -21.70 4.74 -48.42
CA ARG H 55 -22.27 4.70 -49.76
C ARG H 55 -21.79 3.49 -50.55
N VAL H 56 -20.59 3.00 -50.26
CA VAL H 56 -20.08 1.83 -50.97
C VAL H 56 -20.93 0.60 -50.64
N CYS H 57 -21.17 0.36 -49.35
CA CYS H 57 -22.00 -0.77 -48.96
C CYS H 57 -23.41 -0.62 -49.49
N ASP H 58 -23.93 0.62 -49.50
CA ASP H 58 -25.27 0.86 -50.04
C ASP H 58 -25.35 0.48 -51.51
N LEU H 59 -24.34 0.88 -52.29
CA LEU H 59 -24.32 0.50 -53.70
C LEU H 59 -24.21 -1.00 -53.87
N LEU H 60 -23.32 -1.63 -53.09
CA LEU H 60 -23.16 -3.08 -53.18
C LEU H 60 -24.47 -3.80 -52.89
N ASP H 61 -25.26 -3.30 -51.95
CA ASP H 61 -26.51 -3.98 -51.64
C ASP H 61 -27.58 -3.68 -52.67
N THR H 62 -27.65 -2.44 -53.15
CA THR H 62 -28.64 -2.15 -54.19
C THR H 62 -28.31 -2.83 -55.51
N LEU H 63 -27.10 -3.36 -55.67
CA LEU H 63 -26.76 -4.14 -56.86
C LEU H 63 -26.90 -5.64 -56.62
N VAL H 64 -26.20 -6.17 -55.61
CA VAL H 64 -26.13 -7.62 -55.43
C VAL H 64 -27.48 -8.19 -55.02
N ASN H 65 -28.20 -7.51 -54.14
CA ASN H 65 -29.46 -8.04 -53.64
C ASN H 65 -30.59 -7.97 -54.66
N HIS H 66 -30.26 -7.70 -55.92
CA HIS H 66 -31.18 -7.90 -57.03
C HIS H 66 -30.97 -9.31 -57.58
N SER H 67 -31.55 -9.58 -58.74
CA SER H 67 -31.52 -10.93 -59.31
C SER H 67 -30.11 -11.33 -59.71
N ASP H 68 -29.86 -12.64 -59.63
CA ASP H 68 -28.72 -13.34 -60.22
C ASP H 68 -27.40 -12.56 -60.11
N ALA H 69 -27.05 -12.23 -58.86
CA ALA H 69 -25.72 -11.72 -58.59
C ALA H 69 -24.70 -12.80 -58.94
N PRO H 70 -23.89 -12.60 -59.98
CA PRO H 70 -23.02 -13.68 -60.46
C PRO H 70 -22.02 -14.10 -59.39
N VAL H 71 -21.77 -15.41 -59.32
CA VAL H 71 -20.74 -15.93 -58.44
C VAL H 71 -19.41 -15.53 -59.04
N ALA H 72 -18.33 -15.65 -58.26
CA ALA H 72 -16.99 -15.22 -58.61
C ALA H 72 -16.90 -13.69 -58.59
N PHE H 73 -18.04 -13.03 -58.40
CA PHE H 73 -18.00 -11.61 -58.07
C PHE H 73 -17.55 -11.42 -56.63
N PHE H 74 -18.06 -12.26 -55.72
CA PHE H 74 -17.58 -12.22 -54.36
C PHE H 74 -16.12 -12.63 -54.28
N GLU H 75 -15.67 -13.49 -55.19
CA GLU H 75 -14.27 -13.88 -55.20
C GLU H 75 -13.38 -12.73 -55.67
N ASP H 76 -13.78 -12.02 -56.73
CA ASP H 76 -13.00 -10.87 -57.17
C ASP H 76 -13.02 -9.76 -56.13
N TYR H 77 -14.16 -9.56 -55.48
CA TYR H 77 -14.25 -8.57 -54.42
C TYR H 77 -13.35 -8.95 -53.25
N ALA H 78 -13.33 -10.23 -52.87
CA ALA H 78 -12.46 -10.67 -51.80
C ALA H 78 -10.99 -10.52 -52.18
N LEU H 79 -10.65 -10.73 -53.45
CA LEU H 79 -9.27 -10.51 -53.88
C LEU H 79 -8.89 -9.04 -53.78
N LEU H 80 -9.78 -8.15 -54.25
CA LEU H 80 -9.50 -6.72 -54.14
C LEU H 80 -9.35 -6.30 -52.69
N CYS H 81 -10.18 -6.86 -51.82
CA CYS H 81 -10.06 -6.54 -50.40
C CYS H 81 -8.76 -7.07 -49.81
N TYR H 82 -8.34 -8.26 -50.24
CA TYR H 82 -7.07 -8.80 -49.76
C TYR H 82 -5.91 -7.93 -50.18
N TYR H 83 -5.97 -7.38 -51.40
CA TYR H 83 -4.90 -6.49 -51.82
C TYR H 83 -4.92 -5.18 -51.04
N CYS H 84 -6.10 -4.57 -50.91
CA CYS H 84 -6.21 -3.35 -50.12
C CYS H 84 -5.83 -3.56 -48.66
N LEU H 85 -5.83 -4.81 -48.21
CA LEU H 85 -5.33 -5.14 -46.88
C LEU H 85 -3.82 -5.10 -46.79
N ASN H 86 -3.12 -4.97 -47.92
CA ASN H 86 -1.67 -5.01 -47.99
C ASN H 86 -1.13 -3.87 -48.84
N ALA H 87 -1.65 -2.68 -48.62
CA ALA H 87 -1.19 -1.49 -49.34
C ALA H 87 -0.93 -0.37 -48.36
N PRO H 88 -0.08 0.58 -48.72
CA PRO H 88 0.19 1.71 -47.82
C PRO H 88 -0.91 2.76 -47.94
N ARG H 89 -1.32 3.30 -46.81
CA ARG H 89 -2.33 4.35 -46.78
C ARG H 89 -1.72 5.59 -47.40
N ALA H 90 -2.07 5.86 -48.65
CA ALA H 90 -1.48 6.98 -49.39
C ALA H 90 -2.41 7.36 -50.53
N TRP H 91 -1.88 8.15 -51.46
CA TRP H 91 -2.66 8.66 -52.57
C TRP H 91 -2.83 7.62 -53.67
N ILE H 92 -1.72 7.01 -54.09
CA ILE H 92 -1.77 6.04 -55.17
C ILE H 92 -2.61 4.84 -54.79
N SER H 93 -2.64 4.49 -53.50
CA SER H 93 -3.42 3.34 -53.07
C SER H 93 -4.91 3.61 -53.24
N SER H 94 -5.37 4.78 -52.79
CA SER H 94 -6.78 5.11 -52.95
C SER H 94 -7.15 5.18 -54.42
N LEU H 95 -6.30 5.78 -55.25
CA LEU H 95 -6.63 5.88 -56.67
C LEU H 95 -6.75 4.49 -57.30
N ILE H 96 -5.79 3.62 -57.03
CA ILE H 96 -5.80 2.29 -57.63
C ILE H 96 -7.00 1.49 -57.15
N THR H 97 -7.32 1.60 -55.86
CA THR H 97 -8.48 0.89 -55.34
C THR H 97 -9.76 1.35 -56.00
N GLY H 98 -9.92 2.66 -56.16
CA GLY H 98 -11.12 3.16 -56.83
C GLY H 98 -11.23 2.66 -58.25
N MET H 99 -10.12 2.72 -59.00
CA MET H 99 -10.15 2.29 -60.39
C MET H 99 -10.47 0.80 -60.50
N ASP H 100 -9.86 -0.02 -59.65
CA ASP H 100 -10.13 -1.46 -59.74
C ASP H 100 -11.54 -1.81 -59.30
N PHE H 101 -12.07 -1.10 -58.32
CA PHE H 101 -13.47 -1.31 -57.93
C PHE H 101 -14.39 -1.00 -59.10
N LEU H 102 -14.17 0.14 -59.77
CA LEU H 102 -14.98 0.46 -60.93
C LEU H 102 -14.82 -0.58 -62.04
N HIS H 103 -13.61 -1.12 -62.20
CA HIS H 103 -13.41 -2.16 -63.21
C HIS H 103 -14.24 -3.39 -62.91
N ILE H 104 -14.20 -3.86 -61.66
CA ILE H 104 -15.00 -5.04 -61.28
C ILE H 104 -16.47 -4.77 -61.52
N LEU H 105 -16.95 -3.59 -61.13
CA LEU H 105 -18.38 -3.30 -61.30
C LEU H 105 -18.76 -3.29 -62.77
N ILE H 106 -17.97 -2.63 -63.61
CA ILE H 106 -18.28 -2.60 -65.04
C ILE H 106 -18.23 -4.00 -65.63
N LYS H 107 -17.36 -4.86 -65.10
CA LYS H 107 -17.23 -6.21 -65.64
C LYS H 107 -18.45 -7.05 -65.31
N TYR H 108 -18.74 -7.22 -64.02
CA TYR H 108 -19.74 -8.23 -63.64
C TYR H 108 -21.18 -7.71 -63.69
N PHE H 109 -21.40 -6.42 -63.42
CA PHE H 109 -22.75 -5.85 -63.37
C PHE H 109 -22.90 -4.80 -64.46
N PRO H 110 -22.98 -5.20 -65.73
CA PRO H 110 -23.07 -4.21 -66.81
C PRO H 110 -24.43 -3.59 -66.95
N MET H 111 -25.49 -4.27 -66.53
CA MET H 111 -26.85 -3.75 -66.65
C MET H 111 -27.19 -2.72 -65.59
N ALA H 112 -26.26 -2.41 -64.68
CA ALA H 112 -26.54 -1.42 -63.66
C ALA H 112 -26.76 -0.04 -64.29
N GLY H 113 -27.31 0.86 -63.49
CA GLY H 113 -27.78 2.13 -64.02
C GLY H 113 -26.71 3.11 -64.47
N GLY H 114 -25.94 3.65 -63.53
CA GLY H 114 -25.08 4.77 -63.85
C GLY H 114 -23.61 4.54 -63.58
N LEU H 115 -23.12 3.33 -63.89
CA LEU H 115 -21.70 3.05 -63.69
C LEU H 115 -20.80 3.83 -64.62
N ASP H 116 -21.35 4.57 -65.58
CA ASP H 116 -20.52 5.42 -66.42
C ASP H 116 -20.23 6.76 -65.79
N SER H 117 -20.97 7.13 -64.75
CA SER H 117 -20.78 8.40 -64.05
C SER H 117 -20.78 8.16 -62.55
N LEU H 118 -20.02 7.15 -62.11
CA LEU H 118 -20.08 6.75 -60.70
C LEU H 118 -19.44 7.80 -59.80
N PHE H 119 -18.35 8.43 -60.24
CA PHE H 119 -17.56 9.30 -59.37
C PHE H 119 -17.99 10.76 -59.54
N MET H 120 -19.21 11.03 -59.10
CA MET H 120 -19.78 12.37 -59.08
C MET H 120 -20.28 12.66 -57.68
N PRO H 121 -20.47 13.94 -57.33
CA PRO H 121 -21.09 14.26 -56.04
C PRO H 121 -22.45 13.58 -55.89
N SER H 122 -22.90 13.40 -54.66
CA SER H 122 -24.10 12.63 -54.34
C SER H 122 -24.00 11.18 -54.81
N ARG H 123 -22.78 10.73 -55.09
CA ARG H 123 -22.50 9.34 -55.46
C ARG H 123 -21.19 8.96 -54.77
N ILE H 124 -20.58 7.86 -55.21
CA ILE H 124 -19.31 7.45 -54.63
C ILE H 124 -18.23 8.47 -54.98
N LEU H 125 -17.53 8.95 -53.96
CA LEU H 125 -16.36 9.80 -54.18
C LEU H 125 -15.15 9.27 -53.45
N ALA H 126 -14.07 10.06 -53.39
CA ALA H 126 -12.81 9.58 -52.85
C ALA H 126 -12.90 9.29 -51.36
N ILE H 127 -13.48 10.21 -50.59
CA ILE H 127 -13.59 10.01 -49.15
C ILE H 127 -14.39 8.75 -48.84
N ASP H 128 -15.35 8.41 -49.69
CA ASP H 128 -16.12 7.19 -49.45
C ASP H 128 -15.26 5.95 -49.70
N ILE H 129 -14.43 5.99 -50.74
CA ILE H 129 -13.52 4.87 -50.99
C ILE H 129 -12.58 4.67 -49.80
N GLN H 130 -12.04 5.77 -49.27
CA GLN H 130 -11.18 5.65 -48.11
C GLN H 130 -11.95 5.09 -46.91
N LEU H 131 -13.09 5.69 -46.60
CA LEU H 131 -13.90 5.24 -45.46
C LEU H 131 -14.36 3.81 -45.59
N HIS H 132 -14.39 3.26 -46.79
CA HIS H 132 -14.78 1.86 -46.89
C HIS H 132 -13.58 0.93 -46.81
N PHE H 133 -12.53 1.21 -47.57
CA PHE H 133 -11.47 0.22 -47.70
C PHE H 133 -10.36 0.37 -46.67
N TYR H 134 -10.05 1.58 -46.21
CA TYR H 134 -8.89 1.78 -45.33
C TYR H 134 -9.29 2.22 -43.92
N ILE H 135 -10.01 3.32 -43.79
CA ILE H 135 -10.48 3.75 -42.49
C ILE H 135 -11.77 3.01 -42.17
N CYS H 136 -11.81 2.33 -41.03
CA CYS H 136 -12.95 1.52 -40.60
C CYS H 136 -13.38 0.56 -41.71
N ARG H 137 -12.47 -0.37 -42.02
CA ARG H 137 -12.67 -1.33 -43.09
C ARG H 137 -13.96 -2.13 -42.88
N CYS H 138 -14.76 -2.25 -43.93
CA CYS H 138 -16.07 -2.88 -43.86
C CYS H 138 -16.11 -4.23 -44.54
N PHE H 139 -15.02 -5.01 -44.47
CA PHE H 139 -15.04 -6.34 -45.05
C PHE H 139 -14.42 -7.42 -44.18
N LEU H 140 -13.72 -7.07 -43.11
CA LEU H 140 -13.13 -8.09 -42.25
C LEU H 140 -14.23 -8.89 -41.58
N PRO H 141 -14.14 -10.22 -41.57
CA PRO H 141 -15.12 -11.01 -40.82
C PRO H 141 -14.98 -10.77 -39.33
N VAL H 142 -16.12 -10.65 -38.65
CA VAL H 142 -16.15 -10.31 -37.25
C VAL H 142 -17.27 -11.11 -36.58
N SER H 143 -17.07 -11.44 -35.31
CA SER H 143 -18.08 -12.16 -34.57
C SER H 143 -19.22 -11.23 -34.17
N SER H 144 -20.40 -11.81 -33.96
CA SER H 144 -21.58 -11.00 -33.67
C SER H 144 -21.43 -10.22 -32.37
N SER H 145 -20.71 -10.78 -31.39
CA SER H 145 -20.54 -10.14 -30.10
C SER H 145 -19.41 -9.13 -30.08
N ASP H 146 -19.02 -8.61 -31.25
CA ASP H 146 -17.88 -7.72 -31.34
C ASP H 146 -18.19 -6.54 -32.24
N MET H 147 -19.36 -5.93 -32.07
CA MET H 147 -19.72 -4.73 -32.79
C MET H 147 -19.75 -3.49 -31.90
N ILE H 148 -19.46 -3.65 -30.62
CA ILE H 148 -19.64 -2.58 -29.64
C ILE H 148 -18.37 -1.71 -29.57
N ARG H 149 -17.27 -2.34 -29.18
CA ARG H 149 -15.98 -1.64 -29.17
C ARG H 149 -15.69 -1.04 -30.53
N ASN H 150 -16.03 -1.76 -31.60
CA ASN H 150 -15.81 -1.25 -32.94
C ASN H 150 -16.63 0.00 -33.21
N ALA H 151 -17.90 0.02 -32.75
CA ALA H 151 -18.72 1.20 -32.93
C ALA H 151 -18.14 2.39 -32.19
N ASN H 152 -17.66 2.18 -30.96
CA ASN H 152 -17.10 3.28 -30.17
C ASN H 152 -15.86 3.86 -30.84
N LEU H 153 -14.92 2.99 -31.21
CA LEU H 153 -13.73 3.44 -31.91
C LEU H 153 -14.09 4.11 -33.23
N GLY H 154 -15.15 3.66 -33.89
CA GLY H 154 -15.58 4.32 -35.10
C GLY H 154 -16.04 5.75 -34.85
N TYR H 155 -16.78 5.95 -33.76
CA TYR H 155 -17.18 7.31 -33.42
C TYR H 155 -15.95 8.20 -33.25
N TYR H 156 -14.95 7.71 -32.52
CA TYR H 156 -13.77 8.56 -32.30
C TYR H 156 -13.00 8.81 -33.59
N LYS H 157 -12.82 7.77 -34.40
CA LYS H 157 -12.21 7.90 -35.71
C LYS H 157 -12.85 9.02 -36.52
N LEU H 158 -14.17 8.95 -36.69
CA LEU H 158 -14.85 9.90 -37.57
C LEU H 158 -14.82 11.31 -37.00
N GLU H 159 -14.97 11.43 -35.68
CA GLU H 159 -14.91 12.75 -35.07
C GLU H 159 -13.57 13.41 -35.33
N PHE H 160 -12.47 12.67 -35.14
CA PHE H 160 -11.17 13.30 -35.33
C PHE H 160 -10.80 13.46 -36.80
N LEU H 161 -11.35 12.65 -37.70
CA LEU H 161 -11.16 12.91 -39.12
C LEU H 161 -11.85 14.21 -39.53
N LYS H 162 -13.09 14.39 -39.10
CA LYS H 162 -13.76 15.66 -39.33
C LYS H 162 -12.96 16.80 -38.74
N SER H 163 -12.27 16.56 -37.62
CA SER H 163 -11.41 17.59 -37.05
C SER H 163 -10.24 17.91 -37.97
N ILE H 164 -9.58 16.88 -38.52
CA ILE H 164 -8.49 17.10 -39.46
C ILE H 164 -8.97 17.94 -40.64
N LEU H 165 -10.18 17.65 -41.11
CA LEU H 165 -10.66 18.33 -42.31
C LEU H 165 -11.07 19.76 -42.04
N THR H 166 -11.83 19.99 -40.96
CA THR H 166 -12.40 21.32 -40.73
C THR H 166 -11.37 22.31 -40.19
N GLY H 167 -10.33 21.83 -39.51
CA GLY H 167 -9.29 22.68 -39.01
C GLY H 167 -9.43 23.17 -37.58
N GLN H 168 -10.25 22.50 -36.76
CA GLN H 168 -10.41 22.89 -35.38
C GLN H 168 -10.69 21.65 -34.53
N SER H 169 -10.04 21.57 -33.37
CA SER H 169 -10.13 20.39 -32.53
C SER H 169 -11.57 20.17 -32.07
N PRO H 170 -11.90 18.94 -31.68
CA PRO H 170 -13.28 18.66 -31.23
C PRO H 170 -13.64 19.48 -30.01
N ALA H 171 -14.91 19.90 -29.97
CA ALA H 171 -15.37 20.75 -28.88
C ALA H 171 -15.29 20.01 -27.54
N ASN H 172 -16.03 18.92 -27.40
CA ASN H 172 -16.19 18.22 -26.13
C ASN H 172 -15.30 16.99 -26.14
N PHE H 173 -14.08 17.14 -25.64
CA PHE H 173 -13.15 16.01 -25.59
C PHE H 173 -12.05 16.31 -24.58
N CYS H 174 -11.96 15.48 -23.54
CA CYS H 174 -10.85 15.49 -22.60
C CYS H 174 -10.19 14.13 -22.68
N PHE H 175 -8.92 14.10 -23.07
CA PHE H 175 -8.26 12.83 -23.36
C PHE H 175 -8.23 11.93 -22.13
N LYS H 176 -7.70 12.43 -21.02
CA LYS H 176 -7.87 11.72 -19.76
C LYS H 176 -9.35 11.62 -19.43
N SER H 177 -9.71 10.55 -18.72
CA SER H 177 -11.08 10.21 -18.36
C SER H 177 -11.86 9.70 -19.58
N MET H 178 -11.24 9.75 -20.75
CA MET H 178 -11.71 9.08 -21.94
C MET H 178 -10.58 8.18 -22.45
N TRP H 179 -10.82 7.55 -23.59
CA TRP H 179 -9.82 6.69 -24.20
C TRP H 179 -9.40 5.56 -23.27
N THR H 241 1.45 -8.48 -63.24
CA THR H 241 1.28 -7.40 -62.27
C THR H 241 2.56 -6.61 -62.12
N LYS H 242 3.64 -7.11 -62.71
CA LYS H 242 4.95 -6.46 -62.63
C LYS H 242 4.95 -5.27 -63.58
N ALA H 243 4.51 -4.12 -63.08
CA ALA H 243 4.52 -2.89 -63.85
C ALA H 243 4.35 -1.72 -62.89
N ASP H 244 5.26 -0.76 -62.98
CA ASP H 244 5.28 0.36 -62.05
C ASP H 244 4.13 1.32 -62.32
N TYR H 245 4.01 2.32 -61.43
CA TYR H 245 3.07 3.41 -61.59
C TYR H 245 3.73 4.77 -61.59
N CYS H 246 5.06 4.82 -61.42
CA CYS H 246 5.76 6.07 -61.19
C CYS H 246 5.44 7.12 -62.25
N GLY H 247 5.08 6.68 -63.45
CA GLY H 247 4.63 7.61 -64.47
C GLY H 247 3.41 8.40 -64.04
N LEU H 248 2.50 7.75 -63.30
CA LEU H 248 1.30 8.45 -62.85
C LEU H 248 1.62 9.53 -61.83
N LEU H 249 2.50 9.21 -60.87
CA LEU H 249 2.86 10.19 -59.86
C LEU H 249 3.65 11.34 -60.47
N LEU H 250 4.67 11.03 -61.26
CA LEU H 250 5.50 12.09 -61.82
C LEU H 250 4.74 12.90 -62.87
N GLY H 251 3.76 12.29 -63.52
CA GLY H 251 2.96 13.00 -64.52
C GLY H 251 2.19 14.15 -63.93
N THR H 252 1.30 13.84 -62.99
CA THR H 252 0.64 14.88 -62.22
C THR H 252 1.60 15.35 -61.13
N TRP H 253 1.07 16.09 -60.15
CA TRP H 253 1.86 16.60 -59.03
C TRP H 253 2.96 17.55 -59.52
N GLN H 254 2.53 18.60 -60.21
CA GLN H 254 3.37 19.75 -60.51
C GLN H 254 3.05 20.92 -59.59
N GLY H 255 2.39 20.66 -58.47
CA GLY H 255 2.17 21.67 -57.46
C GLY H 255 3.41 21.82 -56.60
N THR H 256 3.23 21.88 -55.28
CA THR H 256 4.34 22.06 -54.36
C THR H 256 4.69 20.77 -53.63
N ASP H 257 4.29 19.62 -54.17
CA ASP H 257 4.47 18.35 -53.48
C ASP H 257 5.89 17.81 -53.57
N LEU H 258 6.79 18.46 -54.30
CA LEU H 258 8.15 17.94 -54.43
C LEU H 258 9.18 18.83 -53.78
N LEU H 259 9.32 20.08 -54.22
CA LEU H 259 10.22 21.07 -53.62
C LEU H 259 11.63 20.51 -53.40
N GLY H 260 12.03 19.50 -54.17
CA GLY H 260 13.31 18.86 -53.96
C GLY H 260 14.49 19.62 -54.53
N GLY H 261 15.44 18.90 -55.11
CA GLY H 261 16.58 19.52 -55.73
C GLY H 261 16.19 20.32 -56.95
N PRO H 262 15.77 19.65 -58.01
CA PRO H 262 15.21 20.35 -59.18
C PRO H 262 13.69 20.48 -59.07
N GLY H 263 13.14 21.25 -59.99
CA GLY H 263 11.70 21.47 -60.04
C GLY H 263 11.29 22.48 -61.09
N ALA H 279 4.23 5.56 -70.68
CA ALA H 279 3.06 6.06 -71.39
C ALA H 279 2.07 6.68 -70.42
N GLU H 280 2.41 6.66 -69.13
CA GLU H 280 1.53 7.23 -68.13
C GLU H 280 1.66 8.75 -68.08
N LEU H 281 2.88 9.27 -68.09
CA LEU H 281 3.07 10.71 -68.00
C LEU H 281 2.39 11.45 -69.14
N ALA H 282 2.43 10.88 -70.35
CA ALA H 282 1.80 11.53 -71.49
C ALA H 282 0.30 11.69 -71.27
N LEU H 283 -0.34 10.64 -70.75
CA LEU H 283 -1.79 10.63 -70.59
C LEU H 283 -2.24 11.05 -69.20
N ALA H 284 -1.40 11.75 -68.44
CA ALA H 284 -1.76 12.23 -67.11
C ALA H 284 -1.75 13.74 -67.02
N ILE H 285 -2.28 14.43 -68.04
CA ILE H 285 -2.24 15.89 -68.13
C ILE H 285 -3.67 16.40 -68.29
N THR H 286 -4.27 16.83 -67.19
CA THR H 286 -5.58 17.47 -67.16
C THR H 286 -5.70 18.18 -65.81
N ARG H 287 -6.51 19.25 -65.77
CA ARG H 287 -6.64 19.99 -64.53
C ARG H 287 -7.92 20.80 -64.50
N PRO H 288 -8.64 20.83 -63.37
CA PRO H 288 -9.84 21.68 -63.27
C PRO H 288 -9.51 23.11 -62.93
N GLU H 289 -10.54 23.94 -62.73
CA GLU H 289 -10.36 25.37 -62.55
C GLU H 289 -11.12 25.89 -61.33
N ALA H 290 -12.19 25.20 -60.94
CA ALA H 290 -12.99 25.66 -59.81
C ALA H 290 -12.29 25.49 -58.48
N GLY H 291 -11.21 24.71 -58.41
CA GLY H 291 -10.53 24.43 -57.18
C GLY H 291 -9.08 24.91 -57.20
N ASP H 292 -8.44 24.77 -56.06
CA ASP H 292 -7.05 25.20 -55.88
C ASP H 292 -6.14 24.24 -56.64
N HIS H 293 -5.71 24.65 -57.83
CA HIS H 293 -4.83 23.81 -58.63
C HIS H 293 -3.38 23.88 -58.18
N SER H 294 -3.09 24.45 -57.02
CA SER H 294 -1.75 24.44 -56.46
C SER H 294 -1.54 23.35 -55.42
N GLN H 295 -2.60 22.87 -54.79
CA GLN H 295 -2.50 21.80 -53.80
C GLN H 295 -2.74 20.43 -54.38
N GLY H 296 -3.27 20.34 -55.59
CA GLY H 296 -3.47 19.07 -56.26
C GLY H 296 -4.60 18.27 -55.66
N PRO H 297 -4.78 17.03 -56.12
CA PRO H 297 -5.87 16.20 -55.62
C PRO H 297 -5.69 15.80 -54.17
N CYS H 298 -5.97 16.72 -53.26
CA CYS H 298 -5.74 16.46 -51.85
C CYS H 298 -6.68 15.39 -51.31
N LEU H 299 -7.96 15.45 -51.69
CA LEU H 299 -8.97 14.62 -51.04
C LEU H 299 -8.78 13.14 -51.26
N LEU H 300 -7.80 12.71 -52.05
CA LEU H 300 -7.47 11.29 -52.13
C LEU H 300 -6.51 10.88 -51.03
N ALA H 301 -5.66 11.80 -50.57
CA ALA H 301 -4.65 11.54 -49.55
C ALA H 301 -5.31 11.14 -48.24
N PRO H 302 -4.58 10.59 -47.28
CA PRO H 302 -5.17 10.30 -45.96
C PRO H 302 -5.10 11.46 -44.98
N MET H 303 -4.70 12.66 -45.43
CA MET H 303 -4.67 13.83 -44.58
C MET H 303 -5.54 14.97 -45.11
N PHE H 304 -6.14 14.82 -46.28
CA PHE H 304 -7.08 15.79 -46.82
C PHE H 304 -6.48 17.19 -46.88
N GLY H 305 -5.27 17.27 -47.40
CA GLY H 305 -4.63 18.56 -47.56
C GLY H 305 -3.13 18.44 -47.67
N LEU H 306 -2.52 19.52 -48.14
CA LEU H 306 -1.07 19.58 -48.32
C LEU H 306 -0.56 20.85 -47.67
N ARG H 307 -0.29 20.79 -46.37
CA ARG H 307 0.40 21.85 -45.66
C ARG H 307 1.80 21.38 -45.31
N HIS H 308 2.75 22.31 -45.29
CA HIS H 308 4.12 21.91 -45.02
C HIS H 308 4.85 22.94 -44.17
N LYS H 309 5.67 22.42 -43.26
CA LYS H 309 6.44 23.19 -42.29
C LYS H 309 7.82 22.56 -42.17
N ASN H 310 8.85 23.39 -42.13
CA ASN H 310 10.24 22.94 -42.03
C ASN H 310 10.59 22.01 -43.20
N ALA H 311 10.07 22.34 -44.38
CA ALA H 311 10.36 21.58 -45.61
C ALA H 311 9.93 20.12 -45.50
N SER H 312 8.87 19.85 -44.75
CA SER H 312 8.25 18.53 -44.70
C SER H 312 6.74 18.70 -44.81
N ARG H 313 6.11 17.85 -45.61
CA ARG H 313 4.71 18.04 -45.97
C ARG H 313 3.86 16.91 -45.43
N THR H 314 2.55 17.04 -45.61
CA THR H 314 1.58 16.09 -45.09
C THR H 314 1.20 15.02 -46.11
N ILE H 315 1.89 14.95 -47.24
CA ILE H 315 1.71 13.88 -48.21
C ILE H 315 3.11 13.31 -48.45
N CYS H 316 3.47 12.30 -47.68
CA CYS H 316 4.82 11.75 -47.71
C CYS H 316 5.08 11.06 -49.03
N PRO H 317 5.89 11.62 -49.93
CA PRO H 317 6.09 10.98 -51.24
C PRO H 317 6.69 9.60 -51.15
N LEU H 318 7.53 9.35 -50.15
CA LEU H 318 8.07 8.00 -49.96
C LEU H 318 6.95 6.99 -49.78
N CYS H 319 5.84 7.38 -49.16
CA CYS H 319 4.70 6.49 -49.01
C CYS H 319 3.94 6.31 -50.32
N GLU H 320 4.18 7.14 -51.33
CA GLU H 320 3.73 6.80 -52.67
C GLU H 320 4.66 5.82 -53.34
N SER H 321 5.97 6.05 -53.23
CA SER H 321 6.92 5.11 -53.80
C SER H 321 6.71 3.71 -53.25
N LEU H 322 6.37 3.59 -51.96
CA LEU H 322 6.12 2.27 -51.39
C LEU H 322 5.02 1.53 -52.13
N GLY H 323 4.12 2.24 -52.80
CA GLY H 323 3.00 1.59 -53.43
C GLY H 323 3.01 1.67 -54.93
N ALA H 324 3.99 2.36 -55.51
CA ALA H 324 4.02 2.54 -56.97
C ALA H 324 5.22 1.88 -57.63
N HIS H 325 5.94 1.00 -56.92
CA HIS H 325 7.11 0.37 -57.51
C HIS H 325 7.52 -0.82 -56.65
N PRO H 326 8.01 -1.91 -57.25
CA PRO H 326 8.35 -3.09 -56.44
C PRO H 326 9.65 -2.95 -55.67
N ASP H 327 10.60 -2.18 -56.21
CA ASP H 327 11.93 -2.06 -55.61
C ASP H 327 12.05 -0.87 -54.68
N ALA H 328 10.96 -0.43 -54.05
CA ALA H 328 11.00 0.76 -53.22
C ALA H 328 11.20 0.46 -51.75
N LYS H 329 10.43 -0.50 -51.21
CA LYS H 329 10.58 -0.82 -49.79
C LYS H 329 11.99 -1.34 -49.49
N ASP H 330 12.53 -2.17 -50.38
CA ASP H 330 13.88 -2.70 -50.16
C ASP H 330 14.92 -1.60 -50.31
N THR H 331 14.72 -0.68 -51.26
CA THR H 331 15.64 0.44 -51.38
C THR H 331 15.66 1.29 -50.12
N LEU H 332 14.48 1.57 -49.55
CA LEU H 332 14.44 2.36 -48.33
C LEU H 332 15.03 1.60 -47.15
N ASP H 333 14.84 0.28 -47.09
CA ASP H 333 15.47 -0.49 -46.04
C ASP H 333 16.99 -0.43 -46.15
N ARG H 334 17.52 -0.55 -47.36
CA ARG H 334 18.96 -0.43 -47.57
C ARG H 334 19.45 0.96 -47.18
N PHE H 335 18.69 2.00 -47.52
CA PHE H 335 19.07 3.35 -47.15
C PHE H 335 19.12 3.52 -45.64
N LYS H 336 18.13 2.99 -44.93
CA LYS H 336 18.11 3.08 -43.47
C LYS H 336 19.30 2.34 -42.88
N SER H 337 19.62 1.16 -43.42
CA SER H 337 20.78 0.42 -42.92
C SER H 337 22.06 1.21 -43.14
N LEU H 338 22.20 1.83 -44.31
CA LEU H 338 23.37 2.67 -44.56
C LEU H 338 23.47 3.80 -43.54
N ILE H 339 22.36 4.51 -43.30
CA ILE H 339 22.37 5.60 -42.34
C ILE H 339 22.82 5.08 -40.97
N LEU H 340 22.23 3.98 -40.52
CA LEU H 340 22.51 3.52 -39.17
C LEU H 340 23.94 2.98 -39.02
N ASP H 341 24.52 2.43 -40.09
CA ASP H 341 25.75 1.67 -39.94
C ASP H 341 26.99 2.33 -40.51
N SER H 342 26.86 3.31 -41.40
CA SER H 342 28.01 3.85 -42.11
C SER H 342 28.60 5.10 -41.45
N PHE H 343 28.51 5.21 -40.13
CA PHE H 343 29.11 6.33 -39.43
C PHE H 343 29.47 5.90 -38.02
N GLY H 344 30.52 6.51 -37.48
CA GLY H 344 30.96 6.20 -36.14
C GLY H 344 30.82 7.35 -35.18
N ASN H 345 30.85 8.58 -35.70
CA ASN H 345 30.74 9.75 -34.87
C ASN H 345 29.33 9.89 -34.33
N ASN H 346 29.11 10.92 -33.53
CA ASN H 346 27.77 11.29 -33.06
C ASN H 346 27.21 12.42 -33.91
N ILE H 347 27.00 12.15 -35.19
CA ILE H 347 26.40 13.13 -36.09
C ILE H 347 24.90 12.93 -36.06
N LYS H 348 24.16 14.04 -36.03
CA LYS H 348 22.71 13.97 -36.01
C LYS H 348 22.19 13.30 -37.28
N ILE H 349 21.02 12.67 -37.17
CA ILE H 349 20.54 11.80 -38.23
C ILE H 349 20.19 12.59 -39.49
N LEU H 350 19.67 13.81 -39.33
CA LEU H 350 19.43 14.64 -40.50
C LEU H 350 20.72 14.95 -41.23
N ASP H 351 21.82 15.13 -40.49
CA ASP H 351 23.10 15.37 -41.15
C ASP H 351 23.60 14.14 -41.88
N ARG H 352 23.44 12.95 -41.27
CA ARG H 352 23.80 11.73 -41.97
C ARG H 352 23.03 11.61 -43.28
N ILE H 353 21.74 11.94 -43.25
CA ILE H 353 20.95 11.85 -44.47
C ILE H 353 21.46 12.84 -45.52
N VAL H 354 21.70 14.09 -45.09
CA VAL H 354 22.13 15.11 -46.04
C VAL H 354 23.47 14.73 -46.66
N PHE H 355 24.36 14.13 -45.88
CA PHE H 355 25.66 13.76 -46.40
C PHE H 355 25.55 12.57 -47.34
N LEU H 356 24.80 11.54 -46.95
CA LEU H 356 24.63 10.38 -47.82
C LEU H 356 23.96 10.75 -49.13
N ILE H 357 23.14 11.80 -49.13
CA ILE H 357 22.50 12.19 -50.37
C ILE H 357 23.38 13.14 -51.18
N LYS H 358 24.23 13.92 -50.52
CA LYS H 358 24.96 14.98 -51.21
C LYS H 358 26.28 14.49 -51.79
N THR H 359 27.19 14.01 -50.94
CA THR H 359 28.54 13.71 -51.41
C THR H 359 28.62 12.35 -52.10
N GLN H 360 28.37 11.27 -51.36
CA GLN H 360 28.40 9.94 -51.94
C GLN H 360 26.99 9.59 -52.40
N ASN H 361 26.64 10.09 -53.58
CA ASN H 361 25.28 9.96 -54.10
C ASN H 361 24.84 8.51 -54.09
N THR H 362 23.85 8.20 -53.26
CA THR H 362 23.25 6.89 -53.21
C THR H 362 21.90 6.85 -53.90
N LEU H 363 21.48 7.97 -54.50
CA LEU H 363 20.24 8.03 -55.25
C LEU H 363 20.47 7.97 -56.76
N LEU H 364 21.61 7.42 -57.17
CA LEU H 364 21.88 7.14 -58.58
C LEU H 364 21.94 5.66 -58.90
N ASP H 365 22.45 4.84 -57.98
CA ASP H 365 22.51 3.40 -58.16
C ASP H 365 21.16 2.75 -57.85
N VAL H 366 20.15 3.18 -58.60
CA VAL H 366 18.80 2.62 -58.50
C VAL H 366 18.39 2.15 -59.88
N PRO H 367 17.82 0.94 -60.02
CA PRO H 367 17.54 0.40 -61.36
C PRO H 367 16.62 1.26 -62.21
N CYS H 368 15.41 1.52 -61.74
CA CYS H 368 14.45 2.25 -62.54
C CYS H 368 14.90 3.69 -62.73
N PRO H 369 14.79 4.24 -63.92
CA PRO H 369 15.11 5.65 -64.13
C PRO H 369 14.04 6.56 -63.55
N ARG H 370 12.78 6.15 -63.68
CA ARG H 370 11.69 6.96 -63.15
C ARG H 370 11.71 6.98 -61.63
N LEU H 371 12.06 5.86 -61.00
CA LEU H 371 12.13 5.82 -59.55
C LEU H 371 13.16 6.81 -59.05
N ARG H 372 14.42 6.63 -59.41
CA ARG H 372 15.44 7.56 -58.92
C ARG H 372 15.34 8.94 -59.54
N ALA H 373 14.45 9.15 -60.51
CA ALA H 373 14.16 10.49 -60.98
C ALA H 373 13.12 11.19 -60.13
N TRP H 374 12.17 10.44 -59.58
CA TRP H 374 11.18 10.98 -58.68
C TRP H 374 11.60 10.91 -57.22
N LEU H 375 12.72 10.25 -56.94
CA LEU H 375 13.21 10.07 -55.58
C LEU H 375 14.29 11.08 -55.22
N GLN H 376 15.16 11.43 -56.16
CA GLN H 376 16.21 12.41 -55.92
C GLN H 376 15.71 13.84 -55.91
N MET H 377 14.39 14.04 -55.90
CA MET H 377 13.80 15.35 -55.72
C MET H 377 12.97 15.39 -54.44
N CYS H 378 13.45 14.72 -53.40
CA CYS H 378 12.82 14.69 -52.09
C CYS H 378 13.79 15.26 -51.06
N THR H 379 13.40 16.36 -50.43
CA THR H 379 14.27 17.03 -49.47
C THR H 379 14.66 16.06 -48.35
N PRO H 380 15.89 16.16 -47.84
CA PRO H 380 16.34 15.20 -46.82
C PRO H 380 15.49 15.22 -45.57
N GLN H 381 14.87 16.34 -45.24
CA GLN H 381 13.95 16.36 -44.11
C GLN H 381 12.83 15.35 -44.30
N ASP H 382 12.42 15.13 -45.55
CA ASP H 382 11.36 14.17 -45.82
C ASP H 382 11.83 12.74 -45.58
N PHE H 383 13.05 12.42 -46.03
CA PHE H 383 13.63 11.12 -45.71
C PHE H 383 13.69 10.92 -44.21
N HIS H 384 14.16 11.93 -43.47
CA HIS H 384 14.24 11.82 -42.02
C HIS H 384 12.87 11.54 -41.42
N LYS H 385 11.89 12.36 -41.77
CA LYS H 385 10.54 12.16 -41.25
C LYS H 385 10.07 10.74 -41.50
N HIS H 386 10.03 10.33 -42.77
CA HIS H 386 9.47 9.04 -43.11
C HIS H 386 10.21 7.91 -42.41
N LEU H 387 11.54 7.96 -42.37
CA LEU H 387 12.28 6.81 -41.90
C LEU H 387 12.28 6.71 -40.37
N PHE H 388 12.47 7.83 -39.66
CA PHE H 388 12.72 7.74 -38.24
C PHE H 388 11.68 8.43 -37.35
N CYS H 389 10.78 9.24 -37.89
CA CYS H 389 9.97 10.10 -37.03
C CYS H 389 8.49 9.77 -37.03
N ASP H 390 7.83 9.77 -38.19
CA ASP H 390 6.38 9.79 -38.19
C ASP H 390 5.81 8.41 -37.89
N PRO H 391 4.70 8.33 -37.16
CA PRO H 391 4.11 7.02 -36.86
C PRO H 391 3.32 6.43 -38.00
N LEU H 392 2.60 7.25 -38.76
CA LEU H 392 1.84 6.74 -39.89
C LEU H 392 2.76 6.17 -40.96
N CYS H 393 3.91 6.83 -41.17
CA CYS H 393 4.87 6.30 -42.12
C CYS H 393 5.47 4.99 -41.64
N ALA H 394 5.64 4.82 -40.33
CA ALA H 394 6.09 3.54 -39.82
C ALA H 394 5.04 2.46 -40.03
N ILE H 395 3.77 2.79 -39.80
CA ILE H 395 2.70 1.81 -40.06
C ILE H 395 2.70 1.41 -41.52
N ASN H 396 2.84 2.38 -42.43
CA ASN H 396 2.91 2.05 -43.86
C ASN H 396 4.09 1.16 -44.17
N HIS H 397 5.29 1.58 -43.74
CA HIS H 397 6.49 0.81 -44.01
C HIS H 397 6.44 -0.59 -43.42
N SER H 398 5.61 -0.81 -42.40
CA SER H 398 5.54 -2.11 -41.75
C SER H 398 4.31 -2.92 -42.11
N ILE H 399 3.37 -2.37 -42.88
CA ILE H 399 2.19 -3.12 -43.27
C ILE H 399 2.19 -3.47 -44.75
N THR H 400 2.88 -2.71 -45.60
CA THR H 400 2.89 -3.03 -47.01
C THR H 400 3.68 -4.31 -47.25
N ASN H 401 3.54 -4.84 -48.46
CA ASN H 401 4.12 -6.14 -48.78
C ASN H 401 4.24 -6.28 -50.29
N PRO H 402 5.25 -5.67 -50.91
CA PRO H 402 5.25 -5.51 -52.38
C PRO H 402 5.33 -6.82 -53.13
N SER H 403 5.56 -7.95 -52.47
CA SER H 403 5.50 -9.22 -53.19
C SER H 403 4.06 -9.60 -53.53
N VAL H 404 3.10 -9.15 -52.71
CA VAL H 404 1.70 -9.42 -53.00
C VAL H 404 1.17 -8.47 -54.05
N LEU H 405 1.68 -7.25 -54.10
CA LEU H 405 1.18 -6.27 -55.06
C LEU H 405 1.86 -6.38 -56.41
N PHE H 406 3.10 -6.87 -56.45
CA PHE H 406 3.84 -6.95 -57.71
C PHE H 406 4.44 -8.34 -57.89
N GLY H 407 3.70 -9.37 -57.53
CA GLY H 407 4.17 -10.73 -57.68
C GLY H 407 3.13 -11.68 -58.22
N GLN H 408 3.54 -12.61 -59.06
CA GLN H 408 2.63 -13.60 -59.61
C GLN H 408 2.32 -14.67 -58.58
N ILE H 409 1.15 -15.28 -58.72
CA ILE H 409 0.67 -16.31 -57.81
C ILE H 409 0.67 -17.65 -58.53
N TYR H 410 1.05 -18.70 -57.81
CA TYR H 410 1.10 -20.07 -58.31
C TYR H 410 -0.26 -20.47 -58.86
N PRO H 411 -0.41 -20.62 -60.17
CA PRO H 411 -1.73 -20.86 -60.77
C PRO H 411 -2.44 -22.09 -60.21
N PRO H 412 -1.74 -23.20 -59.94
CA PRO H 412 -2.44 -24.36 -59.37
C PRO H 412 -3.15 -24.09 -58.06
N SER H 413 -2.84 -23.01 -57.35
CA SER H 413 -3.50 -22.70 -56.10
C SER H 413 -4.39 -21.46 -56.18
N PHE H 414 -4.54 -20.88 -57.38
CA PHE H 414 -5.23 -19.61 -57.52
C PHE H 414 -6.71 -19.73 -57.17
N GLN H 415 -7.39 -20.71 -57.75
CA GLN H 415 -8.82 -20.85 -57.49
C GLN H 415 -9.08 -21.26 -56.04
N ALA H 416 -8.22 -22.09 -55.47
CA ALA H 416 -8.35 -22.45 -54.07
C ALA H 416 -8.22 -21.21 -53.18
N PHE H 417 -7.25 -20.34 -53.48
CA PHE H 417 -7.09 -19.13 -52.69
C PHE H 417 -8.28 -18.20 -52.84
N LYS H 418 -8.76 -18.03 -54.08
CA LYS H 418 -9.93 -17.20 -54.30
C LYS H 418 -11.12 -17.71 -53.48
N ALA H 419 -11.38 -19.01 -53.52
CA ALA H 419 -12.51 -19.56 -52.79
C ALA H 419 -12.32 -19.41 -51.28
N ALA H 420 -11.10 -19.63 -50.79
CA ALA H 420 -10.85 -19.46 -49.36
C ALA H 420 -11.09 -18.02 -48.93
N LEU H 421 -10.74 -17.06 -49.78
CA LEU H 421 -11.00 -15.67 -49.45
C LEU H 421 -12.49 -15.36 -49.47
N ALA H 422 -13.21 -15.91 -50.45
CA ALA H 422 -14.65 -15.68 -50.53
C ALA H 422 -15.34 -16.09 -49.24
N ALA H 423 -14.92 -17.21 -48.66
CA ALA H 423 -15.50 -17.67 -47.41
C ALA H 423 -15.00 -16.91 -46.20
N GLY H 424 -14.10 -15.95 -46.37
CA GLY H 424 -13.57 -15.21 -45.25
C GLY H 424 -12.68 -16.04 -44.36
N GLN H 425 -11.51 -16.41 -44.86
CA GLN H 425 -10.61 -17.30 -44.14
C GLN H 425 -9.21 -16.74 -43.93
N ASN H 426 -8.73 -15.84 -44.78
CA ASN H 426 -7.36 -15.34 -44.68
C ASN H 426 -7.29 -13.83 -44.46
N LEU H 427 -8.42 -13.15 -44.34
CA LEU H 427 -8.43 -11.70 -44.17
C LEU H 427 -8.02 -11.36 -42.74
N GLU H 428 -6.71 -11.28 -42.52
CA GLU H 428 -6.17 -10.93 -41.21
C GLU H 428 -6.24 -9.43 -41.00
N GLN H 429 -6.54 -9.02 -39.76
CA GLN H 429 -6.81 -7.61 -39.47
C GLN H 429 -5.66 -6.71 -39.89
N GLY H 430 -4.44 -7.20 -39.84
CA GLY H 430 -3.29 -6.35 -40.14
C GLY H 430 -2.83 -5.60 -38.91
N VAL H 431 -3.21 -4.33 -38.80
CA VAL H 431 -2.90 -3.54 -37.63
C VAL H 431 -4.11 -3.55 -36.71
N CYS H 432 -3.89 -3.15 -35.46
CA CYS H 432 -4.98 -3.02 -34.51
C CYS H 432 -5.91 -1.90 -34.96
N ASP H 433 -6.97 -1.68 -34.17
CA ASP H 433 -7.86 -0.57 -34.46
C ASP H 433 -7.67 0.60 -33.54
N SER H 434 -7.28 0.36 -32.28
CA SER H 434 -6.96 1.45 -31.38
C SER H 434 -5.71 2.20 -31.86
N LEU H 435 -4.77 1.48 -32.47
CA LEU H 435 -3.56 2.12 -32.95
C LEU H 435 -3.86 3.11 -34.07
N ILE H 436 -4.74 2.73 -35.00
CA ILE H 436 -5.09 3.64 -36.08
C ILE H 436 -5.80 4.87 -35.55
N THR H 437 -6.74 4.67 -34.62
CA THR H 437 -7.43 5.81 -34.04
C THR H 437 -6.46 6.75 -33.33
N LEU H 438 -5.49 6.17 -32.61
CA LEU H 438 -4.52 7.00 -31.91
C LEU H 438 -3.64 7.76 -32.89
N VAL H 439 -3.24 7.11 -33.99
CA VAL H 439 -2.43 7.79 -34.99
C VAL H 439 -3.19 8.96 -35.60
N TYR H 440 -4.49 8.77 -35.86
CA TYR H 440 -5.26 9.86 -36.44
C TYR H 440 -5.45 11.00 -35.46
N ILE H 441 -5.64 10.68 -34.17
CA ILE H 441 -5.68 11.72 -33.15
C ILE H 441 -4.38 12.52 -33.14
N PHE H 442 -3.24 11.82 -33.23
CA PHE H 442 -1.95 12.50 -33.21
C PHE H 442 -1.79 13.41 -34.41
N LYS H 443 -2.13 12.91 -35.61
CA LYS H 443 -2.01 13.76 -36.79
C LYS H 443 -2.95 14.95 -36.72
N SER H 444 -4.13 14.78 -36.10
CA SER H 444 -5.05 15.89 -35.94
C SER H 444 -4.46 16.98 -35.08
N THR H 445 -3.92 16.61 -33.92
CA THR H 445 -3.29 17.64 -33.08
C THR H 445 -2.01 18.19 -33.69
N GLN H 446 -1.37 17.44 -34.58
CA GLN H 446 -0.17 17.94 -35.23
C GLN H 446 -0.48 18.95 -36.34
N VAL H 447 -1.62 18.79 -37.01
CA VAL H 447 -1.95 19.64 -38.15
C VAL H 447 -2.76 20.85 -37.72
N ALA H 448 -3.90 20.61 -37.09
CA ALA H 448 -4.83 21.69 -36.74
C ALA H 448 -4.40 22.37 -35.45
N ARG H 449 -5.26 23.21 -34.90
CA ARG H 449 -5.01 23.85 -33.62
C ARG H 449 -5.35 22.89 -32.48
N VAL H 450 -4.74 23.15 -31.33
CA VAL H 450 -4.88 22.27 -30.17
C VAL H 450 -4.46 23.03 -28.92
N GLY H 451 -4.90 22.54 -27.76
CA GLY H 451 -4.47 23.10 -26.50
C GLY H 451 -3.11 22.58 -26.09
N LYS H 452 -2.90 22.38 -24.79
CA LYS H 452 -1.65 21.81 -24.29
C LYS H 452 -1.84 20.51 -23.54
N THR H 453 -2.78 20.47 -22.59
CA THR H 453 -2.95 19.30 -21.73
C THR H 453 -3.39 18.07 -22.49
N ILE H 454 -3.76 18.20 -23.75
CA ILE H 454 -4.10 17.06 -24.59
C ILE H 454 -2.91 16.60 -25.42
N LEU H 455 -2.08 17.55 -25.87
CA LEU H 455 -0.91 17.21 -26.67
C LEU H 455 0.10 16.43 -25.84
N VAL H 456 0.45 16.96 -24.65
CA VAL H 456 1.46 16.33 -23.82
C VAL H 456 1.06 14.94 -23.39
N ASP H 457 -0.23 14.63 -23.38
CA ASP H 457 -0.71 13.32 -22.95
C ASP H 457 -0.86 12.34 -24.10
N VAL H 458 -1.37 12.79 -25.24
CA VAL H 458 -1.44 11.92 -26.40
C VAL H 458 -0.03 11.53 -26.85
N THR H 459 0.94 12.41 -26.65
CA THR H 459 2.32 12.06 -26.97
C THR H 459 2.80 10.88 -26.13
N LYS H 460 2.59 10.94 -24.82
CA LYS H 460 3.01 9.86 -23.94
C LYS H 460 2.30 8.56 -24.29
N GLU H 461 0.99 8.64 -24.53
CA GLU H 461 0.24 7.42 -24.83
C GLU H 461 0.70 6.81 -26.15
N LEU H 462 0.91 7.64 -27.17
CA LEU H 462 1.41 7.14 -28.44
C LEU H 462 2.77 6.50 -28.28
N ASP H 463 3.65 7.10 -27.48
CA ASP H 463 4.96 6.50 -27.23
C ASP H 463 4.82 5.11 -26.65
N VAL H 464 4.01 4.96 -25.61
CA VAL H 464 3.90 3.66 -24.96
C VAL H 464 3.30 2.63 -25.91
N VAL H 465 2.26 3.02 -26.65
CA VAL H 465 1.58 2.07 -27.52
C VAL H 465 2.49 1.64 -28.66
N LEU H 466 3.24 2.59 -29.24
CA LEU H 466 4.15 2.24 -30.32
C LEU H 466 5.27 1.34 -29.83
N ARG H 467 5.79 1.59 -28.62
CA ARG H 467 6.82 0.72 -28.09
C ARG H 467 6.28 -0.68 -27.86
N ILE H 468 5.04 -0.79 -27.40
CA ILE H 468 4.44 -2.11 -27.19
C ILE H 468 4.31 -2.84 -28.53
N HIS H 469 3.76 -2.17 -29.53
CA HIS H 469 3.45 -2.84 -30.79
C HIS H 469 4.67 -3.25 -31.59
N GLY H 470 5.87 -2.88 -31.15
CA GLY H 470 7.07 -3.37 -31.80
C GLY H 470 7.64 -2.42 -32.84
N LEU H 471 7.74 -1.14 -32.50
CA LEU H 471 8.35 -0.13 -33.35
C LEU H 471 9.38 0.64 -32.55
N ASP H 472 10.18 1.45 -33.24
CA ASP H 472 11.25 2.19 -32.59
C ASP H 472 11.44 3.51 -33.34
N LEU H 473 10.80 4.56 -32.84
CA LEU H 473 10.89 5.89 -33.40
C LEU H 473 11.37 6.86 -32.32
N VAL H 474 11.76 8.06 -32.74
CA VAL H 474 12.16 9.06 -31.78
C VAL H 474 10.96 9.48 -30.93
N GLN H 475 11.25 10.12 -29.80
CA GLN H 475 10.20 10.65 -28.94
C GLN H 475 9.25 11.52 -29.75
N SER H 476 7.96 11.39 -29.48
CA SER H 476 6.96 11.95 -30.38
C SER H 476 6.72 13.44 -30.18
N TYR H 477 7.07 13.99 -29.02
CA TYR H 477 6.88 15.43 -28.83
C TYR H 477 7.72 16.24 -29.80
N GLN H 478 8.99 15.84 -29.98
CA GLN H 478 9.85 16.50 -30.94
C GLN H 478 9.23 16.47 -32.34
N THR H 479 8.95 15.27 -32.85
CA THR H 479 8.37 15.16 -34.18
C THR H 479 6.95 15.68 -34.26
N SER H 480 6.37 16.13 -33.15
CA SER H 480 5.11 16.85 -33.22
C SER H 480 5.32 18.36 -33.28
N GLN H 481 6.44 18.85 -32.74
CA GLN H 481 6.71 20.28 -32.78
C GLN H 481 7.60 20.71 -33.94
N VAL H 482 8.29 19.77 -34.58
CA VAL H 482 9.25 20.14 -35.62
C VAL H 482 8.63 19.97 -37.00
N TYR H 483 8.19 18.76 -37.32
CA TYR H 483 7.61 18.45 -38.62
C TYR H 483 6.09 18.55 -38.56
N VAL H 484 5.49 18.70 -39.73
CA VAL H 484 4.03 18.75 -39.84
C VAL H 484 3.60 17.59 -40.71
N ASP I 3 -64.48 -9.49 -12.88
CA ASP I 3 -65.33 -8.70 -13.76
C ASP I 3 -64.55 -7.56 -14.41
N PHE I 4 -63.74 -6.87 -13.60
CA PHE I 4 -62.91 -5.77 -14.08
C PHE I 4 -61.47 -6.24 -14.23
N VAL I 5 -60.88 -5.91 -15.37
CA VAL I 5 -59.48 -6.24 -15.63
C VAL I 5 -58.85 -5.09 -16.40
N PRO I 6 -57.67 -4.61 -16.00
CA PRO I 6 -57.08 -3.44 -16.65
C PRO I 6 -56.57 -3.72 -18.06
N TRP I 7 -56.27 -2.65 -18.80
CA TRP I 7 -55.77 -2.70 -20.16
C TRP I 7 -56.78 -3.29 -21.14
N THR I 8 -58.06 -3.32 -20.76
CA THR I 8 -59.12 -3.71 -21.68
C THR I 8 -59.56 -2.47 -22.45
N VAL I 9 -59.52 -2.55 -23.78
CA VAL I 9 -59.75 -1.36 -24.59
C VAL I 9 -61.16 -0.82 -24.42
N ASP I 10 -62.11 -1.68 -24.03
CA ASP I 10 -63.48 -1.22 -23.86
C ASP I 10 -63.59 -0.17 -22.75
N ASN I 11 -62.86 -0.39 -21.65
CA ASN I 11 -62.90 0.56 -20.54
C ASN I 11 -62.40 1.95 -20.94
N LEU I 12 -61.65 2.04 -22.04
CA LEU I 12 -61.24 3.33 -22.58
C LEU I 12 -62.18 3.83 -23.66
N LYS I 13 -62.76 2.93 -24.45
CA LYS I 13 -63.62 3.33 -25.54
C LYS I 13 -64.94 3.91 -25.04
N SER I 14 -65.29 3.67 -23.80
CA SER I 14 -66.56 4.17 -23.24
C SER I 14 -66.37 5.40 -22.37
N GLN I 15 -65.22 6.05 -22.41
CA GLN I 15 -64.95 7.21 -21.56
C GLN I 15 -64.22 8.29 -22.35
N PHE I 16 -64.67 8.55 -23.58
CA PHE I 16 -63.97 9.50 -24.43
C PHE I 16 -64.14 10.92 -23.93
N GLU I 17 -65.21 11.20 -23.21
CA GLU I 17 -65.39 12.55 -22.65
C GLU I 17 -64.31 12.87 -21.62
N ALA I 18 -63.64 11.85 -21.08
CA ALA I 18 -62.59 12.07 -20.10
C ALA I 18 -61.21 12.09 -20.75
N VAL I 19 -60.94 11.13 -21.65
CA VAL I 19 -59.64 11.13 -22.32
C VAL I 19 -59.49 12.36 -23.20
N GLY I 20 -60.61 12.89 -23.73
CA GLY I 20 -60.52 14.13 -24.47
C GLY I 20 -60.02 15.28 -23.62
N LEU I 21 -60.59 15.43 -22.43
CA LEU I 21 -60.15 16.50 -21.54
C LEU I 21 -58.75 16.27 -21.03
N LEU I 22 -58.35 15.01 -20.83
CA LEU I 22 -56.99 14.74 -20.38
C LEU I 22 -55.98 15.10 -21.46
N MET I 23 -56.19 14.62 -22.69
CA MET I 23 -55.30 14.96 -23.78
C MET I 23 -55.41 16.42 -24.20
N ALA I 24 -56.44 17.13 -23.78
CA ALA I 24 -56.54 18.55 -24.10
C ALA I 24 -55.83 19.43 -23.09
N HIS I 25 -55.73 18.99 -21.83
CA HIS I 25 -55.04 19.74 -20.80
C HIS I 25 -53.59 19.30 -20.63
N SER I 26 -52.97 18.79 -21.69
CA SER I 26 -51.59 18.34 -21.58
C SER I 26 -50.78 18.71 -22.81
N TYR I 27 -51.10 19.84 -23.44
CA TYR I 27 -50.30 20.39 -24.52
C TYR I 27 -49.36 21.45 -23.97
N LEU I 28 -48.15 21.49 -24.47
CA LEU I 28 -47.25 22.56 -24.09
C LEU I 28 -47.75 23.88 -24.66
N PRO I 29 -47.40 25.01 -24.04
CA PRO I 29 -47.97 26.29 -24.49
C PRO I 29 -47.57 26.62 -25.91
N ALA I 30 -48.53 27.14 -26.67
CA ALA I 30 -48.29 27.47 -28.08
C ALA I 30 -47.12 28.44 -28.21
N ASN I 31 -47.24 29.62 -27.61
CA ASN I 31 -46.13 30.55 -27.57
C ASN I 31 -45.00 29.98 -26.72
N ALA I 32 -43.76 30.27 -27.12
CA ALA I 32 -42.61 29.84 -26.35
C ALA I 32 -42.67 30.42 -24.93
N GLU I 33 -42.74 31.74 -24.84
CA GLU I 33 -43.03 32.37 -23.56
C GLU I 33 -44.44 31.97 -23.11
N GLU I 34 -44.60 31.74 -21.81
CA GLU I 34 -45.84 31.19 -21.26
C GLU I 34 -47.07 32.03 -21.57
N GLY I 35 -46.90 33.26 -22.03
CA GLY I 35 -48.04 34.14 -22.24
C GLY I 35 -48.28 35.01 -21.03
N ILE I 36 -49.22 34.61 -20.17
CA ILE I 36 -49.39 35.24 -18.88
C ILE I 36 -49.10 34.21 -17.80
N ALA I 37 -49.92 33.16 -17.76
CA ALA I 37 -49.65 32.02 -16.88
C ALA I 37 -50.43 30.84 -17.42
N TYR I 38 -49.74 29.87 -18.02
CA TYR I 38 -50.41 28.70 -18.56
C TYR I 38 -50.77 27.76 -17.41
N PRO I 39 -52.05 27.47 -17.21
CA PRO I 39 -52.47 26.73 -16.00
C PRO I 39 -51.83 25.35 -15.89
N PRO I 40 -51.79 24.54 -16.96
CA PRO I 40 -51.15 23.23 -16.81
C PRO I 40 -49.69 23.32 -16.37
N LEU I 41 -48.93 24.24 -16.94
CA LEU I 41 -47.52 24.34 -16.58
C LEU I 41 -47.34 24.78 -15.14
N VAL I 42 -48.15 25.73 -14.66
CA VAL I 42 -47.98 26.17 -13.28
C VAL I 42 -48.41 25.08 -12.32
N HIS I 43 -49.46 24.32 -12.67
CA HIS I 43 -49.83 23.20 -11.83
C HIS I 43 -48.74 22.14 -11.79
N THR I 44 -48.10 21.89 -12.92
CA THR I 44 -47.01 20.93 -12.95
C THR I 44 -45.85 21.40 -12.08
N TYR I 45 -45.47 22.67 -12.23
CA TYR I 45 -44.38 23.22 -11.42
C TYR I 45 -44.72 23.17 -9.94
N GLU I 46 -45.99 23.27 -9.59
CA GLU I 46 -46.37 23.07 -8.20
C GLU I 46 -46.29 21.61 -7.80
N SER I 47 -46.53 20.69 -8.72
CA SER I 47 -46.53 19.28 -8.38
C SER I 47 -45.12 18.72 -8.22
N LEU I 48 -44.14 19.28 -8.91
CA LEU I 48 -42.76 18.86 -8.78
C LEU I 48 -42.03 19.60 -7.67
N SER I 49 -42.74 20.37 -6.86
CA SER I 49 -42.13 21.05 -5.72
C SER I 49 -41.54 20.02 -4.77
N PRO I 50 -40.49 20.38 -4.02
CA PRO I 50 -39.87 19.41 -3.12
C PRO I 50 -40.66 19.15 -1.85
N ALA I 51 -41.58 20.03 -1.48
CA ALA I 51 -42.35 19.90 -0.24
C ALA I 51 -43.83 20.02 -0.53
N SER I 52 -44.31 19.30 -1.53
CA SER I 52 -45.74 19.24 -1.84
C SER I 52 -46.25 17.82 -1.64
N THR I 53 -47.56 17.67 -1.77
CA THR I 53 -48.24 16.41 -1.49
C THR I 53 -48.71 15.76 -2.79
N CYS I 54 -48.52 14.45 -2.88
CA CYS I 54 -49.01 13.70 -4.04
C CYS I 54 -50.52 13.79 -4.09
N ARG I 55 -51.05 14.33 -5.19
CA ARG I 55 -52.50 14.56 -5.27
C ARG I 55 -53.27 13.26 -5.38
N VAL I 56 -52.67 12.23 -5.96
CA VAL I 56 -53.38 10.94 -6.06
C VAL I 56 -53.62 10.35 -4.69
N CYS I 57 -52.57 10.30 -3.85
CA CYS I 57 -52.73 9.78 -2.50
C CYS I 57 -53.69 10.64 -1.70
N ASP I 58 -53.65 11.95 -1.90
CA ASP I 58 -54.56 12.85 -1.21
C ASP I 58 -56.01 12.53 -1.56
N LEU I 59 -56.29 12.33 -2.85
CA LEU I 59 -57.65 11.97 -3.26
C LEU I 59 -58.06 10.62 -2.69
N LEU I 60 -57.15 9.64 -2.76
CA LEU I 60 -57.46 8.33 -2.21
C LEU I 60 -57.80 8.39 -0.73
N ASP I 61 -57.12 9.26 0.02
CA ASP I 61 -57.42 9.33 1.44
C ASP I 61 -58.68 10.14 1.71
N THR I 62 -58.92 11.21 0.96
CA THR I 62 -60.16 11.95 1.17
C THR I 62 -61.38 11.18 0.70
N LEU I 63 -61.20 10.08 -0.04
CA LEU I 63 -62.31 9.22 -0.41
C LEU I 63 -62.44 8.01 0.51
N VAL I 64 -61.38 7.22 0.65
CA VAL I 64 -61.46 5.94 1.36
C VAL I 64 -61.68 6.17 2.85
N ASN I 65 -61.01 7.15 3.44
CA ASN I 65 -61.10 7.37 4.88
C ASN I 65 -62.42 7.99 5.30
N HIS I 66 -63.40 8.03 4.40
CA HIS I 66 -64.78 8.31 4.76
C HIS I 66 -65.49 6.99 5.06
N SER I 67 -66.81 7.03 5.16
CA SER I 67 -67.58 5.85 5.56
C SER I 67 -67.53 4.76 4.50
N ASP I 68 -67.60 3.52 4.98
CA ASP I 68 -67.89 2.31 4.19
C ASP I 68 -67.16 2.29 2.84
N ALA I 69 -65.84 2.43 2.92
CA ALA I 69 -65.01 2.16 1.75
C ALA I 69 -65.17 0.71 1.34
N PRO I 70 -65.80 0.44 0.19
CA PRO I 70 -66.13 -0.94 -0.15
C PRO I 70 -64.88 -1.80 -0.29
N VAL I 71 -64.98 -3.04 0.17
CA VAL I 71 -63.91 -4.02 -0.01
C VAL I 71 -63.90 -4.37 -1.49
N ALA I 72 -62.83 -5.02 -1.94
CA ALA I 72 -62.58 -5.36 -3.34
C ALA I 72 -62.23 -4.12 -4.13
N PHE I 73 -62.35 -2.95 -3.49
CA PHE I 73 -61.74 -1.75 -4.07
C PHE I 73 -60.24 -1.80 -3.92
N PHE I 74 -59.76 -2.22 -2.76
CA PHE I 74 -58.32 -2.41 -2.59
C PHE I 74 -57.81 -3.52 -3.49
N GLU I 75 -58.65 -4.51 -3.80
CA GLU I 75 -58.23 -5.57 -4.71
C GLU I 75 -58.12 -5.06 -6.13
N ASP I 76 -59.09 -4.27 -6.60
CA ASP I 76 -58.99 -3.71 -7.94
C ASP I 76 -57.83 -2.73 -8.04
N TYR I 77 -57.61 -1.94 -6.98
CA TYR I 77 -56.47 -1.03 -6.97
C TYR I 77 -55.15 -1.80 -7.00
N ALA I 78 -55.06 -2.89 -6.24
CA ALA I 78 -53.85 -3.71 -6.28
C ALA I 78 -53.65 -4.34 -7.63
N LEU I 79 -54.72 -4.73 -8.31
CA LEU I 79 -54.58 -5.27 -9.66
C LEU I 79 -54.07 -4.21 -10.63
N LEU I 80 -54.64 -3.00 -10.56
CA LEU I 80 -54.16 -1.93 -11.43
C LEU I 80 -52.71 -1.61 -11.15
N CYS I 81 -52.30 -1.64 -9.88
CA CYS I 81 -50.90 -1.40 -9.55
C CYS I 81 -50.02 -2.52 -10.06
N TYR I 82 -50.48 -3.76 -9.99
CA TYR I 82 -49.69 -4.87 -10.51
C TYR I 82 -49.49 -4.75 -12.01
N TYR I 83 -50.51 -4.28 -12.73
CA TYR I 83 -50.35 -4.08 -14.16
C TYR I 83 -49.39 -2.94 -14.45
N CYS I 84 -49.57 -1.79 -13.78
CA CYS I 84 -48.64 -0.68 -13.97
C CYS I 84 -47.22 -1.04 -13.56
N LEU I 85 -47.06 -2.09 -12.78
CA LEU I 85 -45.73 -2.60 -12.46
C LEU I 85 -45.10 -3.35 -13.62
N ASN I 86 -45.85 -3.63 -14.68
CA ASN I 86 -45.41 -4.42 -15.81
C ASN I 86 -45.77 -3.75 -17.13
N ALA I 87 -45.51 -2.46 -17.22
CA ALA I 87 -45.78 -1.70 -18.43
C ALA I 87 -44.57 -0.86 -18.78
N PRO I 88 -44.40 -0.50 -20.05
CA PRO I 88 -43.27 0.35 -20.43
C PRO I 88 -43.57 1.81 -20.14
N ARG I 89 -42.57 2.51 -19.62
CA ARG I 89 -42.71 3.93 -19.34
C ARG I 89 -42.81 4.67 -20.66
N ALA I 90 -44.02 5.05 -21.03
CA ALA I 90 -44.26 5.68 -22.33
C ALA I 90 -45.56 6.46 -22.26
N TRP I 91 -46.06 6.84 -23.43
CA TRP I 91 -47.26 7.66 -23.53
C TRP I 91 -48.53 6.83 -23.34
N ILE I 92 -48.63 5.73 -24.07
CA ILE I 92 -49.84 4.90 -24.01
C ILE I 92 -50.02 4.32 -22.62
N SER I 93 -48.93 4.06 -21.90
CA SER I 93 -49.04 3.51 -20.56
C SER I 93 -49.67 4.51 -19.61
N SER I 94 -49.20 5.76 -19.63
CA SER I 94 -49.78 6.77 -18.77
C SER I 94 -51.25 6.99 -19.10
N LEU I 95 -51.57 7.05 -20.40
CA LEU I 95 -52.98 7.27 -20.77
C LEU I 95 -53.86 6.13 -20.27
N ILE I 96 -53.44 4.89 -20.49
CA ILE I 96 -54.26 3.75 -20.08
C ILE I 96 -54.41 3.71 -18.56
N THR I 97 -53.32 3.99 -17.83
CA THR I 97 -53.40 4.00 -16.38
C THR I 97 -54.37 5.05 -15.88
N GLY I 98 -54.31 6.26 -16.45
CA GLY I 98 -55.26 7.29 -16.05
C GLY I 98 -56.69 6.89 -16.30
N MET I 99 -56.96 6.34 -17.48
CA MET I 99 -58.34 5.97 -17.82
C MET I 99 -58.84 4.86 -16.90
N ASP I 100 -58.02 3.86 -16.63
CA ASP I 100 -58.46 2.76 -15.78
C ASP I 100 -58.64 3.21 -14.32
N PHE I 101 -57.78 4.12 -13.85
CA PHE I 101 -57.98 4.68 -12.52
C PHE I 101 -59.32 5.40 -12.43
N LEU I 102 -59.63 6.24 -13.42
CA LEU I 102 -60.92 6.91 -13.42
C LEU I 102 -62.07 5.92 -13.49
N HIS I 103 -61.89 4.81 -14.22
CA HIS I 103 -62.94 3.81 -14.30
C HIS I 103 -63.20 3.19 -12.94
N ILE I 104 -62.14 2.80 -12.23
CA ILE I 104 -62.32 2.22 -10.89
C ILE I 104 -63.02 3.22 -9.97
N LEU I 105 -62.60 4.48 -10.01
CA LEU I 105 -63.20 5.47 -9.12
C LEU I 105 -64.68 5.64 -9.43
N ILE I 106 -65.03 5.78 -10.70
CA ILE I 106 -66.44 5.93 -11.06
C ILE I 106 -67.25 4.70 -10.66
N LYS I 107 -66.62 3.52 -10.70
CA LYS I 107 -67.33 2.30 -10.36
C LYS I 107 -67.63 2.21 -8.88
N TYR I 108 -66.58 2.25 -8.04
CA TYR I 108 -66.78 1.93 -6.63
C TYR I 108 -67.24 3.12 -5.80
N PHE I 109 -66.83 4.34 -6.13
CA PHE I 109 -67.16 5.52 -5.34
C PHE I 109 -68.00 6.48 -6.19
N PRO I 110 -69.27 6.14 -6.44
CA PRO I 110 -70.09 7.01 -7.29
C PRO I 110 -70.59 8.26 -6.59
N MET I 111 -70.72 8.23 -5.26
CA MET I 111 -71.21 9.38 -4.52
C MET I 111 -70.15 10.46 -4.32
N ALA I 112 -68.93 10.27 -4.82
CA ALA I 112 -67.91 11.28 -4.67
C ALA I 112 -68.29 12.56 -5.42
N GLY I 113 -67.59 13.63 -5.11
CA GLY I 113 -67.98 14.94 -5.57
C GLY I 113 -67.82 15.21 -7.06
N GLY I 114 -66.58 15.30 -7.53
CA GLY I 114 -66.34 15.79 -8.87
C GLY I 114 -65.63 14.83 -9.79
N LEU I 115 -65.96 13.55 -9.72
CA LEU I 115 -65.33 12.56 -10.58
C LEU I 115 -65.69 12.74 -12.04
N ASP I 116 -66.63 13.63 -12.36
CA ASP I 116 -66.94 13.91 -13.77
C ASP I 116 -65.99 14.92 -14.38
N SER I 117 -65.23 15.65 -13.57
CA SER I 117 -64.28 16.64 -14.04
C SER I 117 -62.95 16.46 -13.30
N LEU I 118 -62.48 15.23 -13.23
CA LEU I 118 -61.29 14.94 -12.42
C LEU I 118 -60.03 15.52 -13.05
N PHE I 119 -59.93 15.48 -14.37
CA PHE I 119 -58.68 15.82 -15.05
C PHE I 119 -58.70 17.29 -15.49
N MET I 120 -58.69 18.17 -14.51
CA MET I 120 -58.61 19.61 -14.70
C MET I 120 -57.45 20.15 -13.89
N PRO I 121 -56.95 21.34 -14.22
CA PRO I 121 -55.93 21.97 -13.37
C PRO I 121 -56.42 22.10 -11.93
N SER I 122 -55.49 22.21 -10.99
CA SER I 122 -55.78 22.19 -9.55
C SER I 122 -56.45 20.88 -9.13
N ARG I 123 -56.36 19.85 -9.97
CA ARG I 123 -56.87 18.52 -9.66
C ARG I 123 -55.84 17.54 -10.21
N ILE I 124 -56.24 16.27 -10.33
CA ILE I 124 -55.35 15.26 -10.88
C ILE I 124 -55.07 15.55 -12.34
N LEU I 125 -53.80 15.63 -12.72
CA LEU I 125 -53.42 15.74 -14.12
C LEU I 125 -52.41 14.67 -14.50
N ALA I 126 -51.82 14.79 -15.69
CA ALA I 126 -50.98 13.72 -16.22
C ALA I 126 -49.70 13.56 -15.40
N ILE I 127 -49.03 14.67 -15.08
CA ILE I 127 -47.79 14.59 -14.31
C ILE I 127 -48.03 13.94 -12.97
N ASP I 128 -49.23 14.12 -12.40
CA ASP I 128 -49.53 13.49 -11.12
C ASP I 128 -49.69 11.98 -11.28
N ILE I 129 -50.33 11.54 -12.36
CA ILE I 129 -50.45 10.12 -12.63
C ILE I 129 -49.07 9.49 -12.78
N GLN I 130 -48.18 10.15 -13.51
CA GLN I 130 -46.83 9.63 -13.65
C GLN I 130 -46.12 9.58 -12.30
N LEU I 131 -46.12 10.69 -11.56
CA LEU I 131 -45.46 10.76 -10.27
C LEU I 131 -46.03 9.77 -9.27
N HIS I 132 -47.25 9.29 -9.47
CA HIS I 132 -47.75 8.30 -8.53
C HIS I 132 -47.43 6.89 -8.98
N PHE I 133 -47.68 6.56 -10.23
CA PHE I 133 -47.62 5.16 -10.63
C PHE I 133 -46.25 4.73 -11.15
N TYR I 134 -45.48 5.60 -11.78
CA TYR I 134 -44.24 5.19 -12.41
C TYR I 134 -43.01 5.80 -11.74
N ILE I 135 -42.93 7.12 -11.67
CA ILE I 135 -41.82 7.77 -10.98
C ILE I 135 -42.14 7.81 -9.50
N CYS I 136 -41.24 7.28 -8.67
CA CYS I 136 -41.43 7.19 -7.22
C CYS I 136 -42.78 6.56 -6.87
N ARG I 137 -42.91 5.30 -7.26
CA ARG I 137 -44.15 4.57 -7.07
C ARG I 137 -44.57 4.55 -5.61
N CYS I 138 -45.84 4.84 -5.36
CA CYS I 138 -46.37 5.00 -4.00
C CYS I 138 -47.26 3.84 -3.60
N PHE I 139 -46.98 2.62 -4.04
CA PHE I 139 -47.77 1.48 -3.61
C PHE I 139 -46.96 0.25 -3.23
N LEU I 140 -45.67 0.21 -3.49
CA LEU I 140 -44.87 -0.94 -3.11
C LEU I 140 -44.81 -1.05 -1.60
N PRO I 141 -45.02 -2.22 -1.02
CA PRO I 141 -44.85 -2.38 0.42
C PRO I 141 -43.39 -2.21 0.80
N VAL I 142 -43.17 -1.50 1.91
CA VAL I 142 -41.82 -1.17 2.35
C VAL I 142 -41.77 -1.25 3.88
N SER I 143 -40.60 -1.60 4.40
CA SER I 143 -40.42 -1.68 5.83
C SER I 143 -40.28 -0.27 6.42
N SER I 144 -40.63 -0.16 7.70
CA SER I 144 -40.63 1.15 8.35
C SER I 144 -39.23 1.77 8.38
N SER I 145 -38.20 0.95 8.48
CA SER I 145 -36.83 1.43 8.57
C SER I 145 -36.22 1.70 7.21
N ASP I 146 -37.03 1.91 6.19
CA ASP I 146 -36.53 2.08 4.83
C ASP I 146 -37.24 3.23 4.13
N MET I 147 -37.39 4.36 4.83
CA MET I 147 -37.94 5.56 4.21
C MET I 147 -36.90 6.64 4.02
N ILE I 148 -35.64 6.39 4.38
CA ILE I 148 -34.61 7.42 4.40
C ILE I 148 -33.92 7.49 3.05
N ARG I 149 -33.29 6.39 2.64
CA ARG I 149 -32.68 6.32 1.31
C ARG I 149 -33.70 6.65 0.23
N ASN I 150 -34.94 6.19 0.42
CA ASN I 150 -35.99 6.48 -0.55
C ASN I 150 -36.28 7.96 -0.62
N ALA I 151 -36.31 8.65 0.54
CA ALA I 151 -36.54 10.09 0.52
C ALA I 151 -35.41 10.83 -0.20
N ASN I 152 -34.17 10.40 0.03
CA ASN I 152 -33.05 11.08 -0.61
C ASN I 152 -33.08 10.91 -2.12
N LEU I 153 -33.26 9.67 -2.58
CA LEU I 153 -33.38 9.42 -4.01
C LEU I 153 -34.59 10.15 -4.59
N GLY I 154 -35.66 10.31 -3.81
CA GLY I 154 -36.79 11.07 -4.31
C GLY I 154 -36.44 12.53 -4.53
N TYR I 155 -35.67 13.11 -3.62
CA TYR I 155 -35.23 14.49 -3.83
C TYR I 155 -34.47 14.61 -5.14
N TYR I 156 -33.54 13.69 -5.38
CA TYR I 156 -32.75 13.80 -6.61
C TYR I 156 -33.61 13.58 -7.85
N LYS I 157 -34.49 12.58 -7.82
CA LYS I 157 -35.45 12.35 -8.89
C LYS I 157 -36.18 13.63 -9.26
N LEU I 158 -36.82 14.25 -8.28
CA LEU I 158 -37.69 15.39 -8.57
C LEU I 158 -36.88 16.58 -9.03
N GLU I 159 -35.70 16.80 -8.44
CA GLU I 159 -34.86 17.91 -8.88
C GLU I 159 -34.50 17.77 -10.35
N PHE I 160 -34.08 16.57 -10.77
CA PHE I 160 -33.67 16.42 -12.15
C PHE I 160 -34.83 16.34 -13.12
N LEU I 161 -36.01 15.91 -12.67
CA LEU I 161 -37.19 16.00 -13.52
C LEU I 161 -37.56 17.46 -13.78
N LYS I 162 -37.58 18.27 -12.72
CA LYS I 162 -37.78 19.70 -12.92
C LYS I 162 -36.72 20.27 -13.85
N SER I 163 -35.51 19.73 -13.81
CA SER I 163 -34.48 20.17 -14.75
C SER I 163 -34.83 19.81 -16.19
N ILE I 164 -35.29 18.59 -16.41
CA ILE I 164 -35.72 18.18 -17.76
C ILE I 164 -36.81 19.11 -18.26
N LEU I 165 -37.73 19.49 -17.38
CA LEU I 165 -38.88 20.29 -17.82
C LEU I 165 -38.48 21.74 -18.10
N THR I 166 -37.73 22.36 -17.17
CA THR I 166 -37.46 23.79 -17.29
C THR I 166 -36.40 24.11 -18.34
N GLY I 167 -35.51 23.17 -18.63
CA GLY I 167 -34.50 23.37 -19.66
C GLY I 167 -33.16 23.88 -19.19
N GLN I 168 -32.84 23.76 -17.90
CA GLN I 168 -31.55 24.20 -17.40
C GLN I 168 -31.12 23.31 -16.24
N SER I 169 -29.85 22.93 -16.23
CA SER I 169 -29.34 21.99 -15.25
C SER I 169 -29.48 22.56 -13.84
N PRO I 170 -29.49 21.69 -12.82
CA PRO I 170 -29.62 22.18 -11.45
C PRO I 170 -28.48 23.10 -11.06
N ALA I 171 -28.81 24.12 -10.27
CA ALA I 171 -27.81 25.11 -9.87
C ALA I 171 -26.71 24.46 -9.03
N ASN I 172 -27.06 23.92 -7.88
CA ASN I 172 -26.09 23.44 -6.90
C ASN I 172 -26.02 21.92 -7.00
N PHE I 173 -25.10 21.42 -7.81
CA PHE I 173 -24.94 19.97 -7.96
C PHE I 173 -23.57 19.67 -8.55
N CYS I 174 -22.74 18.95 -7.79
CA CYS I 174 -21.49 18.39 -8.27
C CYS I 174 -21.60 16.88 -8.16
N PHE I 175 -21.51 16.19 -9.30
CA PHE I 175 -21.77 14.76 -9.31
C PHE I 175 -20.83 14.01 -8.39
N LYS I 176 -19.52 14.18 -8.59
CA LYS I 176 -18.57 13.69 -7.60
C LYS I 176 -18.82 14.39 -6.27
N SER I 177 -18.51 13.67 -5.18
CA SER I 177 -18.74 14.10 -3.81
C SER I 177 -20.23 14.04 -3.46
N MET I 178 -21.07 13.75 -4.44
CA MET I 178 -22.46 13.38 -4.24
C MET I 178 -22.69 12.02 -4.89
N TRP I 179 -23.94 11.59 -4.86
CA TRP I 179 -24.32 10.31 -5.46
C TRP I 179 -23.54 9.15 -4.87
N THR I 241 -58.90 -9.33 -22.76
CA THR I 241 -57.86 -8.31 -22.76
C THR I 241 -57.11 -8.29 -24.08
N LYS I 242 -57.35 -9.30 -24.91
CA LYS I 242 -56.69 -9.42 -26.20
C LYS I 242 -57.32 -8.43 -27.16
N ALA I 243 -56.79 -7.21 -27.17
CA ALA I 243 -57.26 -6.17 -28.09
C ALA I 243 -56.22 -5.07 -28.14
N ASP I 244 -55.78 -4.73 -29.35
CA ASP I 244 -54.70 -3.76 -29.51
C ASP I 244 -55.17 -2.35 -29.20
N TYR I 245 -54.22 -1.42 -29.22
CA TYR I 245 -54.48 0.00 -29.09
C TYR I 245 -53.98 0.81 -30.27
N CYS I 246 -53.34 0.17 -31.25
CA CYS I 246 -52.62 0.89 -32.31
C CYS I 246 -53.50 1.91 -33.00
N GLY I 247 -54.83 1.70 -32.99
CA GLY I 247 -55.72 2.71 -33.51
C GLY I 247 -55.62 4.02 -32.77
N LEU I 248 -55.39 3.97 -31.46
CA LEU I 248 -55.28 5.19 -30.67
C LEU I 248 -54.02 5.96 -31.03
N LEU I 249 -52.89 5.26 -31.17
CA LEU I 249 -51.64 5.93 -31.51
C LEU I 249 -51.70 6.49 -32.93
N LEU I 250 -52.10 5.67 -33.89
CA LEU I 250 -52.12 6.13 -35.27
C LEU I 250 -53.19 7.19 -35.50
N GLY I 251 -54.27 7.18 -34.72
CA GLY I 251 -55.32 8.16 -34.85
C GLY I 251 -54.83 9.56 -34.56
N THR I 252 -54.34 9.79 -33.35
CA THR I 252 -53.67 11.04 -33.02
C THR I 252 -52.25 10.97 -33.54
N TRP I 253 -51.39 11.89 -33.09
CA TRP I 253 -49.99 11.93 -33.49
C TRP I 253 -49.86 12.16 -35.00
N GLN I 254 -50.44 13.27 -35.46
CA GLN I 254 -50.18 13.80 -36.78
C GLN I 254 -49.23 14.99 -36.74
N GLY I 255 -48.49 15.13 -35.65
CA GLY I 255 -47.46 16.13 -35.56
C GLY I 255 -46.20 15.64 -36.23
N THR I 256 -45.04 15.82 -35.59
CA THR I 256 -43.77 15.39 -36.16
C THR I 256 -43.23 14.13 -35.51
N ASP I 257 -44.09 13.36 -34.86
CA ASP I 257 -43.66 12.19 -34.10
C ASP I 257 -43.33 10.99 -34.98
N LEU I 258 -43.54 11.05 -36.29
CA LEU I 258 -43.28 9.90 -37.13
C LEU I 258 -42.14 10.13 -38.12
N LEU I 259 -42.25 11.12 -39.00
CA LEU I 259 -41.19 11.51 -39.94
C LEU I 259 -40.60 10.30 -40.67
N GLY I 260 -41.35 9.22 -40.80
CA GLY I 260 -40.83 8.00 -41.39
C GLY I 260 -40.77 8.02 -42.90
N GLY I 261 -41.10 6.90 -43.54
CA GLY I 261 -41.14 6.82 -44.97
C GLY I 261 -42.24 7.68 -45.56
N PRO I 262 -43.49 7.31 -45.32
CA PRO I 262 -44.60 8.16 -45.71
C PRO I 262 -45.04 9.07 -44.55
N GLY I 263 -45.92 10.01 -44.87
CA GLY I 263 -46.43 10.93 -43.89
C GLY I 263 -47.35 11.99 -44.50
N ALA I 279 -61.94 1.04 -34.75
CA ALA I 279 -62.92 2.05 -34.36
C ALA I 279 -62.27 3.12 -33.49
N GLU I 280 -60.97 2.95 -33.23
CA GLU I 280 -60.25 3.93 -32.41
C GLU I 280 -59.87 5.16 -33.22
N LEU I 281 -59.33 4.96 -34.42
CA LEU I 281 -58.90 6.09 -35.24
C LEU I 281 -60.04 7.05 -35.53
N ALA I 282 -61.24 6.52 -35.78
CA ALA I 282 -62.38 7.38 -36.07
C ALA I 282 -62.69 8.30 -34.90
N LEU I 283 -62.65 7.76 -33.69
CA LEU I 283 -63.02 8.51 -32.49
C LEU I 283 -61.84 9.13 -31.77
N ALA I 284 -60.70 9.30 -32.44
CA ALA I 284 -59.52 9.92 -31.87
C ALA I 284 -59.14 11.22 -32.58
N ILE I 285 -60.13 12.05 -32.91
CA ILE I 285 -59.91 13.27 -33.69
C ILE I 285 -60.46 14.44 -32.89
N THR I 286 -59.59 15.16 -32.18
CA THR I 286 -59.89 16.38 -31.46
C THR I 286 -58.58 17.09 -31.16
N ARG I 287 -58.62 18.42 -31.04
CA ARG I 287 -57.39 19.14 -30.80
C ARG I 287 -57.67 20.50 -30.18
N PRO I 288 -56.88 20.93 -29.18
CA PRO I 288 -57.06 22.28 -28.62
C PRO I 288 -56.35 23.34 -29.43
N GLU I 289 -56.37 24.58 -28.95
CA GLU I 289 -55.85 25.72 -29.70
C GLU I 289 -54.91 26.58 -28.88
N ALA I 290 -55.08 26.56 -27.55
CA ALA I 290 -54.25 27.39 -26.70
C ALA I 290 -52.80 26.92 -26.61
N GLY I 291 -52.52 25.68 -27.04
CA GLY I 291 -51.19 25.12 -26.94
C GLY I 291 -50.61 24.77 -28.29
N ASP I 292 -49.36 24.33 -28.27
CA ASP I 292 -48.62 23.99 -29.48
C ASP I 292 -49.17 22.69 -30.02
N HIS I 293 -50.02 22.78 -31.04
CA HIS I 293 -50.60 21.58 -31.64
C HIS I 293 -49.67 20.90 -32.62
N SER I 294 -48.38 21.26 -32.63
CA SER I 294 -47.40 20.56 -33.45
C SER I 294 -46.59 19.54 -32.67
N GLN I 295 -46.49 19.70 -31.35
CA GLN I 295 -45.75 18.77 -30.51
C GLN I 295 -46.64 17.69 -29.89
N GLY I 296 -47.96 17.87 -29.93
CA GLY I 296 -48.88 16.88 -29.43
C GLY I 296 -48.89 16.80 -27.92
N PRO I 297 -49.63 15.83 -27.38
CA PRO I 297 -49.72 15.70 -25.92
C PRO I 297 -48.42 15.29 -25.28
N CYS I 298 -47.50 16.25 -25.14
CA CYS I 298 -46.17 15.93 -24.62
C CYS I 298 -46.23 15.52 -23.15
N LEU I 299 -47.03 16.23 -22.35
CA LEU I 299 -46.96 16.07 -20.89
C LEU I 299 -47.39 14.70 -20.41
N LEU I 300 -47.84 13.80 -21.29
CA LEU I 300 -48.06 12.42 -20.89
C LEU I 300 -46.79 11.60 -20.99
N ALA I 301 -45.90 11.95 -21.91
CA ALA I 301 -44.65 11.21 -22.15
C ALA I 301 -43.77 11.25 -20.91
N PRO I 302 -42.74 10.41 -20.82
CA PRO I 302 -41.81 10.51 -19.69
C PRO I 302 -40.66 11.48 -19.90
N MET I 303 -40.70 12.28 -20.96
CA MET I 303 -39.68 13.29 -21.21
C MET I 303 -40.24 14.70 -21.31
N PHE I 304 -41.56 14.86 -21.24
CA PHE I 304 -42.20 16.17 -21.20
C PHE I 304 -41.76 17.04 -22.37
N GLY I 305 -41.78 16.47 -23.57
CA GLY I 305 -41.46 17.24 -24.75
C GLY I 305 -41.05 16.35 -25.89
N LEU I 306 -41.04 16.93 -27.09
CA LEU I 306 -40.68 16.23 -28.31
C LEU I 306 -39.65 17.08 -29.06
N ARG I 307 -38.38 16.90 -28.70
CA ARG I 307 -37.27 17.46 -29.45
C ARG I 307 -36.56 16.34 -30.18
N HIS I 308 -36.00 16.63 -31.35
CA HIS I 308 -35.35 15.59 -32.11
C HIS I 308 -34.11 16.10 -32.82
N LYS I 309 -33.08 15.25 -32.84
CA LYS I 309 -31.78 15.53 -33.42
C LYS I 309 -31.30 14.28 -34.12
N ASN I 310 -30.72 14.45 -35.32
CA ASN I 310 -30.24 13.33 -36.13
C ASN I 310 -31.35 12.33 -36.43
N ALA I 311 -32.55 12.85 -36.67
CA ALA I 311 -33.72 12.04 -37.02
C ALA I 311 -34.05 11.02 -35.93
N SER I 312 -33.81 11.36 -34.68
CA SER I 312 -34.23 10.56 -33.54
C SER I 312 -34.84 11.49 -32.50
N ARG I 313 -35.97 11.08 -31.93
CA ARG I 313 -36.77 11.96 -31.08
C ARG I 313 -36.80 11.44 -29.66
N THR I 314 -37.41 12.24 -28.78
CA THR I 314 -37.46 11.94 -27.36
C THR I 314 -38.75 11.22 -26.96
N ILE I 315 -39.54 10.76 -27.92
CA ILE I 315 -40.70 9.92 -27.66
C ILE I 315 -40.52 8.70 -28.56
N CYS I 316 -39.89 7.67 -28.04
CA CYS I 316 -39.54 6.51 -28.84
C CYS I 316 -40.80 5.75 -29.24
N PRO I 317 -41.22 5.79 -30.51
CA PRO I 317 -42.46 5.11 -30.89
C PRO I 317 -42.43 3.61 -30.63
N LEU I 318 -41.27 2.98 -30.76
CA LEU I 318 -41.18 1.56 -30.45
C LEU I 318 -41.61 1.28 -29.02
N CYS I 319 -41.36 2.22 -28.10
CA CYS I 319 -41.81 2.06 -26.73
C CYS I 319 -43.31 2.26 -26.58
N GLU I 320 -43.99 2.82 -27.58
CA GLU I 320 -45.44 2.75 -27.61
C GLU I 320 -45.90 1.40 -28.14
N SER I 321 -45.28 0.92 -29.22
CA SER I 321 -45.64 -0.39 -29.73
C SER I 321 -45.50 -1.46 -28.67
N LEU I 322 -44.47 -1.36 -27.82
CA LEU I 322 -44.30 -2.34 -26.75
C LEU I 322 -45.51 -2.42 -25.84
N GLY I 323 -46.30 -1.35 -25.77
CA GLY I 323 -47.40 -1.34 -24.84
C GLY I 323 -48.77 -1.32 -25.49
N ALA I 324 -48.82 -1.24 -26.82
CA ALA I 324 -50.08 -1.14 -27.53
C ALA I 324 -50.39 -2.35 -28.42
N HIS I 325 -49.66 -3.45 -28.26
CA HIS I 325 -49.91 -4.62 -29.09
C HIS I 325 -49.21 -5.82 -28.49
N PRO I 326 -49.79 -7.02 -28.58
CA PRO I 326 -49.17 -8.20 -27.95
C PRO I 326 -47.97 -8.72 -28.72
N ASP I 327 -47.96 -8.57 -30.04
CA ASP I 327 -46.93 -9.16 -30.87
C ASP I 327 -45.79 -8.19 -31.16
N ALA I 328 -45.52 -7.24 -30.28
CA ALA I 328 -44.52 -6.21 -30.55
C ALA I 328 -43.16 -6.55 -29.96
N LYS I 329 -43.13 -6.95 -28.69
CA LYS I 329 -41.85 -7.28 -28.07
C LYS I 329 -41.17 -8.45 -28.77
N ASP I 330 -41.96 -9.46 -29.16
CA ASP I 330 -41.37 -10.60 -29.86
C ASP I 330 -40.92 -10.21 -31.26
N THR I 331 -41.67 -9.35 -31.94
CA THR I 331 -41.25 -8.86 -33.24
C THR I 331 -39.92 -8.12 -33.15
N LEU I 332 -39.76 -7.28 -32.14
CA LEU I 332 -38.51 -6.54 -32.00
C LEU I 332 -37.38 -7.47 -31.61
N ASP I 333 -37.65 -8.49 -30.80
CA ASP I 333 -36.61 -9.47 -30.48
C ASP I 333 -36.15 -10.21 -31.73
N ARG I 334 -37.10 -10.61 -32.58
CA ARG I 334 -36.74 -11.26 -33.84
C ARG I 334 -35.94 -10.33 -34.73
N PHE I 335 -36.32 -9.05 -34.77
CA PHE I 335 -35.59 -8.08 -35.58
C PHE I 335 -34.15 -7.93 -35.08
N LYS I 336 -33.97 -7.85 -33.77
CA LYS I 336 -32.62 -7.74 -33.21
C LYS I 336 -31.79 -8.98 -33.52
N SER I 337 -32.41 -10.17 -33.43
CA SER I 337 -31.68 -11.38 -33.76
C SER I 337 -31.27 -11.40 -35.23
N LEU I 338 -32.16 -10.95 -36.12
CA LEU I 338 -31.82 -10.85 -37.53
C LEU I 338 -30.62 -9.92 -37.74
N ILE I 339 -30.67 -8.73 -37.13
CA ILE I 339 -29.56 -7.78 -37.26
C ILE I 339 -28.26 -8.43 -36.81
N LEU I 340 -28.28 -9.06 -35.63
CA LEU I 340 -27.03 -9.57 -35.07
C LEU I 340 -26.49 -10.77 -35.86
N ASP I 341 -27.36 -11.57 -36.47
CA ASP I 341 -26.94 -12.85 -37.01
C ASP I 341 -26.88 -12.95 -38.52
N SER I 342 -27.55 -12.05 -39.26
CA SER I 342 -27.69 -12.21 -40.69
C SER I 342 -26.63 -11.44 -41.49
N PHE I 343 -25.43 -11.28 -40.93
CA PHE I 343 -24.36 -10.62 -41.65
C PHE I 343 -23.03 -11.14 -41.15
N GLY I 344 -22.04 -11.16 -42.04
CA GLY I 344 -20.71 -11.63 -41.68
C GLY I 344 -19.66 -10.54 -41.74
N ASN I 345 -19.90 -9.53 -42.57
CA ASN I 345 -18.94 -8.44 -42.71
C ASN I 345 -18.93 -7.58 -41.46
N ASN I 346 -18.07 -6.57 -41.47
CA ASN I 346 -18.05 -5.56 -40.42
C ASN I 346 -18.80 -4.31 -40.88
N ILE I 347 -20.09 -4.46 -41.10
CA ILE I 347 -20.94 -3.34 -41.48
C ILE I 347 -21.50 -2.71 -40.21
N LYS I 348 -21.51 -1.39 -40.16
CA LYS I 348 -22.03 -0.69 -38.99
C LYS I 348 -23.50 -1.02 -38.79
N ILE I 349 -23.94 -0.95 -37.53
CA ILE I 349 -25.26 -1.45 -37.17
C ILE I 349 -26.37 -0.62 -37.80
N LEU I 350 -26.17 0.68 -37.93
CA LEU I 350 -27.17 1.50 -38.61
C LEU I 350 -27.31 1.07 -40.07
N ASP I 351 -26.22 0.67 -40.70
CA ASP I 351 -26.30 0.20 -42.08
C ASP I 351 -27.03 -1.14 -42.16
N ARG I 352 -26.77 -2.04 -41.21
CA ARG I 352 -27.52 -3.29 -41.18
C ARG I 352 -29.01 -3.02 -41.06
N ILE I 353 -29.39 -2.07 -40.22
CA ILE I 353 -30.81 -1.76 -40.06
C ILE I 353 -31.37 -1.20 -41.36
N VAL I 354 -30.66 -0.25 -41.97
CA VAL I 354 -31.17 0.37 -43.19
C VAL I 354 -31.33 -0.66 -44.29
N PHE I 355 -30.41 -1.62 -44.38
CA PHE I 355 -30.51 -2.63 -45.42
C PHE I 355 -31.63 -3.61 -45.15
N LEU I 356 -31.74 -4.09 -43.90
CA LEU I 356 -32.83 -5.00 -43.56
C LEU I 356 -34.18 -4.36 -43.75
N ILE I 357 -34.27 -3.05 -43.63
CA ILE I 357 -35.57 -2.40 -43.83
C ILE I 357 -35.80 -2.07 -45.30
N LYS I 358 -34.75 -1.83 -46.06
CA LYS I 358 -34.90 -1.33 -47.42
C LYS I 358 -35.06 -2.44 -48.45
N THR I 359 -34.05 -3.31 -48.57
CA THR I 359 -34.06 -4.28 -49.67
C THR I 359 -34.92 -5.49 -49.35
N GLN I 360 -34.55 -6.27 -48.33
CA GLN I 360 -35.33 -7.44 -47.94
C GLN I 360 -36.31 -7.01 -46.87
N ASN I 361 -37.42 -6.43 -47.33
CA ASN I 361 -38.41 -5.84 -46.42
C ASN I 361 -38.85 -6.84 -45.37
N THR I 362 -38.49 -6.57 -44.12
CA THR I 362 -38.93 -7.38 -42.99
C THR I 362 -40.05 -6.72 -42.22
N LEU I 363 -40.53 -5.57 -42.67
CA LEU I 363 -41.64 -4.87 -42.06
C LEU I 363 -42.95 -5.08 -42.82
N LEU I 364 -43.02 -6.16 -43.61
CA LEU I 364 -44.27 -6.56 -44.25
C LEU I 364 -44.82 -7.86 -43.71
N ASP I 365 -43.97 -8.80 -43.32
CA ASP I 365 -44.40 -10.07 -42.75
C ASP I 365 -44.72 -9.92 -41.26
N VAL I 366 -45.68 -9.04 -41.00
CA VAL I 366 -46.18 -8.80 -39.64
C VAL I 366 -47.69 -9.03 -39.66
N PRO I 367 -48.25 -9.76 -38.70
CA PRO I 367 -49.68 -10.10 -38.76
C PRO I 367 -50.62 -8.92 -38.81
N CYS I 368 -50.56 -8.06 -37.80
CA CYS I 368 -51.50 -6.94 -37.73
C CYS I 368 -51.23 -5.96 -38.86
N PRO I 369 -52.26 -5.45 -39.53
CA PRO I 369 -52.04 -4.43 -40.55
C PRO I 369 -51.73 -3.07 -39.92
N ARG I 370 -52.37 -2.77 -38.79
CA ARG I 370 -52.12 -1.50 -38.12
C ARG I 370 -50.73 -1.46 -37.53
N LEU I 371 -50.25 -2.59 -37.01
CA LEU I 371 -48.90 -2.62 -36.45
C LEU I 371 -47.88 -2.30 -37.52
N ARG I 372 -47.80 -3.12 -38.56
CA ARG I 372 -46.80 -2.86 -39.59
C ARG I 372 -47.14 -1.64 -40.44
N ALA I 373 -48.29 -1.02 -40.24
CA ALA I 373 -48.56 0.27 -40.86
C ALA I 373 -48.03 1.43 -40.05
N TRP I 374 -48.01 1.29 -38.72
CA TRP I 374 -47.44 2.29 -37.85
C TRP I 374 -45.96 2.04 -37.56
N LEU I 375 -45.44 0.90 -37.99
CA LEU I 375 -44.06 0.53 -37.73
C LEU I 375 -43.14 0.83 -38.91
N GLN I 376 -43.62 0.65 -40.13
CA GLN I 376 -42.84 0.94 -41.32
C GLN I 376 -42.73 2.43 -41.62
N MET I 377 -43.15 3.28 -40.69
CA MET I 377 -42.94 4.72 -40.79
C MET I 377 -42.07 5.21 -39.65
N CYS I 378 -41.06 4.41 -39.28
CA CYS I 378 -40.11 4.75 -38.23
C CYS I 378 -38.72 4.74 -38.84
N THR I 379 -38.05 5.90 -38.82
CA THR I 379 -36.74 6.02 -39.42
C THR I 379 -35.77 5.03 -38.80
N PRO I 380 -34.85 4.48 -39.59
CA PRO I 380 -33.93 3.45 -39.06
C PRO I 380 -33.09 3.93 -37.90
N GLN I 381 -32.79 5.23 -37.84
CA GLN I 381 -32.09 5.75 -36.66
C GLN I 381 -32.87 5.47 -35.39
N ASP I 382 -34.20 5.46 -35.48
CA ASP I 382 -35.00 5.19 -34.30
C ASP I 382 -34.90 3.73 -33.88
N PHE I 383 -34.93 2.81 -34.84
CA PHE I 383 -34.69 1.41 -34.54
C PHE I 383 -33.34 1.23 -33.87
N HIS I 384 -32.31 1.88 -34.42
CA HIS I 384 -30.97 1.76 -33.85
C HIS I 384 -30.96 2.25 -32.41
N LYS I 385 -31.47 3.45 -32.18
CA LYS I 385 -31.53 4.01 -30.84
C LYS I 385 -32.20 3.03 -29.88
N HIS I 386 -33.45 2.68 -30.17
CA HIS I 386 -34.21 1.85 -29.25
C HIS I 386 -33.54 0.52 -28.99
N LEU I 387 -33.01 -0.12 -30.03
CA LEU I 387 -32.54 -1.49 -29.84
C LEU I 387 -31.17 -1.54 -29.18
N PHE I 388 -30.23 -0.67 -29.59
CA PHE I 388 -28.86 -0.83 -29.15
C PHE I 388 -28.28 0.30 -28.32
N CYS I 389 -28.94 1.46 -28.23
CA CYS I 389 -28.28 2.64 -27.68
C CYS I 389 -28.88 3.13 -26.37
N ASP I 390 -30.16 3.45 -26.33
CA ASP I 390 -30.69 4.22 -25.22
C ASP I 390 -30.88 3.34 -23.98
N PRO I 391 -30.63 3.87 -22.78
CA PRO I 391 -30.82 3.07 -21.57
C PRO I 391 -32.27 2.94 -21.14
N LEU I 392 -33.05 4.01 -21.29
CA LEU I 392 -34.46 3.94 -20.91
C LEU I 392 -35.21 2.96 -21.80
N CYS I 393 -34.87 2.92 -23.08
CA CYS I 393 -35.50 1.94 -23.96
C CYS I 393 -35.10 0.52 -23.59
N ALA I 394 -33.87 0.32 -23.10
CA ALA I 394 -33.49 -1.00 -22.63
C ALA I 394 -34.28 -1.38 -21.38
N ILE I 395 -34.46 -0.44 -20.46
CA ILE I 395 -35.26 -0.71 -19.27
C ILE I 395 -36.68 -1.09 -19.66
N ASN I 396 -37.27 -0.35 -20.61
CA ASN I 396 -38.61 -0.69 -21.09
C ASN I 396 -38.64 -2.08 -21.70
N HIS I 397 -37.75 -2.34 -22.66
CA HIS I 397 -37.71 -3.63 -23.32
C HIS I 397 -37.47 -4.78 -22.36
N SER I 398 -36.87 -4.52 -21.20
CA SER I 398 -36.56 -5.58 -20.25
C SER I 398 -37.50 -5.64 -19.06
N ILE I 399 -38.41 -4.69 -18.92
CA ILE I 399 -39.34 -4.72 -17.79
C ILE I 399 -40.77 -5.05 -18.23
N THR I 400 -41.15 -4.78 -19.47
CA THR I 400 -42.50 -5.09 -19.91
C THR I 400 -42.69 -6.59 -20.00
N ASN I 401 -43.94 -7.01 -20.12
CA ASN I 401 -44.28 -8.42 -20.08
C ASN I 401 -45.64 -8.64 -20.71
N PRO I 402 -45.72 -8.65 -22.05
CA PRO I 402 -47.02 -8.55 -22.71
C PRO I 402 -47.96 -9.73 -22.46
N SER I 403 -47.49 -10.80 -21.82
CA SER I 403 -48.42 -11.87 -21.45
C SER I 403 -49.30 -11.44 -20.29
N VAL I 404 -48.82 -10.54 -19.43
CA VAL I 404 -49.63 -10.05 -18.33
C VAL I 404 -50.60 -8.97 -18.81
N LEU I 405 -50.22 -8.20 -19.81
CA LEU I 405 -51.09 -7.13 -20.29
C LEU I 405 -52.10 -7.62 -21.31
N PHE I 406 -51.79 -8.67 -22.06
CA PHE I 406 -52.70 -9.16 -23.09
C PHE I 406 -52.91 -10.66 -22.97
N GLY I 407 -53.05 -11.14 -21.74
CA GLY I 407 -53.29 -12.56 -21.52
C GLY I 407 -54.33 -12.83 -20.47
N GLN I 408 -55.14 -13.86 -20.69
CA GLN I 408 -56.16 -14.24 -19.72
C GLN I 408 -55.54 -14.96 -18.54
N ILE I 409 -56.22 -14.88 -17.40
CA ILE I 409 -55.75 -15.49 -16.15
C ILE I 409 -56.67 -16.65 -15.81
N TYR I 410 -56.08 -17.73 -15.30
CA TYR I 410 -56.80 -18.93 -14.88
C TYR I 410 -57.85 -18.57 -13.85
N PRO I 411 -59.14 -18.66 -14.20
CA PRO I 411 -60.21 -18.18 -13.30
C PRO I 411 -60.18 -18.85 -11.94
N PRO I 412 -59.91 -20.16 -11.83
CA PRO I 412 -59.87 -20.77 -10.49
C PRO I 412 -58.87 -20.14 -9.54
N SER I 413 -57.89 -19.37 -10.01
CA SER I 413 -56.93 -18.73 -9.14
C SER I 413 -57.08 -17.21 -9.09
N PHE I 414 -58.11 -16.67 -9.74
CA PHE I 414 -58.24 -15.22 -9.88
C PHE I 414 -58.47 -14.54 -8.53
N GLN I 415 -59.44 -15.04 -7.76
CA GLN I 415 -59.74 -14.41 -6.47
C GLN I 415 -58.59 -14.59 -5.50
N ALA I 416 -57.93 -15.74 -5.53
CA ALA I 416 -56.76 -15.93 -4.68
C ALA I 416 -55.66 -14.94 -5.01
N PHE I 417 -55.43 -14.71 -6.31
CA PHE I 417 -54.39 -13.74 -6.70
C PHE I 417 -54.79 -12.33 -6.28
N LYS I 418 -56.04 -11.95 -6.50
CA LYS I 418 -56.52 -10.64 -6.08
C LYS I 418 -56.29 -10.43 -4.58
N ALA I 419 -56.67 -11.42 -3.77
CA ALA I 419 -56.51 -11.28 -2.33
C ALA I 419 -55.05 -11.22 -1.94
N ALA I 420 -54.19 -12.03 -2.58
CA ALA I 420 -52.77 -11.99 -2.27
C ALA I 420 -52.18 -10.63 -2.60
N LEU I 421 -52.65 -10.01 -3.68
CA LEU I 421 -52.17 -8.68 -4.02
C LEU I 421 -52.65 -7.64 -3.02
N ALA I 422 -53.92 -7.75 -2.60
CA ALA I 422 -54.46 -6.81 -1.63
C ALA I 422 -53.61 -6.77 -0.37
N ALA I 423 -53.15 -7.93 0.09
CA ALA I 423 -52.31 -7.99 1.27
C ALA I 423 -50.87 -7.57 1.00
N GLY I 424 -50.52 -7.23 -0.23
CA GLY I 424 -49.16 -6.85 -0.55
C GLY I 424 -48.19 -8.01 -0.48
N GLN I 425 -48.30 -8.95 -1.40
CA GLN I 425 -47.50 -10.16 -1.38
C GLN I 425 -46.69 -10.41 -2.65
N ASN I 426 -47.13 -9.90 -3.79
CA ASN I 426 -46.45 -10.19 -5.06
C ASN I 426 -45.92 -8.94 -5.75
N LEU I 427 -46.08 -7.77 -5.16
CA LEU I 427 -45.64 -6.52 -5.79
C LEU I 427 -44.13 -6.41 -5.68
N GLU I 428 -43.44 -7.02 -6.64
CA GLU I 428 -41.99 -6.98 -6.69
C GLU I 428 -41.53 -5.65 -7.29
N GLN I 429 -40.42 -5.12 -6.74
CA GLN I 429 -39.99 -3.78 -7.10
C GLN I 429 -39.77 -3.61 -8.60
N GLY I 430 -39.38 -4.67 -9.30
CA GLY I 430 -39.08 -4.55 -10.70
C GLY I 430 -37.65 -4.12 -10.93
N VAL I 431 -37.43 -2.84 -11.20
CA VAL I 431 -36.09 -2.30 -11.34
C VAL I 431 -35.69 -1.66 -10.03
N CYS I 432 -34.39 -1.41 -9.88
CA CYS I 432 -33.89 -0.71 -8.72
C CYS I 432 -34.42 0.73 -8.72
N ASP I 433 -34.03 1.48 -7.70
CA ASP I 433 -34.41 2.88 -7.66
C ASP I 433 -33.25 3.81 -8.00
N SER I 434 -32.03 3.42 -7.66
CA SER I 434 -30.87 4.20 -8.08
C SER I 434 -30.71 4.18 -9.59
N LEU I 435 -31.07 3.06 -10.22
CA LEU I 435 -30.96 2.96 -11.67
C LEU I 435 -31.89 3.94 -12.37
N ILE I 436 -33.12 4.06 -11.89
CA ILE I 436 -34.06 4.99 -12.51
C ILE I 436 -33.59 6.43 -12.32
N THR I 437 -33.12 6.76 -11.13
CA THR I 437 -32.61 8.12 -10.90
C THR I 437 -31.43 8.42 -11.82
N LEU I 438 -30.53 7.44 -11.99
CA LEU I 438 -29.38 7.66 -12.87
C LEU I 438 -29.82 7.82 -14.32
N VAL I 439 -30.81 7.04 -14.75
CA VAL I 439 -31.30 7.17 -16.12
C VAL I 439 -31.91 8.55 -16.34
N TYR I 440 -32.63 9.06 -15.36
CA TYR I 440 -33.23 10.38 -15.52
C TYR I 440 -32.18 11.48 -15.52
N ILE I 441 -31.14 11.33 -14.70
CA ILE I 441 -30.01 12.26 -14.75
C ILE I 441 -29.40 12.27 -16.16
N PHE I 442 -29.20 11.07 -16.71
CA PHE I 442 -28.58 10.98 -18.03
C PHE I 442 -29.45 11.64 -19.10
N LYS I 443 -30.75 11.37 -19.08
CA LYS I 443 -31.62 12.01 -20.07
C LYS I 443 -31.67 13.52 -19.88
N SER I 444 -31.55 13.99 -18.64
CA SER I 444 -31.52 15.43 -18.39
C SER I 444 -30.30 16.07 -19.03
N THR I 445 -29.12 15.49 -18.80
CA THR I 445 -27.94 16.07 -19.43
C THR I 445 -27.93 15.86 -20.93
N GLN I 446 -28.65 14.86 -21.44
CA GLN I 446 -28.72 14.65 -22.88
C GLN I 446 -29.65 15.64 -23.57
N VAL I 447 -30.71 16.09 -22.89
CA VAL I 447 -31.70 16.96 -23.52
C VAL I 447 -31.36 18.43 -23.30
N ALA I 448 -31.24 18.84 -22.04
CA ALA I 448 -31.04 20.24 -21.71
C ALA I 448 -29.57 20.62 -21.84
N ARG I 449 -29.22 21.80 -21.35
CA ARG I 449 -27.83 22.25 -21.33
C ARG I 449 -27.10 21.63 -20.14
N VAL I 450 -25.77 21.56 -20.26
CA VAL I 450 -24.95 20.90 -19.26
C VAL I 450 -23.51 21.36 -19.44
N GLY I 451 -22.70 21.20 -18.40
CA GLY I 451 -21.28 21.47 -18.49
C GLY I 451 -20.52 20.33 -19.13
N LYS I 452 -19.31 20.07 -18.66
CA LYS I 452 -18.51 18.95 -19.15
C LYS I 452 -18.14 17.96 -18.06
N THR I 453 -17.62 18.44 -16.92
CA THR I 453 -17.12 17.54 -15.88
C THR I 453 -18.22 16.71 -15.25
N ILE I 454 -19.49 16.98 -15.54
CA ILE I 454 -20.60 16.17 -15.07
C ILE I 454 -21.01 15.14 -16.12
N LEU I 455 -20.94 15.51 -17.40
CA LEU I 455 -21.32 14.59 -18.46
C LEU I 455 -20.34 13.42 -18.53
N VAL I 456 -19.04 13.71 -18.57
CA VAL I 456 -18.04 12.66 -18.72
C VAL I 456 -18.06 11.69 -17.56
N ASP I 457 -18.57 12.11 -16.40
CA ASP I 457 -18.60 11.25 -15.23
C ASP I 457 -19.91 10.46 -15.10
N VAL I 458 -21.05 11.10 -15.39
CA VAL I 458 -22.30 10.36 -15.39
C VAL I 458 -22.28 9.28 -16.46
N THR I 459 -21.57 9.53 -17.57
CA THR I 459 -21.44 8.50 -18.60
C THR I 459 -20.75 7.27 -18.06
N LYS I 460 -19.61 7.46 -17.38
CA LYS I 460 -18.86 6.34 -16.83
C LYS I 460 -19.69 5.59 -15.79
N GLU I 461 -20.36 6.34 -14.91
CA GLU I 461 -21.14 5.68 -13.87
C GLU I 461 -22.31 4.89 -14.47
N LEU I 462 -22.99 5.47 -15.45
CA LEU I 462 -24.07 4.75 -16.11
C LEU I 462 -23.57 3.49 -16.79
N ASP I 463 -22.40 3.57 -17.43
CA ASP I 463 -21.82 2.38 -18.06
C ASP I 463 -21.63 1.28 -17.04
N VAL I 464 -20.98 1.60 -15.92
CA VAL I 464 -20.68 0.56 -14.94
C VAL I 464 -21.97 -0.02 -14.37
N VAL I 465 -22.94 0.84 -14.04
CA VAL I 465 -24.17 0.36 -13.41
C VAL I 465 -24.97 -0.51 -14.38
N LEU I 466 -25.04 -0.10 -15.65
CA LEU I 466 -25.77 -0.89 -16.63
C LEU I 466 -25.09 -2.23 -16.86
N ARG I 467 -23.76 -2.27 -16.90
CA ARG I 467 -23.08 -3.54 -17.06
C ARG I 467 -23.34 -4.45 -15.86
N ILE I 468 -23.38 -3.88 -14.66
CA ILE I 468 -23.67 -4.69 -13.48
C ILE I 468 -25.07 -5.28 -13.56
N HIS I 469 -26.06 -4.44 -13.88
CA HIS I 469 -27.45 -4.87 -13.81
C HIS I 469 -27.82 -5.88 -14.90
N GLY I 470 -26.92 -6.18 -15.82
CA GLY I 470 -27.18 -7.22 -16.79
C GLY I 470 -27.75 -6.73 -18.10
N LEU I 471 -27.13 -5.70 -18.67
CA LEU I 471 -27.50 -5.18 -19.97
C LEU I 471 -26.25 -5.03 -20.82
N ASP I 472 -26.44 -4.78 -22.11
CA ASP I 472 -25.31 -4.69 -23.03
C ASP I 472 -25.68 -3.67 -24.12
N LEU I 473 -25.23 -2.43 -23.93
CA LEU I 473 -25.45 -1.35 -24.88
C LEU I 473 -24.11 -0.76 -25.28
N VAL I 474 -24.12 0.05 -26.32
CA VAL I 474 -22.89 0.71 -26.72
C VAL I 474 -22.48 1.71 -25.65
N GLN I 475 -21.22 2.13 -25.73
CA GLN I 475 -20.70 3.15 -24.82
C GLN I 475 -21.61 4.37 -24.84
N SER I 476 -21.85 4.95 -23.65
CA SER I 476 -22.92 5.92 -23.52
C SER I 476 -22.54 7.32 -23.97
N TYR I 477 -21.24 7.64 -24.05
CA TYR I 477 -20.85 8.96 -24.51
C TYR I 477 -21.28 9.19 -25.96
N GLN I 478 -21.06 8.19 -26.82
CA GLN I 478 -21.51 8.28 -28.20
C GLN I 478 -23.01 8.54 -28.27
N THR I 479 -23.81 7.66 -27.68
CA THR I 479 -25.25 7.83 -27.72
C THR I 479 -25.73 9.02 -26.92
N SER I 480 -24.85 9.73 -26.23
CA SER I 480 -25.20 11.00 -25.63
C SER I 480 -24.90 12.17 -26.53
N GLN I 481 -23.91 12.03 -27.42
CA GLN I 481 -23.57 13.11 -28.34
C GLN I 481 -24.22 12.99 -29.71
N VAL I 482 -24.75 11.81 -30.07
CA VAL I 482 -25.29 11.60 -31.40
C VAL I 482 -26.80 11.75 -31.39
N TYR I 483 -27.49 10.93 -30.60
CA TYR I 483 -28.94 10.95 -30.53
C TYR I 483 -29.41 11.82 -29.38
N VAL I 484 -30.66 12.26 -29.47
CA VAL I 484 -31.27 13.04 -28.41
C VAL I 484 -32.44 12.27 -27.85
N ASP J 3 -36.67 25.28 49.29
CA ASP J 3 -37.62 26.38 49.22
C ASP J 3 -37.71 26.93 47.80
N PHE J 4 -36.55 27.11 47.16
CA PHE J 4 -36.48 27.62 45.81
C PHE J 4 -36.19 26.46 44.85
N VAL J 5 -36.96 26.40 43.77
CA VAL J 5 -36.76 25.38 42.73
C VAL J 5 -37.01 26.02 41.37
N PRO J 6 -36.13 25.82 40.40
CA PRO J 6 -36.29 26.50 39.10
C PRO J 6 -37.44 25.97 38.27
N TRP J 7 -37.80 26.70 37.22
CA TRP J 7 -38.89 26.37 36.30
C TRP J 7 -40.25 26.37 36.98
N THR J 8 -40.37 27.02 38.13
CA THR J 8 -41.66 27.23 38.76
C THR J 8 -42.28 28.50 38.19
N VAL J 9 -43.49 28.39 37.67
CA VAL J 9 -44.08 29.50 36.93
C VAL J 9 -44.33 30.70 37.84
N ASP J 10 -44.48 30.47 39.15
CA ASP J 10 -44.72 31.58 40.05
C ASP J 10 -43.55 32.55 40.08
N ASN J 11 -42.32 32.03 40.07
CA ASN J 11 -41.14 32.87 40.09
C ASN J 11 -41.06 33.78 38.87
N LEU J 12 -41.76 33.45 37.80
CA LEU J 12 -41.86 34.32 36.63
C LEU J 12 -43.09 35.21 36.67
N LYS J 13 -44.19 34.73 37.23
CA LYS J 13 -45.42 35.50 37.28
C LYS J 13 -45.32 36.69 38.22
N SER J 14 -44.35 36.70 39.12
CA SER J 14 -44.19 37.79 40.08
C SER J 14 -43.09 38.77 39.70
N GLN J 15 -42.58 38.72 38.47
CA GLN J 15 -41.50 39.58 38.04
C GLN J 15 -41.75 40.10 36.63
N PHE J 16 -42.98 40.53 36.36
CA PHE J 16 -43.32 40.96 35.01
C PHE J 16 -42.64 42.27 34.65
N GLU J 17 -42.31 43.09 35.64
CA GLU J 17 -41.61 44.33 35.35
C GLU J 17 -40.21 44.07 34.79
N ALA J 18 -39.68 42.87 34.98
CA ALA J 18 -38.38 42.52 34.46
C ALA J 18 -38.48 41.80 33.11
N VAL J 19 -39.38 40.83 33.00
CA VAL J 19 -39.53 40.14 31.72
C VAL J 19 -40.04 41.09 30.65
N GLY J 20 -40.81 42.11 31.04
CA GLY J 20 -41.22 43.11 30.08
C GLY J 20 -40.04 43.85 29.47
N LEU J 21 -39.12 44.30 30.33
CA LEU J 21 -37.94 45.00 29.83
C LEU J 21 -37.02 44.08 29.06
N LEU J 22 -36.94 42.80 29.45
CA LEU J 22 -36.10 41.87 28.71
C LEU J 22 -36.65 41.63 27.31
N MET J 23 -37.94 41.31 27.21
CA MET J 23 -38.56 41.11 25.91
C MET J 23 -38.70 42.39 25.11
N ALA J 24 -38.54 43.56 25.74
CA ALA J 24 -38.59 44.81 25.01
C ALA J 24 -37.24 45.20 24.43
N HIS J 25 -36.15 44.80 25.09
CA HIS J 25 -34.81 45.11 24.62
C HIS J 25 -34.22 43.99 23.76
N SER J 26 -35.06 43.20 23.10
CA SER J 26 -34.57 42.09 22.29
C SER J 26 -35.33 41.96 20.98
N TYR J 27 -35.79 43.08 20.43
CA TYR J 27 -36.39 43.10 19.11
C TYR J 27 -35.34 43.54 18.10
N LEU J 28 -35.36 42.92 16.92
CA LEU J 28 -34.48 43.38 15.86
C LEU J 28 -34.92 44.75 15.38
N PRO J 29 -34.02 45.54 14.83
CA PRO J 29 -34.37 46.93 14.46
C PRO J 29 -35.47 46.96 13.41
N ALA J 30 -36.40 47.90 13.59
CA ALA J 30 -37.53 48.03 12.68
C ALA J 30 -37.05 48.24 11.24
N ASN J 31 -36.31 49.32 11.02
CA ASN J 31 -35.70 49.53 9.71
C ASN J 31 -34.63 48.48 9.46
N ALA J 32 -34.50 48.07 8.20
CA ALA J 32 -33.47 47.12 7.83
C ALA J 32 -32.09 47.66 8.17
N GLU J 33 -31.76 48.84 7.62
CA GLU J 33 -30.57 49.55 8.07
C GLU J 33 -30.75 49.95 9.53
N GLU J 34 -29.65 49.87 10.30
CA GLU J 34 -29.71 50.05 11.74
C GLU J 34 -30.26 51.41 12.17
N GLY J 35 -30.39 52.36 11.26
CA GLY J 35 -30.81 53.70 11.63
C GLY J 35 -29.61 54.59 11.88
N ILE J 36 -29.26 54.76 13.15
CA ILE J 36 -28.00 55.42 13.51
C ILE J 36 -27.12 54.41 14.22
N ALA J 37 -27.57 53.94 15.38
CA ALA J 37 -26.90 52.85 16.07
C ALA J 37 -27.91 52.23 17.03
N TYR J 38 -28.39 51.03 16.72
CA TYR J 38 -29.35 50.38 17.58
C TYR J 38 -28.62 49.79 18.79
N PRO J 39 -28.94 50.21 20.01
CA PRO J 39 -28.14 49.83 21.17
C PRO J 39 -28.08 48.32 21.40
N PRO J 40 -29.20 47.59 21.31
CA PRO J 40 -29.09 46.14 21.52
C PRO J 40 -28.16 45.46 20.53
N LEU J 41 -28.23 45.85 19.26
CA LEU J 41 -27.38 45.19 18.26
C LEU J 41 -25.91 45.50 18.51
N VAL J 42 -25.57 46.74 18.86
CA VAL J 42 -24.17 47.06 19.07
C VAL J 42 -23.65 46.38 20.33
N HIS J 43 -24.50 46.27 21.37
CA HIS J 43 -24.08 45.54 22.55
C HIS J 43 -23.86 44.06 22.23
N THR J 44 -24.72 43.49 21.39
CA THR J 44 -24.53 42.10 21.01
C THR J 44 -23.24 41.91 20.22
N TYR J 45 -23.00 42.80 19.25
CA TYR J 45 -21.76 42.71 18.48
C TYR J 45 -20.53 42.87 19.36
N GLU J 46 -20.65 43.64 20.45
CA GLU J 46 -19.55 43.70 21.40
C GLU J 46 -19.43 42.41 22.21
N SER J 47 -20.56 41.74 22.46
CA SER J 47 -20.52 40.54 23.29
C SER J 47 -19.98 39.33 22.54
N LEU J 48 -20.15 39.29 21.22
CA LEU J 48 -19.62 38.20 20.40
C LEU J 48 -18.20 38.47 19.93
N SER J 49 -17.56 39.53 20.44
CA SER J 49 -16.18 39.82 20.10
C SER J 49 -15.29 38.64 20.53
N PRO J 50 -14.17 38.43 19.84
CA PRO J 50 -13.32 37.28 20.21
C PRO J 50 -12.49 37.50 21.46
N ALA J 51 -12.30 38.74 21.90
CA ALA J 51 -11.47 39.06 23.06
C ALA J 51 -12.23 39.93 24.04
N SER J 52 -13.47 39.55 24.35
CA SER J 52 -14.27 40.23 25.35
C SER J 52 -14.54 39.29 26.52
N THR J 53 -15.16 39.84 27.56
CA THR J 53 -15.40 39.13 28.81
C THR J 53 -16.87 38.80 28.96
N CYS J 54 -17.15 37.58 29.41
CA CYS J 54 -18.52 37.17 29.68
C CYS J 54 -19.10 38.04 30.79
N ARG J 55 -20.19 38.75 30.49
CA ARG J 55 -20.73 39.70 31.45
C ARG J 55 -21.36 39.00 32.64
N VAL J 56 -21.89 37.79 32.45
CA VAL J 56 -22.48 37.06 33.57
C VAL J 56 -21.42 36.70 34.60
N CYS J 57 -20.30 36.14 34.16
CA CYS J 57 -19.23 35.81 35.08
C CYS J 57 -18.67 37.05 35.74
N ASP J 58 -18.58 38.14 34.98
CA ASP J 58 -18.10 39.41 35.54
C ASP J 58 -18.99 39.88 36.67
N LEU J 59 -20.31 39.84 36.46
CA LEU J 59 -21.24 40.22 37.52
C LEU J 59 -21.13 39.30 38.72
N LEU J 60 -21.06 37.98 38.47
CA LEU J 60 -20.93 37.03 39.56
C LEU J 60 -19.69 37.31 40.39
N ASP J 61 -18.59 37.70 39.76
CA ASP J 61 -17.38 37.96 40.54
C ASP J 61 -17.43 39.30 41.23
N THR J 62 -17.98 40.32 40.59
CA THR J 62 -18.10 41.61 41.27
C THR J 62 -19.11 41.57 42.40
N LEU J 63 -19.94 40.52 42.49
CA LEU J 63 -20.84 40.37 43.63
C LEU J 63 -20.28 39.42 44.69
N VAL J 64 -19.94 38.20 44.30
CA VAL J 64 -19.56 37.18 45.27
C VAL J 64 -18.23 37.51 45.94
N ASN J 65 -17.26 38.01 45.18
CA ASN J 65 -15.94 38.27 45.73
C ASN J 65 -15.90 39.50 46.64
N HIS J 66 -17.07 40.02 47.00
CA HIS J 66 -17.18 40.99 48.08
C HIS J 66 -17.42 40.25 49.39
N SER J 67 -17.79 40.97 50.44
CA SER J 67 -17.92 40.38 51.76
C SER J 67 -19.08 39.39 51.82
N ASP J 68 -18.93 38.40 52.67
CA ASP J 68 -19.98 37.49 53.15
C ASP J 68 -20.96 37.07 52.05
N ALA J 69 -20.39 36.49 51.00
CA ALA J 69 -21.21 35.81 50.00
C ALA J 69 -21.93 34.64 50.68
N PRO J 70 -23.25 34.71 50.82
CA PRO J 70 -23.96 33.70 51.61
C PRO J 70 -23.81 32.31 51.00
N VAL J 71 -23.66 31.32 51.87
CA VAL J 71 -23.64 29.93 51.43
C VAL J 71 -25.05 29.58 51.00
N ALA J 72 -25.21 28.46 50.30
CA ALA J 72 -26.47 28.01 49.71
C ALA J 72 -26.81 28.88 48.51
N PHE J 73 -26.05 29.95 48.29
CA PHE J 73 -26.13 30.64 47.01
C PHE J 73 -25.46 29.81 45.92
N PHE J 74 -24.31 29.23 46.23
CA PHE J 74 -23.68 28.33 45.29
C PHE J 74 -24.54 27.10 45.06
N GLU J 75 -25.31 26.69 46.07
CA GLU J 75 -26.20 25.54 45.88
C GLU J 75 -27.37 25.88 44.97
N ASP J 76 -27.98 27.05 45.15
CA ASP J 76 -29.06 27.45 44.25
C ASP J 76 -28.55 27.68 42.84
N TYR J 77 -27.36 28.25 42.71
CA TYR J 77 -26.75 28.44 41.40
C TYR J 77 -26.46 27.10 40.74
N ALA J 78 -25.96 26.13 41.51
CA ALA J 78 -25.70 24.81 40.96
C ALA J 78 -27.00 24.12 40.55
N LEU J 79 -28.08 24.34 41.29
CA LEU J 79 -29.37 23.78 40.89
C LEU J 79 -29.86 24.39 39.59
N LEU J 80 -29.77 25.72 39.47
CA LEU J 80 -30.18 26.37 38.23
C LEU J 80 -29.35 25.89 37.07
N CYS J 81 -28.05 25.68 37.28
CA CYS J 81 -27.19 25.17 36.22
C CYS J 81 -27.57 23.73 35.86
N TYR J 82 -27.91 22.92 36.86
CA TYR J 82 -28.32 21.55 36.57
C TYR J 82 -29.60 21.52 35.75
N TYR J 83 -30.52 22.44 36.02
CA TYR J 83 -31.74 22.49 35.21
C TYR J 83 -31.43 22.96 33.79
N CYS J 84 -30.67 24.04 33.66
CA CYS J 84 -30.29 24.50 32.33
C CYS J 84 -29.48 23.47 31.56
N LEU J 85 -28.90 22.50 32.26
CA LEU J 85 -28.24 21.38 31.61
C LEU J 85 -29.22 20.38 31.01
N ASN J 86 -30.51 20.52 31.31
CA ASN J 86 -31.54 19.59 30.88
C ASN J 86 -32.73 20.32 30.29
N ALA J 87 -32.48 21.29 29.44
CA ALA J 87 -33.54 22.04 28.78
C ALA J 87 -33.26 22.12 27.29
N PRO J 88 -34.29 22.32 26.48
CA PRO J 88 -34.06 22.44 25.03
C PRO J 88 -33.62 23.85 24.68
N ARG J 89 -32.65 23.93 23.77
CA ARG J 89 -32.17 25.22 23.31
C ARG J 89 -33.27 25.87 22.49
N ALA J 90 -33.97 26.83 23.10
CA ALA J 90 -35.11 27.46 22.45
C ALA J 90 -35.35 28.81 23.10
N TRP J 91 -36.53 29.37 22.84
CA TRP J 91 -36.89 30.69 23.33
C TRP J 91 -37.32 30.65 24.79
N ILE J 92 -38.26 29.75 25.10
CA ILE J 92 -38.79 29.67 26.46
C ILE J 92 -37.70 29.31 27.45
N SER J 93 -36.70 28.53 27.02
CA SER J 93 -35.63 28.14 27.91
C SER J 93 -34.79 29.35 28.31
N SER J 94 -34.40 30.17 27.33
CA SER J 94 -33.62 31.35 27.64
C SER J 94 -34.40 32.31 28.53
N LEU J 95 -35.69 32.48 28.24
CA LEU J 95 -36.49 33.40 29.06
C LEU J 95 -36.57 32.91 30.51
N ILE J 96 -36.86 31.62 30.69
CA ILE J 96 -37.01 31.08 32.04
C ILE J 96 -35.68 31.16 32.79
N THR J 97 -34.57 30.85 32.11
CA THR J 97 -33.27 30.93 32.76
C THR J 97 -32.96 32.34 33.20
N GLY J 98 -33.22 33.32 32.34
CA GLY J 98 -32.98 34.70 32.74
C GLY J 98 -33.81 35.10 33.95
N MET J 99 -35.10 34.77 33.94
CA MET J 99 -35.96 35.15 35.04
C MET J 99 -35.52 34.49 36.35
N ASP J 100 -35.17 33.21 36.30
CA ASP J 100 -34.76 32.53 37.52
C ASP J 100 -33.41 33.04 38.03
N PHE J 101 -32.50 33.38 37.12
CA PHE J 101 -31.24 33.98 37.54
C PHE J 101 -31.49 35.29 38.27
N LEU J 102 -32.35 36.15 37.70
CA LEU J 102 -32.68 37.40 38.38
C LEU J 102 -33.34 37.15 39.72
N HIS J 103 -34.17 36.11 39.81
CA HIS J 103 -34.81 35.79 41.09
C HIS J 103 -33.78 35.43 42.15
N ILE J 104 -32.83 34.56 41.80
CA ILE J 104 -31.79 34.18 42.76
C ILE J 104 -31.00 35.42 43.19
N LEU J 105 -30.64 36.27 42.24
CA LEU J 105 -29.85 37.45 42.58
C LEU J 105 -30.61 38.37 43.53
N ILE J 106 -31.89 38.63 43.22
CA ILE J 106 -32.69 39.49 44.09
C ILE J 106 -32.85 38.87 45.46
N LYS J 107 -32.89 37.54 45.54
CA LYS J 107 -33.08 36.87 46.82
C LYS J 107 -31.84 37.00 47.70
N TYR J 108 -30.70 36.50 47.21
CA TYR J 108 -29.55 36.36 48.10
C TYR J 108 -28.72 37.62 48.22
N PHE J 109 -28.64 38.44 47.17
CA PHE J 109 -27.80 39.65 47.16
C PHE J 109 -28.68 40.88 47.01
N PRO J 110 -29.43 41.25 48.05
CA PRO J 110 -30.33 42.40 47.93
C PRO J 110 -29.63 43.74 48.00
N MET J 111 -28.47 43.82 48.64
CA MET J 111 -27.74 45.06 48.77
C MET J 111 -26.97 45.45 47.51
N ALA J 112 -27.03 44.63 46.45
CA ALA J 112 -26.32 44.95 45.23
C ALA J 112 -26.90 46.23 44.60
N GLY J 113 -26.15 46.78 43.67
CA GLY J 113 -26.46 48.10 43.14
C GLY J 113 -27.70 48.21 42.28
N GLY J 114 -27.68 47.62 41.10
CA GLY J 114 -28.72 47.90 40.12
C GLY J 114 -29.49 46.68 39.66
N LEU J 115 -29.79 45.77 40.58
CA LEU J 115 -30.56 44.58 40.21
C LEU J 115 -31.99 44.89 39.81
N ASP J 116 -32.44 46.14 39.97
CA ASP J 116 -33.77 46.50 39.51
C ASP J 116 -33.80 46.85 38.03
N SER J 117 -32.64 47.09 37.43
CA SER J 117 -32.54 47.43 36.01
C SER J 117 -31.43 46.61 35.37
N LEU J 118 -31.43 45.30 35.63
CA LEU J 118 -30.34 44.46 35.18
C LEU J 118 -30.34 44.28 33.66
N PHE J 119 -31.52 44.17 33.06
CA PHE J 119 -31.63 43.80 31.66
C PHE J 119 -31.76 45.05 30.78
N MET J 120 -30.67 45.81 30.75
CA MET J 120 -30.54 47.00 29.92
C MET J 120 -29.28 46.86 29.08
N PRO J 121 -29.17 47.62 27.98
CA PRO J 121 -27.90 47.63 27.23
C PRO J 121 -26.74 48.03 28.13
N SER J 122 -25.52 47.65 27.75
CA SER J 122 -24.33 47.83 28.56
C SER J 122 -24.43 47.08 29.89
N ARG J 123 -25.36 46.14 29.98
CA ARG J 123 -25.52 45.26 31.14
C ARG J 123 -25.86 43.88 30.61
N ILE J 124 -26.36 42.99 31.48
CA ILE J 124 -26.74 41.66 31.04
C ILE J 124 -27.92 41.73 30.09
N LEU J 125 -27.78 41.13 28.92
CA LEU J 125 -28.91 41.00 28.00
C LEU J 125 -29.11 39.55 27.59
N ALA J 126 -29.96 39.31 26.58
CA ALA J 126 -30.34 37.96 26.24
C ALA J 126 -29.19 37.17 25.65
N ILE J 127 -28.44 37.76 24.73
CA ILE J 127 -27.31 37.07 24.12
C ILE J 127 -26.29 36.67 25.18
N ASP J 128 -26.16 37.45 26.24
CA ASP J 128 -25.22 37.10 27.30
C ASP J 128 -25.72 35.90 28.09
N ILE J 129 -27.03 35.85 28.35
CA ILE J 129 -27.60 34.68 29.03
C ILE J 129 -27.37 33.42 28.21
N GLN J 130 -27.58 33.51 26.90
CA GLN J 130 -27.32 32.36 26.05
C GLN J 130 -25.85 31.97 26.08
N LEU J 131 -24.97 32.94 25.83
CA LEU J 131 -23.53 32.67 25.82
C LEU J 131 -23.01 32.15 27.14
N HIS J 132 -23.72 32.38 28.24
CA HIS J 132 -23.24 31.81 29.49
C HIS J 132 -23.80 30.43 29.74
N PHE J 133 -25.11 30.25 29.59
CA PHE J 133 -25.73 29.02 30.06
C PHE J 133 -25.80 27.93 29.00
N TYR J 134 -25.93 28.27 27.72
CA TYR J 134 -26.14 27.25 26.69
C TYR J 134 -24.97 27.14 25.72
N ILE J 135 -24.62 28.22 25.05
CA ILE J 135 -23.46 28.21 24.16
C ILE J 135 -22.21 28.44 24.99
N CYS J 136 -21.25 27.54 24.88
CA CYS J 136 -20.00 27.58 25.65
C CYS J 136 -20.29 27.77 27.15
N ARG J 137 -20.94 26.75 27.71
CA ARG J 137 -21.36 26.77 29.10
C ARG J 137 -20.17 27.02 30.02
N CYS J 138 -20.34 27.93 30.98
CA CYS J 138 -19.26 28.37 31.87
C CYS J 138 -19.43 27.86 33.28
N PHE J 139 -19.97 26.66 33.46
CA PHE J 139 -20.09 26.11 34.81
C PHE J 139 -19.69 24.65 34.94
N LEU J 140 -19.48 23.93 33.85
CA LEU J 140 -19.07 22.54 33.94
C LEU J 140 -17.69 22.45 34.56
N PRO J 141 -17.46 21.58 35.53
CA PRO J 141 -16.11 21.38 36.06
C PRO J 141 -15.21 20.78 35.00
N VAL J 142 -13.99 21.28 34.93
CA VAL J 142 -13.03 20.87 33.90
C VAL J 142 -11.65 20.81 34.51
N SER J 143 -10.82 19.91 34.01
CA SER J 143 -9.46 19.79 34.48
C SER J 143 -8.59 20.92 33.94
N SER J 144 -7.53 21.23 34.67
CA SER J 144 -6.68 22.36 34.30
C SER J 144 -6.03 22.16 32.94
N SER J 145 -5.73 20.92 32.57
CA SER J 145 -5.06 20.62 31.32
C SER J 145 -6.03 20.50 30.15
N ASP J 146 -7.22 21.09 30.26
CA ASP J 146 -8.25 20.93 29.25
C ASP J 146 -8.92 22.27 28.96
N MET J 147 -8.11 23.32 28.80
CA MET J 147 -8.63 24.62 28.40
C MET J 147 -8.23 25.00 26.98
N ILE J 148 -7.50 24.13 26.28
CA ILE J 148 -6.91 24.47 24.99
C ILE J 148 -7.89 24.15 23.87
N ARG J 149 -8.25 22.87 23.76
CA ARG J 149 -9.26 22.47 22.78
C ARG J 149 -10.54 23.26 22.97
N ASN J 150 -10.91 23.51 24.23
CA ASN J 150 -12.11 24.29 24.51
C ASN J 150 -11.99 25.71 23.98
N ALA J 151 -10.81 26.33 24.15
CA ALA J 151 -10.62 27.68 23.62
C ALA J 151 -10.73 27.70 22.11
N ASN J 152 -10.16 26.71 21.43
CA ASN J 152 -10.21 26.67 19.98
C ASN J 152 -11.65 26.52 19.47
N LEU J 153 -12.36 25.54 20.02
CA LEU J 153 -13.76 25.36 19.67
C LEU J 153 -14.58 26.60 20.00
N GLY J 154 -14.23 27.31 21.07
CA GLY J 154 -14.93 28.54 21.38
C GLY J 154 -14.72 29.60 20.31
N TYR J 155 -13.50 29.71 19.80
CA TYR J 155 -13.27 30.65 18.71
C TYR J 155 -14.17 30.33 17.53
N TYR J 156 -14.24 29.05 17.15
CA TYR J 156 -15.06 28.71 15.99
C TYR J 156 -16.54 28.95 16.25
N LYS J 157 -17.02 28.56 17.44
CA LYS J 157 -18.39 28.83 17.85
C LYS J 157 -18.74 30.30 17.66
N LEU J 158 -17.94 31.18 18.25
CA LEU J 158 -18.30 32.60 18.25
C LEU J 158 -18.20 33.19 16.85
N GLU J 159 -17.20 32.77 16.07
CA GLU J 159 -17.08 33.27 14.71
C GLU J 159 -18.32 32.93 13.89
N PHE J 160 -18.78 31.68 13.99
CA PHE J 160 -19.93 31.31 13.17
C PHE J 160 -21.25 31.82 13.73
N LEU J 161 -21.34 32.08 15.03
CA LEU J 161 -22.52 32.76 15.55
C LEU J 161 -22.60 34.19 15.03
N LYS J 162 -21.49 34.92 15.08
CA LYS J 162 -21.46 36.23 14.46
C LYS J 162 -21.82 36.15 12.99
N SER J 163 -21.46 35.05 12.33
CA SER J 163 -21.85 34.87 10.93
C SER J 163 -23.36 34.72 10.79
N ILE J 164 -23.98 33.91 11.65
CA ILE J 164 -25.44 33.76 11.64
C ILE J 164 -26.10 35.11 11.82
N LEU J 165 -25.55 35.94 12.71
CA LEU J 165 -26.21 37.21 13.02
C LEU J 165 -26.04 38.23 11.91
N THR J 166 -24.81 38.38 11.40
CA THR J 166 -24.53 39.45 10.45
C THR J 166 -25.05 39.16 9.05
N GLY J 167 -25.18 37.88 8.69
CA GLY J 167 -25.72 37.51 7.40
C GLY J 167 -24.72 37.26 6.31
N GLN J 168 -23.45 37.01 6.64
CA GLN J 168 -22.45 36.72 5.63
C GLN J 168 -21.40 35.77 6.20
N SER J 169 -21.02 34.78 5.41
CA SER J 169 -20.12 33.73 5.87
C SER J 169 -18.78 34.32 6.28
N PRO J 170 -18.02 33.60 7.11
CA PRO J 170 -16.72 34.12 7.54
C PRO J 170 -15.77 34.31 6.36
N ALA J 171 -14.98 35.37 6.45
CA ALA J 171 -14.06 35.70 5.36
C ALA J 171 -13.02 34.60 5.15
N ASN J 172 -12.20 34.34 6.16
CA ASN J 172 -11.06 33.44 6.05
C ASN J 172 -11.42 32.11 6.69
N PHE J 173 -11.94 31.18 5.88
CA PHE J 173 -12.29 29.87 6.40
C PHE J 173 -12.40 28.89 5.24
N CYS J 174 -11.55 27.86 5.26
CA CYS J 174 -11.66 26.71 4.36
C CYS J 174 -11.88 25.48 5.22
N PHE J 175 -13.03 24.82 5.02
CA PHE J 175 -13.41 23.74 5.93
C PHE J 175 -12.38 22.63 5.93
N LYS J 176 -12.07 22.09 4.76
CA LYS J 176 -10.92 21.19 4.65
C LYS J 176 -9.66 21.94 5.06
N SER J 177 -8.69 21.19 5.60
CA SER J 177 -7.44 21.72 6.13
C SER J 177 -7.66 22.44 7.45
N MET J 178 -8.92 22.61 7.84
CA MET J 178 -9.30 23.04 9.17
C MET J 178 -10.23 21.98 9.76
N TRP J 179 -10.75 22.26 10.95
CA TRP J 179 -11.68 21.37 11.61
C TRP J 179 -11.09 19.97 11.81
N THR J 241 -43.67 22.29 40.88
CA THR J 241 -43.09 22.63 39.58
C THR J 241 -44.03 22.21 38.45
N LYS J 242 -45.07 21.47 38.79
CA LYS J 242 -46.04 20.99 37.81
C LYS J 242 -46.96 22.15 37.44
N ALA J 243 -46.54 22.91 36.43
CA ALA J 243 -47.33 24.02 35.92
C ALA J 243 -46.79 24.41 34.55
N ASP J 244 -47.66 24.45 33.55
CA ASP J 244 -47.25 24.71 32.19
C ASP J 244 -46.86 26.16 31.99
N TYR J 245 -46.36 26.45 30.79
CA TYR J 245 -46.04 27.81 30.37
C TYR J 245 -46.79 28.21 29.11
N CYS J 246 -47.58 27.31 28.52
CA CYS J 246 -48.15 27.53 27.19
C CYS J 246 -48.89 28.85 27.10
N GLY J 247 -49.40 29.36 28.22
CA GLY J 247 -50.00 30.67 28.21
C GLY J 247 -49.03 31.75 27.80
N LEU J 248 -47.76 31.62 28.18
CA LEU J 248 -46.77 32.62 27.82
C LEU J 248 -46.48 32.61 26.33
N LEU J 249 -46.35 31.43 25.75
CA LEU J 249 -46.09 31.33 24.31
C LEU J 249 -47.29 31.81 23.50
N LEU J 250 -48.48 31.30 23.82
CA LEU J 250 -49.65 31.68 23.05
C LEU J 250 -50.03 33.14 23.27
N GLY J 251 -49.69 33.70 24.43
CA GLY J 251 -50.00 35.09 24.71
C GLY J 251 -49.29 36.03 23.78
N THR J 252 -47.97 36.00 23.78
CA THR J 252 -47.19 36.71 22.79
C THR J 252 -47.17 35.89 21.51
N TRP J 253 -46.28 36.25 20.59
CA TRP J 253 -46.13 35.55 19.31
C TRP J 253 -47.42 35.64 18.50
N GLN J 254 -47.82 36.88 18.22
CA GLN J 254 -48.83 37.18 17.22
C GLN J 254 -48.23 37.69 15.93
N GLY J 255 -46.94 37.45 15.73
CA GLY J 255 -46.28 37.76 14.48
C GLY J 255 -46.56 36.67 13.47
N THR J 256 -45.52 36.23 12.75
CA THR J 256 -45.67 35.20 11.74
C THR J 256 -45.13 33.85 12.19
N ASP J 257 -44.99 33.65 13.51
CA ASP J 257 -44.38 32.45 14.04
C ASP J 257 -45.29 31.23 14.00
N LEU J 258 -46.56 31.37 13.61
CA LEU J 258 -47.46 30.23 13.62
C LEU J 258 -47.89 29.81 12.23
N LEU J 259 -48.55 30.70 11.48
CA LEU J 259 -48.95 30.45 10.08
C LEU J 259 -49.65 29.09 9.91
N GLY J 260 -50.25 28.57 10.97
CA GLY J 260 -50.84 27.24 10.91
C GLY J 260 -52.20 27.21 10.25
N GLY J 261 -53.10 26.41 10.79
CA GLY J 261 -54.46 26.32 10.27
C GLY J 261 -55.22 27.62 10.46
N PRO J 262 -55.52 27.96 11.70
CA PRO J 262 -56.10 29.27 12.01
C PRO J 262 -55.02 30.28 12.37
N GLY J 263 -55.44 31.53 12.47
CA GLY J 263 -54.55 32.62 12.82
C GLY J 263 -55.22 33.98 12.77
N ALA J 279 -53.67 32.47 33.34
CA ALA J 279 -53.47 33.85 33.76
C ALA J 279 -52.24 34.44 33.09
N GLU J 280 -51.57 33.63 32.27
CA GLU J 280 -50.37 34.10 31.58
C GLU J 280 -50.74 34.93 30.36
N LEU J 281 -51.68 34.46 29.56
CA LEU J 281 -52.05 35.18 28.33
C LEU J 281 -52.54 36.58 28.64
N ALA J 282 -53.29 36.76 29.73
CA ALA J 282 -53.80 38.08 30.07
C ALA J 282 -52.66 39.05 30.34
N LEU J 283 -51.64 38.59 31.06
CA LEU J 283 -50.54 39.45 31.48
C LEU J 283 -49.34 39.38 30.54
N ALA J 284 -49.52 38.91 29.31
CA ALA J 284 -48.44 38.84 28.33
C ALA J 284 -48.71 39.72 27.12
N ILE J 285 -49.19 40.95 27.35
CA ILE J 285 -49.59 41.86 26.27
C ILE J 285 -48.82 43.17 26.45
N THR J 286 -47.72 43.33 25.72
CA THR J 286 -46.94 44.56 25.66
C THR J 286 -46.06 44.47 24.42
N ARG J 287 -45.70 45.64 23.86
CA ARG J 287 -44.89 45.61 22.65
C ARG J 287 -44.16 46.93 22.46
N PRO J 288 -42.89 46.90 22.05
CA PRO J 288 -42.18 48.16 21.76
C PRO J 288 -42.45 48.68 20.37
N GLU J 289 -41.78 49.76 19.98
CA GLU J 289 -42.06 50.44 18.72
C GLU J 289 -40.80 50.71 17.91
N ALA J 290 -39.65 50.79 18.58
CA ALA J 290 -38.41 51.10 17.89
C ALA J 290 -37.91 49.94 17.04
N GLY J 291 -38.44 48.73 17.24
CA GLY J 291 -37.99 47.56 16.53
C GLY J 291 -39.09 46.93 15.69
N ASP J 292 -38.71 45.90 14.94
CA ASP J 292 -39.60 45.20 14.05
C ASP J 292 -40.56 44.36 14.88
N HIS J 293 -41.77 44.86 15.08
CA HIS J 293 -42.77 44.13 15.87
C HIS J 293 -43.46 43.04 15.08
N SER J 294 -42.94 42.68 13.91
CA SER J 294 -43.47 41.56 13.15
C SER J 294 -42.67 40.28 13.33
N GLN J 295 -41.39 40.39 13.71
CA GLN J 295 -40.56 39.22 13.94
C GLN J 295 -40.52 38.79 15.40
N GLY J 296 -40.99 39.63 16.32
CA GLY J 296 -41.06 39.27 17.71
C GLY J 296 -39.69 39.24 18.38
N PRO J 297 -39.66 38.81 19.63
CA PRO J 297 -38.38 38.78 20.36
C PRO J 297 -37.41 37.77 19.81
N CYS J 298 -36.77 38.10 18.69
CA CYS J 298 -35.88 37.15 18.03
C CYS J 298 -34.64 36.87 18.87
N LEU J 299 -34.05 37.90 19.47
CA LEU J 299 -32.73 37.77 20.08
C LEU J 299 -32.71 36.82 21.27
N LEU J 300 -33.85 36.28 21.70
CA LEU J 300 -33.83 35.22 22.71
C LEU J 300 -33.64 33.85 22.09
N ALA J 301 -34.08 33.67 20.85
CA ALA J 301 -34.00 32.39 20.15
C ALA J 301 -32.55 31.99 19.95
N PRO J 302 -32.26 30.74 19.60
CA PRO J 302 -30.87 30.35 19.28
C PRO J 302 -30.47 30.58 17.84
N MET J 303 -31.30 31.26 17.03
CA MET J 303 -30.96 31.59 15.66
C MET J 303 -30.98 33.07 15.38
N PHE J 304 -31.35 33.90 16.35
CA PHE J 304 -31.29 35.36 16.23
C PHE J 304 -32.04 35.85 15.00
N GLY J 305 -33.24 35.35 14.80
CA GLY J 305 -34.06 35.81 13.69
C GLY J 305 -35.13 34.81 13.34
N LEU J 306 -36.10 35.28 12.57
CA LEU J 306 -37.22 34.46 12.13
C LEU J 306 -37.38 34.63 10.62
N ARG J 307 -36.64 33.82 9.87
CA ARG J 307 -36.81 33.71 8.42
C ARG J 307 -37.44 32.35 8.12
N HIS J 308 -38.25 32.30 7.07
CA HIS J 308 -38.92 31.04 6.77
C HIS J 308 -39.03 30.82 5.27
N LYS J 309 -38.85 29.56 4.88
CA LYS J 309 -38.85 29.10 3.50
C LYS J 309 -39.58 27.77 3.45
N ASN J 310 -40.43 27.60 2.43
CA ASN J 310 -41.21 26.37 2.26
C ASN J 310 -42.08 26.10 3.49
N ALA J 311 -42.63 27.17 4.08
CA ALA J 311 -43.52 27.07 5.23
C ALA J 311 -42.85 26.39 6.42
N SER J 312 -41.55 26.58 6.58
CA SER J 312 -40.81 26.15 7.76
C SER J 312 -39.90 27.28 8.20
N ARG J 313 -39.87 27.53 9.51
CA ARG J 313 -39.21 28.71 10.05
C ARG J 313 -38.01 28.33 10.89
N THR J 314 -37.27 29.34 11.33
CA THR J 314 -36.05 29.15 12.11
C THR J 314 -36.29 29.19 13.61
N ILE J 315 -37.53 29.22 14.05
CA ILE J 315 -37.87 29.11 15.47
C ILE J 315 -38.88 27.96 15.56
N CYS J 316 -38.37 26.76 15.78
CA CYS J 316 -39.21 25.57 15.75
C CYS J 316 -40.18 25.56 16.92
N PRO J 317 -41.47 25.80 16.71
CA PRO J 317 -42.39 25.86 17.85
C PRO J 317 -42.45 24.57 18.65
N LEU J 318 -42.27 23.42 18.01
CA LEU J 318 -42.24 22.17 18.75
C LEU J 318 -41.14 22.18 19.80
N CYS J 319 -40.03 22.87 19.53
CA CYS J 319 -38.96 22.99 20.52
C CYS J 319 -39.32 23.96 21.64
N GLU J 320 -40.37 24.76 21.48
CA GLU J 320 -40.93 25.47 22.63
C GLU J 320 -41.84 24.54 23.43
N SER J 321 -42.69 23.79 22.74
CA SER J 321 -43.56 22.85 23.45
C SER J 321 -42.75 21.87 24.29
N LEU J 322 -41.58 21.45 23.79
CA LEU J 322 -40.73 20.54 24.57
C LEU J 322 -40.35 21.14 25.91
N GLY J 323 -40.35 22.46 26.03
CA GLY J 323 -39.90 23.07 27.26
C GLY J 323 -40.98 23.78 28.04
N ALA J 324 -42.20 23.84 27.50
CA ALA J 324 -43.28 24.57 28.15
C ALA J 324 -44.43 23.69 28.60
N HIS J 325 -44.24 22.37 28.65
CA HIS J 325 -45.32 21.49 29.06
C HIS J 325 -44.75 20.10 29.34
N PRO J 326 -45.28 19.38 30.34
CA PRO J 326 -44.71 18.07 30.68
C PRO J 326 -45.08 16.98 29.69
N ASP J 327 -46.26 17.07 29.09
CA ASP J 327 -46.77 16.02 28.22
C ASP J 327 -46.44 16.25 26.76
N ALA J 328 -45.35 16.94 26.45
CA ALA J 328 -45.04 17.29 25.06
C ALA J 328 -44.08 16.30 24.42
N LYS J 329 -42.98 15.96 25.10
CA LYS J 329 -42.03 15.03 24.52
C LYS J 329 -42.66 13.67 24.28
N ASP J 330 -43.49 13.21 25.21
CA ASP J 330 -44.14 11.92 25.03
C ASP J 330 -45.19 11.97 23.92
N THR J 331 -45.90 13.09 23.81
CA THR J 331 -46.85 13.25 22.72
C THR J 331 -46.15 13.19 21.37
N LEU J 332 -45.00 13.86 21.25
CA LEU J 332 -44.28 13.83 19.98
C LEU J 332 -43.70 12.46 19.70
N ASP J 333 -43.26 11.74 20.74
CA ASP J 333 -42.79 10.38 20.54
C ASP J 333 -43.92 9.48 20.03
N ARG J 334 -45.10 9.61 20.62
CA ARG J 334 -46.26 8.85 20.15
C ARG J 334 -46.60 9.21 18.71
N PHE J 335 -46.52 10.49 18.37
CA PHE J 335 -46.81 10.92 17.00
C PHE J 335 -45.81 10.31 16.02
N LYS J 336 -44.53 10.30 16.38
CA LYS J 336 -43.53 9.71 15.51
C LYS J 336 -43.76 8.22 15.35
N SER J 337 -44.12 7.53 16.43
CA SER J 337 -44.41 6.11 16.32
C SER J 337 -45.59 5.85 15.41
N LEU J 338 -46.63 6.67 15.53
CA LEU J 338 -47.79 6.55 14.63
C LEU J 338 -47.37 6.71 13.18
N ILE J 339 -46.59 7.77 12.89
CA ILE J 339 -46.14 7.98 11.51
C ILE J 339 -45.39 6.77 11.00
N LEU J 340 -44.44 6.27 11.79
CA LEU J 340 -43.59 5.19 11.31
C LEU J 340 -44.34 3.88 11.14
N ASP J 341 -45.37 3.63 11.95
CA ASP J 341 -45.95 2.30 12.04
C ASP J 341 -47.34 2.17 11.43
N SER J 342 -48.08 3.25 11.22
CA SER J 342 -49.48 3.17 10.80
C SER J 342 -49.66 3.25 9.30
N PHE J 343 -48.70 2.77 8.51
CA PHE J 343 -48.84 2.76 7.07
C PHE J 343 -48.01 1.64 6.49
N GLY J 344 -48.47 1.08 5.38
CA GLY J 344 -47.76 0.00 4.72
C GLY J 344 -47.23 0.38 3.35
N ASN J 345 -47.87 1.35 2.71
CA ASN J 345 -47.46 1.77 1.38
C ASN J 345 -46.13 2.52 1.47
N ASN J 346 -45.64 2.93 0.31
CA ASN J 346 -44.48 3.82 0.23
C ASN J 346 -44.92 5.26 0.02
N ILE J 347 -45.62 5.80 1.01
CA ILE J 347 -46.04 7.19 0.97
C ILE J 347 -44.96 8.04 1.61
N LYS J 348 -44.65 9.19 0.99
CA LYS J 348 -43.64 10.07 1.54
C LYS J 348 -44.05 10.56 2.92
N ILE J 349 -43.04 10.88 3.74
CA ILE J 349 -43.28 11.14 5.15
C ILE J 349 -44.10 12.41 5.35
N LEU J 350 -43.88 13.43 4.52
CA LEU J 350 -44.70 14.62 4.61
C LEU J 350 -46.16 14.30 4.34
N ASP J 351 -46.43 13.37 3.42
CA ASP J 351 -47.81 12.99 3.16
C ASP J 351 -48.41 12.23 4.34
N ARG J 352 -47.63 11.34 4.95
CA ARG J 352 -48.11 10.67 6.15
C ARG J 352 -48.47 11.68 7.23
N ILE J 353 -47.65 12.71 7.41
CA ILE J 353 -47.95 13.72 8.41
C ILE J 353 -49.23 14.47 8.06
N VAL J 354 -49.36 14.89 6.80
CA VAL J 354 -50.53 15.66 6.39
C VAL J 354 -51.80 14.84 6.58
N PHE J 355 -51.73 13.54 6.29
CA PHE J 355 -52.92 12.70 6.42
C PHE J 355 -53.26 12.46 7.89
N LEU J 356 -52.26 12.14 8.71
CA LEU J 356 -52.51 11.92 10.13
C LEU J 356 -53.06 13.18 10.80
N ILE J 357 -52.71 14.36 10.27
CA ILE J 357 -53.22 15.57 10.89
C ILE J 357 -54.58 15.95 10.31
N LYS J 358 -54.86 15.58 9.07
CA LYS J 358 -56.06 16.07 8.39
C LYS J 358 -57.27 15.17 8.63
N THR J 359 -57.19 13.91 8.22
CA THR J 359 -58.39 13.06 8.24
C THR J 359 -58.64 12.50 9.64
N GLN J 360 -57.74 11.66 10.14
CA GLN J 360 -57.89 11.07 11.47
C GLN J 360 -57.17 11.98 12.45
N ASN J 361 -57.87 13.03 12.85
CA ASN J 361 -57.29 14.07 13.69
C ASN J 361 -56.68 13.47 14.94
N THR J 362 -55.35 13.54 15.05
CA THR J 362 -54.64 13.10 16.25
C THR J 362 -54.20 14.27 17.10
N LEU J 363 -54.55 15.49 16.73
CA LEU J 363 -54.26 16.67 17.51
C LEU J 363 -55.46 17.16 18.31
N LEU J 364 -56.42 16.27 18.57
CA LEU J 364 -57.53 16.57 19.46
C LEU J 364 -57.49 15.75 20.75
N ASP J 365 -57.02 14.51 20.69
CA ASP J 365 -56.90 13.67 21.87
C ASP J 365 -55.63 14.00 22.66
N VAL J 366 -55.55 15.26 23.10
CA VAL J 366 -54.44 15.74 23.91
C VAL J 366 -55.05 16.34 25.18
N PRO J 367 -54.50 16.02 26.37
CA PRO J 367 -55.14 16.48 27.62
C PRO J 367 -55.29 17.98 27.74
N CYS J 368 -54.18 18.71 27.69
CA CYS J 368 -54.23 20.15 27.90
C CYS J 368 -54.97 20.83 26.76
N PRO J 369 -55.85 21.78 27.04
CA PRO J 369 -56.51 22.52 25.97
C PRO J 369 -55.56 23.52 25.31
N ARG J 370 -54.71 24.15 26.13
CA ARG J 370 -53.75 25.10 25.59
C ARG J 370 -52.70 24.43 24.73
N LEU J 371 -52.27 23.22 25.13
CA LEU J 371 -51.29 22.50 24.32
C LEU J 371 -51.84 22.22 22.94
N ARG J 372 -52.92 21.46 22.84
CA ARG J 372 -53.46 21.14 21.52
C ARG J 372 -54.11 22.34 20.86
N ALA J 373 -54.22 23.48 21.54
CA ALA J 373 -54.64 24.70 20.87
C ALA J 373 -53.47 25.43 20.22
N TRP J 374 -52.29 25.32 20.81
CA TRP J 374 -51.08 25.90 20.24
C TRP J 374 -50.33 24.92 19.34
N LEU J 375 -50.77 23.67 19.31
CA LEU J 375 -50.12 22.63 18.53
C LEU J 375 -50.80 22.39 17.19
N GLN J 376 -52.13 22.46 17.15
CA GLN J 376 -52.88 22.27 15.92
C GLN J 376 -52.81 23.47 14.99
N MET J 377 -51.96 24.45 15.28
CA MET J 377 -51.69 25.56 14.37
C MET J 377 -50.24 25.55 13.93
N CYS J 378 -49.70 24.35 13.70
CA CYS J 378 -48.34 24.16 13.21
C CYS J 378 -48.39 23.42 11.89
N THR J 379 -47.91 24.06 10.82
CA THR J 379 -47.97 23.47 9.50
C THR J 379 -47.25 22.12 9.48
N PRO J 380 -47.75 21.16 8.71
CA PRO J 380 -47.15 19.81 8.73
C PRO J 380 -45.69 19.81 8.30
N GLN J 381 -45.26 20.75 7.47
CA GLN J 381 -43.85 20.86 7.16
C GLN J 381 -43.02 21.06 8.41
N ASP J 382 -43.57 21.74 9.40
CA ASP J 382 -42.84 21.96 10.64
C ASP J 382 -42.70 20.67 11.44
N PHE J 383 -43.77 19.88 11.53
CA PHE J 383 -43.68 18.57 12.14
C PHE J 383 -42.62 17.72 11.44
N HIS J 384 -42.64 17.71 10.11
CA HIS J 384 -41.65 16.94 9.36
C HIS J 384 -40.24 17.38 9.71
N LYS J 385 -39.97 18.68 9.61
CA LYS J 385 -38.66 19.21 9.93
C LYS J 385 -38.22 18.75 11.31
N HIS J 386 -39.01 19.09 12.33
CA HIS J 386 -38.59 18.81 13.70
C HIS J 386 -38.38 17.32 13.93
N LEU J 387 -39.26 16.48 13.41
CA LEU J 387 -39.19 15.08 13.78
C LEU J 387 -38.11 14.33 13.01
N PHE J 388 -37.98 14.57 11.70
CA PHE J 388 -37.12 13.71 10.89
C PHE J 388 -35.93 14.41 10.24
N CYS J 389 -35.86 15.74 10.23
CA CYS J 389 -34.89 16.41 9.37
C CYS J 389 -33.80 17.16 10.12
N ASP J 390 -34.17 18.10 10.98
CA ASP J 390 -33.19 19.07 11.46
C ASP J 390 -32.31 18.45 12.55
N PRO J 391 -31.02 18.79 12.58
CA PRO J 391 -30.13 18.23 13.61
C PRO J 391 -30.28 18.89 14.97
N LEU J 392 -30.49 20.20 14.99
CA LEU J 392 -30.66 20.89 16.27
C LEU J 392 -31.92 20.43 16.98
N CYS J 393 -32.99 20.18 16.20
CA CYS J 393 -34.20 19.66 16.80
C CYS J 393 -34.00 18.26 17.34
N ALA J 394 -33.16 17.45 16.68
CA ALA J 394 -32.84 16.14 17.22
C ALA J 394 -32.07 16.25 18.52
N ILE J 395 -31.10 17.17 18.58
CA ILE J 395 -30.36 17.38 19.82
C ILE J 395 -31.30 17.79 20.94
N ASN J 396 -32.24 18.70 20.65
CA ASN J 396 -33.21 19.11 21.66
C ASN J 396 -34.05 17.92 22.11
N HIS J 397 -34.65 17.22 21.16
CA HIS J 397 -35.50 16.09 21.48
C HIS J 397 -34.76 14.99 22.24
N SER J 398 -33.43 14.94 22.12
CA SER J 398 -32.67 13.89 22.77
C SER J 398 -31.92 14.35 24.01
N ILE J 399 -31.94 15.64 24.33
CA ILE J 399 -31.25 16.12 25.52
C ILE J 399 -32.22 16.58 26.61
N THR J 400 -33.44 16.98 26.27
CA THR J 400 -34.37 17.41 27.28
C THR J 400 -34.82 16.23 28.12
N ASN J 401 -35.46 16.52 29.24
CA ASN J 401 -35.82 15.50 30.21
C ASN J 401 -36.93 16.01 31.10
N PRO J 402 -38.17 16.02 30.63
CA PRO J 402 -39.23 16.77 31.33
C PRO J 402 -39.56 16.24 32.72
N SER J 403 -39.02 15.11 33.14
CA SER J 403 -39.21 14.69 34.52
C SER J 403 -38.40 15.54 35.48
N VAL J 404 -37.27 16.07 35.02
CA VAL J 404 -36.45 16.94 35.85
C VAL J 404 -37.03 18.35 35.89
N LEU J 405 -37.65 18.79 34.81
CA LEU J 405 -38.20 20.14 34.78
C LEU J 405 -39.59 20.24 35.37
N PHE J 406 -40.36 19.16 35.35
CA PHE J 406 -41.72 19.20 35.86
C PHE J 406 -41.98 18.04 36.80
N GLY J 407 -41.01 17.72 37.65
CA GLY J 407 -41.16 16.64 38.60
C GLY J 407 -40.63 16.98 39.97
N GLN J 408 -41.32 16.52 41.01
CA GLN J 408 -40.88 16.75 42.38
C GLN J 408 -39.71 15.83 42.72
N ILE J 409 -38.90 16.27 43.67
CA ILE J 409 -37.72 15.54 44.11
C ILE J 409 -37.95 15.04 45.53
N TYR J 410 -37.49 13.82 45.81
CA TYR J 410 -37.59 13.18 47.10
C TYR J 410 -36.96 14.06 48.17
N PRO J 411 -37.76 14.65 49.07
CA PRO J 411 -37.23 15.63 50.02
C PRO J 411 -36.10 15.08 50.89
N PRO J 412 -36.17 13.82 51.35
CA PRO J 412 -35.05 13.31 52.16
C PRO J 412 -33.69 13.35 51.47
N SER J 413 -33.63 13.49 50.15
CA SER J 413 -32.36 13.55 49.45
C SER J 413 -32.08 14.92 48.85
N PHE J 414 -32.93 15.91 49.12
CA PHE J 414 -32.83 17.20 48.46
C PHE J 414 -31.54 17.93 48.86
N GLN J 415 -31.27 18.03 50.17
CA GLN J 415 -30.09 18.76 50.61
C GLN J 415 -28.82 18.02 50.21
N ALA J 416 -28.84 16.69 50.23
CA ALA J 416 -27.68 15.93 49.77
C ALA J 416 -27.40 16.20 48.31
N PHE J 417 -28.45 16.25 47.48
CA PHE J 417 -28.25 16.53 46.07
C PHE J 417 -27.74 17.94 45.85
N LYS J 418 -28.32 18.91 46.56
CA LYS J 418 -27.84 20.29 46.46
C LYS J 418 -26.36 20.38 46.79
N ALA J 419 -25.94 19.75 47.89
CA ALA J 419 -24.53 19.82 48.29
C ALA J 419 -23.64 19.11 47.28
N ALA J 420 -24.08 17.97 46.75
CA ALA J 420 -23.29 17.26 45.76
C ALA J 420 -23.12 18.11 44.50
N LEU J 421 -24.14 18.86 44.12
CA LEU J 421 -24.03 19.73 42.97
C LEU J 421 -23.09 20.90 43.25
N ALA J 422 -23.17 21.47 44.45
CA ALA J 422 -22.29 22.58 44.81
C ALA J 422 -20.83 22.19 44.65
N ALA J 423 -20.47 20.97 45.04
CA ALA J 423 -19.10 20.51 44.90
C ALA J 423 -18.75 20.11 43.47
N GLY J 424 -19.70 20.19 42.53
CA GLY J 424 -19.41 19.80 41.17
C GLY J 424 -19.23 18.31 41.01
N GLN J 425 -20.31 17.55 41.17
CA GLN J 425 -20.23 16.09 41.15
C GLN J 425 -21.14 15.43 40.13
N ASN J 426 -22.26 16.06 39.75
CA ASN J 426 -23.22 15.44 38.85
C ASN J 426 -23.43 16.21 37.55
N LEU J 427 -22.70 17.31 37.35
CA LEU J 427 -22.88 18.13 36.15
C LEU J 427 -22.22 17.44 34.97
N GLU J 428 -22.98 16.54 34.35
CA GLU J 428 -22.50 15.81 33.18
C GLU J 428 -22.61 16.69 31.94
N GLN J 429 -21.62 16.58 31.04
CA GLN J 429 -21.52 17.48 29.90
C GLN J 429 -22.78 17.49 29.05
N GLY J 430 -23.50 16.37 28.98
CA GLY J 430 -24.65 16.28 28.12
C GLY J 430 -24.27 15.89 26.71
N VAL J 431 -24.19 16.86 25.81
CA VAL J 431 -23.73 16.62 24.45
C VAL J 431 -22.26 16.99 24.36
N CYS J 432 -21.61 16.54 23.29
CA CYS J 432 -20.23 16.89 23.04
C CYS J 432 -20.14 18.39 22.75
N ASP J 433 -18.92 18.85 22.51
CA ASP J 433 -18.74 20.24 22.13
C ASP J 433 -18.45 20.42 20.65
N SER J 434 -17.78 19.47 20.03
CA SER J 434 -17.60 19.51 18.58
C SER J 434 -18.94 19.38 17.86
N LEU J 435 -19.86 18.60 18.42
CA LEU J 435 -21.16 18.43 17.79
C LEU J 435 -21.94 19.73 17.76
N ILE J 436 -21.91 20.49 18.84
CA ILE J 436 -22.63 21.76 18.87
C ILE J 436 -22.02 22.74 17.88
N THR J 437 -20.68 22.81 17.84
CA THR J 437 -20.04 23.70 16.88
C THR J 437 -20.40 23.32 15.46
N LEU J 438 -20.43 22.03 15.16
CA LEU J 438 -20.77 21.59 13.82
C LEU J 438 -22.21 21.92 13.48
N VAL J 439 -23.12 21.76 14.45
CA VAL J 439 -24.52 22.10 14.21
C VAL J 439 -24.67 23.59 13.92
N TYR J 440 -23.93 24.42 14.64
CA TYR J 440 -24.03 25.86 14.40
C TYR J 440 -23.44 26.24 13.04
N ILE J 441 -22.35 25.59 12.65
CA ILE J 441 -21.82 25.79 11.30
C ILE J 441 -22.87 25.45 10.25
N PHE J 442 -23.55 24.32 10.44
CA PHE J 442 -24.55 23.88 9.48
C PHE J 442 -25.71 24.88 9.40
N LYS J 443 -26.20 25.33 10.54
CA LYS J 443 -27.29 26.30 10.52
C LYS J 443 -26.84 27.61 9.89
N SER J 444 -25.58 27.99 10.08
CA SER J 444 -25.06 29.20 9.46
C SER J 444 -25.08 29.11 7.94
N THR J 445 -24.57 28.00 7.40
CA THR J 445 -24.60 27.86 5.94
C THR J 445 -26.02 27.64 5.43
N GLN J 446 -26.94 27.16 6.27
CA GLN J 446 -28.31 26.98 5.84
C GLN J 446 -29.09 28.30 5.80
N VAL J 447 -28.75 29.25 6.68
CA VAL J 447 -29.50 30.49 6.77
C VAL J 447 -28.89 31.57 5.88
N ALA J 448 -27.62 31.89 6.10
CA ALA J 448 -26.97 32.99 5.40
C ALA J 448 -26.49 32.54 4.03
N ARG J 449 -25.69 33.38 3.39
CA ARG J 449 -25.09 33.03 2.10
C ARG J 449 -23.87 32.14 2.31
N VAL J 450 -23.51 31.39 1.27
CA VAL J 450 -22.43 30.42 1.36
C VAL J 450 -22.00 30.05 -0.05
N GLY J 451 -20.79 29.52 -0.17
CA GLY J 451 -20.30 29.01 -1.44
C GLY J 451 -20.84 27.63 -1.73
N LYS J 452 -20.03 26.79 -2.36
CA LYS J 452 -20.41 25.40 -2.64
C LYS J 452 -19.48 24.39 -2.00
N THR J 453 -18.17 24.55 -2.17
CA THR J 453 -17.21 23.55 -1.70
C THR J 453 -17.20 23.42 -0.19
N ILE J 454 -17.86 24.31 0.54
CA ILE J 454 -17.99 24.21 1.98
C ILE J 454 -19.28 23.52 2.38
N LEU J 455 -20.36 23.77 1.62
CA LEU J 455 -21.64 23.16 1.93
C LEU J 455 -21.59 21.65 1.72
N VAL J 456 -21.11 21.22 0.55
CA VAL J 456 -21.08 19.80 0.22
C VAL J 456 -20.23 19.01 1.18
N ASP J 457 -19.27 19.66 1.85
CA ASP J 457 -18.37 18.97 2.77
C ASP J 457 -18.87 18.98 4.20
N VAL J 458 -19.43 20.10 4.66
CA VAL J 458 -20.02 20.13 5.99
C VAL J 458 -21.20 19.18 6.05
N THR J 459 -21.91 19.00 4.94
CA THR J 459 -23.00 18.04 4.92
C THR J 459 -22.50 16.62 5.19
N LYS J 460 -21.45 16.21 4.49
CA LYS J 460 -20.90 14.88 4.68
C LYS J 460 -20.38 14.70 6.11
N GLU J 461 -19.67 15.71 6.63
CA GLU J 461 -19.13 15.57 7.98
C GLU J 461 -20.24 15.50 9.02
N LEU J 462 -21.28 16.32 8.87
CA LEU J 462 -22.40 16.26 9.79
C LEU J 462 -23.09 14.91 9.72
N ASP J 463 -23.24 14.36 8.53
CA ASP J 463 -23.84 13.03 8.39
C ASP J 463 -23.06 12.00 9.19
N VAL J 464 -21.74 11.96 8.99
CA VAL J 464 -20.95 10.94 9.67
C VAL J 464 -20.99 11.14 11.18
N VAL J 465 -20.88 12.38 11.65
CA VAL J 465 -20.84 12.62 13.08
C VAL J 465 -22.18 12.28 13.72
N LEU J 466 -23.28 12.64 13.07
CA LEU J 466 -24.60 12.32 13.62
C LEU J 466 -24.83 10.82 13.65
N ARG J 467 -24.38 10.10 12.62
CA ARG J 467 -24.54 8.66 12.65
C ARG J 467 -23.72 8.04 13.77
N ILE J 468 -22.52 8.57 14.02
CA ILE J 468 -21.71 8.05 15.12
C ILE J 468 -22.39 8.29 16.46
N HIS J 469 -22.88 9.52 16.68
CA HIS J 469 -23.40 9.87 17.99
C HIS J 469 -24.71 9.19 18.33
N GLY J 470 -25.30 8.43 17.40
CA GLY J 470 -26.48 7.65 17.72
C GLY J 470 -27.78 8.33 17.38
N LEU J 471 -27.87 8.90 16.18
CA LEU J 471 -29.10 9.51 15.68
C LEU J 471 -29.39 8.95 14.29
N ASP J 472 -30.60 9.25 13.79
CA ASP J 472 -31.02 8.72 12.51
C ASP J 472 -31.94 9.75 11.85
N LEU J 473 -31.37 10.57 10.99
CA LEU J 473 -32.10 11.59 10.25
C LEU J 473 -31.86 11.38 8.77
N VAL J 474 -32.67 12.07 7.94
CA VAL J 474 -32.47 11.98 6.52
C VAL J 474 -31.15 12.63 6.14
N GLN J 475 -30.69 12.34 4.93
CA GLN J 475 -29.46 12.95 4.41
C GLN J 475 -29.58 14.46 4.51
N SER J 476 -28.47 15.11 4.90
CA SER J 476 -28.53 16.50 5.31
C SER J 476 -28.54 17.48 4.15
N TYR J 477 -28.09 17.07 2.97
CA TYR J 477 -28.11 17.99 1.84
C TYR J 477 -29.53 18.38 1.47
N GLN J 478 -30.44 17.39 1.44
CA GLN J 478 -31.84 17.68 1.18
C GLN J 478 -32.38 18.69 2.18
N THR J 479 -32.31 18.36 3.47
CA THR J 479 -32.82 19.26 4.48
C THR J 479 -32.02 20.54 4.61
N SER J 480 -30.95 20.69 3.86
CA SER J 480 -30.28 21.98 3.76
C SER J 480 -30.77 22.80 2.59
N GLN J 481 -31.26 22.14 1.54
CA GLN J 481 -31.76 22.86 0.38
C GLN J 481 -33.27 23.07 0.39
N VAL J 482 -34.01 22.34 1.21
CA VAL J 482 -35.46 22.41 1.19
C VAL J 482 -35.97 23.33 2.29
N TYR J 483 -35.65 23.01 3.54
CA TYR J 483 -36.09 23.78 4.69
C TYR J 483 -35.04 24.80 5.09
N VAL J 484 -35.48 25.81 5.83
CA VAL J 484 -34.58 26.83 6.35
C VAL J 484 -34.65 26.79 7.86
ZN ZN K . 25.41 -30.24 -29.53
ZN ZN L . 0.62 -37.55 -27.85
ZN ZN M . 47.72 -6.55 10.54
ZN ZN N . 41.36 -18.45 -11.56
ZN ZN O . 12.32 -1.33 47.73
ZN ZN P . 33.38 -2.03 32.66
ZN ZN Q . -31.87 -21.82 30.67
ZN ZN R . -12.30 -11.00 43.74
ZN ZN S . -23.76 -39.69 -17.06
ZN ZN T . -32.53 -32.95 6.37
ZN ZN U . 27.99 38.78 11.96
ZN ZN V . 6.00 38.61 25.64
ZN ZN W . 28.53 18.72 -35.58
ZN ZN X . 33.13 30.34 -12.90
ZN ZN Y . -18.59 0.33 -45.66
ZN ZN Z . 6.04 8.33 -45.59
ZN ZN AA . -48.29 9.01 -4.34
ZN ZN BA . -37.84 2.99 -27.26
ZN ZN CA . -19.47 32.78 31.27
ZN ZN DA . -37.85 21.71 16.77
#